data_2YSZ
#
_entry.id   2YSZ
#
_entity_poly.entity_id   1
_entity_poly.type   'polypeptide(L)'
_entity_poly.pdbx_seq_one_letter_code
;GSSGSSGPTPKTELVQKFRVQYLGMLPVDRPVGMDTLNSAIENLMTSSSKEDWPSVNMNVADATVTVISEKNEEEVLVEC
RVRFLSFMGVGKDVHTFAFIMDTGNQRFECHVFWCEPNAANVSEAVQAACSGPSSGIEGRGSSGSSGSSGSSGDAAVTPE
ERHLSKMQQNGYENPTYKFFEQMQN
;
_entity_poly.pdbx_strand_id   A
#
# COMPACT_ATOMS: atom_id res chain seq x y z
N GLY A 1 -48.24 10.78 2.16
CA GLY A 1 -47.11 11.30 2.91
C GLY A 1 -46.56 10.29 3.90
N SER A 2 -45.31 9.89 3.70
CA SER A 2 -44.66 8.92 4.58
C SER A 2 -43.15 8.94 4.38
N SER A 3 -42.41 8.93 5.49
CA SER A 3 -40.96 8.94 5.43
C SER A 3 -40.42 7.61 4.95
N GLY A 4 -39.11 7.53 4.75
CA GLY A 4 -38.49 6.31 4.29
C GLY A 4 -37.02 6.49 3.97
N SER A 5 -36.19 5.57 4.47
CA SER A 5 -34.75 5.64 4.23
C SER A 5 -34.23 4.30 3.73
N SER A 6 -33.19 4.35 2.89
CA SER A 6 -32.59 3.15 2.34
C SER A 6 -31.13 3.03 2.74
N GLY A 7 -30.65 1.80 2.91
CA GLY A 7 -29.27 1.58 3.29
C GLY A 7 -28.63 0.46 2.50
N PRO A 8 -27.30 0.57 2.27
CA PRO A 8 -26.54 -0.43 1.52
C PRO A 8 -26.40 -1.75 2.29
N THR A 9 -25.69 -2.71 1.69
CA THR A 9 -25.48 -4.00 2.32
C THR A 9 -24.05 -4.13 2.84
N PRO A 10 -23.92 -4.52 4.12
CA PRO A 10 -22.62 -4.69 4.76
C PRO A 10 -21.86 -5.89 4.22
N LYS A 11 -20.59 -5.67 3.86
CA LYS A 11 -19.74 -6.73 3.33
C LYS A 11 -18.69 -7.16 4.35
N THR A 12 -18.87 -8.35 4.90
CA THR A 12 -17.95 -8.89 5.90
C THR A 12 -17.09 -9.99 5.30
N GLU A 13 -15.79 -9.73 5.21
CA GLU A 13 -14.86 -10.72 4.65
C GLU A 13 -13.51 -10.64 5.37
N LEU A 14 -12.80 -11.77 5.40
CA LEU A 14 -11.50 -11.84 6.05
C LEU A 14 -10.60 -10.70 5.59
N VAL A 15 -10.58 -9.62 6.38
CA VAL A 15 -9.76 -8.46 6.05
C VAL A 15 -8.87 -8.07 7.24
N GLN A 16 -7.66 -7.60 6.93
CA GLN A 16 -6.73 -7.20 7.97
C GLN A 16 -6.67 -5.69 8.09
N LYS A 17 -6.59 -5.19 9.32
CA LYS A 17 -6.53 -3.76 9.58
C LYS A 17 -5.16 -3.35 10.08
N PHE A 18 -4.68 -2.20 9.60
CA PHE A 18 -3.36 -1.70 10.00
C PHE A 18 -3.48 -0.29 10.58
N ARG A 19 -2.85 -0.09 11.74
CA ARG A 19 -2.89 1.20 12.40
C ARG A 19 -1.97 2.20 11.71
N VAL A 20 -2.57 3.23 11.10
CA VAL A 20 -1.81 4.24 10.39
C VAL A 20 -2.52 5.58 10.44
N GLN A 21 -1.83 6.63 9.98
CA GLN A 21 -2.40 7.98 9.96
C GLN A 21 -2.84 8.37 8.56
N TYR A 22 -3.58 9.47 8.46
CA TYR A 22 -4.07 9.95 7.18
C TYR A 22 -3.51 11.33 6.86
N LEU A 23 -2.58 11.40 5.92
CA LEU A 23 -1.97 12.66 5.53
C LEU A 23 -2.91 13.47 4.65
N GLY A 24 -3.48 12.81 3.64
CA GLY A 24 -4.39 13.49 2.74
C GLY A 24 -4.47 12.81 1.38
N MET A 25 -4.96 13.54 0.39
CA MET A 25 -5.09 13.00 -0.97
C MET A 25 -4.53 13.99 -1.99
N LEU A 26 -3.68 13.49 -2.89
CA LEU A 26 -3.10 14.33 -3.93
C LEU A 26 -3.23 13.68 -5.30
N PRO A 27 -3.91 14.39 -6.21
CA PRO A 27 -4.13 13.90 -7.58
C PRO A 27 -2.84 13.87 -8.40
N VAL A 28 -2.72 12.87 -9.27
CA VAL A 28 -1.54 12.73 -10.12
C VAL A 28 -1.91 12.76 -11.59
N ASP A 29 -0.96 13.15 -12.43
CA ASP A 29 -1.18 13.22 -13.86
C ASP A 29 -0.87 11.88 -14.53
N ARG A 30 0.18 11.22 -14.05
CA ARG A 30 0.59 9.93 -14.61
C ARG A 30 0.33 8.80 -13.61
N PRO A 31 -0.07 7.63 -14.13
CA PRO A 31 -0.36 6.46 -13.30
C PRO A 31 0.90 5.87 -12.67
N VAL A 32 2.04 6.06 -13.33
CA VAL A 32 3.30 5.56 -12.84
C VAL A 32 4.36 6.65 -12.78
N GLY A 33 5.46 6.39 -12.08
CA GLY A 33 6.52 7.36 -11.98
C GLY A 33 6.82 7.74 -10.54
N MET A 34 7.94 7.25 -10.01
CA MET A 34 8.33 7.54 -8.64
C MET A 34 8.45 9.05 -8.41
N ASP A 35 8.71 9.78 -9.49
CA ASP A 35 8.85 11.23 -9.41
C ASP A 35 7.50 11.90 -9.21
N THR A 36 6.43 11.20 -9.61
CA THR A 36 5.08 11.73 -9.48
C THR A 36 4.46 11.34 -8.13
N LEU A 37 4.60 10.07 -7.77
CA LEU A 37 4.06 9.57 -6.51
C LEU A 37 4.66 10.32 -5.32
N ASN A 38 5.98 10.42 -5.30
CA ASN A 38 6.68 11.10 -4.23
C ASN A 38 6.38 12.60 -4.26
N SER A 39 6.03 13.11 -5.43
CA SER A 39 5.73 14.52 -5.60
C SER A 39 4.40 14.86 -4.95
N ALA A 40 3.58 13.84 -4.70
CA ALA A 40 2.27 14.04 -4.08
C ALA A 40 2.36 13.88 -2.56
N ILE A 41 3.34 13.11 -2.12
CA ILE A 41 3.53 12.87 -0.68
C ILE A 41 3.90 14.17 0.04
N GLU A 42 5.03 14.76 -0.37
CA GLU A 42 5.49 15.99 0.25
C GLU A 42 4.40 17.06 0.21
N ASN A 43 3.70 17.14 -0.91
CA ASN A 43 2.62 18.12 -1.07
C ASN A 43 1.67 18.09 0.12
N LEU A 44 1.27 16.89 0.52
CA LEU A 44 0.36 16.71 1.64
C LEU A 44 1.08 16.95 2.97
N MET A 45 2.29 16.43 3.08
CA MET A 45 3.09 16.59 4.28
C MET A 45 3.25 18.06 4.64
N THR A 46 3.43 18.90 3.63
CA THR A 46 3.59 20.33 3.83
C THR A 46 2.33 20.95 4.44
N SER A 47 1.18 20.65 3.84
CA SER A 47 -0.09 21.18 4.32
C SER A 47 -0.30 20.82 5.79
N SER A 48 -0.50 19.54 6.06
CA SER A 48 -0.73 19.07 7.42
C SER A 48 0.54 18.44 7.98
N SER A 49 0.73 18.59 9.30
CA SER A 49 1.91 18.04 9.96
C SER A 49 1.66 16.60 10.40
N LYS A 50 2.65 16.01 11.06
CA LYS A 50 2.54 14.64 11.54
C LYS A 50 1.39 14.50 12.53
N GLU A 51 1.32 15.41 13.50
CA GLU A 51 0.27 15.38 14.50
C GLU A 51 -1.06 15.84 13.91
N ASP A 52 -0.99 16.54 12.78
CA ASP A 52 -2.18 17.03 12.12
C ASP A 52 -2.95 15.89 11.45
N TRP A 53 -2.23 14.82 11.11
CA TRP A 53 -2.84 13.66 10.47
C TRP A 53 -3.57 12.80 11.48
N PRO A 54 -4.89 12.63 11.28
CA PRO A 54 -5.73 11.82 12.17
C PRO A 54 -5.41 10.33 12.08
N SER A 55 -5.60 9.62 13.19
CA SER A 55 -5.33 8.19 13.23
C SER A 55 -6.50 7.40 12.65
N VAL A 56 -6.20 6.59 11.64
CA VAL A 56 -7.23 5.77 10.99
C VAL A 56 -6.74 4.35 10.75
N ASN A 57 -7.68 3.42 10.66
CA ASN A 57 -7.34 2.01 10.43
C ASN A 57 -7.42 1.67 8.95
N MET A 58 -6.32 1.17 8.40
CA MET A 58 -6.26 0.79 7.00
C MET A 58 -6.66 -0.67 6.81
N ASN A 59 -7.89 -0.88 6.34
CA ASN A 59 -8.40 -2.23 6.12
C ASN A 59 -8.07 -2.71 4.70
N VAL A 60 -7.21 -3.72 4.62
CA VAL A 60 -6.82 -4.27 3.33
C VAL A 60 -7.34 -5.68 3.16
N ALA A 61 -8.40 -5.81 2.35
CA ALA A 61 -9.01 -7.11 2.10
C ALA A 61 -8.23 -7.88 1.04
N ASP A 62 -8.70 -9.08 0.72
CA ASP A 62 -8.05 -9.92 -0.28
C ASP A 62 -7.59 -9.08 -1.47
N ALA A 63 -8.56 -8.62 -2.26
CA ALA A 63 -8.26 -7.80 -3.43
C ALA A 63 -8.91 -6.43 -3.33
N THR A 64 -8.88 -5.85 -2.13
CA THR A 64 -9.48 -4.54 -1.90
C THR A 64 -8.82 -3.84 -0.72
N VAL A 65 -8.82 -2.51 -0.75
CA VAL A 65 -8.22 -1.72 0.31
C VAL A 65 -9.14 -0.58 0.74
N THR A 66 -9.85 -0.77 1.84
CA THR A 66 -10.76 0.25 2.35
C THR A 66 -10.15 1.01 3.53
N VAL A 67 -10.36 2.31 3.55
CA VAL A 67 -9.83 3.16 4.62
C VAL A 67 -10.93 3.54 5.61
N ILE A 68 -10.80 3.04 6.83
CA ILE A 68 -11.78 3.33 7.87
C ILE A 68 -11.17 4.19 8.97
N SER A 69 -11.97 5.10 9.52
CA SER A 69 -11.51 5.99 10.58
C SER A 69 -11.52 5.28 11.93
N GLU A 70 -10.92 5.92 12.93
CA GLU A 70 -10.86 5.34 14.27
C GLU A 70 -12.11 5.70 15.07
N LYS A 71 -12.57 6.94 14.90
CA LYS A 71 -13.76 7.40 15.61
C LYS A 71 -14.97 6.54 15.29
N ASN A 72 -14.96 5.93 14.10
CA ASN A 72 -16.05 5.07 13.68
C ASN A 72 -15.54 3.97 12.74
N GLU A 73 -16.29 2.87 12.67
CA GLU A 73 -15.91 1.75 11.81
C GLU A 73 -16.63 1.84 10.46
N GLU A 74 -17.86 2.35 10.48
CA GLU A 74 -18.65 2.48 9.26
C GLU A 74 -18.20 3.68 8.44
N GLU A 75 -17.26 4.46 9.01
CA GLU A 75 -16.74 5.63 8.33
C GLU A 75 -15.71 5.25 7.28
N VAL A 76 -16.06 5.42 6.01
CA VAL A 76 -15.16 5.09 4.92
C VAL A 76 -14.48 6.34 4.36
N LEU A 77 -13.26 6.58 4.81
CA LEU A 77 -12.50 7.74 4.37
C LEU A 77 -12.15 7.64 2.89
N VAL A 78 -11.75 6.44 2.46
CA VAL A 78 -11.39 6.20 1.08
C VAL A 78 -11.55 4.73 0.71
N GLU A 79 -12.23 4.48 -0.41
CA GLU A 79 -12.46 3.11 -0.87
C GLU A 79 -11.61 2.80 -2.10
N CYS A 80 -10.48 2.13 -1.88
CA CYS A 80 -9.58 1.77 -2.96
C CYS A 80 -9.63 0.28 -3.24
N ARG A 81 -9.46 -0.10 -4.51
CA ARG A 81 -9.50 -1.49 -4.91
C ARG A 81 -8.21 -1.88 -5.63
N VAL A 82 -7.62 -3.00 -5.22
CA VAL A 82 -6.38 -3.48 -5.83
C VAL A 82 -6.50 -3.51 -7.35
N ARG A 83 -7.70 -3.83 -7.84
CA ARG A 83 -7.94 -3.90 -9.28
C ARG A 83 -7.71 -2.56 -9.93
N PHE A 84 -8.11 -1.49 -9.24
CA PHE A 84 -7.95 -0.13 -9.76
C PHE A 84 -6.52 0.36 -9.57
N LEU A 85 -5.88 -0.12 -8.51
CA LEU A 85 -4.50 0.26 -8.21
C LEU A 85 -3.62 0.17 -9.46
N SER A 86 -3.16 1.31 -9.94
CA SER A 86 -2.31 1.36 -11.12
C SER A 86 -0.84 1.22 -10.74
N PHE A 87 -0.42 1.95 -9.72
CA PHE A 87 0.96 1.91 -9.25
C PHE A 87 1.05 2.22 -7.76
N MET A 88 1.96 1.56 -7.07
CA MET A 88 2.14 1.78 -5.64
C MET A 88 3.62 1.78 -5.28
N GLY A 89 4.00 2.69 -4.37
CA GLY A 89 5.38 2.79 -3.95
C GLY A 89 5.54 3.43 -2.59
N VAL A 90 6.77 3.51 -2.11
CA VAL A 90 7.05 4.11 -0.81
C VAL A 90 7.89 5.36 -0.95
N GLY A 91 7.58 6.37 -0.14
CA GLY A 91 8.32 7.62 -0.19
C GLY A 91 9.76 7.47 0.25
N LYS A 92 10.57 8.49 -0.01
CA LYS A 92 11.97 8.46 0.37
C LYS A 92 12.16 7.78 1.72
N ASP A 93 11.15 7.90 2.58
CA ASP A 93 11.21 7.29 3.91
C ASP A 93 10.45 5.97 3.93
N VAL A 94 10.88 5.05 4.78
CA VAL A 94 10.25 3.75 4.91
C VAL A 94 9.08 3.79 5.89
N HIS A 95 8.78 4.99 6.38
CA HIS A 95 7.69 5.17 7.33
C HIS A 95 6.47 5.76 6.64
N THR A 96 6.52 5.87 5.31
CA THR A 96 5.43 6.42 4.54
C THR A 96 4.99 5.45 3.44
N PHE A 97 3.70 5.47 3.12
CA PHE A 97 3.16 4.59 2.09
C PHE A 97 2.13 5.33 1.23
N ALA A 98 2.39 5.39 -0.07
CA ALA A 98 1.48 6.07 -1.00
C ALA A 98 1.19 5.20 -2.21
N PHE A 99 -0.08 5.16 -2.61
CA PHE A 99 -0.50 4.36 -3.76
C PHE A 99 -1.42 5.16 -4.67
N ILE A 100 -1.26 4.97 -5.97
CA ILE A 100 -2.09 5.67 -6.95
C ILE A 100 -3.20 4.77 -7.48
N MET A 101 -4.44 5.20 -7.27
CA MET A 101 -5.60 4.45 -7.73
C MET A 101 -6.33 5.18 -8.84
N ASP A 102 -7.16 4.45 -9.58
CA ASP A 102 -7.92 5.04 -10.67
C ASP A 102 -9.30 5.50 -10.19
N THR A 103 -9.56 6.81 -10.31
CA THR A 103 -10.83 7.37 -9.89
C THR A 103 -11.63 7.86 -11.09
N GLY A 104 -11.54 7.14 -12.20
CA GLY A 104 -12.26 7.53 -13.40
C GLY A 104 -11.67 6.92 -14.65
N ASN A 105 -11.37 7.77 -15.63
CA ASN A 105 -10.79 7.31 -16.90
C ASN A 105 -9.28 7.52 -16.91
N GLN A 106 -8.86 8.78 -16.86
CA GLN A 106 -7.44 9.11 -16.86
C GLN A 106 -7.02 9.71 -15.53
N ARG A 107 -7.90 10.50 -14.94
CA ARG A 107 -7.62 11.14 -13.65
C ARG A 107 -7.44 10.10 -12.55
N PHE A 108 -6.25 10.06 -11.97
CA PHE A 108 -5.95 9.11 -10.90
C PHE A 108 -5.57 9.84 -9.62
N GLU A 109 -5.96 9.26 -8.48
CA GLU A 109 -5.66 9.86 -7.18
C GLU A 109 -4.57 9.06 -6.45
N CYS A 110 -3.83 9.74 -5.60
CA CYS A 110 -2.76 9.10 -4.84
C CYS A 110 -2.89 9.41 -3.35
N HIS A 111 -3.26 8.40 -2.57
CA HIS A 111 -3.42 8.55 -1.13
C HIS A 111 -2.15 8.14 -0.40
N VAL A 112 -1.88 8.79 0.73
CA VAL A 112 -0.71 8.50 1.53
C VAL A 112 -1.09 8.12 2.96
N PHE A 113 -0.32 7.22 3.56
CA PHE A 113 -0.58 6.78 4.93
C PHE A 113 0.73 6.51 5.66
N TRP A 114 0.86 7.07 6.85
CA TRP A 114 2.06 6.89 7.67
C TRP A 114 2.03 5.54 8.39
N CYS A 115 3.06 4.73 8.16
CA CYS A 115 3.15 3.42 8.79
C CYS A 115 4.13 3.44 9.96
N GLU A 116 3.76 2.79 11.05
CA GLU A 116 4.63 2.74 12.23
C GLU A 116 4.86 1.29 12.66
N PRO A 117 6.13 0.94 12.87
CA PRO A 117 7.25 1.87 12.69
C PRO A 117 7.48 2.23 11.24
N ASN A 118 7.49 1.21 10.38
CA ASN A 118 7.70 1.42 8.95
C ASN A 118 6.56 0.80 8.14
N ALA A 119 6.70 0.86 6.82
CA ALA A 119 5.70 0.30 5.92
C ALA A 119 6.14 -1.04 5.36
N ALA A 120 6.63 -1.91 6.23
CA ALA A 120 7.08 -3.23 5.81
C ALA A 120 5.92 -4.21 5.71
N ASN A 121 5.08 -4.23 6.74
CA ASN A 121 3.92 -5.13 6.77
C ASN A 121 2.80 -4.59 5.89
N VAL A 122 2.71 -3.27 5.80
CA VAL A 122 1.68 -2.64 4.98
C VAL A 122 1.96 -2.81 3.49
N SER A 123 3.03 -2.16 3.03
CA SER A 123 3.42 -2.24 1.63
C SER A 123 3.54 -3.70 1.17
N GLU A 124 3.67 -4.60 2.14
CA GLU A 124 3.79 -6.02 1.85
C GLU A 124 2.43 -6.65 1.56
N ALA A 125 1.41 -6.16 2.27
CA ALA A 125 0.06 -6.66 2.10
C ALA A 125 -0.56 -6.15 0.81
N VAL A 126 -0.48 -4.85 0.59
CA VAL A 126 -1.02 -4.23 -0.62
C VAL A 126 -0.38 -4.83 -1.88
N GLN A 127 0.94 -4.90 -1.88
CA GLN A 127 1.67 -5.45 -3.02
C GLN A 127 1.31 -6.92 -3.24
N ALA A 128 1.22 -7.67 -2.15
CA ALA A 128 0.88 -9.08 -2.24
C ALA A 128 -0.58 -9.28 -2.59
N ALA A 129 -1.40 -8.28 -2.29
CA ALA A 129 -2.83 -8.34 -2.58
C ALA A 129 -3.07 -8.50 -4.08
N CYS A 130 -2.20 -7.91 -4.88
CA CYS A 130 -2.32 -7.98 -6.33
C CYS A 130 -2.23 -9.42 -6.81
N SER A 131 -1.31 -10.18 -6.23
CA SER A 131 -1.13 -11.58 -6.60
C SER A 131 -2.22 -12.46 -6.00
N GLY A 132 -2.47 -12.27 -4.70
CA GLY A 132 -3.49 -13.05 -4.02
C GLY A 132 -3.09 -13.40 -2.60
N PRO A 133 -2.58 -14.63 -2.42
CA PRO A 133 -2.15 -15.11 -1.11
C PRO A 133 -0.91 -14.41 -0.60
N SER A 134 -0.86 -14.13 0.70
CA SER A 134 0.27 -13.46 1.31
C SER A 134 0.91 -14.33 2.39
N SER A 135 2.23 -14.21 2.54
CA SER A 135 2.96 -14.98 3.53
C SER A 135 2.78 -14.39 4.92
N GLY A 136 3.06 -13.10 5.05
CA GLY A 136 2.93 -12.43 6.33
C GLY A 136 4.04 -12.79 7.29
N ILE A 137 3.69 -12.88 8.57
CA ILE A 137 4.67 -13.22 9.60
C ILE A 137 5.52 -14.42 9.17
N GLU A 138 6.83 -14.20 9.08
CA GLU A 138 7.75 -15.25 8.68
C GLU A 138 7.99 -16.23 9.83
N GLY A 139 7.93 -15.71 11.06
CA GLY A 139 8.14 -16.55 12.22
C GLY A 139 9.59 -16.60 12.65
N ARG A 140 10.48 -16.91 11.71
CA ARG A 140 11.91 -16.99 11.99
C ARG A 140 12.43 -15.65 12.50
N GLY A 141 12.80 -15.61 13.78
CA GLY A 141 13.32 -14.39 14.37
C GLY A 141 14.77 -14.51 14.77
N SER A 142 15.13 -13.89 15.90
CA SER A 142 16.50 -13.93 16.39
C SER A 142 16.60 -14.76 17.67
N SER A 143 17.40 -15.82 17.61
CA SER A 143 17.58 -16.70 18.75
C SER A 143 18.06 -15.93 19.98
N GLY A 144 19.23 -15.31 19.85
CA GLY A 144 19.79 -14.53 20.94
C GLY A 144 21.11 -15.09 21.44
N SER A 145 21.11 -16.36 21.81
CA SER A 145 22.32 -17.01 22.30
C SER A 145 23.12 -17.62 21.16
N SER A 146 23.95 -16.80 20.51
CA SER A 146 24.77 -17.25 19.40
C SER A 146 25.88 -18.18 19.88
N GLY A 147 26.40 -19.00 18.97
CA GLY A 147 27.46 -19.93 19.31
C GLY A 147 28.82 -19.41 18.94
N SER A 148 29.14 -19.44 17.64
CA SER A 148 30.43 -18.98 17.15
C SER A 148 30.37 -17.50 16.80
N SER A 149 30.89 -16.67 17.69
CA SER A 149 30.90 -15.22 17.47
C SER A 149 32.32 -14.67 17.56
N GLY A 150 32.76 -14.04 16.47
CA GLY A 150 34.10 -13.47 16.44
C GLY A 150 34.72 -13.54 15.05
N SER A 151 33.97 -13.12 14.04
CA SER A 151 34.45 -13.15 12.67
C SER A 151 33.55 -12.32 11.76
N SER A 152 34.09 -11.90 10.61
CA SER A 152 33.33 -11.10 9.67
C SER A 152 32.55 -11.99 8.70
N GLY A 153 31.31 -11.58 8.41
CA GLY A 153 30.48 -12.35 7.52
C GLY A 153 29.01 -11.96 7.60
N ASP A 154 28.16 -12.94 7.86
CA ASP A 154 26.72 -12.70 7.98
C ASP A 154 26.45 -11.35 8.64
N ALA A 155 25.81 -10.45 7.90
CA ALA A 155 25.49 -9.13 8.42
C ALA A 155 24.27 -9.17 9.33
N ALA A 156 24.07 -8.11 10.10
CA ALA A 156 22.95 -8.03 11.03
C ALA A 156 21.84 -7.15 10.45
N VAL A 157 21.77 -7.08 9.13
CA VAL A 157 20.76 -6.26 8.46
C VAL A 157 19.40 -6.95 8.48
N THR A 158 18.39 -6.25 8.96
CA THR A 158 17.04 -6.79 9.02
C THR A 158 16.40 -6.86 7.64
N PRO A 159 15.66 -7.94 7.39
CA PRO A 159 14.97 -8.16 6.11
C PRO A 159 13.82 -7.18 5.90
N GLU A 160 13.64 -6.27 6.85
CA GLU A 160 12.57 -5.29 6.76
C GLU A 160 12.95 -4.15 5.83
N GLU A 161 14.17 -3.64 5.98
CA GLU A 161 14.66 -2.56 5.15
C GLU A 161 14.97 -3.04 3.73
N ARG A 162 15.57 -4.23 3.65
CA ARG A 162 15.93 -4.81 2.36
C ARG A 162 14.76 -4.73 1.38
N HIS A 163 13.55 -4.89 1.90
CA HIS A 163 12.35 -4.84 1.08
C HIS A 163 11.84 -3.41 0.95
N LEU A 164 11.58 -2.78 2.09
CA LEU A 164 11.09 -1.40 2.10
C LEU A 164 11.84 -0.54 1.10
N SER A 165 13.10 -0.89 0.86
CA SER A 165 13.93 -0.15 -0.09
C SER A 165 13.46 -0.38 -1.53
N LYS A 166 13.32 -1.65 -1.90
CA LYS A 166 12.88 -2.01 -3.24
C LYS A 166 11.66 -1.19 -3.65
N MET A 167 10.69 -1.09 -2.74
CA MET A 167 9.47 -0.34 -3.01
C MET A 167 9.80 1.09 -3.42
N GLN A 168 10.69 1.73 -2.68
CA GLN A 168 11.10 3.10 -2.96
C GLN A 168 12.12 3.15 -4.09
N GLN A 169 12.36 1.99 -4.71
CA GLN A 169 13.32 1.90 -5.80
C GLN A 169 12.60 1.75 -7.14
N ASN A 170 12.00 0.58 -7.35
CA ASN A 170 11.27 0.31 -8.59
C ASN A 170 9.77 0.32 -8.35
N GLY A 171 9.36 0.04 -7.12
CA GLY A 171 7.95 0.01 -6.78
C GLY A 171 7.24 -1.20 -7.34
N TYR A 172 5.91 -1.19 -7.26
CA TYR A 172 5.11 -2.31 -7.75
C TYR A 172 3.98 -1.81 -8.65
N GLU A 173 4.09 -2.12 -9.95
CA GLU A 173 3.08 -1.70 -10.92
C GLU A 173 2.08 -2.82 -11.16
N ASN A 174 0.83 -2.60 -10.75
CA ASN A 174 -0.22 -3.58 -10.92
C ASN A 174 -0.32 -4.01 -12.38
N PRO A 175 -0.15 -5.33 -12.61
CA PRO A 175 -0.22 -5.90 -13.96
C PRO A 175 -1.63 -5.89 -14.53
N THR A 176 -2.59 -6.39 -13.73
CA THR A 176 -3.98 -6.43 -14.17
C THR A 176 -4.35 -5.19 -14.96
N TYR A 177 -3.80 -4.04 -14.56
CA TYR A 177 -4.07 -2.78 -15.23
C TYR A 177 -3.21 -2.63 -16.47
N LYS A 178 -3.73 -3.08 -17.61
CA LYS A 178 -3.01 -2.99 -18.88
C LYS A 178 -3.91 -2.45 -19.99
N PHE A 179 -4.35 -1.21 -19.83
CA PHE A 179 -5.21 -0.57 -20.82
C PHE A 179 -4.42 0.41 -21.67
N PHE A 180 -3.24 0.79 -21.21
CA PHE A 180 -2.39 1.73 -21.93
C PHE A 180 -1.74 1.05 -23.13
N GLU A 181 -0.99 1.82 -23.91
CA GLU A 181 -0.32 1.30 -25.09
C GLU A 181 1.20 1.44 -24.97
N GLN A 182 1.76 0.78 -23.96
CA GLN A 182 3.20 0.84 -23.73
C GLN A 182 3.87 -0.46 -24.17
N MET A 183 3.18 -1.23 -25.00
CA MET A 183 3.72 -2.48 -25.50
C MET A 183 4.71 -2.25 -26.62
N GLN A 184 5.96 -2.62 -26.38
CA GLN A 184 7.02 -2.45 -27.38
C GLN A 184 6.88 -3.47 -28.50
N ASN A 185 7.05 -3.00 -29.74
CA ASN A 185 6.93 -3.88 -30.90
C ASN A 185 7.76 -5.14 -30.71
N GLY A 1 -29.93 8.92 -1.01
CA GLY A 1 -28.85 7.96 -0.96
C GLY A 1 -29.28 6.57 -1.38
N SER A 2 -28.73 5.56 -0.74
CA SER A 2 -29.06 4.17 -1.07
C SER A 2 -30.56 3.91 -0.88
N SER A 3 -31.13 3.14 -1.80
CA SER A 3 -32.55 2.82 -1.74
C SER A 3 -32.93 2.31 -0.35
N GLY A 4 -32.15 1.37 0.17
CA GLY A 4 -32.42 0.82 1.49
C GLY A 4 -31.20 0.17 2.10
N SER A 5 -30.53 0.91 2.98
CA SER A 5 -29.33 0.39 3.65
C SER A 5 -29.61 0.10 5.11
N SER A 6 -30.78 -0.48 5.38
CA SER A 6 -31.17 -0.81 6.75
C SER A 6 -30.75 -2.24 7.10
N GLY A 7 -29.77 -2.35 7.99
CA GLY A 7 -29.29 -3.66 8.39
C GLY A 7 -28.59 -4.40 7.27
N PRO A 8 -27.39 -3.93 6.91
CA PRO A 8 -26.59 -4.53 5.84
C PRO A 8 -26.05 -5.90 6.22
N THR A 9 -25.78 -6.73 5.22
CA THR A 9 -25.26 -8.08 5.45
C THR A 9 -23.74 -8.08 5.42
N PRO A 10 -23.14 -8.98 6.23
CA PRO A 10 -21.68 -9.11 6.31
C PRO A 10 -21.08 -9.70 5.05
N LYS A 11 -20.77 -8.83 4.08
CA LYS A 11 -20.19 -9.26 2.82
C LYS A 11 -18.71 -8.86 2.73
N THR A 12 -17.98 -9.07 3.82
CA THR A 12 -16.56 -8.72 3.86
C THR A 12 -15.71 -9.95 4.14
N GLU A 13 -14.79 -10.24 3.22
CA GLU A 13 -13.90 -11.39 3.37
C GLU A 13 -12.77 -11.09 4.34
N LEU A 14 -11.94 -12.09 4.60
CA LEU A 14 -10.81 -11.93 5.51
C LEU A 14 -10.03 -10.65 5.21
N VAL A 15 -10.13 -9.69 6.12
CA VAL A 15 -9.42 -8.41 5.94
C VAL A 15 -8.57 -8.09 7.16
N GLN A 16 -7.41 -7.48 6.92
CA GLN A 16 -6.49 -7.13 7.99
C GLN A 16 -6.42 -5.62 8.16
N LYS A 17 -6.55 -5.15 9.40
CA LYS A 17 -6.50 -3.73 9.69
C LYS A 17 -5.10 -3.31 10.15
N PHE A 18 -4.70 -2.11 9.77
CA PHE A 18 -3.38 -1.59 10.15
C PHE A 18 -3.48 -0.17 10.67
N ARG A 19 -2.96 0.05 11.87
CA ARG A 19 -2.99 1.37 12.50
C ARG A 19 -2.07 2.34 11.76
N VAL A 20 -2.65 3.41 11.22
CA VAL A 20 -1.89 4.41 10.49
C VAL A 20 -2.58 5.77 10.53
N GLN A 21 -1.98 6.75 9.87
CA GLN A 21 -2.54 8.10 9.83
C GLN A 21 -2.87 8.50 8.40
N TYR A 22 -3.67 9.56 8.25
CA TYR A 22 -4.06 10.04 6.94
C TYR A 22 -3.52 11.46 6.71
N LEU A 23 -2.54 11.56 5.82
CA LEU A 23 -1.93 12.85 5.49
C LEU A 23 -2.85 13.68 4.61
N GLY A 24 -3.52 13.01 3.68
CA GLY A 24 -4.42 13.70 2.78
C GLY A 24 -4.45 13.09 1.39
N MET A 25 -5.10 13.77 0.45
CA MET A 25 -5.20 13.28 -0.93
C MET A 25 -4.52 14.26 -1.89
N LEU A 26 -3.84 13.71 -2.88
CA LEU A 26 -3.15 14.53 -3.87
C LEU A 26 -3.19 13.87 -5.25
N PRO A 27 -3.81 14.57 -6.21
CA PRO A 27 -3.94 14.07 -7.59
C PRO A 27 -2.60 14.06 -8.32
N VAL A 28 -2.40 13.05 -9.17
CA VAL A 28 -1.17 12.93 -9.94
C VAL A 28 -1.44 13.02 -11.44
N ASP A 29 -0.44 13.46 -12.19
CA ASP A 29 -0.57 13.60 -13.64
C ASP A 29 -0.29 12.27 -14.33
N ARG A 30 0.65 11.50 -13.77
CA ARG A 30 1.03 10.22 -14.34
C ARG A 30 0.62 9.08 -13.41
N PRO A 31 0.21 7.94 -14.00
CA PRO A 31 -0.20 6.77 -13.23
C PRO A 31 0.97 6.08 -12.52
N VAL A 32 2.17 6.26 -13.07
CA VAL A 32 3.36 5.67 -12.48
C VAL A 32 4.50 6.68 -12.43
N GLY A 33 5.61 6.29 -11.79
CA GLY A 33 6.75 7.18 -11.68
C GLY A 33 6.96 7.68 -10.26
N MET A 34 7.94 7.09 -9.57
CA MET A 34 8.24 7.49 -8.20
C MET A 34 8.20 9.01 -8.05
N ASP A 35 8.97 9.69 -8.88
CA ASP A 35 9.02 11.15 -8.85
C ASP A 35 7.62 11.75 -8.75
N THR A 36 6.70 11.18 -9.51
CA THR A 36 5.32 11.65 -9.51
C THR A 36 4.60 11.28 -8.22
N LEU A 37 4.85 10.06 -7.74
CA LEU A 37 4.22 9.59 -6.51
C LEU A 37 4.65 10.44 -5.32
N ASN A 38 5.96 10.57 -5.12
CA ASN A 38 6.50 11.36 -4.03
C ASN A 38 6.01 12.80 -4.10
N SER A 39 5.79 13.28 -5.32
CA SER A 39 5.33 14.66 -5.53
C SER A 39 3.99 14.88 -4.83
N ALA A 40 3.20 13.82 -4.71
CA ALA A 40 1.90 13.90 -4.07
C ALA A 40 2.04 13.83 -2.55
N ILE A 41 3.08 13.16 -2.08
CA ILE A 41 3.32 13.02 -0.66
C ILE A 41 3.71 14.36 -0.03
N GLU A 42 4.81 14.93 -0.50
CA GLU A 42 5.27 16.21 0.01
C GLU A 42 4.16 17.26 -0.04
N ASN A 43 3.51 17.37 -1.18
CA ASN A 43 2.43 18.33 -1.37
C ASN A 43 1.53 18.37 -0.13
N LEU A 44 1.27 17.20 0.44
CA LEU A 44 0.42 17.10 1.62
C LEU A 44 1.22 17.39 2.89
N MET A 45 2.28 16.62 3.10
CA MET A 45 3.13 16.80 4.28
C MET A 45 3.37 18.28 4.55
N THR A 46 3.56 19.04 3.49
CA THR A 46 3.80 20.48 3.62
C THR A 46 2.61 21.19 4.25
N SER A 47 1.43 20.97 3.68
CA SER A 47 0.21 21.59 4.18
C SER A 47 -0.08 21.13 5.60
N SER A 48 -0.52 19.88 5.74
CA SER A 48 -0.84 19.32 7.05
C SER A 48 0.42 18.83 7.76
N SER A 49 0.37 18.76 9.08
CA SER A 49 1.51 18.31 9.87
C SER A 49 1.29 16.89 10.37
N LYS A 50 2.31 16.33 11.01
CA LYS A 50 2.24 14.97 11.54
C LYS A 50 1.13 14.85 12.58
N GLU A 51 0.72 15.99 13.15
CA GLU A 51 -0.33 16.01 14.15
C GLU A 51 -1.68 16.29 13.51
N ASP A 52 -1.66 16.88 12.32
CA ASP A 52 -2.90 17.19 11.61
C ASP A 52 -3.51 15.94 11.00
N TRP A 53 -2.69 14.92 10.78
CA TRP A 53 -3.14 13.67 10.20
C TRP A 53 -3.88 12.82 11.24
N PRO A 54 -5.19 12.66 11.04
CA PRO A 54 -6.04 11.87 11.95
C PRO A 54 -5.73 10.38 11.89
N SER A 55 -5.82 9.71 13.03
CA SER A 55 -5.56 8.28 13.10
C SER A 55 -6.72 7.48 12.53
N VAL A 56 -6.41 6.59 11.58
CA VAL A 56 -7.43 5.75 10.95
C VAL A 56 -6.94 4.32 10.79
N ASN A 57 -7.86 3.42 10.48
CA ASN A 57 -7.52 2.01 10.29
C ASN A 57 -7.54 1.64 8.81
N MET A 58 -6.38 1.25 8.28
CA MET A 58 -6.27 0.87 6.89
C MET A 58 -6.70 -0.58 6.68
N ASN A 59 -7.92 -0.76 6.21
CA ASN A 59 -8.46 -2.10 5.96
C ASN A 59 -7.98 -2.64 4.62
N VAL A 60 -7.10 -3.64 4.68
CA VAL A 60 -6.56 -4.26 3.48
C VAL A 60 -7.13 -5.65 3.26
N ALA A 61 -8.13 -5.75 2.39
CA ALA A 61 -8.76 -7.04 2.10
C ALA A 61 -8.00 -7.78 1.01
N ASP A 62 -8.54 -8.92 0.60
CA ASP A 62 -7.91 -9.74 -0.43
C ASP A 62 -7.47 -8.87 -1.61
N ALA A 63 -8.43 -8.42 -2.40
CA ALA A 63 -8.14 -7.58 -3.56
C ALA A 63 -8.84 -6.23 -3.45
N THR A 64 -9.00 -5.75 -2.22
CA THR A 64 -9.65 -4.47 -1.98
C THR A 64 -9.12 -3.80 -0.71
N VAL A 65 -8.69 -2.55 -0.85
CA VAL A 65 -8.16 -1.80 0.29
C VAL A 65 -9.07 -0.63 0.65
N THR A 66 -9.77 -0.75 1.76
CA THR A 66 -10.67 0.29 2.22
C THR A 66 -10.12 1.00 3.46
N VAL A 67 -10.44 2.27 3.60
CA VAL A 67 -9.97 3.07 4.74
C VAL A 67 -11.14 3.43 5.66
N ILE A 68 -11.03 3.05 6.93
CA ILE A 68 -12.06 3.34 7.90
C ILE A 68 -11.51 4.14 9.07
N SER A 69 -12.35 4.97 9.67
CA SER A 69 -11.95 5.80 10.81
C SER A 69 -11.54 4.92 11.99
N GLU A 70 -10.84 5.53 12.95
CA GLU A 70 -10.39 4.81 14.13
C GLU A 70 -11.57 4.34 14.97
N LYS A 71 -12.53 5.23 15.19
CA LYS A 71 -13.72 4.90 15.97
C LYS A 71 -14.83 4.35 15.07
N ASN A 72 -15.34 5.21 14.18
CA ASN A 72 -16.40 4.81 13.26
C ASN A 72 -15.96 3.64 12.39
N GLU A 73 -16.81 2.64 12.28
CA GLU A 73 -16.51 1.46 11.48
C GLU A 73 -17.02 1.63 10.05
N GLU A 74 -18.22 2.17 9.91
CA GLU A 74 -18.81 2.40 8.60
C GLU A 74 -18.16 3.59 7.89
N GLU A 75 -17.68 4.54 8.69
CA GLU A 75 -17.03 5.73 8.13
C GLU A 75 -15.94 5.34 7.16
N VAL A 76 -16.23 5.46 5.86
CA VAL A 76 -15.27 5.12 4.82
C VAL A 76 -14.71 6.38 4.17
N LEU A 77 -13.45 6.68 4.46
CA LEU A 77 -12.79 7.86 3.91
C LEU A 77 -12.33 7.59 2.48
N VAL A 78 -11.59 6.50 2.29
CA VAL A 78 -11.09 6.14 0.97
C VAL A 78 -11.39 4.69 0.65
N GLU A 79 -11.64 4.41 -0.63
CA GLU A 79 -11.95 3.05 -1.06
C GLU A 79 -11.17 2.69 -2.32
N CYS A 80 -10.02 2.04 -2.13
CA CYS A 80 -9.18 1.64 -3.25
C CYS A 80 -9.25 0.13 -3.47
N ARG A 81 -9.14 -0.28 -4.73
CA ARG A 81 -9.20 -1.70 -5.08
C ARG A 81 -7.88 -2.15 -5.69
N VAL A 82 -7.29 -3.19 -5.11
CA VAL A 82 -6.03 -3.73 -5.60
C VAL A 82 -5.95 -3.65 -7.12
N ARG A 83 -6.97 -4.19 -7.78
CA ARG A 83 -7.02 -4.19 -9.23
C ARG A 83 -6.94 -2.77 -9.78
N PHE A 84 -7.67 -1.86 -9.15
CA PHE A 84 -7.70 -0.47 -9.58
C PHE A 84 -6.35 0.21 -9.29
N LEU A 85 -5.59 -0.38 -8.37
CA LEU A 85 -4.28 0.16 -8.01
C LEU A 85 -3.40 0.33 -9.24
N SER A 86 -3.14 1.58 -9.61
CA SER A 86 -2.31 1.88 -10.77
C SER A 86 -0.84 1.62 -10.46
N PHE A 87 -0.32 2.33 -9.48
CA PHE A 87 1.08 2.17 -9.08
C PHE A 87 1.28 2.56 -7.62
N MET A 88 1.90 1.67 -6.85
CA MET A 88 2.16 1.92 -5.44
C MET A 88 3.65 2.09 -5.19
N GLY A 89 3.98 2.77 -4.09
CA GLY A 89 5.37 2.99 -3.74
C GLY A 89 5.53 3.61 -2.37
N VAL A 90 6.77 3.71 -1.92
CA VAL A 90 7.07 4.29 -0.60
C VAL A 90 7.92 5.55 -0.75
N GLY A 91 7.58 6.57 0.04
CA GLY A 91 8.32 7.83 -0.01
C GLY A 91 9.74 7.66 0.49
N LYS A 92 10.52 8.74 0.37
CA LYS A 92 11.91 8.72 0.82
C LYS A 92 12.03 8.13 2.21
N ASP A 93 10.93 8.15 2.96
CA ASP A 93 10.91 7.61 4.32
C ASP A 93 10.10 6.31 4.37
N VAL A 94 10.65 5.32 5.08
CA VAL A 94 9.98 4.04 5.22
C VAL A 94 8.76 4.13 6.12
N HIS A 95 8.63 5.27 6.81
CA HIS A 95 7.50 5.49 7.71
C HIS A 95 6.31 6.08 6.95
N THR A 96 6.34 5.96 5.63
CA THR A 96 5.27 6.48 4.79
C THR A 96 4.91 5.51 3.68
N PHE A 97 3.64 5.49 3.30
CA PHE A 97 3.17 4.60 2.24
C PHE A 97 2.08 5.27 1.41
N ALA A 98 2.37 5.46 0.12
CA ALA A 98 1.41 6.09 -0.79
C ALA A 98 1.17 5.23 -2.02
N PHE A 99 -0.08 5.16 -2.44
CA PHE A 99 -0.43 4.36 -3.63
C PHE A 99 -1.34 5.16 -4.56
N ILE A 100 -1.14 4.98 -5.86
CA ILE A 100 -1.94 5.67 -6.85
C ILE A 100 -3.05 4.77 -7.40
N MET A 101 -4.30 5.14 -7.13
CA MET A 101 -5.43 4.36 -7.60
C MET A 101 -6.15 5.08 -8.73
N ASP A 102 -7.05 4.37 -9.41
CA ASP A 102 -7.81 4.94 -10.52
C ASP A 102 -9.26 5.20 -10.11
N THR A 103 -9.64 6.47 -10.10
CA THR A 103 -11.01 6.85 -9.72
C THR A 103 -11.96 6.68 -10.89
N GLY A 104 -11.55 7.14 -12.07
CA GLY A 104 -12.38 7.03 -13.24
C GLY A 104 -11.70 6.28 -14.37
N ASN A 105 -11.18 7.01 -15.34
CA ASN A 105 -10.50 6.41 -16.48
C ASN A 105 -9.07 6.92 -16.59
N GLN A 106 -8.92 8.24 -16.72
CA GLN A 106 -7.60 8.85 -16.84
C GLN A 106 -7.17 9.46 -15.50
N ARG A 107 -8.11 10.09 -14.81
CA ARG A 107 -7.82 10.70 -13.52
C ARG A 107 -7.36 9.67 -12.50
N PHE A 108 -6.23 9.94 -11.87
CA PHE A 108 -5.67 9.02 -10.88
C PHE A 108 -5.38 9.76 -9.57
N GLU A 109 -5.80 9.16 -8.46
CA GLU A 109 -5.58 9.76 -7.14
C GLU A 109 -4.46 9.03 -6.39
N CYS A 110 -3.73 9.77 -5.57
CA CYS A 110 -2.64 9.20 -4.79
C CYS A 110 -2.82 9.48 -3.30
N HIS A 111 -3.18 8.45 -2.54
CA HIS A 111 -3.39 8.59 -1.11
C HIS A 111 -2.12 8.24 -0.34
N VAL A 112 -1.92 8.89 0.80
CA VAL A 112 -0.76 8.65 1.64
C VAL A 112 -1.15 8.24 3.05
N PHE A 113 -0.38 7.33 3.63
CA PHE A 113 -0.65 6.85 4.99
C PHE A 113 0.65 6.59 5.75
N TRP A 114 0.74 7.14 6.96
CA TRP A 114 1.93 6.96 7.78
C TRP A 114 1.86 5.65 8.56
N CYS A 115 2.86 4.80 8.36
CA CYS A 115 2.92 3.51 9.03
C CYS A 115 3.76 3.61 10.31
N GLU A 116 3.65 2.58 11.15
CA GLU A 116 4.39 2.56 12.41
C GLU A 116 4.68 1.11 12.84
N PRO A 117 5.96 0.80 13.04
CA PRO A 117 7.05 1.77 12.88
C PRO A 117 7.27 2.14 11.41
N ASN A 118 7.33 1.12 10.55
CA ASN A 118 7.55 1.33 9.13
C ASN A 118 6.43 0.69 8.31
N ALA A 119 6.56 0.74 6.99
CA ALA A 119 5.56 0.16 6.10
C ALA A 119 6.03 -1.17 5.55
N ALA A 120 6.44 -2.06 6.44
CA ALA A 120 6.90 -3.39 6.05
C ALA A 120 5.73 -4.34 5.81
N ASN A 121 4.82 -4.41 6.77
CA ASN A 121 3.65 -5.28 6.67
C ASN A 121 2.58 -4.64 5.79
N VAL A 122 2.48 -3.31 5.85
CA VAL A 122 1.50 -2.59 5.06
C VAL A 122 1.73 -2.78 3.57
N SER A 123 2.94 -2.45 3.11
CA SER A 123 3.29 -2.59 1.71
C SER A 123 3.37 -4.07 1.31
N GLU A 124 3.72 -4.91 2.27
CA GLU A 124 3.83 -6.35 2.02
C GLU A 124 2.46 -6.96 1.76
N ALA A 125 1.46 -6.49 2.49
CA ALA A 125 0.10 -6.99 2.33
C ALA A 125 -0.48 -6.60 0.97
N VAL A 126 -0.41 -5.32 0.66
CA VAL A 126 -0.93 -4.83 -0.62
C VAL A 126 -0.19 -5.44 -1.79
N GLN A 127 1.14 -5.46 -1.70
CA GLN A 127 1.97 -6.03 -2.76
C GLN A 127 1.57 -7.47 -3.05
N ALA A 128 1.49 -8.29 -2.01
CA ALA A 128 1.11 -9.68 -2.16
C ALA A 128 -0.37 -9.82 -2.50
N ALA A 129 -1.16 -8.85 -2.07
CA ALA A 129 -2.60 -8.86 -2.32
C ALA A 129 -2.88 -8.93 -3.83
N CYS A 130 -2.03 -8.28 -4.61
CA CYS A 130 -2.18 -8.27 -6.05
C CYS A 130 -2.39 -9.68 -6.60
N SER A 131 -1.56 -10.61 -6.15
CA SER A 131 -1.65 -12.00 -6.59
C SER A 131 -2.58 -12.80 -5.67
N GLY A 132 -2.32 -12.73 -4.37
CA GLY A 132 -3.15 -13.45 -3.42
C GLY A 132 -2.70 -13.23 -1.98
N PRO A 133 -2.85 -14.26 -1.15
CA PRO A 133 -2.47 -14.20 0.27
C PRO A 133 -0.95 -14.14 0.46
N SER A 134 -0.52 -13.49 1.53
CA SER A 134 0.90 -13.36 1.83
C SER A 134 1.54 -14.72 2.09
N SER A 135 2.87 -14.75 2.09
CA SER A 135 3.60 -16.00 2.30
C SER A 135 3.42 -16.47 3.75
N GLY A 136 3.54 -15.55 4.69
CA GLY A 136 3.39 -15.90 6.10
C GLY A 136 4.62 -16.60 6.65
N ILE A 137 4.69 -16.69 7.98
CA ILE A 137 5.82 -17.34 8.64
C ILE A 137 5.57 -18.83 8.83
N GLU A 138 6.46 -19.65 8.29
CA GLU A 138 6.34 -21.09 8.40
C GLU A 138 6.49 -21.55 9.86
N GLY A 139 7.44 -20.95 10.56
CA GLY A 139 7.68 -21.30 11.95
C GLY A 139 9.04 -20.86 12.44
N ARG A 140 9.92 -21.83 12.69
CA ARG A 140 11.27 -21.52 13.17
C ARG A 140 12.29 -21.69 12.05
N GLY A 141 13.51 -21.24 12.31
CA GLY A 141 14.56 -21.34 11.31
C GLY A 141 15.55 -20.20 11.38
N SER A 142 16.83 -20.52 11.39
CA SER A 142 17.88 -19.52 11.47
C SER A 142 18.50 -19.26 10.09
N SER A 143 18.10 -18.15 9.47
CA SER A 143 18.61 -17.80 8.15
C SER A 143 20.02 -17.26 8.24
N GLY A 144 21.00 -18.13 8.05
CA GLY A 144 22.39 -17.73 8.11
C GLY A 144 22.66 -16.78 9.26
N SER A 145 22.44 -17.25 10.48
CA SER A 145 22.65 -16.44 11.67
C SER A 145 24.03 -16.70 12.26
N SER A 146 25.03 -16.80 11.40
CA SER A 146 26.40 -17.05 11.83
C SER A 146 27.40 -16.36 10.90
N GLY A 147 28.66 -16.34 11.32
CA GLY A 147 29.70 -15.71 10.52
C GLY A 147 31.05 -16.38 10.70
N SER A 148 31.26 -17.49 10.00
CA SER A 148 32.52 -18.22 10.09
C SER A 148 33.70 -17.30 9.79
N SER A 149 33.68 -16.69 8.60
CA SER A 149 34.74 -15.80 8.19
C SER A 149 34.33 -14.34 8.33
N GLY A 150 33.11 -14.03 7.91
CA GLY A 150 32.60 -12.68 8.00
C GLY A 150 32.71 -11.93 6.68
N SER A 151 31.75 -11.03 6.43
CA SER A 151 31.73 -10.25 5.20
C SER A 151 31.66 -8.77 5.51
N SER A 152 32.58 -7.99 4.94
CA SER A 152 32.63 -6.55 5.15
C SER A 152 31.35 -5.90 4.64
N GLY A 153 30.51 -5.44 5.56
CA GLY A 153 29.26 -4.80 5.19
C GLY A 153 28.09 -5.26 6.04
N ASP A 154 27.01 -5.67 5.37
CA ASP A 154 25.82 -6.14 6.07
C ASP A 154 25.58 -7.62 5.79
N ALA A 155 25.39 -8.39 6.85
CA ALA A 155 25.14 -9.83 6.72
C ALA A 155 23.75 -10.19 7.21
N ALA A 156 23.28 -11.38 6.83
CA ALA A 156 21.96 -11.84 7.22
C ALA A 156 20.94 -10.71 7.18
N VAL A 157 21.20 -9.72 6.33
CA VAL A 157 20.30 -8.57 6.20
C VAL A 157 18.84 -9.01 6.18
N THR A 158 18.04 -8.42 7.05
CA THR A 158 16.63 -8.74 7.14
C THR A 158 15.90 -8.38 5.86
N PRO A 159 14.93 -9.22 5.46
CA PRO A 159 14.14 -9.01 4.25
C PRO A 159 13.19 -7.83 4.38
N GLU A 160 13.12 -7.26 5.57
CA GLU A 160 12.25 -6.12 5.83
C GLU A 160 12.78 -4.86 5.15
N GLU A 161 14.05 -4.57 5.39
CA GLU A 161 14.69 -3.39 4.80
C GLU A 161 14.88 -3.56 3.29
N ARG A 162 15.23 -4.78 2.89
CA ARG A 162 15.45 -5.09 1.48
C ARG A 162 14.16 -4.89 0.68
N HIS A 163 13.02 -5.22 1.30
CA HIS A 163 11.73 -5.08 0.64
C HIS A 163 11.38 -3.60 0.45
N LEU A 164 11.37 -2.86 1.54
CA LEU A 164 11.04 -1.44 1.50
C LEU A 164 11.82 -0.74 0.38
N SER A 165 13.13 -0.91 0.40
CA SER A 165 14.00 -0.30 -0.61
C SER A 165 13.45 -0.54 -2.01
N LYS A 166 13.09 -1.79 -2.30
CA LYS A 166 12.55 -2.15 -3.60
C LYS A 166 11.33 -1.29 -3.95
N MET A 167 10.60 -0.88 -2.93
CA MET A 167 9.42 -0.05 -3.12
C MET A 167 9.81 1.38 -3.48
N GLN A 168 10.81 1.91 -2.80
CA GLN A 168 11.27 3.27 -3.06
C GLN A 168 12.23 3.29 -4.24
N GLN A 169 12.52 2.13 -4.79
CA GLN A 169 13.42 2.02 -5.94
C GLN A 169 12.65 2.00 -7.24
N ASN A 170 11.96 0.89 -7.51
CA ASN A 170 11.18 0.75 -8.73
C ASN A 170 9.68 0.71 -8.41
N GLY A 171 9.34 0.13 -7.27
CA GLY A 171 7.94 0.04 -6.87
C GLY A 171 7.25 -1.17 -7.46
N TYR A 172 5.94 -1.24 -7.28
CA TYR A 172 5.15 -2.36 -7.80
C TYR A 172 4.11 -1.87 -8.81
N GLU A 173 4.24 -2.34 -10.06
CA GLU A 173 3.31 -1.94 -11.11
C GLU A 173 2.25 -3.02 -11.33
N ASN A 174 1.00 -2.70 -11.01
CA ASN A 174 -0.09 -3.64 -11.17
C ASN A 174 -0.14 -4.19 -12.60
N PRO A 175 0.07 -5.51 -12.73
CA PRO A 175 0.06 -6.18 -14.03
C PRO A 175 -1.33 -6.24 -14.64
N THR A 176 -2.34 -5.87 -13.86
CA THR A 176 -3.72 -5.88 -14.31
C THR A 176 -4.09 -4.56 -14.97
N TYR A 177 -3.45 -3.48 -14.53
CA TYR A 177 -3.72 -2.16 -15.08
C TYR A 177 -2.52 -1.66 -15.89
N LYS A 178 -2.25 -2.34 -17.00
CA LYS A 178 -1.13 -1.96 -17.86
C LYS A 178 -1.49 -0.74 -18.71
N PHE A 179 -1.19 0.45 -18.17
CA PHE A 179 -1.47 1.69 -18.87
C PHE A 179 -0.24 2.59 -18.92
N PHE A 180 0.93 1.97 -19.09
CA PHE A 180 2.19 2.72 -19.15
C PHE A 180 2.78 2.68 -20.56
N GLU A 181 3.63 3.65 -20.87
CA GLU A 181 4.26 3.73 -22.17
C GLU A 181 5.77 3.91 -22.03
N GLN A 182 6.44 2.91 -21.48
CA GLN A 182 7.88 2.97 -21.30
C GLN A 182 8.62 2.43 -22.52
N MET A 183 8.06 1.39 -23.13
CA MET A 183 8.66 0.79 -24.31
C MET A 183 8.95 1.85 -25.38
N GLN A 184 9.83 1.51 -26.32
CA GLN A 184 10.19 2.44 -27.38
C GLN A 184 10.72 1.68 -28.60
N ASN A 185 10.52 2.26 -29.79
CA ASN A 185 10.98 1.64 -31.02
C ASN A 185 12.36 2.17 -31.41
N GLY A 1 -27.07 5.79 12.09
CA GLY A 1 -27.24 4.57 11.32
C GLY A 1 -28.04 4.78 10.05
N SER A 2 -27.36 4.71 8.91
CA SER A 2 -28.02 4.90 7.62
C SER A 2 -29.38 4.20 7.59
N SER A 3 -30.41 4.94 7.20
CA SER A 3 -31.76 4.39 7.13
C SER A 3 -32.31 4.47 5.71
N GLY A 4 -32.82 3.34 5.23
CA GLY A 4 -33.37 3.29 3.88
C GLY A 4 -34.35 2.16 3.69
N SER A 5 -34.58 1.78 2.44
CA SER A 5 -35.52 0.70 2.12
C SER A 5 -34.76 -0.60 1.85
N SER A 6 -33.74 -0.52 1.00
CA SER A 6 -32.95 -1.69 0.65
C SER A 6 -31.98 -2.05 1.79
N GLY A 7 -31.27 -1.05 2.29
CA GLY A 7 -30.32 -1.27 3.36
C GLY A 7 -29.00 -1.83 2.86
N PRO A 8 -28.06 -2.02 3.79
CA PRO A 8 -26.72 -2.55 3.46
C PRO A 8 -26.76 -4.02 3.04
N THR A 9 -25.62 -4.55 2.64
CA THR A 9 -25.52 -5.94 2.22
C THR A 9 -24.95 -6.81 3.33
N PRO A 10 -25.67 -7.88 3.68
CA PRO A 10 -25.26 -8.82 4.72
C PRO A 10 -24.05 -9.66 4.29
N LYS A 11 -22.88 -9.31 4.82
CA LYS A 11 -21.66 -10.03 4.48
C LYS A 11 -20.61 -9.85 5.58
N THR A 12 -19.92 -10.94 5.93
CA THR A 12 -18.90 -10.91 6.97
C THR A 12 -17.61 -11.57 6.49
N GLU A 13 -16.64 -10.75 6.11
CA GLU A 13 -15.36 -11.25 5.64
C GLU A 13 -14.22 -10.83 6.56
N LEU A 14 -13.14 -11.60 6.55
CA LEU A 14 -11.98 -11.32 7.40
C LEU A 14 -11.03 -10.34 6.70
N VAL A 15 -10.80 -9.20 7.35
CA VAL A 15 -9.90 -8.19 6.79
C VAL A 15 -8.80 -7.82 7.78
N GLN A 16 -7.68 -7.33 7.27
CA GLN A 16 -6.55 -6.95 8.11
C GLN A 16 -6.49 -5.43 8.26
N LYS A 17 -6.71 -4.96 9.48
CA LYS A 17 -6.68 -3.53 9.77
C LYS A 17 -5.30 -3.11 10.28
N PHE A 18 -4.65 -2.22 9.55
CA PHE A 18 -3.33 -1.73 9.92
C PHE A 18 -3.39 -0.29 10.42
N ARG A 19 -2.90 -0.07 11.64
CA ARG A 19 -2.90 1.26 12.23
C ARG A 19 -2.00 2.21 11.45
N VAL A 20 -2.57 3.31 10.98
CA VAL A 20 -1.83 4.30 10.21
C VAL A 20 -2.52 5.65 10.21
N GLN A 21 -1.78 6.70 9.84
CA GLN A 21 -2.34 8.04 9.81
C GLN A 21 -2.62 8.48 8.38
N TYR A 22 -3.61 9.36 8.21
CA TYR A 22 -3.99 9.84 6.90
C TYR A 22 -3.47 11.26 6.67
N LEU A 23 -2.47 11.38 5.80
CA LEU A 23 -1.87 12.69 5.50
C LEU A 23 -2.82 13.52 4.64
N GLY A 24 -3.43 12.88 3.64
CA GLY A 24 -4.34 13.58 2.75
C GLY A 24 -4.38 12.99 1.37
N MET A 25 -5.07 13.65 0.46
CA MET A 25 -5.19 13.17 -0.91
C MET A 25 -4.55 14.16 -1.89
N LEU A 26 -3.83 13.64 -2.87
CA LEU A 26 -3.17 14.48 -3.86
C LEU A 26 -3.21 13.82 -5.24
N PRO A 27 -3.88 14.49 -6.20
CA PRO A 27 -4.01 14.00 -7.57
C PRO A 27 -2.68 14.03 -8.32
N VAL A 28 -2.54 13.14 -9.30
CA VAL A 28 -1.32 13.06 -10.09
C VAL A 28 -1.63 13.21 -11.58
N ASP A 29 -0.58 13.26 -12.40
CA ASP A 29 -0.74 13.39 -13.84
C ASP A 29 -0.38 12.09 -14.55
N ARG A 30 0.55 11.34 -13.96
CA ARG A 30 1.00 10.08 -14.54
C ARG A 30 0.60 8.91 -13.65
N PRO A 31 0.27 7.77 -14.28
CA PRO A 31 -0.14 6.55 -13.57
C PRO A 31 1.02 5.92 -12.80
N VAL A 32 2.23 6.09 -13.32
CA VAL A 32 3.42 5.53 -12.69
C VAL A 32 4.58 6.53 -12.72
N GLY A 33 5.49 6.40 -11.76
CA GLY A 33 6.63 7.30 -11.69
C GLY A 33 6.89 7.80 -10.28
N MET A 34 7.98 7.31 -9.68
CA MET A 34 8.34 7.72 -8.33
C MET A 34 8.40 9.23 -8.21
N ASP A 35 9.08 9.87 -9.16
CA ASP A 35 9.22 11.33 -9.16
C ASP A 35 7.86 12.00 -8.98
N THR A 36 6.80 11.30 -9.39
CA THR A 36 5.45 11.83 -9.27
C THR A 36 4.78 11.37 -7.98
N LEU A 37 4.94 10.09 -7.68
CA LEU A 37 4.35 9.52 -6.47
C LEU A 37 4.80 10.29 -5.22
N ASN A 38 6.10 10.54 -5.13
CA ASN A 38 6.66 11.27 -4.00
C ASN A 38 6.25 12.74 -4.05
N SER A 39 6.28 13.32 -5.24
CA SER A 39 5.92 14.73 -5.41
C SER A 39 4.55 15.01 -4.81
N ALA A 40 3.76 13.96 -4.61
CA ALA A 40 2.43 14.09 -4.03
C ALA A 40 2.48 13.99 -2.51
N ILE A 41 3.47 13.26 -2.00
CA ILE A 41 3.63 13.09 -0.57
C ILE A 41 3.96 14.41 0.12
N GLU A 42 5.03 15.06 -0.34
CA GLU A 42 5.45 16.33 0.22
C GLU A 42 4.31 17.34 0.19
N ASN A 43 3.71 17.51 -0.98
CA ASN A 43 2.61 18.45 -1.15
C ASN A 43 1.69 18.43 0.07
N LEU A 44 1.31 17.23 0.49
CA LEU A 44 0.43 17.07 1.65
C LEU A 44 1.18 17.33 2.94
N MET A 45 2.28 16.62 3.14
CA MET A 45 3.09 16.77 4.34
C MET A 45 3.25 18.25 4.70
N THR A 46 3.47 19.07 3.69
CA THR A 46 3.65 20.50 3.90
C THR A 46 2.38 21.14 4.47
N SER A 47 1.24 20.82 3.85
CA SER A 47 -0.04 21.35 4.29
C SER A 47 -0.38 20.88 5.70
N SER A 48 -0.67 19.59 5.83
CA SER A 48 -1.01 19.02 7.13
C SER A 48 0.24 18.51 7.84
N SER A 49 0.25 18.63 9.16
CA SER A 49 1.38 18.19 9.97
C SER A 49 1.15 16.79 10.52
N LYS A 50 2.21 16.15 10.98
CA LYS A 50 2.13 14.80 11.52
C LYS A 50 0.92 14.67 12.46
N GLU A 51 0.80 15.60 13.39
CA GLU A 51 -0.32 15.59 14.34
C GLU A 51 -1.64 15.89 13.62
N ASP A 52 -1.55 16.64 12.53
CA ASP A 52 -2.75 16.99 11.77
C ASP A 52 -3.37 15.76 11.14
N TRP A 53 -2.55 14.74 10.89
CA TRP A 53 -3.03 13.50 10.29
C TRP A 53 -3.70 12.61 11.32
N PRO A 54 -5.00 12.35 11.12
CA PRO A 54 -5.79 11.52 12.03
C PRO A 54 -5.38 10.05 11.96
N SER A 55 -5.65 9.31 13.04
CA SER A 55 -5.31 7.90 13.10
C SER A 55 -6.45 7.04 12.57
N VAL A 56 -6.21 6.35 11.46
CA VAL A 56 -7.22 5.49 10.85
C VAL A 56 -6.72 4.05 10.75
N ASN A 57 -7.57 3.18 10.22
CA ASN A 57 -7.23 1.77 10.06
C ASN A 57 -7.28 1.36 8.59
N MET A 58 -6.22 0.70 8.14
CA MET A 58 -6.15 0.24 6.75
C MET A 58 -6.79 -1.13 6.60
N ASN A 59 -8.04 -1.14 6.15
CA ASN A 59 -8.78 -2.39 5.95
C ASN A 59 -8.41 -3.03 4.63
N VAL A 60 -7.46 -3.96 4.66
CA VAL A 60 -7.01 -4.65 3.46
C VAL A 60 -7.72 -6.00 3.31
N ALA A 61 -8.73 -6.03 2.45
CA ALA A 61 -9.49 -7.25 2.21
C ALA A 61 -9.06 -7.92 0.90
N ASP A 62 -9.60 -9.11 0.64
CA ASP A 62 -9.26 -9.85 -0.57
C ASP A 62 -9.19 -8.91 -1.77
N ALA A 63 -7.97 -8.53 -2.13
CA ALA A 63 -7.76 -7.64 -3.28
C ALA A 63 -8.56 -6.35 -3.12
N THR A 64 -8.51 -5.76 -1.93
CA THR A 64 -9.23 -4.54 -1.65
C THR A 64 -8.63 -3.80 -0.46
N VAL A 65 -8.62 -2.47 -0.54
CA VAL A 65 -8.07 -1.65 0.53
C VAL A 65 -8.98 -0.46 0.83
N THR A 66 -9.70 -0.53 1.94
CA THR A 66 -10.60 0.54 2.35
C THR A 66 -10.10 1.25 3.60
N VAL A 67 -10.39 2.55 3.70
CA VAL A 67 -9.97 3.34 4.83
C VAL A 67 -11.15 3.68 5.74
N ILE A 68 -11.02 3.34 7.02
CA ILE A 68 -12.08 3.61 7.98
C ILE A 68 -11.57 4.47 9.13
N SER A 69 -12.42 5.37 9.62
CA SER A 69 -12.05 6.25 10.73
C SER A 69 -11.96 5.47 12.04
N GLU A 70 -10.77 5.46 12.64
CA GLU A 70 -10.56 4.76 13.90
C GLU A 70 -11.73 4.99 14.86
N LYS A 71 -12.40 6.13 14.69
CA LYS A 71 -13.53 6.48 15.54
C LYS A 71 -14.79 5.71 15.12
N ASN A 72 -15.28 6.01 13.92
CA ASN A 72 -16.48 5.35 13.41
C ASN A 72 -16.10 4.27 12.40
N GLU A 73 -16.86 3.18 12.39
CA GLU A 73 -16.61 2.08 11.46
C GLU A 73 -17.21 2.37 10.09
N GLU A 74 -18.52 2.55 10.05
CA GLU A 74 -19.23 2.82 8.81
C GLU A 74 -18.61 4.03 8.10
N GLU A 75 -17.88 4.84 8.85
CA GLU A 75 -17.24 6.02 8.29
C GLU A 75 -16.13 5.63 7.32
N VAL A 76 -16.50 5.47 6.05
CA VAL A 76 -15.54 5.10 5.03
C VAL A 76 -14.94 6.33 4.36
N LEU A 77 -13.70 6.63 4.70
CA LEU A 77 -13.01 7.79 4.13
C LEU A 77 -12.67 7.56 2.66
N VAL A 78 -11.86 6.54 2.41
CA VAL A 78 -11.45 6.20 1.04
C VAL A 78 -11.72 4.73 0.74
N GLU A 79 -11.95 4.43 -0.54
CA GLU A 79 -12.21 3.06 -0.97
C GLU A 79 -11.37 2.69 -2.18
N CYS A 80 -10.23 2.07 -1.95
CA CYS A 80 -9.32 1.67 -3.03
C CYS A 80 -9.36 0.16 -3.23
N ARG A 81 -9.19 -0.27 -4.47
CA ARG A 81 -9.20 -1.70 -4.80
C ARG A 81 -7.94 -2.08 -5.58
N VAL A 82 -7.17 -3.00 -5.01
CA VAL A 82 -5.94 -3.46 -5.65
C VAL A 82 -6.08 -3.50 -7.16
N ARG A 83 -7.01 -4.33 -7.65
CA ARG A 83 -7.25 -4.45 -9.07
C ARG A 83 -7.16 -3.09 -9.77
N PHE A 84 -7.74 -2.08 -9.14
CA PHE A 84 -7.72 -0.73 -9.71
C PHE A 84 -6.34 -0.10 -9.57
N LEU A 85 -5.70 -0.33 -8.43
CA LEU A 85 -4.37 0.20 -8.17
C LEU A 85 -3.53 0.22 -9.45
N SER A 86 -3.05 1.41 -9.82
CA SER A 86 -2.24 1.56 -11.02
C SER A 86 -0.75 1.43 -10.69
N PHE A 87 -0.34 2.04 -9.58
CA PHE A 87 1.05 1.99 -9.16
C PHE A 87 1.19 2.33 -7.68
N MET A 88 1.98 1.53 -6.97
CA MET A 88 2.19 1.76 -5.54
C MET A 88 3.68 1.81 -5.22
N GLY A 89 4.05 2.66 -4.25
CA GLY A 89 5.44 2.79 -3.86
C GLY A 89 5.59 3.37 -2.47
N VAL A 90 6.82 3.75 -2.13
CA VAL A 90 7.11 4.32 -0.82
C VAL A 90 7.82 5.66 -0.95
N GLY A 91 7.29 6.67 -0.26
CA GLY A 91 7.90 7.99 -0.30
C GLY A 91 9.37 7.97 0.07
N LYS A 92 9.96 9.16 0.21
CA LYS A 92 11.37 9.27 0.57
C LYS A 92 11.68 8.50 1.85
N ASP A 93 10.67 8.38 2.72
CA ASP A 93 10.83 7.67 3.98
C ASP A 93 10.05 6.35 3.96
N VAL A 94 10.71 5.28 4.40
CA VAL A 94 10.09 3.96 4.42
C VAL A 94 8.85 3.97 5.33
N HIS A 95 8.81 4.90 6.26
CA HIS A 95 7.68 5.01 7.19
C HIS A 95 6.42 5.46 6.45
N THR A 96 6.60 6.05 5.28
CA THR A 96 5.48 6.52 4.48
C THR A 96 5.09 5.49 3.42
N PHE A 97 3.81 5.49 3.05
CA PHE A 97 3.31 4.55 2.06
C PHE A 97 2.16 5.17 1.25
N ALA A 98 2.40 5.40 -0.03
CA ALA A 98 1.40 5.99 -0.91
C ALA A 98 1.10 5.07 -2.09
N PHE A 99 -0.11 5.18 -2.62
CA PHE A 99 -0.53 4.36 -3.76
C PHE A 99 -1.44 5.15 -4.68
N ILE A 100 -1.22 5.00 -5.99
CA ILE A 100 -2.03 5.69 -6.99
C ILE A 100 -3.11 4.77 -7.56
N MET A 101 -4.36 5.13 -7.34
CA MET A 101 -5.48 4.34 -7.84
C MET A 101 -6.20 5.06 -8.97
N ASP A 102 -6.99 4.33 -9.74
CA ASP A 102 -7.74 4.90 -10.84
C ASP A 102 -9.24 4.83 -10.60
N THR A 103 -9.84 5.98 -10.33
CA THR A 103 -11.29 6.04 -10.06
C THR A 103 -12.07 6.31 -11.35
N GLY A 104 -11.60 7.28 -12.14
CA GLY A 104 -12.27 7.61 -13.38
C GLY A 104 -11.30 7.82 -14.52
N ASN A 105 -11.40 8.97 -15.18
CA ASN A 105 -10.52 9.29 -16.30
C ASN A 105 -9.06 9.12 -15.91
N GLN A 106 -8.16 9.51 -16.82
CA GLN A 106 -6.73 9.40 -16.56
C GLN A 106 -6.39 9.97 -15.19
N ARG A 107 -7.28 10.78 -14.64
CA ARG A 107 -7.06 11.39 -13.34
C ARG A 107 -6.98 10.33 -12.25
N PHE A 108 -5.81 10.20 -11.64
CA PHE A 108 -5.60 9.21 -10.58
C PHE A 108 -5.42 9.91 -9.23
N GLU A 109 -5.86 9.23 -8.16
CA GLU A 109 -5.74 9.78 -6.82
C GLU A 109 -4.64 9.06 -6.03
N CYS A 110 -3.72 9.83 -5.48
CA CYS A 110 -2.62 9.27 -4.71
C CYS A 110 -2.84 9.48 -3.21
N HIS A 111 -3.22 8.41 -2.53
CA HIS A 111 -3.47 8.48 -1.09
C HIS A 111 -2.25 8.01 -0.31
N VAL A 112 -1.84 8.81 0.68
CA VAL A 112 -0.69 8.49 1.51
C VAL A 112 -1.12 8.14 2.93
N PHE A 113 -0.41 7.19 3.53
CA PHE A 113 -0.71 6.76 4.89
C PHE A 113 0.58 6.44 5.66
N TRP A 114 0.74 7.09 6.81
CA TRP A 114 1.92 6.88 7.64
C TRP A 114 1.86 5.53 8.33
N CYS A 115 2.83 4.67 8.03
CA CYS A 115 2.89 3.34 8.63
C CYS A 115 3.74 3.35 9.89
N GLU A 116 3.56 2.33 10.72
CA GLU A 116 4.32 2.22 11.97
C GLU A 116 4.58 0.76 12.32
N PRO A 117 5.87 0.44 12.58
CA PRO A 117 6.95 1.41 12.53
C PRO A 117 7.25 1.88 11.10
N ASN A 118 7.35 0.92 10.18
CA ASN A 118 7.64 1.23 8.79
C ASN A 118 6.50 0.75 7.88
N ALA A 119 6.70 0.90 6.58
CA ALA A 119 5.70 0.47 5.61
C ALA A 119 6.08 -0.88 4.99
N ALA A 120 6.58 -1.78 5.81
CA ALA A 120 6.98 -3.10 5.35
C ALA A 120 5.81 -4.07 5.37
N ASN A 121 5.13 -4.16 6.51
CA ASN A 121 4.00 -5.05 6.66
C ASN A 121 2.82 -4.59 5.81
N VAL A 122 2.43 -3.32 5.97
CA VAL A 122 1.33 -2.75 5.22
C VAL A 122 1.54 -2.94 3.72
N SER A 123 2.66 -2.44 3.20
CA SER A 123 2.98 -2.54 1.79
C SER A 123 2.99 -4.00 1.35
N GLU A 124 3.51 -4.87 2.21
CA GLU A 124 3.59 -6.30 1.91
C GLU A 124 2.19 -6.90 1.75
N ALA A 125 1.28 -6.49 2.63
CA ALA A 125 -0.09 -6.98 2.59
C ALA A 125 -0.77 -6.62 1.27
N VAL A 126 -0.62 -5.37 0.86
CA VAL A 126 -1.21 -4.90 -0.38
C VAL A 126 -0.50 -5.49 -1.59
N GLN A 127 0.83 -5.54 -1.52
CA GLN A 127 1.63 -6.09 -2.61
C GLN A 127 1.24 -7.54 -2.91
N ALA A 128 1.20 -8.36 -1.86
CA ALA A 128 0.84 -9.76 -2.00
C ALA A 128 -0.62 -9.91 -2.44
N ALA A 129 -1.50 -9.10 -1.86
CA ALA A 129 -2.91 -9.14 -2.20
C ALA A 129 -3.11 -9.36 -3.69
N CYS A 130 -2.39 -8.60 -4.49
CA CYS A 130 -2.49 -8.71 -5.95
C CYS A 130 -2.58 -10.17 -6.38
N SER A 131 -1.70 -11.00 -5.81
CA SER A 131 -1.68 -12.42 -6.14
C SER A 131 -2.59 -13.22 -5.20
N GLY A 132 -2.42 -13.01 -3.90
CA GLY A 132 -3.22 -13.71 -2.92
C GLY A 132 -2.42 -14.71 -2.13
N PRO A 133 -2.78 -14.89 -0.85
CA PRO A 133 -2.10 -15.83 0.04
C PRO A 133 -2.37 -17.29 -0.33
N SER A 134 -1.32 -18.09 -0.36
CA SER A 134 -1.44 -19.50 -0.71
C SER A 134 -1.31 -20.38 0.53
N SER A 135 -0.16 -20.28 1.19
CA SER A 135 0.10 -21.08 2.40
C SER A 135 0.55 -20.18 3.54
N GLY A 136 1.45 -19.24 3.25
CA GLY A 136 1.94 -18.35 4.27
C GLY A 136 2.99 -18.99 5.17
N ILE A 137 4.25 -18.78 4.84
CA ILE A 137 5.35 -19.35 5.61
C ILE A 137 5.09 -19.21 7.11
N GLU A 138 4.82 -20.32 7.76
CA GLU A 138 4.56 -20.32 9.20
C GLU A 138 5.83 -20.06 9.99
N GLY A 139 5.86 -18.94 10.71
CA GLY A 139 7.03 -18.59 11.49
C GLY A 139 6.96 -17.19 12.04
N ARG A 140 6.20 -17.00 13.12
CA ARG A 140 6.04 -15.69 13.74
C ARG A 140 7.06 -15.50 14.85
N GLY A 141 7.75 -14.36 14.83
CA GLY A 141 8.74 -14.07 15.84
C GLY A 141 10.15 -14.39 15.39
N SER A 142 11.14 -13.87 16.10
CA SER A 142 12.54 -14.10 15.76
C SER A 142 13.42 -14.04 17.00
N SER A 143 14.55 -14.74 16.94
CA SER A 143 15.48 -14.77 18.06
C SER A 143 16.92 -14.93 17.58
N GLY A 144 17.87 -14.84 18.51
CA GLY A 144 19.27 -14.97 18.15
C GLY A 144 20.19 -14.69 19.32
N SER A 145 20.94 -15.71 19.73
CA SER A 145 21.86 -15.58 20.85
C SER A 145 23.31 -15.68 20.38
N SER A 146 23.61 -15.03 19.26
CA SER A 146 24.95 -15.04 18.70
C SER A 146 25.94 -14.38 19.64
N GLY A 147 26.88 -15.18 20.15
CA GLY A 147 27.88 -14.65 21.07
C GLY A 147 28.56 -13.41 20.53
N SER A 148 29.16 -12.63 21.44
CA SER A 148 29.84 -11.40 21.04
C SER A 148 31.35 -11.63 20.93
N SER A 149 31.98 -10.93 20.00
CA SER A 149 33.42 -11.06 19.79
C SER A 149 34.19 -10.11 20.70
N GLY A 150 33.78 -8.84 20.70
CA GLY A 150 34.43 -7.86 21.53
C GLY A 150 33.87 -6.46 21.35
N SER A 151 34.15 -5.86 20.20
CA SER A 151 33.66 -4.51 19.90
C SER A 151 32.86 -4.51 18.60
N SER A 152 32.71 -5.68 18.00
CA SER A 152 31.97 -5.81 16.75
C SER A 152 30.69 -6.62 16.95
N GLY A 153 30.84 -7.78 17.58
CA GLY A 153 29.69 -8.64 17.82
C GLY A 153 29.13 -9.23 16.54
N ASP A 154 28.00 -8.70 16.09
CA ASP A 154 27.36 -9.19 14.87
C ASP A 154 26.56 -8.08 14.20
N ALA A 155 25.87 -8.43 13.12
CA ALA A 155 25.06 -7.46 12.38
C ALA A 155 24.11 -8.16 11.42
N ALA A 156 22.92 -7.59 11.25
CA ALA A 156 21.92 -8.15 10.36
C ALA A 156 20.82 -7.14 10.04
N VAL A 157 20.81 -6.66 8.81
CA VAL A 157 19.81 -5.68 8.38
C VAL A 157 18.43 -6.32 8.29
N THR A 158 17.48 -5.77 9.04
CA THR A 158 16.12 -6.28 9.04
C THR A 158 15.56 -6.36 7.62
N PRO A 159 14.79 -7.43 7.35
CA PRO A 159 14.18 -7.66 6.03
C PRO A 159 13.07 -6.66 5.74
N GLU A 160 12.90 -5.69 6.63
CA GLU A 160 11.86 -4.68 6.46
C GLU A 160 12.33 -3.57 5.52
N GLU A 161 13.52 -3.05 5.77
CA GLU A 161 14.09 -1.99 4.94
C GLU A 161 14.54 -2.53 3.59
N ARG A 162 15.16 -3.71 3.61
CA ARG A 162 15.64 -4.34 2.39
C ARG A 162 14.56 -4.32 1.31
N HIS A 163 13.38 -4.80 1.66
CA HIS A 163 12.26 -4.85 0.72
C HIS A 163 11.72 -3.45 0.45
N LEU A 164 11.49 -2.70 1.52
CA LEU A 164 10.98 -1.34 1.40
C LEU A 164 11.73 -0.56 0.32
N SER A 165 13.05 -0.70 0.33
CA SER A 165 13.90 -0.01 -0.64
C SER A 165 13.44 -0.30 -2.07
N LYS A 166 13.36 -1.59 -2.40
CA LYS A 166 12.94 -2.01 -3.73
C LYS A 166 11.73 -1.19 -4.20
N MET A 167 10.77 -1.00 -3.31
CA MET A 167 9.56 -0.24 -3.63
C MET A 167 9.92 1.20 -4.00
N GLN A 168 10.86 1.78 -3.26
CA GLN A 168 11.29 3.15 -3.52
C GLN A 168 12.17 3.23 -4.76
N GLN A 169 12.79 2.11 -5.11
CA GLN A 169 13.66 2.06 -6.28
C GLN A 169 12.84 1.97 -7.57
N ASN A 170 12.26 0.80 -7.81
CA ASN A 170 11.44 0.59 -9.01
C ASN A 170 9.96 0.64 -8.68
N GLY A 171 9.61 0.15 -7.50
CA GLY A 171 8.21 0.15 -7.08
C GLY A 171 7.47 -1.09 -7.54
N TYR A 172 6.14 -1.01 -7.57
CA TYR A 172 5.32 -2.14 -7.99
C TYR A 172 4.26 -1.69 -8.98
N GLU A 173 4.26 -2.31 -10.16
CA GLU A 173 3.29 -1.97 -11.20
C GLU A 173 2.23 -3.06 -11.31
N ASN A 174 1.02 -2.74 -10.86
CA ASN A 174 -0.09 -3.69 -10.91
C ASN A 174 -0.07 -4.48 -12.21
N PRO A 175 -0.07 -5.82 -12.08
CA PRO A 175 -0.06 -6.71 -13.24
C PRO A 175 -1.37 -6.68 -14.03
N THR A 176 -2.47 -6.55 -13.31
CA THR A 176 -3.80 -6.50 -13.93
C THR A 176 -3.95 -5.25 -14.79
N TYR A 177 -3.32 -4.16 -14.34
CA TYR A 177 -3.41 -2.90 -15.07
C TYR A 177 -2.20 -2.72 -15.97
N LYS A 178 -2.33 -3.16 -17.23
CA LYS A 178 -1.25 -3.05 -18.21
C LYS A 178 -1.77 -2.46 -19.52
N PHE A 179 -1.02 -1.54 -20.08
CA PHE A 179 -1.39 -0.90 -21.34
C PHE A 179 -0.24 -0.96 -22.35
N PHE A 180 0.32 -2.15 -22.53
CA PHE A 180 1.43 -2.34 -23.46
C PHE A 180 0.92 -2.78 -24.83
N GLU A 181 1.73 -2.53 -25.86
CA GLU A 181 1.36 -2.90 -27.22
C GLU A 181 2.02 -4.21 -27.63
N GLN A 182 2.49 -4.97 -26.65
CA GLN A 182 3.13 -6.25 -26.90
C GLN A 182 2.56 -6.90 -28.15
N MET A 183 1.35 -7.43 -28.03
CA MET A 183 0.69 -8.09 -29.16
C MET A 183 0.98 -7.36 -30.46
N GLN A 184 0.93 -8.10 -31.57
CA GLN A 184 1.19 -7.51 -32.88
C GLN A 184 0.18 -6.42 -33.21
N ASN A 185 0.49 -5.63 -34.23
CA ASN A 185 -0.40 -4.54 -34.64
C ASN A 185 -0.30 -4.30 -36.15
N GLY A 1 -35.72 -7.68 2.13
CA GLY A 1 -36.59 -6.65 1.60
C GLY A 1 -36.05 -5.99 0.35
N SER A 2 -36.25 -6.65 -0.79
CA SER A 2 -35.76 -6.13 -2.06
C SER A 2 -36.93 -5.89 -3.03
N SER A 3 -37.00 -4.68 -3.57
CA SER A 3 -38.06 -4.34 -4.51
C SER A 3 -37.60 -4.51 -5.95
N GLY A 4 -36.51 -3.83 -6.30
CA GLY A 4 -35.98 -3.92 -7.65
C GLY A 4 -34.72 -4.77 -7.71
N SER A 5 -34.02 -4.69 -8.84
CA SER A 5 -32.80 -5.46 -9.04
C SER A 5 -31.57 -4.63 -8.67
N SER A 6 -30.60 -5.27 -8.02
CA SER A 6 -29.38 -4.58 -7.62
C SER A 6 -28.15 -5.36 -8.09
N GLY A 7 -28.19 -6.68 -7.93
CA GLY A 7 -27.07 -7.50 -8.34
C GLY A 7 -26.92 -8.74 -7.48
N PRO A 8 -25.77 -9.41 -7.60
CA PRO A 8 -25.48 -10.63 -6.83
C PRO A 8 -25.26 -10.34 -5.35
N THR A 9 -25.79 -11.22 -4.50
CA THR A 9 -25.67 -11.06 -3.06
C THR A 9 -24.22 -10.76 -2.67
N PRO A 10 -24.05 -9.74 -1.81
CA PRO A 10 -22.72 -9.33 -1.33
C PRO A 10 -22.10 -10.35 -0.39
N LYS A 11 -20.85 -10.73 -0.68
CA LYS A 11 -20.13 -11.69 0.15
C LYS A 11 -19.18 -11.00 1.10
N THR A 12 -18.68 -11.75 2.08
CA THR A 12 -17.76 -11.20 3.07
C THR A 12 -16.53 -12.10 3.23
N GLU A 13 -15.35 -11.52 3.09
CA GLU A 13 -14.11 -12.27 3.24
C GLU A 13 -13.29 -11.76 4.42
N LEU A 14 -12.13 -12.36 4.63
CA LEU A 14 -11.25 -11.97 5.73
C LEU A 14 -10.49 -10.69 5.40
N VAL A 15 -10.41 -9.78 6.37
CA VAL A 15 -9.72 -8.52 6.19
C VAL A 15 -8.91 -8.15 7.42
N GLN A 16 -7.82 -7.43 7.22
CA GLN A 16 -6.96 -7.01 8.32
C GLN A 16 -6.77 -5.50 8.31
N LYS A 17 -6.67 -4.92 9.51
CA LYS A 17 -6.48 -3.47 9.65
C LYS A 17 -5.07 -3.14 10.10
N PHE A 18 -4.64 -1.91 9.84
CA PHE A 18 -3.31 -1.47 10.21
C PHE A 18 -3.34 -0.06 10.80
N ARG A 19 -2.79 0.08 12.00
CA ARG A 19 -2.76 1.38 12.68
C ARG A 19 -1.86 2.36 11.93
N VAL A 20 -2.48 3.36 11.31
CA VAL A 20 -1.73 4.37 10.56
C VAL A 20 -2.45 5.72 10.60
N GLN A 21 -1.90 6.69 9.88
CA GLN A 21 -2.47 8.03 9.84
C GLN A 21 -2.78 8.44 8.41
N TYR A 22 -3.57 9.51 8.26
CA TYR A 22 -3.94 10.00 6.94
C TYR A 22 -3.42 11.42 6.72
N LEU A 23 -2.50 11.57 5.77
CA LEU A 23 -1.93 12.87 5.46
C LEU A 23 -2.87 13.70 4.59
N GLY A 24 -3.44 13.05 3.57
CA GLY A 24 -4.36 13.74 2.69
C GLY A 24 -4.39 13.12 1.30
N MET A 25 -5.23 13.68 0.43
CA MET A 25 -5.35 13.17 -0.93
C MET A 25 -4.68 14.13 -1.92
N LEU A 26 -3.99 13.55 -2.90
CA LEU A 26 -3.30 14.34 -3.91
C LEU A 26 -3.42 13.70 -5.28
N PRO A 27 -4.07 14.41 -6.22
CA PRO A 27 -4.27 13.93 -7.59
C PRO A 27 -2.97 13.89 -8.39
N VAL A 28 -2.88 12.95 -9.31
CA VAL A 28 -1.69 12.80 -10.14
C VAL A 28 -2.06 12.66 -11.62
N ASP A 29 -1.30 13.31 -12.49
CA ASP A 29 -1.54 13.25 -13.92
C ASP A 29 -0.79 12.09 -14.55
N ARG A 30 -0.04 11.36 -13.74
CA ARG A 30 0.74 10.22 -14.21
C ARG A 30 0.41 8.97 -13.40
N PRO A 31 0.17 7.86 -14.10
CA PRO A 31 -0.15 6.57 -13.46
C PRO A 31 1.06 5.97 -12.74
N VAL A 32 2.26 6.28 -13.22
CA VAL A 32 3.48 5.77 -12.62
C VAL A 32 4.52 6.87 -12.50
N GLY A 33 5.72 6.50 -12.05
CA GLY A 33 6.79 7.46 -11.88
C GLY A 33 6.96 7.92 -10.45
N MET A 34 8.09 7.56 -9.84
CA MET A 34 8.36 7.94 -8.46
C MET A 34 8.39 9.46 -8.30
N ASP A 35 8.78 10.15 -9.36
CA ASP A 35 8.86 11.61 -9.34
C ASP A 35 7.47 12.21 -9.17
N THR A 36 6.44 11.42 -9.43
CA THR A 36 5.06 11.87 -9.31
C THR A 36 4.45 11.45 -7.98
N LEU A 37 4.67 10.19 -7.61
CA LEU A 37 4.15 9.67 -6.35
C LEU A 37 4.67 10.46 -5.16
N ASN A 38 5.99 10.65 -5.11
CA ASN A 38 6.61 11.39 -4.03
C ASN A 38 6.17 12.86 -4.05
N SER A 39 5.91 13.37 -5.25
CA SER A 39 5.49 14.76 -5.40
C SER A 39 4.14 14.99 -4.73
N ALA A 40 3.40 13.91 -4.52
CA ALA A 40 2.08 13.99 -3.88
C ALA A 40 2.20 13.90 -2.36
N ILE A 41 3.33 13.38 -1.89
CA ILE A 41 3.56 13.24 -0.46
C ILE A 41 3.89 14.59 0.18
N GLU A 42 4.98 15.20 -0.26
CA GLU A 42 5.40 16.49 0.26
C GLU A 42 4.27 17.51 0.18
N ASN A 43 3.47 17.40 -0.88
CA ASN A 43 2.35 18.32 -1.08
C ASN A 43 1.42 18.30 0.13
N LEU A 44 1.20 17.12 0.69
CA LEU A 44 0.33 16.97 1.85
C LEU A 44 1.07 17.32 3.14
N MET A 45 2.31 16.83 3.26
CA MET A 45 3.12 17.09 4.44
C MET A 45 3.25 18.59 4.68
N THR A 46 3.56 19.33 3.61
CA THR A 46 3.73 20.77 3.70
C THR A 46 2.45 21.44 4.18
N SER A 47 1.30 20.90 3.78
CA SER A 47 0.01 21.45 4.17
C SER A 47 -0.30 21.13 5.63
N SER A 48 -0.48 19.85 5.92
CA SER A 48 -0.78 19.41 7.28
C SER A 48 0.45 18.78 7.94
N SER A 49 0.48 18.84 9.26
CA SER A 49 1.60 18.28 10.02
C SER A 49 1.30 16.86 10.48
N LYS A 50 2.30 16.22 11.09
CA LYS A 50 2.14 14.85 11.57
C LYS A 50 0.98 14.75 12.56
N GLU A 51 0.98 15.63 13.55
CA GLU A 51 -0.07 15.63 14.57
C GLU A 51 -1.40 16.06 13.95
N ASP A 52 -1.33 16.71 12.81
CA ASP A 52 -2.55 17.17 12.12
C ASP A 52 -3.25 16.01 11.43
N TRP A 53 -2.50 14.95 11.13
CA TRP A 53 -3.05 13.77 10.49
C TRP A 53 -3.84 12.92 11.47
N PRO A 54 -5.14 12.73 11.18
CA PRO A 54 -6.03 11.94 12.03
C PRO A 54 -5.70 10.45 11.99
N SER A 55 -5.60 9.83 13.17
CA SER A 55 -5.28 8.42 13.27
C SER A 55 -6.43 7.56 12.76
N VAL A 56 -6.14 6.72 11.77
CA VAL A 56 -7.16 5.84 11.19
C VAL A 56 -6.65 4.41 11.08
N ASN A 57 -7.46 3.55 10.47
CA ASN A 57 -7.09 2.15 10.31
C ASN A 57 -7.16 1.75 8.84
N MET A 58 -6.05 1.24 8.32
CA MET A 58 -5.98 0.80 6.93
C MET A 58 -6.45 -0.64 6.78
N ASN A 59 -7.64 -0.81 6.21
CA ASN A 59 -8.20 -2.15 6.02
C ASN A 59 -7.81 -2.71 4.64
N VAL A 60 -7.05 -3.80 4.65
CA VAL A 60 -6.60 -4.42 3.41
C VAL A 60 -7.15 -5.84 3.29
N ALA A 61 -8.19 -6.01 2.49
CA ALA A 61 -8.80 -7.32 2.29
C ALA A 61 -8.02 -8.13 1.27
N ASP A 62 -8.54 -9.32 0.94
CA ASP A 62 -7.89 -10.19 -0.03
C ASP A 62 -7.47 -9.42 -1.26
N ALA A 63 -8.45 -9.00 -2.06
CA ALA A 63 -8.17 -8.24 -3.27
C ALA A 63 -8.80 -6.85 -3.21
N THR A 64 -8.68 -6.20 -2.06
CA THR A 64 -9.25 -4.88 -1.88
C THR A 64 -8.60 -4.17 -0.69
N VAL A 65 -8.52 -2.84 -0.78
CA VAL A 65 -7.93 -2.04 0.29
C VAL A 65 -8.81 -0.84 0.63
N THR A 66 -9.57 -0.96 1.70
CA THR A 66 -10.45 0.11 2.15
C THR A 66 -9.86 0.86 3.33
N VAL A 67 -10.17 2.15 3.42
CA VAL A 67 -9.67 2.98 4.52
C VAL A 67 -10.80 3.43 5.43
N ILE A 68 -10.74 3.02 6.69
CA ILE A 68 -11.76 3.38 7.66
C ILE A 68 -11.20 4.32 8.72
N SER A 69 -12.05 5.19 9.25
CA SER A 69 -11.64 6.15 10.27
C SER A 69 -11.84 5.56 11.67
N GLU A 70 -10.99 5.97 12.60
CA GLU A 70 -11.08 5.50 13.97
C GLU A 70 -12.35 6.02 14.66
N LYS A 71 -12.88 7.11 14.12
CA LYS A 71 -14.09 7.72 14.67
C LYS A 71 -15.29 6.80 14.48
N ASN A 72 -15.61 6.51 13.21
CA ASN A 72 -16.74 5.65 12.89
C ASN A 72 -16.31 4.51 11.97
N GLU A 73 -16.75 3.30 12.28
CA GLU A 73 -16.42 2.13 11.48
C GLU A 73 -17.02 2.23 10.09
N GLU A 74 -18.11 2.98 9.97
CA GLU A 74 -18.79 3.17 8.69
C GLU A 74 -18.20 4.35 7.93
N GLU A 75 -17.18 4.98 8.51
CA GLU A 75 -16.53 6.12 7.88
C GLU A 75 -15.48 5.67 6.87
N VAL A 76 -15.93 5.34 5.67
CA VAL A 76 -15.04 4.90 4.61
C VAL A 76 -14.33 6.08 3.95
N LEU A 77 -13.20 6.47 4.52
CA LEU A 77 -12.43 7.59 3.99
C LEU A 77 -12.13 7.39 2.51
N VAL A 78 -11.48 6.29 2.18
CA VAL A 78 -11.13 5.97 0.80
C VAL A 78 -11.38 4.50 0.50
N GLU A 79 -11.60 4.20 -0.78
CA GLU A 79 -11.85 2.83 -1.21
C GLU A 79 -10.94 2.45 -2.37
N CYS A 80 -9.83 1.79 -2.04
CA CYS A 80 -8.87 1.37 -3.06
C CYS A 80 -9.04 -0.10 -3.40
N ARG A 81 -8.79 -0.46 -4.66
CA ARG A 81 -8.92 -1.84 -5.11
C ARG A 81 -7.69 -2.27 -5.90
N VAL A 82 -7.16 -3.44 -5.57
CA VAL A 82 -5.99 -3.97 -6.25
C VAL A 82 -6.21 -4.01 -7.76
N ARG A 83 -7.41 -4.40 -8.17
CA ARG A 83 -7.75 -4.49 -9.59
C ARG A 83 -7.92 -3.09 -10.19
N PHE A 84 -7.70 -2.08 -9.38
CA PHE A 84 -7.83 -0.69 -9.83
C PHE A 84 -6.55 0.08 -9.60
N LEU A 85 -5.65 -0.50 -8.81
CA LEU A 85 -4.37 0.14 -8.51
C LEU A 85 -3.47 0.17 -9.75
N SER A 86 -2.95 1.34 -10.07
CA SER A 86 -2.07 1.50 -11.23
C SER A 86 -0.60 1.36 -10.82
N PHE A 87 -0.20 2.10 -9.80
CA PHE A 87 1.17 2.06 -9.31
C PHE A 87 1.23 2.40 -7.82
N MET A 88 2.14 1.75 -7.11
CA MET A 88 2.31 1.98 -5.68
C MET A 88 3.79 2.05 -5.31
N GLY A 89 4.09 2.70 -4.19
CA GLY A 89 5.46 2.83 -3.75
C GLY A 89 5.57 3.52 -2.39
N VAL A 90 6.78 3.55 -1.85
CA VAL A 90 7.01 4.19 -0.56
C VAL A 90 7.77 5.51 -0.72
N GLY A 91 7.43 6.48 0.13
CA GLY A 91 8.07 7.77 0.06
C GLY A 91 9.53 7.72 0.45
N LYS A 92 10.11 8.86 0.80
CA LYS A 92 11.50 8.94 1.19
C LYS A 92 11.76 8.12 2.46
N ASP A 93 10.83 8.18 3.40
CA ASP A 93 10.95 7.44 4.64
C ASP A 93 10.14 6.15 4.59
N VAL A 94 10.73 5.07 5.11
CA VAL A 94 10.07 3.77 5.12
C VAL A 94 8.82 3.80 5.99
N HIS A 95 8.64 4.90 6.73
CA HIS A 95 7.48 5.05 7.60
C HIS A 95 6.26 5.51 6.82
N THR A 96 6.50 6.08 5.64
CA THR A 96 5.42 6.57 4.79
C THR A 96 5.07 5.55 3.71
N PHE A 97 3.80 5.53 3.31
CA PHE A 97 3.35 4.61 2.28
C PHE A 97 2.19 5.21 1.48
N ALA A 98 2.40 5.39 0.18
CA ALA A 98 1.38 5.96 -0.69
C ALA A 98 1.17 5.10 -1.93
N PHE A 99 -0.07 5.01 -2.39
CA PHE A 99 -0.40 4.22 -3.58
C PHE A 99 -1.25 5.03 -4.55
N ILE A 100 -1.20 4.65 -5.83
CA ILE A 100 -1.97 5.34 -6.86
C ILE A 100 -3.08 4.45 -7.40
N MET A 101 -4.32 4.85 -7.17
CA MET A 101 -5.47 4.08 -7.65
C MET A 101 -6.18 4.83 -8.78
N ASP A 102 -7.06 4.11 -9.48
CA ASP A 102 -7.81 4.71 -10.58
C ASP A 102 -9.28 4.85 -10.22
N THR A 103 -9.76 6.10 -10.18
CA THR A 103 -11.15 6.37 -9.85
C THR A 103 -12.06 6.17 -11.05
N GLY A 104 -11.63 6.71 -12.19
CA GLY A 104 -12.42 6.59 -13.40
C GLY A 104 -11.68 5.86 -14.51
N ASN A 105 -11.03 6.63 -15.39
CA ASN A 105 -10.28 6.05 -16.49
C ASN A 105 -8.84 6.55 -16.50
N GLN A 106 -8.68 7.88 -16.54
CA GLN A 106 -7.36 8.48 -16.56
C GLN A 106 -7.07 9.19 -15.23
N ARG A 107 -8.07 9.92 -14.73
CA ARG A 107 -7.92 10.64 -13.47
C ARG A 107 -7.56 9.68 -12.33
N PHE A 108 -6.32 9.77 -11.86
CA PHE A 108 -5.85 8.91 -10.78
C PHE A 108 -5.61 9.72 -9.51
N GLU A 109 -5.82 9.08 -8.36
CA GLU A 109 -5.62 9.75 -7.07
C GLU A 109 -4.45 9.12 -6.32
N CYS A 110 -3.65 9.97 -5.68
CA CYS A 110 -2.50 9.51 -4.92
C CYS A 110 -2.76 9.62 -3.42
N HIS A 111 -3.09 8.50 -2.80
CA HIS A 111 -3.37 8.47 -1.35
C HIS A 111 -2.12 8.06 -0.58
N VAL A 112 -1.86 8.76 0.52
CA VAL A 112 -0.70 8.47 1.36
C VAL A 112 -1.12 8.19 2.80
N PHE A 113 -0.34 7.36 3.48
CA PHE A 113 -0.62 7.00 4.87
C PHE A 113 0.66 6.73 5.64
N TRP A 114 0.76 7.32 6.83
CA TRP A 114 1.93 7.14 7.67
C TRP A 114 1.85 5.84 8.45
N CYS A 115 2.72 4.89 8.11
CA CYS A 115 2.75 3.60 8.79
C CYS A 115 3.56 3.68 10.08
N GLU A 116 3.31 2.74 10.98
CA GLU A 116 4.02 2.70 12.26
C GLU A 116 4.17 1.26 12.75
N PRO A 117 5.42 0.89 13.08
CA PRO A 117 6.57 1.78 12.98
C PRO A 117 6.94 2.07 11.53
N ASN A 118 7.07 1.03 10.72
CA ASN A 118 7.42 1.18 9.32
C ASN A 118 6.32 0.64 8.42
N ALA A 119 6.56 0.65 7.12
CA ALA A 119 5.60 0.15 6.15
C ALA A 119 6.01 -1.21 5.59
N ALA A 120 6.41 -2.11 6.48
CA ALA A 120 6.83 -3.45 6.08
C ALA A 120 5.65 -4.39 5.95
N ASN A 121 4.77 -4.36 6.95
CA ASN A 121 3.58 -5.22 6.94
C ASN A 121 2.52 -4.68 5.98
N VAL A 122 2.36 -3.36 5.97
CA VAL A 122 1.38 -2.73 5.10
C VAL A 122 1.71 -2.94 3.63
N SER A 123 2.84 -2.38 3.19
CA SER A 123 3.28 -2.52 1.81
C SER A 123 3.47 -3.99 1.45
N GLU A 124 3.46 -4.84 2.46
CA GLU A 124 3.64 -6.27 2.24
C GLU A 124 2.30 -6.96 1.97
N ALA A 125 1.26 -6.48 2.64
CA ALA A 125 -0.08 -7.03 2.48
C ALA A 125 -0.70 -6.58 1.16
N VAL A 126 -0.41 -5.35 0.76
CA VAL A 126 -0.95 -4.80 -0.48
C VAL A 126 -0.30 -5.47 -1.69
N GLN A 127 1.03 -5.48 -1.71
CA GLN A 127 1.76 -6.09 -2.82
C GLN A 127 1.25 -7.50 -3.12
N ALA A 128 1.04 -8.28 -2.06
CA ALA A 128 0.55 -9.65 -2.20
C ALA A 128 -0.93 -9.65 -2.60
N ALA A 129 -1.67 -8.67 -2.12
CA ALA A 129 -3.09 -8.56 -2.43
C ALA A 129 -3.32 -8.41 -3.93
N CYS A 130 -2.28 -7.98 -4.63
CA CYS A 130 -2.38 -7.79 -6.08
C CYS A 130 -2.31 -9.13 -6.80
N SER A 131 -1.32 -9.95 -6.45
CA SER A 131 -1.14 -11.25 -7.08
C SER A 131 -2.37 -12.13 -6.84
N GLY A 132 -2.67 -12.40 -5.58
CA GLY A 132 -3.81 -13.23 -5.25
C GLY A 132 -4.08 -13.28 -3.75
N PRO A 133 -5.14 -14.00 -3.36
CA PRO A 133 -5.52 -14.14 -1.96
C PRO A 133 -4.53 -14.99 -1.16
N SER A 134 -4.18 -16.14 -1.71
CA SER A 134 -3.24 -17.05 -1.07
C SER A 134 -2.23 -17.60 -2.06
N SER A 135 -0.96 -17.62 -1.66
CA SER A 135 0.11 -18.11 -2.52
C SER A 135 -0.07 -19.61 -2.80
N GLY A 136 -0.32 -20.38 -1.75
CA GLY A 136 -0.51 -21.80 -1.90
C GLY A 136 0.66 -22.60 -1.37
N ILE A 137 0.40 -23.50 -0.43
CA ILE A 137 1.44 -24.33 0.16
C ILE A 137 1.38 -25.76 -0.37
N GLU A 138 2.55 -26.31 -0.72
CA GLU A 138 2.61 -27.67 -1.24
C GLU A 138 2.81 -28.67 -0.10
N GLY A 139 2.50 -29.94 -0.38
CA GLY A 139 2.66 -30.98 0.62
C GLY A 139 3.71 -32.00 0.24
N ARG A 140 4.95 -31.73 0.61
CA ARG A 140 6.05 -32.64 0.30
C ARG A 140 6.92 -32.88 1.53
N GLY A 141 7.77 -33.89 1.46
CA GLY A 141 8.64 -34.21 2.57
C GLY A 141 9.20 -35.62 2.49
N SER A 142 10.48 -35.77 2.83
CA SER A 142 11.13 -37.07 2.79
C SER A 142 12.46 -37.04 3.55
N SER A 143 12.79 -38.15 4.20
CA SER A 143 14.03 -38.25 4.96
C SER A 143 14.56 -39.67 4.95
N GLY A 144 15.78 -39.84 5.45
CA GLY A 144 16.39 -41.16 5.48
C GLY A 144 17.67 -41.20 6.32
N SER A 145 18.63 -40.36 5.94
CA SER A 145 19.89 -40.30 6.66
C SER A 145 20.23 -38.87 7.06
N SER A 146 20.79 -38.71 8.26
CA SER A 146 21.15 -37.39 8.76
C SER A 146 22.66 -37.30 9.00
N GLY A 147 23.22 -36.11 8.76
CA GLY A 147 24.64 -35.90 8.96
C GLY A 147 25.20 -34.85 8.02
N SER A 148 24.91 -33.59 8.31
CA SER A 148 25.39 -32.49 7.49
C SER A 148 25.91 -31.35 8.36
N SER A 149 26.44 -30.31 7.72
CA SER A 149 26.98 -29.16 8.44
C SER A 149 26.04 -27.96 8.32
N GLY A 150 25.87 -27.25 9.44
CA GLY A 150 24.99 -26.09 9.44
C GLY A 150 25.75 -24.80 9.69
N SER A 151 25.05 -23.78 10.16
CA SER A 151 25.66 -22.48 10.44
C SER A 151 25.03 -21.84 11.67
N SER A 152 25.87 -21.30 12.55
CA SER A 152 25.39 -20.65 13.77
C SER A 152 25.60 -19.14 13.68
N GLY A 153 24.53 -18.43 13.32
CA GLY A 153 24.61 -16.98 13.22
C GLY A 153 25.34 -16.53 11.97
N ASP A 154 24.66 -16.63 10.82
CA ASP A 154 25.24 -16.23 9.55
C ASP A 154 24.57 -14.96 9.02
N ALA A 155 25.21 -14.33 8.04
CA ALA A 155 24.67 -13.11 7.44
C ALA A 155 23.46 -13.42 6.56
N ALA A 156 22.45 -12.56 6.63
CA ALA A 156 21.24 -12.74 5.84
C ALA A 156 20.33 -11.53 5.95
N VAL A 157 20.25 -10.75 4.88
CA VAL A 157 19.40 -9.57 4.85
C VAL A 157 17.92 -9.93 4.97
N THR A 158 17.27 -9.36 5.97
CA THR A 158 15.86 -9.63 6.20
C THR A 158 15.00 -9.20 5.01
N PRO A 159 13.96 -9.99 4.71
CA PRO A 159 13.06 -9.71 3.59
C PRO A 159 12.19 -8.49 3.84
N GLU A 160 12.33 -7.89 5.02
CA GLU A 160 11.56 -6.71 5.37
C GLU A 160 12.22 -5.45 4.81
N GLU A 161 13.52 -5.30 5.08
CA GLU A 161 14.26 -4.12 4.61
C GLU A 161 14.36 -4.13 3.09
N ARG A 162 14.48 -5.32 2.51
CA ARG A 162 14.59 -5.45 1.06
C ARG A 162 13.30 -5.01 0.37
N HIS A 163 12.17 -5.30 1.01
CA HIS A 163 10.88 -4.92 0.45
C HIS A 163 10.61 -3.43 0.64
N LEU A 164 11.15 -2.87 1.72
CA LEU A 164 10.97 -1.45 2.00
C LEU A 164 11.78 -0.60 1.04
N SER A 165 12.89 -1.15 0.55
CA SER A 165 13.76 -0.44 -0.38
C SER A 165 13.14 -0.42 -1.79
N LYS A 166 12.89 -1.60 -2.33
CA LYS A 166 12.30 -1.71 -3.66
C LYS A 166 11.23 -0.65 -3.88
N MET A 167 10.31 -0.54 -2.93
CA MET A 167 9.23 0.43 -3.01
C MET A 167 9.78 1.82 -3.32
N GLN A 168 10.87 2.19 -2.64
CA GLN A 168 11.49 3.49 -2.85
C GLN A 168 12.39 3.48 -4.06
N GLN A 169 12.74 2.28 -4.53
CA GLN A 169 13.61 2.13 -5.68
C GLN A 169 12.83 2.32 -6.99
N ASN A 170 12.00 1.34 -7.32
CA ASN A 170 11.20 1.40 -8.55
C ASN A 170 9.71 1.34 -8.21
N GLY A 171 9.38 0.63 -7.15
CA GLY A 171 7.99 0.51 -6.74
C GLY A 171 7.37 -0.81 -7.18
N TYR A 172 6.09 -0.78 -7.52
CA TYR A 172 5.39 -1.98 -7.96
C TYR A 172 4.27 -1.63 -8.93
N GLU A 173 4.45 -1.98 -10.20
CA GLU A 173 3.46 -1.70 -11.22
C GLU A 173 2.48 -2.87 -11.35
N ASN A 174 1.27 -2.66 -10.85
CA ASN A 174 0.23 -3.69 -10.90
C ASN A 174 -0.14 -4.01 -12.35
N PRO A 175 0.17 -5.24 -12.79
CA PRO A 175 -0.12 -5.69 -14.15
C PRO A 175 -1.62 -5.89 -14.39
N THR A 176 -2.31 -6.39 -13.37
CA THR A 176 -3.74 -6.63 -13.48
C THR A 176 -4.44 -5.51 -14.25
N TYR A 177 -4.09 -4.26 -13.91
CA TYR A 177 -4.68 -3.10 -14.56
C TYR A 177 -3.67 -2.45 -15.52
N LYS A 178 -3.38 -3.14 -16.61
CA LYS A 178 -2.44 -2.63 -17.60
C LYS A 178 -3.18 -2.17 -18.86
N PHE A 179 -3.81 -1.00 -18.76
CA PHE A 179 -4.54 -0.44 -19.88
C PHE A 179 -4.05 0.97 -20.21
N PHE A 180 -3.30 1.08 -21.31
CA PHE A 180 -2.77 2.37 -21.74
C PHE A 180 -3.44 2.84 -23.03
N GLU A 181 -3.04 4.02 -23.49
CA GLU A 181 -3.61 4.59 -24.71
C GLU A 181 -2.51 5.01 -25.68
N GLN A 182 -1.81 4.02 -26.23
CA GLN A 182 -0.73 4.30 -27.17
C GLN A 182 -1.14 3.91 -28.59
N MET A 183 -1.50 2.65 -28.78
CA MET A 183 -1.91 2.16 -30.10
C MET A 183 -3.34 2.59 -30.41
N GLN A 184 -3.62 2.81 -31.70
CA GLN A 184 -4.95 3.22 -32.12
C GLN A 184 -5.85 2.01 -32.33
N ASN A 185 -7.03 2.05 -31.71
CA ASN A 185 -7.99 0.96 -31.82
C ASN A 185 -9.34 1.47 -32.30
N GLY A 1 -38.98 7.17 4.32
CA GLY A 1 -38.86 6.02 5.20
C GLY A 1 -38.04 6.32 6.44
N SER A 2 -38.66 6.16 7.60
CA SER A 2 -37.98 6.42 8.87
C SER A 2 -37.58 5.12 9.56
N SER A 3 -38.54 4.20 9.67
CA SER A 3 -38.28 2.91 10.31
C SER A 3 -36.95 2.34 9.87
N GLY A 4 -36.81 2.11 8.56
CA GLY A 4 -35.58 1.56 8.03
C GLY A 4 -35.41 0.09 8.33
N SER A 5 -34.49 -0.56 7.63
CA SER A 5 -34.24 -1.99 7.82
C SER A 5 -32.90 -2.40 7.22
N SER A 6 -32.31 -3.45 7.77
CA SER A 6 -31.02 -3.95 7.28
C SER A 6 -31.22 -4.96 6.16
N GLY A 7 -32.18 -5.86 6.36
CA GLY A 7 -32.46 -6.88 5.35
C GLY A 7 -31.57 -8.10 5.51
N PRO A 8 -30.70 -8.33 4.51
CA PRO A 8 -29.77 -9.47 4.52
C PRO A 8 -28.68 -9.31 5.58
N THR A 9 -27.69 -10.20 5.52
CA THR A 9 -26.59 -10.17 6.47
C THR A 9 -25.24 -10.27 5.76
N PRO A 10 -24.57 -9.13 5.59
CA PRO A 10 -23.27 -9.07 4.92
C PRO A 10 -22.17 -9.70 5.75
N LYS A 11 -21.06 -10.04 5.10
CA LYS A 11 -19.92 -10.66 5.78
C LYS A 11 -18.63 -9.91 5.46
N THR A 12 -17.60 -10.15 6.27
CA THR A 12 -16.31 -9.50 6.08
C THR A 12 -15.18 -10.52 5.98
N GLU A 13 -14.87 -10.94 4.77
CA GLU A 13 -13.82 -11.92 4.54
C GLU A 13 -12.57 -11.57 5.35
N LEU A 14 -11.62 -12.50 5.39
CA LEU A 14 -10.38 -12.29 6.13
C LEU A 14 -9.70 -10.99 5.70
N VAL A 15 -9.79 -9.98 6.56
CA VAL A 15 -9.18 -8.69 6.26
C VAL A 15 -8.16 -8.30 7.33
N GLN A 16 -7.02 -7.76 6.89
CA GLN A 16 -5.97 -7.35 7.81
C GLN A 16 -5.94 -5.84 7.97
N LYS A 17 -6.19 -5.37 9.19
CA LYS A 17 -6.18 -3.93 9.47
C LYS A 17 -4.81 -3.47 9.94
N PHE A 18 -4.45 -2.24 9.59
CA PHE A 18 -3.17 -1.67 9.98
C PHE A 18 -3.33 -0.26 10.52
N ARG A 19 -2.67 0.02 11.64
CA ARG A 19 -2.73 1.34 12.25
C ARG A 19 -1.85 2.34 11.51
N VAL A 20 -2.47 3.30 10.85
CA VAL A 20 -1.74 4.32 10.10
C VAL A 20 -2.43 5.67 10.20
N GLN A 21 -1.85 6.68 9.55
CA GLN A 21 -2.41 8.02 9.58
C GLN A 21 -2.78 8.47 8.16
N TYR A 22 -3.54 9.56 8.08
CA TYR A 22 -3.97 10.10 6.79
C TYR A 22 -3.39 11.48 6.56
N LEU A 23 -2.42 11.57 5.65
CA LEU A 23 -1.79 12.85 5.34
C LEU A 23 -2.72 13.73 4.51
N GLY A 24 -3.40 13.13 3.54
CA GLY A 24 -4.31 13.88 2.70
C GLY A 24 -4.41 13.30 1.30
N MET A 25 -5.24 13.92 0.46
CA MET A 25 -5.42 13.46 -0.91
C MET A 25 -4.72 14.39 -1.89
N LEU A 26 -3.99 13.80 -2.83
CA LEU A 26 -3.26 14.57 -3.83
C LEU A 26 -3.19 13.82 -5.16
N PRO A 27 -3.81 14.39 -6.20
CA PRO A 27 -3.83 13.80 -7.54
C PRO A 27 -2.46 13.84 -8.21
N VAL A 28 -2.27 12.98 -9.20
CA VAL A 28 -1.01 12.91 -9.93
C VAL A 28 -1.23 13.04 -11.42
N ASP A 29 -0.18 13.43 -12.15
CA ASP A 29 -0.26 13.60 -13.59
C ASP A 29 -0.02 12.28 -14.30
N ARG A 30 0.89 11.48 -13.77
CA ARG A 30 1.20 10.17 -14.36
C ARG A 30 0.84 9.05 -13.40
N PRO A 31 0.34 7.94 -13.96
CA PRO A 31 -0.06 6.76 -13.19
C PRO A 31 1.13 6.04 -12.57
N VAL A 32 2.32 6.32 -13.09
CA VAL A 32 3.55 5.69 -12.59
C VAL A 32 4.68 6.70 -12.52
N GLY A 33 5.72 6.36 -11.76
CA GLY A 33 6.86 7.24 -11.62
C GLY A 33 7.04 7.74 -10.20
N MET A 34 7.99 7.17 -9.48
CA MET A 34 8.25 7.57 -8.11
C MET A 34 8.36 9.08 -7.98
N ASP A 35 9.07 9.70 -8.92
CA ASP A 35 9.24 11.15 -8.92
C ASP A 35 7.90 11.85 -8.77
N THR A 36 6.88 11.30 -9.41
CA THR A 36 5.54 11.88 -9.37
C THR A 36 4.79 11.45 -8.11
N LEU A 37 4.93 10.17 -7.77
CA LEU A 37 4.27 9.63 -6.58
C LEU A 37 4.67 10.42 -5.33
N ASN A 38 5.96 10.71 -5.21
CA ASN A 38 6.47 11.44 -4.06
C ASN A 38 6.02 12.90 -4.12
N SER A 39 6.19 13.53 -5.27
CA SER A 39 5.80 14.93 -5.44
C SER A 39 4.45 15.21 -4.77
N ALA A 40 3.63 14.17 -4.66
CA ALA A 40 2.32 14.30 -4.03
C ALA A 40 2.43 14.19 -2.50
N ILE A 41 3.25 13.25 -2.04
CA ILE A 41 3.43 13.06 -0.60
C ILE A 41 3.84 14.36 0.08
N GLU A 42 4.91 14.97 -0.41
CA GLU A 42 5.40 16.22 0.15
C GLU A 42 4.29 17.29 0.16
N ASN A 43 3.67 17.48 -0.99
CA ASN A 43 2.60 18.46 -1.12
C ASN A 43 1.73 18.50 0.14
N LEU A 44 1.21 17.34 0.53
CA LEU A 44 0.38 17.24 1.73
C LEU A 44 1.21 17.42 2.99
N MET A 45 2.29 16.64 3.09
CA MET A 45 3.17 16.72 4.25
C MET A 45 3.29 18.15 4.75
N THR A 46 3.70 19.06 3.87
CA THR A 46 3.86 20.46 4.22
C THR A 46 2.54 21.05 4.70
N SER A 47 1.44 20.62 4.10
CA SER A 47 0.12 21.11 4.47
C SER A 47 -0.21 20.76 5.92
N SER A 48 -0.34 19.47 6.19
CA SER A 48 -0.66 19.00 7.54
C SER A 48 0.57 18.37 8.19
N SER A 49 0.72 18.59 9.50
CA SER A 49 1.84 18.05 10.24
C SER A 49 1.62 16.59 10.59
N LYS A 50 2.70 15.89 10.93
CA LYS A 50 2.62 14.48 11.28
C LYS A 50 1.50 14.23 12.28
N GLU A 51 1.38 15.12 13.26
CA GLU A 51 0.34 14.99 14.28
C GLU A 51 -1.03 15.37 13.72
N ASP A 52 -1.05 16.36 12.84
CA ASP A 52 -2.29 16.82 12.22
C ASP A 52 -3.03 15.66 11.57
N TRP A 53 -2.27 14.74 10.97
CA TRP A 53 -2.86 13.58 10.31
C TRP A 53 -3.64 12.72 11.30
N PRO A 54 -4.95 12.56 11.06
CA PRO A 54 -5.82 11.77 11.92
C PRO A 54 -5.53 10.27 11.82
N SER A 55 -5.42 9.63 12.98
CA SER A 55 -5.14 8.19 13.03
C SER A 55 -6.30 7.39 12.44
N VAL A 56 -6.01 6.63 11.40
CA VAL A 56 -7.01 5.80 10.75
C VAL A 56 -6.57 4.35 10.64
N ASN A 57 -7.51 3.47 10.34
CA ASN A 57 -7.21 2.05 10.20
C ASN A 57 -7.31 1.61 8.75
N MET A 58 -6.21 1.06 8.22
CA MET A 58 -6.16 0.60 6.85
C MET A 58 -6.59 -0.86 6.75
N ASN A 59 -7.83 -1.08 6.30
CA ASN A 59 -8.36 -2.43 6.17
C ASN A 59 -8.08 -2.99 4.77
N VAL A 60 -7.19 -3.97 4.70
CA VAL A 60 -6.84 -4.59 3.43
C VAL A 60 -7.49 -5.97 3.29
N ALA A 61 -8.58 -6.02 2.51
CA ALA A 61 -9.30 -7.27 2.29
C ALA A 61 -8.84 -7.94 1.00
N ASP A 62 -9.37 -9.13 0.74
CA ASP A 62 -9.02 -9.88 -0.45
C ASP A 62 -9.06 -8.98 -1.69
N ALA A 63 -7.88 -8.57 -2.16
CA ALA A 63 -7.79 -7.71 -3.33
C ALA A 63 -8.61 -6.44 -3.14
N THR A 64 -8.51 -5.84 -1.96
CA THR A 64 -9.24 -4.61 -1.65
C THR A 64 -8.63 -3.90 -0.46
N VAL A 65 -8.53 -2.57 -0.54
CA VAL A 65 -7.96 -1.77 0.53
C VAL A 65 -8.90 -0.62 0.91
N THR A 66 -9.70 -0.84 1.94
CA THR A 66 -10.64 0.17 2.41
C THR A 66 -10.06 0.97 3.58
N VAL A 67 -10.23 2.28 3.52
CA VAL A 67 -9.73 3.16 4.57
C VAL A 67 -10.83 3.51 5.57
N ILE A 68 -10.71 2.98 6.79
CA ILE A 68 -11.69 3.24 7.83
C ILE A 68 -11.12 4.14 8.92
N SER A 69 -11.97 4.96 9.51
CA SER A 69 -11.55 5.88 10.57
C SER A 69 -11.51 5.17 11.92
N GLU A 70 -10.78 5.74 12.86
CA GLU A 70 -10.65 5.17 14.20
C GLU A 70 -11.95 5.36 14.99
N LYS A 71 -12.57 6.53 14.85
CA LYS A 71 -13.80 6.84 15.54
C LYS A 71 -14.86 5.77 15.28
N ASN A 72 -15.24 5.63 14.01
CA ASN A 72 -16.24 4.64 13.62
C ASN A 72 -15.63 3.57 12.73
N GLU A 73 -16.41 2.52 12.45
CA GLU A 73 -15.94 1.43 11.61
C GLU A 73 -16.43 1.59 10.18
N GLU A 74 -17.71 1.93 10.04
CA GLU A 74 -18.31 2.12 8.72
C GLU A 74 -17.66 3.29 7.98
N GLU A 75 -17.31 4.33 8.73
CA GLU A 75 -16.68 5.51 8.14
C GLU A 75 -15.60 5.11 7.14
N VAL A 76 -15.94 5.16 5.87
CA VAL A 76 -15.00 4.80 4.80
C VAL A 76 -14.52 6.04 4.06
N LEU A 77 -13.44 6.64 4.57
CA LEU A 77 -12.87 7.83 3.96
C LEU A 77 -12.54 7.59 2.48
N VAL A 78 -11.80 6.52 2.22
CA VAL A 78 -11.43 6.17 0.86
C VAL A 78 -11.53 4.67 0.63
N GLU A 79 -12.02 4.28 -0.56
CA GLU A 79 -12.17 2.87 -0.91
C GLU A 79 -11.33 2.52 -2.13
N CYS A 80 -10.14 1.98 -1.88
CA CYS A 80 -9.23 1.61 -2.96
C CYS A 80 -9.24 0.10 -3.17
N ARG A 81 -9.05 -0.33 -4.42
CA ARG A 81 -9.03 -1.75 -4.75
C ARG A 81 -7.76 -2.12 -5.51
N VAL A 82 -6.99 -3.05 -4.96
CA VAL A 82 -5.76 -3.49 -5.59
C VAL A 82 -5.87 -3.46 -7.11
N ARG A 83 -6.80 -4.24 -7.64
CA ARG A 83 -7.01 -4.30 -9.08
C ARG A 83 -6.93 -2.91 -9.71
N PHE A 84 -7.63 -1.95 -9.09
CA PHE A 84 -7.63 -0.58 -9.58
C PHE A 84 -6.24 0.04 -9.46
N LEU A 85 -5.59 -0.18 -8.33
CA LEU A 85 -4.26 0.37 -8.10
C LEU A 85 -3.40 0.27 -9.36
N SER A 86 -3.07 1.42 -9.93
CA SER A 86 -2.25 1.47 -11.13
C SER A 86 -0.78 1.26 -10.80
N PHE A 87 -0.34 1.84 -9.70
CA PHE A 87 1.05 1.73 -9.27
C PHE A 87 1.22 2.19 -7.83
N MET A 88 1.89 1.39 -7.02
CA MET A 88 2.11 1.71 -5.62
C MET A 88 3.60 1.91 -5.35
N GLY A 89 3.91 2.70 -4.32
CA GLY A 89 5.30 2.96 -3.98
C GLY A 89 5.43 3.72 -2.67
N VAL A 90 6.64 3.74 -2.13
CA VAL A 90 6.91 4.44 -0.87
C VAL A 90 7.74 5.69 -1.11
N GLY A 91 7.50 6.73 -0.31
CA GLY A 91 8.24 7.97 -0.45
C GLY A 91 9.63 7.88 0.13
N LYS A 92 10.34 9.00 0.14
CA LYS A 92 11.69 9.05 0.67
C LYS A 92 11.80 8.25 1.96
N ASP A 93 10.86 8.48 2.88
CA ASP A 93 10.85 7.78 4.16
C ASP A 93 9.95 6.55 4.09
N VAL A 94 10.56 5.37 4.27
CA VAL A 94 9.82 4.12 4.24
C VAL A 94 8.55 4.20 5.07
N HIS A 95 8.66 4.84 6.23
CA HIS A 95 7.51 4.99 7.12
C HIS A 95 6.25 5.36 6.34
N THR A 96 6.43 6.20 5.32
CA THR A 96 5.31 6.63 4.49
C THR A 96 4.87 5.53 3.54
N PHE A 97 3.64 5.63 3.05
CA PHE A 97 3.10 4.64 2.12
C PHE A 97 1.94 5.23 1.31
N ALA A 98 2.14 5.34 0.01
CA ALA A 98 1.12 5.88 -0.89
C ALA A 98 0.89 4.96 -2.08
N PHE A 99 -0.32 5.02 -2.64
CA PHE A 99 -0.66 4.20 -3.79
C PHE A 99 -1.46 4.99 -4.81
N ILE A 100 -1.18 4.77 -6.09
CA ILE A 100 -1.87 5.47 -7.16
C ILE A 100 -3.03 4.64 -7.71
N MET A 101 -4.25 5.09 -7.46
CA MET A 101 -5.44 4.39 -7.91
C MET A 101 -6.16 5.20 -8.99
N ASP A 102 -7.11 4.55 -9.67
CA ASP A 102 -7.87 5.21 -10.73
C ASP A 102 -9.36 5.21 -10.40
N THR A 103 -9.88 6.36 -10.00
CA THR A 103 -11.29 6.49 -9.65
C THR A 103 -12.15 6.55 -10.90
N GLY A 104 -11.79 7.42 -11.83
CA GLY A 104 -12.55 7.55 -13.06
C GLY A 104 -11.65 7.65 -14.29
N ASN A 105 -11.79 8.73 -15.04
CA ASN A 105 -11.00 8.94 -16.25
C ASN A 105 -9.51 8.93 -15.91
N GLN A 106 -8.69 9.22 -16.92
CA GLN A 106 -7.24 9.25 -16.73
C GLN A 106 -6.87 9.85 -15.38
N ARG A 107 -7.76 10.69 -14.85
CA ARG A 107 -7.52 11.34 -13.57
C ARG A 107 -7.28 10.29 -12.48
N PHE A 108 -6.04 10.20 -12.02
CA PHE A 108 -5.67 9.25 -10.98
C PHE A 108 -5.38 9.96 -9.66
N GLU A 109 -5.80 9.35 -8.56
CA GLU A 109 -5.59 9.93 -7.24
C GLU A 109 -4.55 9.12 -6.45
N CYS A 110 -3.77 9.82 -5.64
CA CYS A 110 -2.74 9.17 -4.83
C CYS A 110 -2.98 9.42 -3.35
N HIS A 111 -3.31 8.35 -2.61
CA HIS A 111 -3.56 8.46 -1.18
C HIS A 111 -2.31 8.10 -0.39
N VAL A 112 -1.94 8.99 0.53
CA VAL A 112 -0.76 8.77 1.36
C VAL A 112 -1.15 8.45 2.80
N PHE A 113 -0.49 7.47 3.38
CA PHE A 113 -0.77 7.07 4.76
C PHE A 113 0.52 6.69 5.50
N TRP A 114 0.76 7.34 6.63
CA TRP A 114 1.95 7.07 7.42
C TRP A 114 1.82 5.76 8.19
N CYS A 115 2.80 4.89 8.04
CA CYS A 115 2.79 3.60 8.71
C CYS A 115 3.77 3.59 9.89
N GLU A 116 3.39 2.90 10.96
CA GLU A 116 4.24 2.82 12.15
C GLU A 116 4.41 1.37 12.59
N PRO A 117 5.66 0.98 12.85
CA PRO A 117 6.82 1.87 12.71
C PRO A 117 7.11 2.21 11.25
N ASN A 118 7.15 1.18 10.40
CA ASN A 118 7.42 1.38 8.98
C ASN A 118 6.31 0.77 8.13
N ALA A 119 6.46 0.87 6.81
CA ALA A 119 5.48 0.32 5.89
C ALA A 119 5.88 -1.06 5.41
N ALA A 120 6.31 -1.90 6.34
CA ALA A 120 6.72 -3.26 6.01
C ALA A 120 5.51 -4.19 5.89
N ASN A 121 4.66 -4.15 6.90
CA ASN A 121 3.46 -5.00 6.92
C ASN A 121 2.43 -4.48 5.92
N VAL A 122 2.05 -3.22 6.07
CA VAL A 122 1.06 -2.61 5.18
C VAL A 122 1.41 -2.86 3.71
N SER A 123 2.62 -2.45 3.32
CA SER A 123 3.08 -2.62 1.94
C SER A 123 3.18 -4.10 1.59
N GLU A 124 3.63 -4.91 2.55
CA GLU A 124 3.77 -6.34 2.34
C GLU A 124 2.41 -6.99 2.08
N ALA A 125 1.37 -6.44 2.70
CA ALA A 125 0.02 -6.96 2.52
C ALA A 125 -0.57 -6.56 1.18
N VAL A 126 -0.63 -5.25 0.94
CA VAL A 126 -1.17 -4.74 -0.32
C VAL A 126 -0.42 -5.32 -1.52
N GLN A 127 0.90 -5.35 -1.42
CA GLN A 127 1.74 -5.88 -2.49
C GLN A 127 1.40 -7.36 -2.76
N ALA A 128 1.29 -8.13 -1.70
CA ALA A 128 0.97 -9.55 -1.82
C ALA A 128 -0.42 -9.76 -2.41
N ALA A 129 -1.40 -9.05 -1.85
CA ALA A 129 -2.78 -9.16 -2.32
C ALA A 129 -2.84 -9.28 -3.84
N CYS A 130 -2.00 -8.49 -4.52
CA CYS A 130 -1.96 -8.52 -5.98
C CYS A 130 -1.79 -9.95 -6.50
N SER A 131 -0.82 -10.66 -5.94
CA SER A 131 -0.54 -12.03 -6.35
C SER A 131 -1.83 -12.86 -6.39
N GLY A 132 -2.66 -12.69 -5.36
CA GLY A 132 -3.91 -13.41 -5.31
C GLY A 132 -3.74 -14.82 -4.75
N PRO A 133 -4.84 -15.41 -4.28
CA PRO A 133 -4.83 -16.77 -3.71
C PRO A 133 -4.60 -17.84 -4.79
N SER A 134 -4.44 -17.39 -6.03
CA SER A 134 -4.21 -18.31 -7.13
C SER A 134 -3.30 -19.47 -6.72
N SER A 135 -3.52 -20.64 -7.31
CA SER A 135 -2.73 -21.82 -7.00
C SER A 135 -1.86 -22.23 -8.18
N GLY A 136 -0.55 -22.17 -8.00
CA GLY A 136 0.36 -22.54 -9.06
C GLY A 136 1.74 -21.95 -8.87
N ILE A 137 2.67 -22.74 -8.34
CA ILE A 137 4.03 -22.29 -8.11
C ILE A 137 4.94 -22.67 -9.27
N GLU A 138 5.57 -21.67 -9.87
CA GLU A 138 6.48 -21.90 -11.00
C GLU A 138 7.88 -22.26 -10.50
N GLY A 139 8.50 -23.22 -11.16
CA GLY A 139 9.84 -23.65 -10.77
C GLY A 139 10.37 -24.77 -11.65
N ARG A 140 10.06 -24.71 -12.93
CA ARG A 140 10.51 -25.73 -13.88
C ARG A 140 12.01 -25.61 -14.14
N GLY A 141 12.69 -26.75 -14.17
CA GLY A 141 14.12 -26.76 -14.40
C GLY A 141 14.82 -27.92 -13.72
N SER A 142 14.43 -28.20 -12.48
CA SER A 142 15.03 -29.29 -11.71
C SER A 142 15.37 -30.46 -12.63
N SER A 143 16.66 -30.68 -12.84
CA SER A 143 17.13 -31.77 -13.70
C SER A 143 18.52 -32.21 -13.30
N GLY A 144 18.65 -33.46 -12.89
CA GLY A 144 19.94 -34.00 -12.48
C GLY A 144 20.13 -33.95 -10.97
N SER A 145 21.38 -33.74 -10.55
CA SER A 145 21.69 -33.69 -9.13
C SER A 145 21.82 -32.24 -8.66
N SER A 146 22.03 -32.06 -7.36
CA SER A 146 22.17 -30.73 -6.78
C SER A 146 22.81 -30.80 -5.40
N GLY A 147 23.25 -29.65 -4.89
CA GLY A 147 23.87 -29.60 -3.58
C GLY A 147 23.13 -28.71 -2.62
N SER A 148 23.64 -28.61 -1.40
CA SER A 148 23.02 -27.78 -0.37
C SER A 148 24.07 -27.13 0.52
N SER A 149 23.62 -26.21 1.38
CA SER A 149 24.53 -25.50 2.28
C SER A 149 23.88 -25.29 3.64
N GLY A 150 24.66 -24.78 4.59
CA GLY A 150 24.15 -24.53 5.92
C GLY A 150 25.21 -24.05 6.89
N SER A 151 25.21 -24.59 8.09
CA SER A 151 26.18 -24.21 9.11
C SER A 151 26.21 -22.69 9.28
N SER A 152 25.03 -22.08 9.30
CA SER A 152 24.92 -20.64 9.45
C SER A 152 25.95 -20.11 10.44
N GLY A 153 26.41 -18.88 10.23
CA GLY A 153 27.40 -18.29 11.11
C GLY A 153 27.89 -16.94 10.62
N ASP A 154 26.94 -16.05 10.32
CA ASP A 154 27.29 -14.72 9.84
C ASP A 154 26.08 -13.79 9.90
N ALA A 155 26.29 -12.53 9.55
CA ALA A 155 25.22 -11.54 9.57
C ALA A 155 24.25 -11.76 8.40
N ALA A 156 23.07 -11.16 8.51
CA ALA A 156 22.06 -11.30 7.47
C ALA A 156 21.01 -10.18 7.57
N VAL A 157 21.09 -9.21 6.67
CA VAL A 157 20.16 -8.10 6.66
C VAL A 157 18.71 -8.59 6.67
N THR A 158 17.86 -7.86 7.38
CA THR A 158 16.44 -8.22 7.48
C THR A 158 15.72 -7.99 6.16
N PRO A 159 14.80 -8.89 5.82
CA PRO A 159 14.01 -8.80 4.57
C PRO A 159 13.02 -7.65 4.61
N GLU A 160 12.84 -7.06 5.78
CA GLU A 160 11.90 -5.94 5.94
C GLU A 160 12.44 -4.68 5.25
N GLU A 161 13.73 -4.43 5.45
CA GLU A 161 14.38 -3.26 4.85
C GLU A 161 14.49 -3.41 3.33
N ARG A 162 15.07 -4.54 2.90
CA ARG A 162 15.24 -4.81 1.48
C ARG A 162 13.94 -4.53 0.71
N HIS A 163 12.84 -5.08 1.20
CA HIS A 163 11.54 -4.89 0.57
C HIS A 163 11.19 -3.42 0.48
N LEU A 164 10.91 -2.81 1.64
CA LEU A 164 10.57 -1.40 1.70
C LEU A 164 11.42 -0.58 0.74
N SER A 165 12.70 -0.93 0.66
CA SER A 165 13.63 -0.22 -0.21
C SER A 165 13.27 -0.43 -1.68
N LYS A 166 13.01 -1.68 -2.05
CA LYS A 166 12.65 -2.01 -3.42
C LYS A 166 11.38 -1.28 -3.84
N MET A 167 10.53 -0.97 -2.87
CA MET A 167 9.28 -0.27 -3.14
C MET A 167 9.55 1.19 -3.48
N GLN A 168 10.28 1.88 -2.62
CA GLN A 168 10.60 3.29 -2.85
C GLN A 168 11.60 3.44 -4.00
N GLN A 169 12.37 2.38 -4.25
CA GLN A 169 13.35 2.40 -5.31
C GLN A 169 12.69 2.34 -6.68
N ASN A 170 12.06 1.22 -6.99
CA ASN A 170 11.38 1.03 -8.26
C ASN A 170 9.87 0.92 -8.07
N GLY A 171 9.47 0.37 -6.92
CA GLY A 171 8.06 0.20 -6.64
C GLY A 171 7.45 -1.00 -7.33
N TYR A 172 6.14 -0.99 -7.48
CA TYR A 172 5.44 -2.10 -8.13
C TYR A 172 4.38 -1.58 -9.10
N GLU A 173 4.20 -2.29 -10.21
CA GLU A 173 3.21 -1.91 -11.21
C GLU A 173 2.14 -2.98 -11.38
N ASN A 174 0.89 -2.60 -11.16
CA ASN A 174 -0.23 -3.53 -11.29
C ASN A 174 -0.36 -4.03 -12.73
N PRO A 175 -0.24 -5.35 -12.90
CA PRO A 175 -0.34 -5.98 -14.22
C PRO A 175 -1.76 -5.94 -14.77
N THR A 176 -2.74 -6.21 -13.90
CA THR A 176 -4.14 -6.20 -14.29
C THR A 176 -4.49 -4.95 -15.07
N TYR A 177 -3.71 -3.89 -14.86
CA TYR A 177 -3.93 -2.62 -15.55
C TYR A 177 -2.94 -2.43 -16.68
N LYS A 178 -2.93 -3.37 -17.62
CA LYS A 178 -2.03 -3.31 -18.76
C LYS A 178 -2.63 -2.47 -19.89
N PHE A 179 -3.29 -1.37 -19.54
CA PHE A 179 -3.92 -0.50 -20.52
C PHE A 179 -3.02 0.70 -20.82
N PHE A 180 -1.72 0.46 -20.85
CA PHE A 180 -0.75 1.53 -21.12
C PHE A 180 -0.16 1.35 -22.52
N GLU A 181 0.62 2.35 -22.94
CA GLU A 181 1.26 2.31 -24.26
C GLU A 181 2.75 2.63 -24.15
N GLN A 182 3.50 1.71 -23.54
CA GLN A 182 4.94 1.88 -23.38
C GLN A 182 5.71 0.94 -24.28
N MET A 183 5.30 -0.33 -24.31
CA MET A 183 5.97 -1.32 -25.14
C MET A 183 5.72 -1.05 -26.62
N GLN A 184 6.63 -1.53 -27.47
CA GLN A 184 6.52 -1.33 -28.91
C GLN A 184 6.31 -2.66 -29.62
N ASN A 185 5.33 -2.70 -30.52
CA ASN A 185 5.04 -3.92 -31.28
C ASN A 185 6.19 -4.27 -32.20
N GLY A 1 -35.22 12.29 0.53
CA GLY A 1 -35.61 10.94 0.17
C GLY A 1 -34.88 10.41 -1.04
N SER A 2 -33.74 9.75 -0.79
CA SER A 2 -32.93 9.21 -1.87
C SER A 2 -32.32 7.86 -1.47
N SER A 3 -31.99 7.05 -2.47
CA SER A 3 -31.40 5.74 -2.21
C SER A 3 -30.86 5.13 -3.51
N GLY A 4 -29.69 4.50 -3.41
CA GLY A 4 -29.09 3.88 -4.58
C GLY A 4 -27.84 3.10 -4.23
N SER A 5 -27.89 2.35 -3.14
CA SER A 5 -26.74 1.57 -2.71
C SER A 5 -26.88 0.11 -3.15
N SER A 6 -25.83 -0.66 -2.96
CA SER A 6 -25.83 -2.07 -3.36
C SER A 6 -25.04 -2.91 -2.36
N GLY A 7 -25.61 -4.05 -1.97
CA GLY A 7 -24.94 -4.93 -1.02
C GLY A 7 -25.36 -6.38 -1.18
N PRO A 8 -24.81 -7.05 -2.21
CA PRO A 8 -25.12 -8.45 -2.48
C PRO A 8 -24.55 -9.40 -1.43
N THR A 9 -25.28 -9.57 -0.34
CA THR A 9 -24.85 -10.44 0.75
C THR A 9 -23.34 -10.40 0.91
N PRO A 10 -22.79 -9.19 1.08
CA PRO A 10 -21.35 -8.99 1.26
C PRO A 10 -20.85 -9.51 2.61
N LYS A 11 -20.56 -10.81 2.66
CA LYS A 11 -20.06 -11.43 3.88
C LYS A 11 -18.73 -10.83 4.30
N THR A 12 -18.29 -11.16 5.51
CA THR A 12 -17.03 -10.66 6.03
C THR A 12 -15.86 -11.51 5.55
N GLU A 13 -15.10 -10.98 4.60
CA GLU A 13 -13.95 -11.70 4.05
C GLU A 13 -12.73 -11.52 4.95
N LEU A 14 -11.65 -12.24 4.61
CA LEU A 14 -10.42 -12.15 5.38
C LEU A 14 -9.68 -10.85 5.09
N VAL A 15 -9.74 -9.91 6.03
CA VAL A 15 -9.08 -8.63 5.89
C VAL A 15 -8.18 -8.33 7.08
N GLN A 16 -7.11 -7.57 6.84
CA GLN A 16 -6.17 -7.21 7.90
C GLN A 16 -6.15 -5.70 8.11
N LYS A 17 -6.45 -5.27 9.33
CA LYS A 17 -6.47 -3.85 9.67
C LYS A 17 -5.11 -3.41 10.18
N PHE A 18 -4.71 -2.18 9.84
CA PHE A 18 -3.43 -1.64 10.26
C PHE A 18 -3.59 -0.20 10.76
N ARG A 19 -3.05 0.07 11.94
CA ARG A 19 -3.13 1.41 12.52
C ARG A 19 -2.19 2.37 11.81
N VAL A 20 -2.74 3.43 11.24
CA VAL A 20 -1.94 4.43 10.54
C VAL A 20 -2.61 5.80 10.59
N GLN A 21 -1.99 6.78 9.94
CA GLN A 21 -2.52 8.13 9.91
C GLN A 21 -2.76 8.59 8.46
N TYR A 22 -3.68 9.53 8.30
CA TYR A 22 -4.01 10.05 6.97
C TYR A 22 -3.44 11.45 6.78
N LEU A 23 -2.55 11.60 5.81
CA LEU A 23 -1.94 12.88 5.52
C LEU A 23 -2.85 13.73 4.63
N GLY A 24 -3.43 13.11 3.62
CA GLY A 24 -4.31 13.82 2.72
C GLY A 24 -4.35 13.21 1.34
N MET A 25 -5.07 13.85 0.42
CA MET A 25 -5.19 13.36 -0.95
C MET A 25 -4.47 14.30 -1.92
N LEU A 26 -3.71 13.72 -2.84
CA LEU A 26 -2.97 14.50 -3.82
C LEU A 26 -3.00 13.82 -5.19
N PRO A 27 -3.62 14.50 -6.17
CA PRO A 27 -3.73 13.98 -7.53
C PRO A 27 -2.38 13.96 -8.26
N VAL A 28 -2.24 13.03 -9.19
CA VAL A 28 -1.00 12.89 -9.96
C VAL A 28 -1.27 13.03 -11.45
N ASP A 29 -0.19 13.17 -12.22
CA ASP A 29 -0.31 13.32 -13.67
C ASP A 29 -0.07 11.97 -14.37
N ARG A 30 0.89 11.21 -13.86
CA ARG A 30 1.23 9.91 -14.43
C ARG A 30 0.81 8.78 -13.49
N PRO A 31 0.35 7.67 -14.06
CA PRO A 31 -0.09 6.50 -13.30
C PRO A 31 1.08 5.78 -12.62
N VAL A 32 2.27 5.94 -13.19
CA VAL A 32 3.47 5.31 -12.65
C VAL A 32 4.64 6.28 -12.62
N GLY A 33 5.54 6.09 -11.66
CA GLY A 33 6.70 6.96 -11.54
C GLY A 33 6.91 7.47 -10.12
N MET A 34 7.80 6.81 -9.39
CA MET A 34 8.08 7.19 -8.01
C MET A 34 8.22 8.71 -7.90
N ASP A 35 8.96 9.31 -8.82
CA ASP A 35 9.18 10.75 -8.81
C ASP A 35 7.85 11.50 -8.68
N THR A 36 6.83 11.02 -9.41
CA THR A 36 5.52 11.64 -9.38
C THR A 36 4.80 11.33 -8.07
N LEU A 37 4.91 10.09 -7.62
CA LEU A 37 4.27 9.67 -6.38
C LEU A 37 4.77 10.49 -5.20
N ASN A 38 6.08 10.67 -5.12
CA ASN A 38 6.70 11.43 -4.04
C ASN A 38 6.23 12.89 -4.08
N SER A 39 6.13 13.44 -5.30
CA SER A 39 5.71 14.82 -5.47
C SER A 39 4.33 15.05 -4.85
N ALA A 40 3.61 13.96 -4.59
CA ALA A 40 2.29 14.04 -4.00
C ALA A 40 2.36 13.94 -2.47
N ILE A 41 3.33 13.16 -1.98
CA ILE A 41 3.50 12.99 -0.55
C ILE A 41 3.81 14.31 0.13
N GLU A 42 4.86 14.98 -0.34
CA GLU A 42 5.26 16.26 0.23
C GLU A 42 4.12 17.28 0.15
N ASN A 43 3.62 17.52 -1.05
CA ASN A 43 2.53 18.46 -1.27
C ASN A 43 1.53 18.40 -0.11
N LEU A 44 1.42 17.23 0.51
CA LEU A 44 0.50 17.05 1.62
C LEU A 44 1.19 17.34 2.95
N MET A 45 2.45 16.91 3.07
CA MET A 45 3.22 17.13 4.29
C MET A 45 3.45 18.62 4.52
N THR A 46 3.80 19.34 3.46
CA THR A 46 4.05 20.77 3.55
C THR A 46 2.80 21.51 4.01
N SER A 47 1.64 20.95 3.72
CA SER A 47 0.37 21.56 4.10
C SER A 47 -0.03 21.16 5.52
N SER A 48 -0.25 19.87 5.72
CA SER A 48 -0.64 19.35 7.02
C SER A 48 0.57 18.80 7.77
N SER A 49 0.55 18.93 9.09
CA SER A 49 1.65 18.44 9.93
C SER A 49 1.39 17.01 10.39
N LYS A 50 2.42 16.39 10.98
CA LYS A 50 2.30 15.03 11.46
C LYS A 50 1.12 14.87 12.42
N GLU A 51 0.96 15.86 13.29
CA GLU A 51 -0.13 15.84 14.27
C GLU A 51 -1.47 16.09 13.59
N ASP A 52 -1.44 16.90 12.53
CA ASP A 52 -2.65 17.22 11.79
C ASP A 52 -3.29 15.97 11.21
N TRP A 53 -2.46 14.97 10.94
CA TRP A 53 -2.94 13.71 10.36
C TRP A 53 -3.62 12.86 11.44
N PRO A 54 -4.93 12.65 11.28
CA PRO A 54 -5.72 11.85 12.22
C PRO A 54 -5.38 10.37 12.15
N SER A 55 -5.88 9.60 13.12
CA SER A 55 -5.62 8.17 13.16
C SER A 55 -6.75 7.39 12.51
N VAL A 56 -6.41 6.55 11.54
CA VAL A 56 -7.40 5.75 10.82
C VAL A 56 -6.94 4.30 10.69
N ASN A 57 -7.90 3.40 10.52
CA ASN A 57 -7.60 1.98 10.38
C ASN A 57 -7.57 1.57 8.92
N MET A 58 -6.43 1.08 8.46
CA MET A 58 -6.29 0.64 7.07
C MET A 58 -6.71 -0.81 6.91
N ASN A 59 -7.87 -1.03 6.31
CA ASN A 59 -8.40 -2.37 6.10
C ASN A 59 -7.94 -2.92 4.75
N VAL A 60 -6.88 -3.72 4.78
CA VAL A 60 -6.34 -4.32 3.56
C VAL A 60 -6.86 -5.74 3.36
N ALA A 61 -7.87 -5.88 2.52
CA ALA A 61 -8.46 -7.19 2.25
C ALA A 61 -7.61 -7.97 1.26
N ASP A 62 -8.05 -9.18 0.93
CA ASP A 62 -7.33 -10.03 -0.01
C ASP A 62 -6.97 -9.27 -1.27
N ALA A 63 -7.99 -8.83 -2.00
CA ALA A 63 -7.78 -8.08 -3.24
C ALA A 63 -8.49 -6.73 -3.19
N THR A 64 -8.50 -6.12 -2.02
CA THR A 64 -9.13 -4.82 -1.83
C THR A 64 -8.52 -4.06 -0.67
N VAL A 65 -8.56 -2.73 -0.75
CA VAL A 65 -8.00 -1.89 0.30
C VAL A 65 -8.96 -0.75 0.65
N THR A 66 -9.71 -0.93 1.74
CA THR A 66 -10.67 0.07 2.19
C THR A 66 -10.13 0.84 3.38
N VAL A 67 -10.51 2.12 3.48
CA VAL A 67 -10.06 2.96 4.58
C VAL A 67 -11.22 3.33 5.49
N ILE A 68 -11.14 2.90 6.74
CA ILE A 68 -12.19 3.18 7.72
C ILE A 68 -11.69 4.14 8.80
N SER A 69 -12.43 5.22 9.01
CA SER A 69 -12.07 6.21 10.02
C SER A 69 -12.16 5.63 11.42
N GLU A 70 -11.06 5.74 12.18
CA GLU A 70 -11.02 5.23 13.54
C GLU A 70 -12.30 5.56 14.30
N LYS A 71 -12.93 6.66 13.91
CA LYS A 71 -14.17 7.10 14.54
C LYS A 71 -15.22 6.00 14.51
N ASN A 72 -15.62 5.61 13.30
CA ASN A 72 -16.63 4.57 13.13
C ASN A 72 -16.16 3.54 12.10
N GLU A 73 -16.81 2.38 12.12
CA GLU A 73 -16.46 1.31 11.18
C GLU A 73 -17.17 1.49 9.85
N GLU A 74 -18.33 2.15 9.88
CA GLU A 74 -19.11 2.40 8.68
C GLU A 74 -18.60 3.63 7.95
N GLU A 75 -17.63 4.31 8.54
CA GLU A 75 -17.06 5.51 7.95
C GLU A 75 -15.91 5.16 7.00
N VAL A 76 -16.23 5.08 5.71
CA VAL A 76 -15.22 4.74 4.71
C VAL A 76 -14.66 6.01 4.07
N LEU A 77 -13.52 6.47 4.58
CA LEU A 77 -12.87 7.67 4.05
C LEU A 77 -12.48 7.48 2.59
N VAL A 78 -11.99 6.28 2.26
CA VAL A 78 -11.57 5.97 0.90
C VAL A 78 -11.74 4.49 0.61
N GLU A 79 -12.12 4.17 -0.64
CA GLU A 79 -12.31 2.79 -1.06
C GLU A 79 -11.45 2.46 -2.28
N CYS A 80 -10.33 1.79 -2.03
CA CYS A 80 -9.42 1.41 -3.10
C CYS A 80 -9.50 -0.08 -3.38
N ARG A 81 -9.28 -0.46 -4.63
CA ARG A 81 -9.34 -1.87 -5.03
C ARG A 81 -8.08 -2.25 -5.81
N VAL A 82 -7.35 -3.24 -5.29
CA VAL A 82 -6.13 -3.71 -5.94
C VAL A 82 -6.27 -3.72 -7.45
N ARG A 83 -7.46 -4.09 -7.92
CA ARG A 83 -7.73 -4.15 -9.35
C ARG A 83 -7.66 -2.75 -9.98
N PHE A 84 -8.23 -1.77 -9.30
CA PHE A 84 -8.23 -0.39 -9.78
C PHE A 84 -6.83 0.22 -9.64
N LEU A 85 -6.14 -0.12 -8.55
CA LEU A 85 -4.81 0.41 -8.30
C LEU A 85 -3.97 0.40 -9.57
N SER A 86 -3.23 1.48 -9.79
CA SER A 86 -2.38 1.59 -10.98
C SER A 86 -0.91 1.38 -10.62
N PHE A 87 -0.48 2.01 -9.53
CA PHE A 87 0.90 1.89 -9.08
C PHE A 87 1.03 2.26 -7.60
N MET A 88 1.92 1.59 -6.90
CA MET A 88 2.14 1.84 -5.49
C MET A 88 3.63 1.89 -5.16
N GLY A 89 4.00 2.73 -4.19
CA GLY A 89 5.39 2.85 -3.81
C GLY A 89 5.56 3.52 -2.46
N VAL A 90 6.81 3.71 -2.05
CA VAL A 90 7.11 4.34 -0.77
C VAL A 90 7.93 5.61 -0.96
N GLY A 91 7.62 6.63 -0.17
CA GLY A 91 8.33 7.89 -0.27
C GLY A 91 9.72 7.81 0.33
N LYS A 92 10.45 8.93 0.29
CA LYS A 92 11.80 8.98 0.83
C LYS A 92 11.88 8.24 2.16
N ASP A 93 10.91 8.49 3.03
CA ASP A 93 10.88 7.84 4.35
C ASP A 93 10.05 6.56 4.29
N VAL A 94 10.67 5.45 4.67
CA VAL A 94 9.98 4.16 4.67
C VAL A 94 8.77 4.17 5.60
N HIS A 95 8.76 5.13 6.53
CA HIS A 95 7.67 5.24 7.48
C HIS A 95 6.37 5.65 6.77
N THR A 96 6.51 6.19 5.57
CA THR A 96 5.35 6.62 4.78
C THR A 96 4.98 5.58 3.74
N PHE A 97 3.75 5.65 3.25
CA PHE A 97 3.27 4.71 2.24
C PHE A 97 2.16 5.33 1.40
N ALA A 98 2.42 5.51 0.11
CA ALA A 98 1.44 6.08 -0.80
C ALA A 98 1.14 5.14 -1.96
N PHE A 99 -0.02 5.32 -2.57
CA PHE A 99 -0.43 4.48 -3.69
C PHE A 99 -1.40 5.23 -4.61
N ILE A 100 -1.21 5.07 -5.92
CA ILE A 100 -2.07 5.73 -6.89
C ILE A 100 -3.17 4.79 -7.38
N MET A 101 -4.42 5.19 -7.13
CA MET A 101 -5.57 4.39 -7.54
C MET A 101 -6.30 5.05 -8.71
N ASP A 102 -7.07 4.26 -9.44
CA ASP A 102 -7.83 4.77 -10.58
C ASP A 102 -9.28 5.03 -10.20
N THR A 103 -9.69 6.29 -10.30
CA THR A 103 -11.05 6.68 -9.96
C THR A 103 -11.79 7.21 -11.18
N GLY A 104 -11.57 6.59 -12.33
CA GLY A 104 -12.21 7.02 -13.55
C GLY A 104 -11.22 7.26 -14.68
N ASN A 105 -11.35 8.41 -15.33
CA ASN A 105 -10.47 8.77 -16.43
C ASN A 105 -9.01 8.75 -15.98
N GLN A 106 -8.11 9.16 -16.88
CA GLN A 106 -6.69 9.19 -16.57
C GLN A 106 -6.44 9.76 -15.19
N ARG A 107 -7.40 10.54 -14.69
CA ARG A 107 -7.28 11.15 -13.38
C ARG A 107 -7.08 10.09 -12.29
N PHE A 108 -5.92 10.13 -11.65
CA PHE A 108 -5.60 9.17 -10.60
C PHE A 108 -5.34 9.89 -9.28
N GLU A 109 -5.78 9.28 -8.19
CA GLU A 109 -5.60 9.86 -6.86
C GLU A 109 -4.59 9.04 -6.04
N CYS A 110 -3.63 9.73 -5.44
CA CYS A 110 -2.60 9.07 -4.63
C CYS A 110 -2.83 9.33 -3.15
N HIS A 111 -3.21 8.29 -2.42
CA HIS A 111 -3.45 8.40 -0.99
C HIS A 111 -2.19 8.09 -0.19
N VAL A 112 -1.90 8.93 0.79
CA VAL A 112 -0.72 8.75 1.64
C VAL A 112 -1.11 8.37 3.06
N PHE A 113 -0.42 7.36 3.60
CA PHE A 113 -0.69 6.90 4.97
C PHE A 113 0.60 6.65 5.73
N TRP A 114 0.65 7.15 6.96
CA TRP A 114 1.84 6.97 7.79
C TRP A 114 1.80 5.64 8.53
N CYS A 115 2.80 4.81 8.30
CA CYS A 115 2.87 3.50 8.94
C CYS A 115 3.87 3.51 10.10
N GLU A 116 3.68 2.62 11.06
CA GLU A 116 4.57 2.53 12.21
C GLU A 116 4.81 1.08 12.60
N PRO A 117 6.09 0.74 12.80
CA PRO A 117 7.21 1.69 12.67
C PRO A 117 7.44 2.09 11.21
N ASN A 118 7.46 1.10 10.32
CA ASN A 118 7.68 1.36 8.90
C ASN A 118 6.53 0.79 8.07
N ALA A 119 6.60 1.00 6.76
CA ALA A 119 5.58 0.50 5.85
C ALA A 119 5.98 -0.84 5.25
N ALA A 120 6.46 -1.75 6.10
CA ALA A 120 6.87 -3.07 5.65
C ALA A 120 5.68 -4.01 5.54
N ASN A 121 5.06 -4.30 6.68
CA ASN A 121 3.90 -5.20 6.72
C ASN A 121 2.78 -4.66 5.83
N VAL A 122 2.43 -3.39 6.03
CA VAL A 122 1.37 -2.76 5.25
C VAL A 122 1.63 -2.89 3.76
N SER A 123 2.80 -2.44 3.32
CA SER A 123 3.17 -2.50 1.92
C SER A 123 3.19 -3.95 1.42
N GLU A 124 3.71 -4.84 2.27
CA GLU A 124 3.79 -6.25 1.92
C GLU A 124 2.40 -6.84 1.69
N ALA A 125 1.45 -6.46 2.53
CA ALA A 125 0.08 -6.95 2.42
C ALA A 125 -0.55 -6.49 1.11
N VAL A 126 -0.53 -5.18 0.87
CA VAL A 126 -1.10 -4.62 -0.34
C VAL A 126 -0.41 -5.16 -1.58
N GLN A 127 0.92 -5.16 -1.56
CA GLN A 127 1.70 -5.67 -2.69
C GLN A 127 1.22 -7.06 -3.10
N ALA A 128 1.30 -8.00 -2.18
CA ALA A 128 0.88 -9.37 -2.45
C ALA A 128 -0.56 -9.42 -2.92
N ALA A 129 -1.42 -8.62 -2.29
CA ALA A 129 -2.83 -8.57 -2.66
C ALA A 129 -3.01 -8.66 -4.16
N CYS A 130 -2.11 -8.01 -4.90
CA CYS A 130 -2.17 -8.02 -6.37
C CYS A 130 -1.90 -9.41 -6.92
N SER A 131 -0.69 -9.91 -6.68
CA SER A 131 -0.31 -11.24 -7.15
C SER A 131 -1.36 -12.28 -6.79
N GLY A 132 -1.74 -12.31 -5.52
CA GLY A 132 -2.73 -13.26 -5.06
C GLY A 132 -2.11 -14.54 -4.54
N PRO A 133 -2.18 -14.75 -3.21
CA PRO A 133 -1.64 -15.95 -2.57
C PRO A 133 -2.42 -17.20 -2.91
N SER A 134 -3.71 -17.03 -3.17
CA SER A 134 -4.57 -18.17 -3.50
C SER A 134 -4.26 -18.69 -4.90
N SER A 135 -4.70 -19.91 -5.18
CA SER A 135 -4.47 -20.54 -6.48
C SER A 135 -2.97 -20.65 -6.75
N GLY A 136 -2.22 -21.09 -5.75
CA GLY A 136 -0.78 -21.24 -5.91
C GLY A 136 -0.25 -22.48 -5.23
N ILE A 137 0.85 -23.01 -5.76
CA ILE A 137 1.46 -24.21 -5.19
C ILE A 137 2.09 -23.93 -3.83
N GLU A 138 1.59 -24.62 -2.81
CA GLU A 138 2.10 -24.45 -1.46
C GLU A 138 2.88 -25.67 -1.01
N GLY A 139 4.00 -25.44 -0.31
CA GLY A 139 4.82 -26.53 0.17
C GLY A 139 6.20 -26.08 0.59
N ARG A 140 6.79 -26.79 1.55
CA ARG A 140 8.11 -26.44 2.06
C ARG A 140 9.01 -27.67 2.08
N GLY A 141 10.32 -27.44 1.99
CA GLY A 141 11.27 -28.53 2.01
C GLY A 141 11.68 -28.93 3.42
N SER A 142 12.04 -30.20 3.59
CA SER A 142 12.45 -30.70 4.89
C SER A 142 13.27 -31.97 4.75
N SER A 143 14.24 -32.15 5.66
CA SER A 143 15.11 -33.31 5.64
C SER A 143 14.70 -34.32 6.70
N GLY A 144 14.72 -33.89 7.96
CA GLY A 144 14.35 -34.77 9.05
C GLY A 144 15.50 -35.03 10.00
N SER A 145 16.02 -36.26 9.98
CA SER A 145 17.13 -36.64 10.85
C SER A 145 18.46 -36.19 10.26
N SER A 146 19.16 -35.33 10.98
CA SER A 146 20.44 -34.81 10.52
C SER A 146 21.41 -34.64 11.71
N GLY A 147 22.63 -34.23 11.40
CA GLY A 147 23.63 -34.04 12.44
C GLY A 147 24.96 -33.57 11.89
N SER A 148 26.04 -33.88 12.61
CA SER A 148 27.38 -33.48 12.18
C SER A 148 27.39 -32.04 11.72
N SER A 149 26.81 -31.16 12.53
CA SER A 149 26.74 -29.74 12.20
C SER A 149 28.02 -29.02 12.65
N GLY A 150 28.09 -27.73 12.36
CA GLY A 150 29.25 -26.94 12.74
C GLY A 150 29.37 -25.65 11.96
N SER A 151 29.11 -24.53 12.62
CA SER A 151 29.19 -23.23 11.97
C SER A 151 29.66 -22.16 12.94
N SER A 152 30.03 -21.00 12.42
CA SER A 152 30.51 -19.90 13.24
C SER A 152 30.06 -18.56 12.67
N GLY A 153 29.22 -17.85 13.42
CA GLY A 153 28.73 -16.56 12.98
C GLY A 153 27.27 -16.62 12.54
N ASP A 154 26.65 -15.44 12.42
CA ASP A 154 25.26 -15.37 12.01
C ASP A 154 24.89 -13.94 11.60
N ALA A 155 24.62 -13.76 10.30
CA ALA A 155 24.26 -12.45 9.78
C ALA A 155 23.22 -12.56 8.67
N ALA A 156 22.20 -11.73 8.75
CA ALA A 156 21.13 -11.74 7.75
C ALA A 156 20.23 -10.51 7.89
N VAL A 157 20.31 -9.60 6.93
CA VAL A 157 19.51 -8.39 6.94
C VAL A 157 18.02 -8.71 6.79
N THR A 158 17.21 -8.19 7.72
CA THR A 158 15.78 -8.42 7.70
C THR A 158 15.18 -8.05 6.34
N PRO A 159 14.22 -8.86 5.88
CA PRO A 159 13.55 -8.65 4.60
C PRO A 159 12.65 -7.42 4.61
N GLU A 160 12.70 -6.66 5.71
CA GLU A 160 11.89 -5.46 5.86
C GLU A 160 12.51 -4.29 5.10
N GLU A 161 13.76 -3.97 5.45
CA GLU A 161 14.46 -2.86 4.81
C GLU A 161 14.75 -3.18 3.35
N ARG A 162 15.13 -4.43 3.07
CA ARG A 162 15.43 -4.87 1.72
C ARG A 162 14.21 -4.72 0.82
N HIS A 163 13.06 -5.16 1.32
CA HIS A 163 11.82 -5.08 0.56
C HIS A 163 11.34 -3.64 0.44
N LEU A 164 11.50 -2.87 1.52
CA LEU A 164 11.08 -1.47 1.53
C LEU A 164 11.80 -0.68 0.45
N SER A 165 13.07 -0.99 0.24
CA SER A 165 13.88 -0.30 -0.76
C SER A 165 13.34 -0.56 -2.16
N LYS A 166 13.28 -1.84 -2.53
CA LYS A 166 12.78 -2.22 -3.86
C LYS A 166 11.59 -1.36 -4.26
N MET A 167 10.71 -1.07 -3.30
CA MET A 167 9.54 -0.25 -3.56
C MET A 167 9.93 1.19 -3.86
N GLN A 168 10.77 1.76 -3.00
CA GLN A 168 11.23 3.13 -3.17
C GLN A 168 12.12 3.26 -4.41
N GLN A 169 12.61 2.12 -4.90
CA GLN A 169 13.47 2.11 -6.08
C GLN A 169 12.65 2.14 -7.35
N ASN A 170 12.01 1.02 -7.67
CA ASN A 170 11.19 0.91 -8.87
C ASN A 170 9.71 0.94 -8.52
N GLY A 171 9.32 0.13 -7.53
CA GLY A 171 7.93 0.08 -7.12
C GLY A 171 7.14 -0.98 -7.87
N TYR A 172 5.88 -1.15 -7.50
CA TYR A 172 5.02 -2.13 -8.14
C TYR A 172 4.03 -1.46 -9.08
N GLU A 173 4.07 -1.85 -10.35
CA GLU A 173 3.18 -1.30 -11.36
C GLU A 173 2.00 -2.23 -11.63
N ASN A 174 0.89 -1.98 -10.94
CA ASN A 174 -0.31 -2.80 -11.10
C ASN A 174 -0.50 -3.19 -12.56
N PRO A 175 -0.12 -4.42 -12.91
CA PRO A 175 -0.23 -4.95 -14.27
C PRO A 175 -1.69 -5.19 -14.67
N THR A 176 -2.42 -5.88 -13.80
CA THR A 176 -3.82 -6.19 -14.06
C THR A 176 -4.50 -5.07 -14.85
N TYR A 177 -4.24 -3.83 -14.43
CA TYR A 177 -4.83 -2.68 -15.10
C TYR A 177 -4.17 -2.43 -16.45
N LYS A 178 -4.78 -2.97 -17.50
CA LYS A 178 -4.25 -2.81 -18.85
C LYS A 178 -4.01 -1.35 -19.17
N PHE A 179 -3.63 -1.07 -20.42
CA PHE A 179 -3.37 0.30 -20.86
C PHE A 179 -2.24 0.93 -20.05
N PHE A 180 -1.13 0.21 -19.94
CA PHE A 180 0.02 0.69 -19.19
C PHE A 180 1.23 0.90 -20.12
N GLU A 181 2.22 1.64 -19.63
CA GLU A 181 3.42 1.91 -20.41
C GLU A 181 4.67 1.41 -19.69
N GLN A 182 4.77 0.10 -19.53
CA GLN A 182 5.91 -0.51 -18.86
C GLN A 182 7.22 0.03 -19.42
N MET A 183 7.28 0.16 -20.74
CA MET A 183 8.48 0.67 -21.40
C MET A 183 8.52 2.20 -21.35
N GLN A 184 9.70 2.76 -21.57
CA GLN A 184 9.88 4.21 -21.56
C GLN A 184 10.47 4.70 -22.87
N ASN A 185 10.33 5.99 -23.14
CA ASN A 185 10.86 6.58 -24.35
C ASN A 185 12.07 7.46 -24.06
N GLY A 1 -28.05 10.09 17.03
CA GLY A 1 -29.19 9.70 16.22
C GLY A 1 -29.12 8.24 15.79
N SER A 2 -29.34 8.00 14.50
CA SER A 2 -29.30 6.65 13.96
C SER A 2 -28.32 6.56 12.80
N SER A 3 -28.47 7.47 11.84
CA SER A 3 -27.60 7.49 10.66
C SER A 3 -27.30 6.07 10.19
N GLY A 4 -28.33 5.23 10.15
CA GLY A 4 -28.16 3.87 9.70
C GLY A 4 -28.31 3.72 8.20
N SER A 5 -28.26 2.47 7.73
CA SER A 5 -28.38 2.19 6.29
C SER A 5 -28.72 0.73 6.05
N SER A 6 -29.84 0.49 5.39
CA SER A 6 -30.28 -0.87 5.09
C SER A 6 -30.16 -1.17 3.60
N GLY A 7 -29.57 -2.31 3.28
CA GLY A 7 -29.40 -2.70 1.89
C GLY A 7 -28.67 -4.01 1.74
N PRO A 8 -27.34 -3.93 1.58
CA PRO A 8 -26.48 -5.12 1.41
C PRO A 8 -26.38 -5.93 2.69
N THR A 9 -25.92 -7.18 2.56
CA THR A 9 -25.76 -8.06 3.71
C THR A 9 -24.40 -8.73 3.71
N PRO A 10 -23.52 -8.30 4.63
CA PRO A 10 -22.17 -8.85 4.75
C PRO A 10 -22.17 -10.27 5.30
N LYS A 11 -21.14 -11.03 4.93
CA LYS A 11 -21.02 -12.41 5.38
C LYS A 11 -19.83 -12.58 6.30
N THR A 12 -19.66 -11.65 7.23
CA THR A 12 -18.55 -11.69 8.18
C THR A 12 -17.22 -11.90 7.45
N GLU A 13 -17.01 -11.13 6.40
CA GLU A 13 -15.77 -11.24 5.63
C GLU A 13 -14.55 -11.08 6.52
N LEU A 14 -13.43 -11.65 6.09
CA LEU A 14 -12.19 -11.58 6.86
C LEU A 14 -11.22 -10.57 6.24
N VAL A 15 -11.01 -9.46 6.94
CA VAL A 15 -10.10 -8.41 6.47
C VAL A 15 -9.05 -8.08 7.51
N GLN A 16 -7.94 -7.50 7.06
CA GLN A 16 -6.86 -7.13 7.96
C GLN A 16 -6.76 -5.62 8.12
N LYS A 17 -6.60 -5.17 9.36
CA LYS A 17 -6.50 -3.74 9.64
C LYS A 17 -5.12 -3.39 10.18
N PHE A 18 -4.64 -2.20 9.85
CA PHE A 18 -3.33 -1.74 10.29
C PHE A 18 -3.41 -0.32 10.84
N ARG A 19 -2.64 -0.05 11.89
CA ARG A 19 -2.62 1.27 12.51
C ARG A 19 -1.77 2.24 11.70
N VAL A 20 -2.37 3.33 11.26
CA VAL A 20 -1.66 4.34 10.48
C VAL A 20 -2.35 5.70 10.58
N GLN A 21 -1.77 6.70 9.93
CA GLN A 21 -2.33 8.05 9.94
C GLN A 21 -2.68 8.50 8.53
N TYR A 22 -3.51 9.54 8.44
CA TYR A 22 -3.94 10.07 7.15
C TYR A 22 -3.40 11.49 6.94
N LEU A 23 -2.53 11.66 5.96
CA LEU A 23 -1.95 12.96 5.66
C LEU A 23 -2.86 13.76 4.73
N GLY A 24 -3.57 13.06 3.86
CA GLY A 24 -4.48 13.72 2.93
C GLY A 24 -4.49 13.06 1.57
N MET A 25 -5.10 13.74 0.59
CA MET A 25 -5.18 13.21 -0.76
C MET A 25 -4.56 14.18 -1.76
N LEU A 26 -3.79 13.64 -2.71
CA LEU A 26 -3.13 14.45 -3.72
C LEU A 26 -3.23 13.79 -5.09
N PRO A 27 -3.92 14.46 -6.03
CA PRO A 27 -4.08 13.96 -7.40
C PRO A 27 -2.79 13.99 -8.19
N VAL A 28 -2.65 13.06 -9.13
CA VAL A 28 -1.46 12.99 -9.96
C VAL A 28 -1.81 13.07 -11.45
N ASP A 29 -0.83 13.44 -12.26
CA ASP A 29 -1.04 13.55 -13.70
C ASP A 29 -0.71 12.25 -14.40
N ARG A 30 0.33 11.57 -13.94
CA ARG A 30 0.75 10.31 -14.52
C ARG A 30 0.48 9.15 -13.57
N PRO A 31 0.11 7.99 -14.14
CA PRO A 31 -0.19 6.78 -13.35
C PRO A 31 1.06 6.18 -12.73
N VAL A 32 2.19 6.35 -13.40
CA VAL A 32 3.46 5.83 -12.90
C VAL A 32 4.49 6.94 -12.73
N GLY A 33 5.69 6.55 -12.33
CA GLY A 33 6.75 7.54 -12.13
C GLY A 33 6.94 7.90 -10.67
N MET A 34 8.01 7.41 -10.07
CA MET A 34 8.29 7.69 -8.66
C MET A 34 8.39 9.20 -8.42
N ASP A 35 8.79 9.94 -9.44
CA ASP A 35 8.92 11.38 -9.34
C ASP A 35 7.55 12.04 -9.19
N THR A 36 6.51 11.35 -9.65
CA THR A 36 5.15 11.86 -9.58
C THR A 36 4.49 11.48 -8.26
N LEU A 37 4.57 10.20 -7.91
CA LEU A 37 3.98 9.70 -6.67
C LEU A 37 4.57 10.42 -5.46
N ASN A 38 5.90 10.45 -5.38
CA ASN A 38 6.58 11.10 -4.27
C ASN A 38 6.22 12.58 -4.21
N SER A 39 5.84 13.15 -5.35
CA SER A 39 5.46 14.55 -5.42
C SER A 39 4.14 14.80 -4.71
N ALA A 40 3.30 13.76 -4.67
CA ALA A 40 2.00 13.86 -4.01
C ALA A 40 2.13 13.72 -2.49
N ILE A 41 3.18 13.03 -2.07
CA ILE A 41 3.42 12.82 -0.65
C ILE A 41 3.76 14.14 0.06
N GLU A 42 4.80 14.81 -0.42
CA GLU A 42 5.21 16.08 0.16
C GLU A 42 4.07 17.10 0.12
N ASN A 43 3.53 17.32 -1.06
CA ASN A 43 2.43 18.26 -1.24
C ASN A 43 1.51 18.24 -0.03
N LEU A 44 1.34 17.06 0.56
CA LEU A 44 0.47 16.91 1.72
C LEU A 44 1.24 17.20 3.01
N MET A 45 2.36 16.52 3.19
CA MET A 45 3.18 16.72 4.37
C MET A 45 3.41 18.19 4.66
N THR A 46 3.73 18.95 3.61
CA THR A 46 3.97 20.38 3.74
C THR A 46 2.70 21.11 4.18
N SER A 47 1.55 20.54 3.86
CA SER A 47 0.27 21.14 4.22
C SER A 47 -0.09 20.80 5.66
N SER A 48 -0.30 19.52 5.94
CA SER A 48 -0.65 19.06 7.27
C SER A 48 0.59 18.57 8.02
N SER A 49 0.50 18.57 9.36
CA SER A 49 1.60 18.12 10.19
C SER A 49 1.41 16.67 10.61
N LYS A 50 2.43 16.11 11.26
CA LYS A 50 2.38 14.73 11.72
C LYS A 50 1.25 14.54 12.75
N GLU A 51 1.20 15.43 13.73
CA GLU A 51 0.17 15.35 14.77
C GLU A 51 -1.18 15.77 14.22
N ASP A 52 -1.17 16.52 13.12
CA ASP A 52 -2.40 16.99 12.50
C ASP A 52 -3.10 15.84 11.78
N TRP A 53 -2.35 14.81 11.44
CA TRP A 53 -2.90 13.65 10.73
C TRP A 53 -3.73 12.80 11.68
N PRO A 54 -5.04 12.67 11.36
CA PRO A 54 -5.97 11.88 12.17
C PRO A 54 -5.70 10.39 12.08
N SER A 55 -5.72 9.71 13.23
CA SER A 55 -5.48 8.27 13.27
C SER A 55 -6.56 7.50 12.52
N VAL A 56 -6.14 6.64 11.60
CA VAL A 56 -7.07 5.85 10.81
C VAL A 56 -6.58 4.41 10.65
N ASN A 57 -7.52 3.48 10.54
CA ASN A 57 -7.18 2.07 10.38
C ASN A 57 -7.22 1.66 8.92
N MET A 58 -6.08 1.20 8.40
CA MET A 58 -5.99 0.78 7.01
C MET A 58 -6.48 -0.66 6.85
N ASN A 59 -7.58 -0.82 6.13
CA ASN A 59 -8.16 -2.15 5.90
C ASN A 59 -7.78 -2.67 4.51
N VAL A 60 -7.17 -3.84 4.47
CA VAL A 60 -6.76 -4.44 3.21
C VAL A 60 -7.37 -5.83 3.04
N ALA A 61 -8.47 -5.90 2.28
CA ALA A 61 -9.16 -7.16 2.05
C ALA A 61 -8.70 -7.79 0.73
N ASP A 62 -9.29 -8.94 0.40
CA ASP A 62 -8.94 -9.64 -0.84
C ASP A 62 -8.97 -8.69 -2.03
N ALA A 63 -7.80 -8.40 -2.58
CA ALA A 63 -7.70 -7.50 -3.73
C ALA A 63 -8.51 -6.23 -3.51
N THR A 64 -8.46 -5.71 -2.28
CA THR A 64 -9.20 -4.50 -1.94
C THR A 64 -8.59 -3.82 -0.73
N VAL A 65 -8.52 -2.49 -0.78
CA VAL A 65 -7.96 -1.71 0.33
C VAL A 65 -8.89 -0.56 0.72
N THR A 66 -9.62 -0.74 1.80
CA THR A 66 -10.56 0.28 2.28
C THR A 66 -9.98 1.02 3.48
N VAL A 67 -10.21 2.33 3.53
CA VAL A 67 -9.72 3.16 4.63
C VAL A 67 -10.84 3.50 5.60
N ILE A 68 -10.77 2.92 6.80
CA ILE A 68 -11.78 3.17 7.82
C ILE A 68 -11.24 4.08 8.92
N SER A 69 -12.10 4.97 9.42
CA SER A 69 -11.71 5.89 10.47
C SER A 69 -11.58 5.17 11.81
N GLU A 70 -10.81 5.76 12.72
CA GLU A 70 -10.61 5.17 14.04
C GLU A 70 -11.78 5.49 14.96
N LYS A 71 -12.31 6.70 14.85
CA LYS A 71 -13.44 7.12 15.68
C LYS A 71 -14.70 6.38 15.27
N ASN A 72 -14.90 6.21 13.97
CA ASN A 72 -16.06 5.51 13.45
C ASN A 72 -15.66 4.35 12.56
N GLU A 73 -16.45 3.27 12.61
CA GLU A 73 -16.17 2.08 11.81
C GLU A 73 -16.71 2.25 10.39
N GLU A 74 -18.04 2.26 10.27
CA GLU A 74 -18.69 2.41 8.98
C GLU A 74 -18.08 3.57 8.19
N GLU A 75 -17.50 4.52 8.92
CA GLU A 75 -16.89 5.69 8.29
C GLU A 75 -15.80 5.27 7.30
N VAL A 76 -16.16 5.21 6.02
CA VAL A 76 -15.23 4.83 4.98
C VAL A 76 -14.60 6.06 4.32
N LEU A 77 -13.51 6.53 4.91
CA LEU A 77 -12.80 7.70 4.40
C LEU A 77 -12.53 7.55 2.90
N VAL A 78 -11.89 6.44 2.53
CA VAL A 78 -11.56 6.17 1.13
C VAL A 78 -11.78 4.70 0.80
N GLU A 79 -11.98 4.42 -0.49
CA GLU A 79 -12.20 3.05 -0.95
C GLU A 79 -11.35 2.75 -2.19
N CYS A 80 -10.23 2.08 -1.96
CA CYS A 80 -9.33 1.72 -3.06
C CYS A 80 -9.35 0.22 -3.32
N ARG A 81 -9.16 -0.16 -4.58
CA ARG A 81 -9.15 -1.56 -4.96
C ARG A 81 -7.86 -1.93 -5.69
N VAL A 82 -7.14 -2.90 -5.14
CA VAL A 82 -5.89 -3.35 -5.74
C VAL A 82 -5.96 -3.31 -7.25
N ARG A 83 -6.93 -4.03 -7.82
CA ARG A 83 -7.10 -4.08 -9.26
C ARG A 83 -7.07 -2.68 -9.86
N PHE A 84 -7.78 -1.76 -9.24
CA PHE A 84 -7.82 -0.37 -9.72
C PHE A 84 -6.45 0.29 -9.60
N LEU A 85 -5.73 -0.06 -8.55
CA LEU A 85 -4.40 0.50 -8.31
C LEU A 85 -3.58 0.50 -9.59
N SER A 86 -2.99 1.64 -9.92
CA SER A 86 -2.18 1.78 -11.12
C SER A 86 -0.70 1.65 -10.79
N PHE A 87 -0.30 2.26 -9.66
CA PHE A 87 1.09 2.22 -9.23
C PHE A 87 1.21 2.54 -7.74
N MET A 88 1.99 1.74 -7.04
CA MET A 88 2.19 1.92 -5.60
C MET A 88 3.67 2.01 -5.26
N GLY A 89 4.03 2.92 -4.37
CA GLY A 89 5.41 3.09 -3.97
C GLY A 89 5.55 3.59 -2.54
N VAL A 90 6.78 3.89 -2.14
CA VAL A 90 7.04 4.38 -0.80
C VAL A 90 7.86 5.68 -0.83
N GLY A 91 7.37 6.69 -0.12
CA GLY A 91 8.06 7.97 -0.09
C GLY A 91 9.50 7.84 0.35
N LYS A 92 10.23 8.95 0.33
CA LYS A 92 11.63 8.95 0.74
C LYS A 92 11.80 8.35 2.13
N ASP A 93 10.70 8.27 2.87
CA ASP A 93 10.72 7.71 4.21
C ASP A 93 9.99 6.37 4.26
N VAL A 94 10.65 5.38 4.86
CA VAL A 94 10.06 4.04 4.97
C VAL A 94 8.80 4.07 5.83
N HIS A 95 8.60 5.15 6.56
CA HIS A 95 7.44 5.29 7.42
C HIS A 95 6.23 5.79 6.62
N THR A 96 6.47 6.11 5.35
CA THR A 96 5.40 6.60 4.49
C THR A 96 5.04 5.56 3.42
N PHE A 97 3.77 5.55 3.02
CA PHE A 97 3.30 4.62 2.01
C PHE A 97 2.10 5.17 1.27
N ALA A 98 2.27 5.47 -0.02
CA ALA A 98 1.20 6.01 -0.84
C ALA A 98 0.90 5.09 -2.02
N PHE A 99 -0.27 5.26 -2.61
CA PHE A 99 -0.68 4.44 -3.76
C PHE A 99 -1.60 5.24 -4.68
N ILE A 100 -1.42 5.05 -5.99
CA ILE A 100 -2.23 5.74 -6.98
C ILE A 100 -3.30 4.82 -7.56
N MET A 101 -4.56 5.15 -7.29
CA MET A 101 -5.68 4.36 -7.78
C MET A 101 -6.39 5.07 -8.92
N ASP A 102 -7.14 4.30 -9.71
CA ASP A 102 -7.87 4.86 -10.85
C ASP A 102 -9.28 5.26 -10.44
N THR A 103 -9.57 6.56 -10.52
CA THR A 103 -10.89 7.07 -10.16
C THR A 103 -11.63 7.59 -11.39
N GLY A 104 -11.53 6.86 -12.50
CA GLY A 104 -12.19 7.27 -13.71
C GLY A 104 -11.54 6.69 -14.96
N ASN A 105 -11.10 7.56 -15.86
CA ASN A 105 -10.46 7.12 -17.09
C ASN A 105 -8.96 7.44 -17.06
N GLN A 106 -8.63 8.73 -17.05
CA GLN A 106 -7.25 9.16 -17.03
C GLN A 106 -6.88 9.74 -15.67
N ARG A 107 -7.80 10.51 -15.09
CA ARG A 107 -7.57 11.13 -13.79
C ARG A 107 -7.33 10.07 -12.72
N PHE A 108 -6.19 10.17 -12.04
CA PHE A 108 -5.85 9.22 -10.99
C PHE A 108 -5.54 9.94 -9.69
N GLU A 109 -5.96 9.33 -8.57
CA GLU A 109 -5.73 9.92 -7.26
C GLU A 109 -4.68 9.13 -6.48
N CYS A 110 -3.99 9.82 -5.58
CA CYS A 110 -2.95 9.19 -4.77
C CYS A 110 -3.16 9.46 -3.29
N HIS A 111 -3.32 8.40 -2.51
CA HIS A 111 -3.53 8.53 -1.08
C HIS A 111 -2.26 8.22 -0.30
N VAL A 112 -1.95 9.04 0.69
CA VAL A 112 -0.76 8.87 1.50
C VAL A 112 -1.12 8.46 2.93
N PHE A 113 -0.39 7.50 3.47
CA PHE A 113 -0.63 7.02 4.83
C PHE A 113 0.69 6.75 5.56
N TRP A 114 0.82 7.31 6.76
CA TRP A 114 2.03 7.13 7.55
C TRP A 114 1.96 5.84 8.35
N CYS A 115 2.85 4.90 8.03
CA CYS A 115 2.89 3.62 8.72
C CYS A 115 3.77 3.70 9.96
N GLU A 116 3.64 2.70 10.83
CA GLU A 116 4.43 2.67 12.07
C GLU A 116 4.68 1.22 12.50
N PRO A 117 5.96 0.90 12.73
CA PRO A 117 7.07 1.86 12.57
C PRO A 117 7.31 2.21 11.11
N ASN A 118 7.40 1.19 10.26
CA ASN A 118 7.64 1.41 8.83
C ASN A 118 6.49 0.85 8.01
N ALA A 119 6.63 0.92 6.68
CA ALA A 119 5.61 0.43 5.77
C ALA A 119 5.99 -0.95 5.23
N ALA A 120 6.48 -1.82 6.10
CA ALA A 120 6.88 -3.17 5.71
C ALA A 120 5.67 -4.08 5.59
N ASN A 121 4.96 -4.28 6.69
CA ASN A 121 3.79 -5.13 6.71
C ASN A 121 2.70 -4.58 5.80
N VAL A 122 2.48 -3.28 5.88
CA VAL A 122 1.47 -2.62 5.06
C VAL A 122 1.73 -2.85 3.57
N SER A 123 2.98 -2.63 3.16
CA SER A 123 3.36 -2.81 1.76
C SER A 123 3.50 -4.29 1.42
N GLU A 124 3.50 -5.13 2.45
CA GLU A 124 3.63 -6.57 2.27
C GLU A 124 2.27 -7.20 1.98
N ALA A 125 1.24 -6.71 2.65
CA ALA A 125 -0.11 -7.22 2.47
C ALA A 125 -0.69 -6.79 1.12
N VAL A 126 -0.46 -5.52 0.77
CA VAL A 126 -0.95 -4.98 -0.48
C VAL A 126 -0.20 -5.57 -1.68
N GLN A 127 1.12 -5.69 -1.53
CA GLN A 127 1.95 -6.24 -2.60
C GLN A 127 1.51 -7.65 -2.97
N ALA A 128 1.49 -8.54 -1.99
CA ALA A 128 1.08 -9.92 -2.21
C ALA A 128 -0.37 -9.99 -2.67
N ALA A 129 -1.19 -9.06 -2.18
CA ALA A 129 -2.60 -9.02 -2.55
C ALA A 129 -2.78 -9.05 -4.06
N CYS A 130 -1.96 -8.28 -4.76
CA CYS A 130 -2.03 -8.22 -6.21
C CYS A 130 -1.93 -9.61 -6.83
N SER A 131 -1.05 -10.43 -6.26
CA SER A 131 -0.85 -11.79 -6.76
C SER A 131 -2.06 -12.67 -6.43
N GLY A 132 -2.47 -12.65 -5.17
CA GLY A 132 -3.61 -13.45 -4.75
C GLY A 132 -3.24 -14.48 -3.70
N PRO A 133 -4.25 -14.98 -2.98
CA PRO A 133 -4.06 -15.98 -1.93
C PRO A 133 -3.67 -17.34 -2.49
N SER A 134 -2.36 -17.57 -2.60
CA SER A 134 -1.86 -18.84 -3.13
C SER A 134 -1.65 -19.85 -2.01
N SER A 135 -1.43 -21.11 -2.39
CA SER A 135 -1.22 -22.18 -1.42
C SER A 135 0.25 -22.54 -1.32
N GLY A 136 0.68 -22.93 -0.12
CA GLY A 136 2.06 -23.31 0.08
C GLY A 136 2.46 -24.51 -0.74
N ILE A 137 3.75 -24.58 -1.11
CA ILE A 137 4.26 -25.70 -1.90
C ILE A 137 4.08 -27.02 -1.17
N GLU A 138 3.27 -27.90 -1.76
CA GLU A 138 3.01 -29.21 -1.17
C GLU A 138 4.26 -29.74 -0.46
N GLY A 139 4.20 -29.83 0.85
CA GLY A 139 5.33 -30.32 1.62
C GLY A 139 4.92 -31.32 2.68
N ARG A 140 5.26 -32.59 2.47
CA ARG A 140 4.91 -33.63 3.42
C ARG A 140 6.11 -33.98 4.31
N GLY A 141 6.27 -33.24 5.39
CA GLY A 141 7.38 -33.48 6.31
C GLY A 141 7.13 -34.65 7.22
N SER A 142 8.14 -35.48 7.43
CA SER A 142 8.02 -36.65 8.30
C SER A 142 9.22 -36.76 9.23
N SER A 143 9.05 -37.50 10.32
CA SER A 143 10.11 -37.69 11.29
C SER A 143 11.19 -38.61 10.75
N GLY A 144 10.78 -39.73 10.18
CA GLY A 144 11.72 -40.69 9.63
C GLY A 144 12.99 -40.77 10.44
N SER A 145 14.14 -40.67 9.77
CA SER A 145 15.43 -40.74 10.43
C SER A 145 15.82 -39.39 11.02
N SER A 146 16.87 -39.38 11.85
CA SER A 146 17.33 -38.16 12.47
C SER A 146 18.59 -37.64 11.80
N GLY A 147 18.77 -36.33 11.80
CA GLY A 147 19.94 -35.73 11.18
C GLY A 147 19.65 -34.37 10.58
N SER A 148 19.16 -33.45 11.41
CA SER A 148 18.84 -32.11 10.97
C SER A 148 19.27 -31.07 11.99
N SER A 149 20.16 -30.18 11.59
CA SER A 149 20.67 -29.14 12.48
C SER A 149 21.26 -27.98 11.69
N GLY A 150 21.57 -26.89 12.38
CA GLY A 150 22.13 -25.72 11.72
C GLY A 150 21.54 -24.42 12.24
N SER A 151 22.40 -23.58 12.81
CA SER A 151 21.95 -22.30 13.36
C SER A 151 23.01 -21.21 13.12
N SER A 152 22.57 -19.96 13.10
CA SER A 152 23.47 -18.84 12.88
C SER A 152 23.19 -17.72 13.87
N GLY A 153 24.21 -17.36 14.65
CA GLY A 153 24.06 -16.30 15.64
C GLY A 153 24.96 -15.12 15.35
N ASP A 154 24.76 -14.48 14.21
CA ASP A 154 25.55 -13.32 13.82
C ASP A 154 24.68 -12.23 13.22
N ALA A 155 25.25 -11.03 13.09
CA ALA A 155 24.52 -9.90 12.53
C ALA A 155 24.07 -10.20 11.11
N ALA A 156 22.84 -9.78 10.78
CA ALA A 156 22.29 -10.00 9.44
C ALA A 156 21.08 -9.11 9.20
N VAL A 157 21.25 -8.10 8.36
CA VAL A 157 20.17 -7.18 8.03
C VAL A 157 18.86 -7.93 7.82
N THR A 158 17.80 -7.46 8.48
CA THR A 158 16.49 -8.08 8.35
C THR A 158 15.93 -7.91 6.95
N PRO A 159 15.24 -8.95 6.45
CA PRO A 159 14.64 -8.93 5.12
C PRO A 159 13.45 -7.98 5.03
N GLU A 160 13.15 -7.30 6.13
CA GLU A 160 12.04 -6.36 6.17
C GLU A 160 12.43 -5.02 5.55
N GLU A 161 13.53 -4.45 6.05
CA GLU A 161 14.01 -3.17 5.54
C GLU A 161 14.39 -3.27 4.08
N ARG A 162 14.94 -4.41 3.69
CA ARG A 162 15.35 -4.63 2.31
C ARG A 162 14.15 -4.53 1.37
N HIS A 163 12.98 -4.93 1.85
CA HIS A 163 11.76 -4.88 1.04
C HIS A 163 11.42 -3.44 0.67
N LEU A 164 11.03 -2.65 1.65
CA LEU A 164 10.67 -1.25 1.42
C LEU A 164 11.65 -0.60 0.44
N SER A 165 12.94 -0.87 0.64
CA SER A 165 13.96 -0.30 -0.23
C SER A 165 13.60 -0.49 -1.70
N LYS A 166 13.11 -1.69 -2.03
CA LYS A 166 12.71 -2.00 -3.40
C LYS A 166 11.53 -1.13 -3.83
N MET A 167 10.60 -0.91 -2.93
CA MET A 167 9.42 -0.09 -3.21
C MET A 167 9.81 1.33 -3.56
N GLN A 168 10.86 1.83 -2.91
CA GLN A 168 11.34 3.19 -3.14
C GLN A 168 12.33 3.21 -4.29
N GLN A 169 12.85 2.05 -4.65
CA GLN A 169 13.83 1.94 -5.73
C GLN A 169 13.15 2.03 -7.08
N ASN A 170 12.43 0.97 -7.45
CA ASN A 170 11.72 0.93 -8.73
C ASN A 170 10.21 0.99 -8.52
N GLY A 171 9.76 0.46 -7.40
CA GLY A 171 8.34 0.46 -7.10
C GLY A 171 7.62 -0.73 -7.69
N TYR A 172 6.29 -0.70 -7.65
CA TYR A 172 5.48 -1.78 -8.18
C TYR A 172 4.37 -1.26 -9.08
N GLU A 173 4.34 -1.73 -10.32
CA GLU A 173 3.33 -1.31 -11.27
C GLU A 173 2.30 -2.40 -11.51
N ASN A 174 1.11 -2.21 -10.95
CA ASN A 174 0.03 -3.19 -11.08
C ASN A 174 -0.05 -3.72 -12.51
N PRO A 175 0.07 -5.05 -12.66
CA PRO A 175 0.02 -5.70 -13.97
C PRO A 175 -1.38 -5.66 -14.59
N THR A 176 -2.38 -6.06 -13.81
CA THR A 176 -3.76 -6.06 -14.27
C THR A 176 -4.15 -4.70 -14.83
N TYR A 177 -3.71 -3.64 -14.15
CA TYR A 177 -4.02 -2.28 -14.58
C TYR A 177 -2.79 -1.61 -15.18
N LYS A 178 -2.90 -1.21 -16.44
CA LYS A 178 -1.80 -0.54 -17.13
C LYS A 178 -2.33 0.54 -18.08
N PHE A 179 -1.87 1.76 -17.89
CA PHE A 179 -2.28 2.88 -18.73
C PHE A 179 -1.45 2.94 -20.01
N PHE A 180 -0.14 2.92 -19.85
CA PHE A 180 0.77 2.98 -20.98
C PHE A 180 0.45 1.89 -21.99
N GLU A 181 1.13 1.92 -23.14
CA GLU A 181 0.90 0.93 -24.19
C GLU A 181 2.23 0.37 -24.69
N GLN A 182 2.89 -0.43 -23.85
CA GLN A 182 4.18 -1.02 -24.22
C GLN A 182 4.97 -0.09 -25.13
N MET A 183 4.83 1.21 -24.91
CA MET A 183 5.53 2.20 -25.71
C MET A 183 6.85 2.61 -25.05
N GLN A 184 7.87 2.85 -25.86
CA GLN A 184 9.18 3.25 -25.35
C GLN A 184 9.04 4.36 -24.30
N ASN A 185 10.07 4.53 -23.50
CA ASN A 185 10.07 5.55 -22.47
C ASN A 185 10.41 6.92 -23.04
N GLY A 1 -38.81 0.06 4.48
CA GLY A 1 -38.79 1.52 4.45
C GLY A 1 -37.96 2.05 3.29
N SER A 2 -38.08 1.41 2.14
CA SER A 2 -37.34 1.83 0.95
C SER A 2 -38.11 1.47 -0.32
N SER A 3 -37.60 1.93 -1.46
CA SER A 3 -38.24 1.65 -2.74
C SER A 3 -37.42 0.64 -3.55
N GLY A 4 -37.74 -0.64 -3.38
CA GLY A 4 -37.03 -1.67 -4.10
C GLY A 4 -35.57 -1.77 -3.68
N SER A 5 -35.07 -3.01 -3.58
CA SER A 5 -33.68 -3.23 -3.19
C SER A 5 -33.30 -4.70 -3.40
N SER A 6 -32.37 -4.92 -4.32
CA SER A 6 -31.91 -6.27 -4.62
C SER A 6 -30.38 -6.33 -4.68
N GLY A 7 -29.85 -7.54 -4.82
CA GLY A 7 -28.41 -7.70 -4.88
C GLY A 7 -27.98 -9.13 -4.59
N PRO A 8 -26.85 -9.55 -5.18
CA PRO A 8 -26.31 -10.90 -5.01
C PRO A 8 -25.77 -11.12 -3.60
N THR A 9 -25.63 -12.39 -3.22
CA THR A 9 -25.13 -12.75 -1.89
C THR A 9 -23.97 -11.84 -1.50
N PRO A 10 -23.90 -11.51 -0.20
CA PRO A 10 -22.84 -10.65 0.35
C PRO A 10 -21.47 -11.34 0.34
N LYS A 11 -20.71 -11.13 -0.73
CA LYS A 11 -19.39 -11.74 -0.86
C LYS A 11 -18.33 -10.82 -0.26
N THR A 12 -17.81 -11.21 0.91
CA THR A 12 -16.78 -10.42 1.58
C THR A 12 -15.92 -11.30 2.48
N GLU A 13 -14.62 -11.30 2.23
CA GLU A 13 -13.69 -12.10 3.02
C GLU A 13 -13.04 -11.26 4.12
N LEU A 14 -12.71 -11.91 5.23
CA LEU A 14 -12.08 -11.23 6.35
C LEU A 14 -10.96 -10.31 5.88
N VAL A 15 -10.79 -9.18 6.58
CA VAL A 15 -9.75 -8.22 6.24
C VAL A 15 -8.94 -7.83 7.47
N GLN A 16 -7.69 -7.43 7.24
CA GLN A 16 -6.81 -7.03 8.33
C GLN A 16 -6.68 -5.51 8.40
N LYS A 17 -6.80 -4.96 9.61
CA LYS A 17 -6.70 -3.53 9.81
C LYS A 17 -5.35 -3.15 10.40
N PHE A 18 -4.80 -2.02 9.95
CA PHE A 18 -3.50 -1.56 10.44
C PHE A 18 -3.63 -0.16 11.04
N ARG A 19 -2.71 0.17 11.94
CA ARG A 19 -2.71 1.48 12.59
C ARG A 19 -1.83 2.47 11.82
N VAL A 20 -2.46 3.46 11.20
CA VAL A 20 -1.75 4.47 10.44
C VAL A 20 -2.46 5.82 10.51
N GLN A 21 -1.86 6.82 9.88
CA GLN A 21 -2.43 8.17 9.87
C GLN A 21 -2.74 8.61 8.44
N TYR A 22 -3.70 9.54 8.31
CA TYR A 22 -4.09 10.04 7.01
C TYR A 22 -3.54 11.45 6.78
N LEU A 23 -2.68 11.60 5.78
CA LEU A 23 -2.08 12.89 5.46
C LEU A 23 -3.00 13.69 4.55
N GLY A 24 -3.68 13.01 3.63
CA GLY A 24 -4.58 13.68 2.71
C GLY A 24 -4.55 13.06 1.32
N MET A 25 -5.17 13.74 0.37
CA MET A 25 -5.21 13.25 -1.01
C MET A 25 -4.57 14.26 -1.96
N LEU A 26 -3.80 13.75 -2.91
CA LEU A 26 -3.13 14.61 -3.89
C LEU A 26 -3.17 13.98 -5.28
N PRO A 27 -3.81 14.67 -6.22
CA PRO A 27 -3.93 14.21 -7.61
C PRO A 27 -2.60 14.25 -8.35
N VAL A 28 -2.42 13.32 -9.29
CA VAL A 28 -1.20 13.25 -10.07
C VAL A 28 -1.48 13.39 -11.56
N ASP A 29 -0.44 13.29 -12.37
CA ASP A 29 -0.58 13.40 -13.82
C ASP A 29 -0.22 12.09 -14.51
N ARG A 30 0.87 11.48 -14.06
CA ARG A 30 1.34 10.22 -14.63
C ARG A 30 0.91 9.04 -13.77
N PRO A 31 0.52 7.94 -14.43
CA PRO A 31 0.08 6.72 -13.74
C PRO A 31 1.23 6.01 -13.01
N VAL A 32 2.45 6.36 -13.38
CA VAL A 32 3.63 5.76 -12.77
C VAL A 32 4.75 6.79 -12.62
N GLY A 33 5.85 6.36 -12.00
CA GLY A 33 6.98 7.26 -11.80
C GLY A 33 7.14 7.68 -10.36
N MET A 34 8.14 7.14 -9.69
CA MET A 34 8.40 7.47 -8.29
C MET A 34 8.49 8.98 -8.09
N ASP A 35 9.02 9.67 -9.10
CA ASP A 35 9.16 11.12 -9.03
C ASP A 35 7.79 11.80 -8.96
N THR A 36 6.80 11.18 -9.59
CA THR A 36 5.44 11.72 -9.58
C THR A 36 4.72 11.40 -8.28
N LEU A 37 4.83 10.15 -7.84
CA LEU A 37 4.18 9.71 -6.61
C LEU A 37 4.71 10.50 -5.41
N ASN A 38 6.04 10.62 -5.32
CA ASN A 38 6.66 11.35 -4.23
C ASN A 38 6.23 12.81 -4.23
N SER A 39 6.03 13.36 -5.42
CA SER A 39 5.61 14.76 -5.56
C SER A 39 4.24 14.98 -4.93
N ALA A 40 3.51 13.89 -4.70
CA ALA A 40 2.20 13.96 -4.10
C ALA A 40 2.27 13.84 -2.59
N ILE A 41 3.33 13.20 -2.10
CA ILE A 41 3.52 13.02 -0.67
C ILE A 41 3.87 14.34 0.01
N GLU A 42 4.96 14.96 -0.43
CA GLU A 42 5.39 16.23 0.13
C GLU A 42 4.29 17.27 0.06
N ASN A 43 3.65 17.37 -1.10
CA ASN A 43 2.57 18.33 -1.30
C ASN A 43 1.66 18.40 -0.08
N LEU A 44 1.30 17.23 0.45
CA LEU A 44 0.44 17.16 1.62
C LEU A 44 1.24 17.40 2.90
N MET A 45 2.26 16.57 3.12
CA MET A 45 3.10 16.69 4.30
C MET A 45 3.38 18.17 4.62
N THR A 46 3.43 18.99 3.59
CA THR A 46 3.69 20.42 3.75
C THR A 46 2.44 21.14 4.25
N SER A 47 1.29 20.81 3.66
CA SER A 47 0.03 21.43 4.04
C SER A 47 -0.30 21.14 5.49
N SER A 48 -0.38 19.86 5.84
CA SER A 48 -0.70 19.45 7.21
C SER A 48 0.55 18.91 7.91
N SER A 49 0.51 18.93 9.24
CA SER A 49 1.64 18.46 10.04
C SER A 49 1.42 17.00 10.46
N LYS A 50 2.40 16.44 11.15
CA LYS A 50 2.32 15.06 11.62
C LYS A 50 1.18 14.90 12.62
N GLU A 51 1.01 15.89 13.48
CA GLU A 51 -0.06 15.85 14.49
C GLU A 51 -1.41 16.16 13.85
N ASP A 52 -1.40 16.90 12.75
CA ASP A 52 -2.62 17.27 12.04
C ASP A 52 -3.24 16.05 11.37
N TRP A 53 -2.42 15.02 11.15
CA TRP A 53 -2.90 13.80 10.52
C TRP A 53 -3.66 12.93 11.51
N PRO A 54 -4.97 12.75 11.25
CA PRO A 54 -5.84 11.94 12.11
C PRO A 54 -5.52 10.45 12.02
N SER A 55 -5.74 9.73 13.11
CA SER A 55 -5.48 8.30 13.16
C SER A 55 -6.60 7.52 12.48
N VAL A 56 -6.22 6.65 11.54
CA VAL A 56 -7.20 5.83 10.82
C VAL A 56 -6.73 4.39 10.71
N ASN A 57 -7.69 3.48 10.56
CA ASN A 57 -7.38 2.06 10.44
C ASN A 57 -7.34 1.63 8.96
N MET A 58 -6.18 1.21 8.50
CA MET A 58 -6.01 0.77 7.13
C MET A 58 -6.41 -0.69 6.97
N ASN A 59 -7.48 -0.93 6.21
CA ASN A 59 -7.96 -2.29 5.98
C ASN A 59 -7.47 -2.83 4.64
N VAL A 60 -6.65 -3.88 4.70
CA VAL A 60 -6.11 -4.50 3.49
C VAL A 60 -6.66 -5.90 3.29
N ALA A 61 -7.65 -6.02 2.41
CA ALA A 61 -8.26 -7.31 2.12
C ALA A 61 -7.41 -8.13 1.16
N ASP A 62 -7.92 -9.28 0.75
CA ASP A 62 -7.20 -10.16 -0.17
C ASP A 62 -6.73 -9.37 -1.39
N ALA A 63 -7.68 -8.83 -2.15
CA ALA A 63 -7.36 -8.06 -3.34
C ALA A 63 -8.03 -6.69 -3.31
N THR A 64 -8.19 -6.14 -2.12
CA THR A 64 -8.83 -4.84 -1.96
C THR A 64 -8.27 -4.11 -0.75
N VAL A 65 -8.38 -2.78 -0.76
CA VAL A 65 -7.89 -1.95 0.33
C VAL A 65 -8.89 -0.86 0.69
N THR A 66 -9.44 -0.94 1.89
CA THR A 66 -10.41 0.05 2.36
C THR A 66 -9.85 0.85 3.53
N VAL A 67 -10.26 2.11 3.62
CA VAL A 67 -9.81 2.98 4.70
C VAL A 67 -10.95 3.27 5.68
N ILE A 68 -10.82 2.71 6.89
CA ILE A 68 -11.84 2.91 7.92
C ILE A 68 -11.33 3.85 9.01
N SER A 69 -12.20 4.78 9.43
CA SER A 69 -11.85 5.73 10.47
C SER A 69 -11.56 5.04 11.79
N GLU A 70 -10.60 5.57 12.54
CA GLU A 70 -10.22 4.99 13.81
C GLU A 70 -11.40 4.98 14.78
N LYS A 71 -12.19 6.05 14.74
CA LYS A 71 -13.36 6.17 15.61
C LYS A 71 -14.48 5.24 15.16
N ASN A 72 -15.12 5.59 14.05
CA ASN A 72 -16.20 4.78 13.51
C ASN A 72 -15.67 3.52 12.84
N GLU A 73 -16.56 2.59 12.51
CA GLU A 73 -16.17 1.34 11.86
C GLU A 73 -16.73 1.28 10.44
N GLU A 74 -17.94 1.77 10.27
CA GLU A 74 -18.59 1.77 8.97
C GLU A 74 -18.25 3.03 8.19
N GLU A 75 -17.32 3.82 8.71
CA GLU A 75 -16.91 5.06 8.07
C GLU A 75 -15.79 4.81 7.06
N VAL A 76 -16.17 4.51 5.82
CA VAL A 76 -15.19 4.23 4.77
C VAL A 76 -14.62 5.53 4.21
N LEU A 77 -13.47 5.94 4.73
CA LEU A 77 -12.82 7.16 4.27
C LEU A 77 -12.43 7.07 2.80
N VAL A 78 -11.95 5.90 2.40
CA VAL A 78 -11.55 5.67 1.02
C VAL A 78 -11.66 4.19 0.65
N GLU A 79 -11.88 3.92 -0.63
CA GLU A 79 -12.00 2.55 -1.12
C GLU A 79 -11.15 2.34 -2.36
N CYS A 80 -10.02 1.65 -2.18
CA CYS A 80 -9.11 1.37 -3.28
C CYS A 80 -9.04 -0.12 -3.57
N ARG A 81 -9.10 -0.48 -4.86
CA ARG A 81 -9.06 -1.87 -5.26
C ARG A 81 -7.80 -2.16 -6.09
N VAL A 82 -7.17 -3.30 -5.82
CA VAL A 82 -5.97 -3.68 -6.54
C VAL A 82 -6.11 -3.43 -8.03
N ARG A 83 -7.30 -3.67 -8.56
CA ARG A 83 -7.56 -3.47 -9.97
C ARG A 83 -7.44 -1.99 -10.35
N PHE A 84 -7.84 -1.12 -9.43
CA PHE A 84 -7.77 0.32 -9.66
C PHE A 84 -6.39 0.86 -9.33
N LEU A 85 -5.61 0.07 -8.60
CA LEU A 85 -4.26 0.47 -8.20
C LEU A 85 -3.34 0.53 -9.42
N SER A 86 -3.08 1.74 -9.90
CA SER A 86 -2.22 1.94 -11.06
C SER A 86 -0.77 1.63 -10.71
N PHE A 87 -0.23 2.36 -9.74
CA PHE A 87 1.15 2.16 -9.31
C PHE A 87 1.33 2.59 -7.86
N MET A 88 1.98 1.74 -7.07
CA MET A 88 2.23 2.03 -5.66
C MET A 88 3.71 2.27 -5.41
N GLY A 89 4.03 2.81 -4.23
CA GLY A 89 5.41 3.07 -3.89
C GLY A 89 5.56 3.67 -2.50
N VAL A 90 6.78 4.03 -2.14
CA VAL A 90 7.06 4.61 -0.83
C VAL A 90 7.91 5.87 -0.95
N GLY A 91 7.63 6.84 -0.08
CA GLY A 91 8.39 8.09 -0.11
C GLY A 91 9.83 7.90 0.29
N LYS A 92 10.54 9.01 0.46
CA LYS A 92 11.95 8.97 0.85
C LYS A 92 12.12 8.27 2.19
N ASP A 93 11.02 8.11 2.91
CA ASP A 93 11.05 7.46 4.22
C ASP A 93 10.25 6.16 4.19
N VAL A 94 10.59 5.24 5.09
CA VAL A 94 9.90 3.96 5.18
C VAL A 94 8.69 4.05 6.10
N HIS A 95 8.54 5.19 6.76
CA HIS A 95 7.43 5.41 7.68
C HIS A 95 6.21 5.95 6.93
N THR A 96 6.31 6.00 5.60
CA THR A 96 5.22 6.49 4.78
C THR A 96 4.79 5.46 3.74
N PHE A 97 3.60 5.65 3.18
CA PHE A 97 3.07 4.72 2.19
C PHE A 97 2.05 5.42 1.29
N ALA A 98 2.39 5.56 0.01
CA ALA A 98 1.50 6.21 -0.95
C ALA A 98 1.25 5.30 -2.15
N PHE A 99 -0.01 5.18 -2.55
CA PHE A 99 -0.38 4.35 -3.68
C PHE A 99 -1.26 5.13 -4.67
N ILE A 100 -1.08 4.86 -5.96
CA ILE A 100 -1.85 5.54 -6.99
C ILE A 100 -3.01 4.67 -7.47
N MET A 101 -4.21 5.24 -7.45
CA MET A 101 -5.40 4.52 -7.89
C MET A 101 -6.15 5.31 -8.95
N ASP A 102 -7.10 4.65 -9.61
CA ASP A 102 -7.89 5.29 -10.65
C ASP A 102 -9.36 5.36 -10.26
N THR A 103 -9.85 6.57 -10.03
CA THR A 103 -11.24 6.78 -9.64
C THR A 103 -12.10 7.14 -10.84
N GLY A 104 -11.62 8.06 -11.66
CA GLY A 104 -12.35 8.48 -12.84
C GLY A 104 -11.48 8.61 -14.07
N ASN A 105 -11.57 9.74 -14.74
CA ASN A 105 -10.77 9.99 -15.94
C ASN A 105 -9.28 9.82 -15.65
N GLN A 106 -8.45 10.12 -16.64
CA GLN A 106 -7.00 10.01 -16.49
C GLN A 106 -6.56 10.55 -15.14
N ARG A 107 -7.37 11.42 -14.56
CA ARG A 107 -7.05 12.01 -13.26
C ARG A 107 -7.02 10.95 -12.17
N PHE A 108 -5.82 10.59 -11.74
CA PHE A 108 -5.65 9.58 -10.69
C PHE A 108 -5.44 10.23 -9.33
N GLU A 109 -5.92 9.56 -8.29
CA GLU A 109 -5.79 10.08 -6.93
C GLU A 109 -4.75 9.29 -6.14
N CYS A 110 -3.77 10.00 -5.58
CA CYS A 110 -2.71 9.37 -4.81
C CYS A 110 -2.89 9.63 -3.32
N HIS A 111 -3.26 8.59 -2.58
CA HIS A 111 -3.47 8.71 -1.14
C HIS A 111 -2.22 8.29 -0.37
N VAL A 112 -1.89 9.05 0.67
CA VAL A 112 -0.72 8.75 1.49
C VAL A 112 -1.11 8.38 2.91
N PHE A 113 -0.38 7.45 3.50
CA PHE A 113 -0.65 7.01 4.87
C PHE A 113 0.64 6.77 5.64
N TRP A 114 0.71 7.32 6.84
CA TRP A 114 1.90 7.17 7.68
C TRP A 114 1.79 5.93 8.55
N CYS A 115 2.76 5.02 8.41
CA CYS A 115 2.77 3.79 9.19
C CYS A 115 3.66 3.93 10.41
N GLU A 116 3.67 2.90 11.25
CA GLU A 116 4.49 2.91 12.46
C GLU A 116 4.73 1.49 12.96
N PRO A 117 6.01 1.15 13.16
CA PRO A 117 7.13 2.07 12.93
C PRO A 117 7.33 2.35 11.44
N ASN A 118 7.40 1.29 10.65
CA ASN A 118 7.61 1.42 9.21
C ASN A 118 6.37 0.95 8.45
N ALA A 119 6.41 1.07 7.13
CA ALA A 119 5.31 0.66 6.27
C ALA A 119 5.56 -0.73 5.68
N ALA A 120 6.27 -1.57 6.43
CA ALA A 120 6.58 -2.91 5.98
C ALA A 120 5.32 -3.76 5.89
N ASN A 121 4.79 -4.14 7.05
CA ASN A 121 3.58 -4.96 7.11
C ASN A 121 2.51 -4.42 6.17
N VAL A 122 2.34 -3.10 6.16
CA VAL A 122 1.36 -2.46 5.31
C VAL A 122 1.65 -2.73 3.84
N SER A 123 2.76 -2.21 3.35
CA SER A 123 3.15 -2.39 1.96
C SER A 123 3.31 -3.88 1.63
N GLU A 124 3.49 -4.68 2.67
CA GLU A 124 3.65 -6.12 2.49
C GLU A 124 2.32 -6.79 2.15
N ALA A 125 1.24 -6.28 2.76
CA ALA A 125 -0.09 -6.82 2.52
C ALA A 125 -0.55 -6.55 1.09
N VAL A 126 -0.43 -5.30 0.67
CA VAL A 126 -0.83 -4.91 -0.68
C VAL A 126 0.01 -5.63 -1.73
N GLN A 127 1.30 -5.74 -1.48
CA GLN A 127 2.21 -6.40 -2.41
C GLN A 127 1.67 -7.78 -2.80
N ALA A 128 1.32 -8.58 -1.80
CA ALA A 128 0.79 -9.91 -2.03
C ALA A 128 -0.66 -9.86 -2.52
N ALA A 129 -1.38 -8.81 -2.11
CA ALA A 129 -2.76 -8.64 -2.51
C ALA A 129 -2.94 -8.86 -4.01
N CYS A 130 -2.04 -8.28 -4.80
CA CYS A 130 -2.09 -8.41 -6.25
C CYS A 130 -2.18 -9.87 -6.65
N SER A 131 -1.17 -10.65 -6.28
CA SER A 131 -1.12 -12.07 -6.61
C SER A 131 -1.46 -12.92 -5.39
N GLY A 132 -2.48 -12.50 -4.65
CA GLY A 132 -2.90 -13.24 -3.47
C GLY A 132 -3.53 -14.57 -3.81
N PRO A 133 -4.74 -14.53 -4.39
CA PRO A 133 -5.48 -15.73 -4.78
C PRO A 133 -4.83 -16.46 -5.96
N SER A 134 -4.34 -17.66 -5.70
CA SER A 134 -3.69 -18.46 -6.74
C SER A 134 -3.69 -19.94 -6.36
N SER A 135 -3.50 -20.79 -7.36
CA SER A 135 -3.47 -22.23 -7.14
C SER A 135 -2.15 -22.83 -7.61
N GLY A 136 -1.73 -23.92 -6.97
CA GLY A 136 -0.49 -24.57 -7.35
C GLY A 136 0.67 -24.14 -6.47
N ILE A 137 1.34 -25.12 -5.86
CA ILE A 137 2.48 -24.84 -4.99
C ILE A 137 3.78 -25.30 -5.63
N GLU A 138 4.72 -24.38 -5.77
CA GLU A 138 6.02 -24.69 -6.36
C GLU A 138 7.13 -23.87 -5.72
N GLY A 139 8.36 -24.37 -5.82
CA GLY A 139 9.50 -23.66 -5.24
C GLY A 139 9.99 -24.31 -3.96
N ARG A 140 10.82 -25.35 -4.10
CA ARG A 140 11.36 -26.05 -2.94
C ARG A 140 11.88 -25.07 -1.90
N GLY A 141 12.78 -24.18 -2.33
CA GLY A 141 13.34 -23.20 -1.43
C GLY A 141 14.58 -23.73 -0.71
N SER A 142 15.76 -23.39 -1.23
CA SER A 142 17.01 -23.83 -0.64
C SER A 142 18.07 -22.74 -0.73
N SER A 143 18.68 -22.43 0.40
CA SER A 143 19.72 -21.40 0.46
C SER A 143 21.09 -22.02 0.71
N GLY A 144 21.13 -23.01 1.59
CA GLY A 144 22.38 -23.67 1.91
C GLY A 144 22.92 -23.25 3.27
N SER A 145 24.12 -23.72 3.59
CA SER A 145 24.75 -23.41 4.87
C SER A 145 23.90 -23.91 6.04
N SER A 146 23.41 -25.14 5.90
CA SER A 146 22.58 -25.75 6.94
C SER A 146 23.23 -27.02 7.48
N GLY A 147 24.11 -26.85 8.46
CA GLY A 147 24.78 -27.99 9.05
C GLY A 147 25.78 -27.59 10.13
N SER A 148 26.76 -28.45 10.38
CA SER A 148 27.77 -28.17 11.39
C SER A 148 28.45 -26.83 11.13
N SER A 149 28.18 -25.86 11.99
CA SER A 149 28.76 -24.53 11.86
C SER A 149 28.52 -23.71 13.12
N GLY A 150 29.12 -22.51 13.15
CA GLY A 150 28.96 -21.65 14.30
C GLY A 150 30.14 -20.71 14.49
N SER A 151 30.10 -19.57 13.81
CA SER A 151 31.17 -18.59 13.89
C SER A 151 30.66 -17.26 14.45
N SER A 152 31.44 -16.67 15.35
CA SER A 152 31.05 -15.40 15.96
C SER A 152 30.75 -14.35 14.89
N GLY A 153 29.71 -13.55 15.14
CA GLY A 153 29.33 -12.52 14.20
C GLY A 153 28.38 -13.04 13.13
N ASP A 154 27.16 -13.36 13.53
CA ASP A 154 26.17 -13.87 12.59
C ASP A 154 25.27 -12.74 12.07
N ALA A 155 25.56 -12.27 10.86
CA ALA A 155 24.80 -11.19 10.26
C ALA A 155 23.96 -11.70 9.09
N ALA A 156 22.90 -10.99 8.78
CA ALA A 156 22.01 -11.37 7.67
C ALA A 156 20.94 -10.31 7.44
N VAL A 157 20.99 -9.66 6.29
CA VAL A 157 20.02 -8.63 5.95
C VAL A 157 18.60 -9.09 6.24
N THR A 158 17.79 -8.19 6.80
CA THR A 158 16.41 -8.51 7.13
C THR A 158 15.52 -8.49 5.88
N PRO A 159 14.59 -9.45 5.81
CA PRO A 159 13.67 -9.57 4.68
C PRO A 159 12.64 -8.44 4.64
N GLU A 160 12.72 -7.54 5.62
CA GLU A 160 11.81 -6.41 5.70
C GLU A 160 12.35 -5.21 4.92
N GLU A 161 13.66 -5.02 4.99
CA GLU A 161 14.30 -3.92 4.29
C GLU A 161 14.27 -4.14 2.78
N ARG A 162 14.84 -5.26 2.33
CA ARG A 162 14.87 -5.59 0.92
C ARG A 162 13.59 -5.16 0.22
N HIS A 163 12.46 -5.32 0.91
CA HIS A 163 11.17 -4.96 0.36
C HIS A 163 10.93 -3.45 0.49
N LEU A 164 10.85 -2.97 1.73
CA LEU A 164 10.63 -1.55 1.97
C LEU A 164 11.35 -0.69 0.94
N SER A 165 12.60 -1.06 0.64
CA SER A 165 13.40 -0.32 -0.33
C SER A 165 12.87 -0.53 -1.74
N LYS A 166 12.66 -1.79 -2.11
CA LYS A 166 12.15 -2.13 -3.42
C LYS A 166 10.94 -1.27 -3.79
N MET A 167 10.22 -0.82 -2.75
CA MET A 167 9.04 0.00 -2.96
C MET A 167 9.42 1.41 -3.36
N GLN A 168 10.31 2.03 -2.58
CA GLN A 168 10.77 3.38 -2.86
C GLN A 168 11.82 3.39 -3.96
N GLN A 169 12.27 2.21 -4.34
CA GLN A 169 13.28 2.07 -5.39
C GLN A 169 12.66 2.17 -6.78
N ASN A 170 11.80 1.21 -7.10
CA ASN A 170 11.12 1.18 -8.39
C ASN A 170 9.61 1.10 -8.22
N GLY A 171 9.17 0.53 -7.09
CA GLY A 171 7.76 0.40 -6.82
C GLY A 171 7.16 -0.83 -7.47
N TYR A 172 5.84 -0.94 -7.40
CA TYR A 172 5.14 -2.08 -7.98
C TYR A 172 4.12 -1.62 -9.01
N GLU A 173 4.54 -1.54 -10.27
CA GLU A 173 3.67 -1.12 -11.35
C GLU A 173 2.61 -2.17 -11.64
N ASN A 174 1.35 -1.81 -11.41
CA ASN A 174 0.24 -2.73 -11.64
C ASN A 174 0.22 -3.21 -13.09
N PRO A 175 0.54 -4.50 -13.29
CA PRO A 175 0.57 -5.10 -14.63
C PRO A 175 -0.83 -5.26 -15.23
N THR A 176 -1.84 -5.23 -14.36
CA THR A 176 -3.22 -5.37 -14.80
C THR A 176 -3.76 -4.05 -15.35
N TYR A 177 -3.15 -2.95 -14.93
CA TYR A 177 -3.57 -1.63 -15.38
C TYR A 177 -2.64 -1.10 -16.46
N LYS A 178 -2.81 -1.60 -17.69
CA LYS A 178 -1.98 -1.18 -18.81
C LYS A 178 -2.76 -0.26 -19.74
N PHE A 179 -2.87 1.01 -19.35
CA PHE A 179 -3.59 2.00 -20.15
C PHE A 179 -2.64 2.71 -21.11
N PHE A 180 -1.40 2.91 -20.67
CA PHE A 180 -0.40 3.59 -21.48
C PHE A 180 0.02 2.72 -22.65
N GLU A 181 0.93 3.25 -23.48
CA GLU A 181 1.42 2.52 -24.64
C GLU A 181 2.95 2.55 -24.70
N GLN A 182 3.58 1.87 -23.74
CA GLN A 182 5.03 1.81 -23.69
C GLN A 182 5.54 0.43 -24.09
N MET A 183 4.99 -0.60 -23.47
CA MET A 183 5.38 -1.98 -23.75
C MET A 183 5.30 -2.26 -25.25
N GLN A 184 6.18 -3.12 -25.74
CA GLN A 184 6.20 -3.49 -27.15
C GLN A 184 5.81 -4.95 -27.35
N ASN A 185 5.43 -5.30 -28.58
CA ASN A 185 5.03 -6.66 -28.90
C ASN A 185 6.16 -7.64 -28.60
N GLY A 1 -27.24 7.35 5.99
CA GLY A 1 -26.94 7.16 4.58
C GLY A 1 -28.18 7.30 3.72
N SER A 2 -27.98 7.71 2.47
CA SER A 2 -29.09 7.89 1.53
C SER A 2 -28.57 8.24 0.13
N SER A 3 -29.44 8.09 -0.86
CA SER A 3 -29.08 8.39 -2.24
C SER A 3 -27.66 7.91 -2.54
N GLY A 4 -27.34 6.70 -2.06
CA GLY A 4 -26.02 6.15 -2.29
C GLY A 4 -26.07 4.75 -2.88
N SER A 5 -24.93 4.08 -2.92
CA SER A 5 -24.85 2.73 -3.47
C SER A 5 -25.07 1.68 -2.38
N SER A 6 -26.17 0.94 -2.49
CA SER A 6 -26.51 -0.08 -1.51
C SER A 6 -27.43 -1.14 -2.12
N GLY A 7 -26.95 -2.39 -2.16
CA GLY A 7 -27.73 -3.47 -2.72
C GLY A 7 -27.04 -4.81 -2.61
N PRO A 8 -26.36 -5.21 -3.68
CA PRO A 8 -25.63 -6.47 -3.74
C PRO A 8 -24.39 -6.48 -2.83
N THR A 9 -24.37 -7.43 -1.89
CA THR A 9 -23.25 -7.53 -0.96
C THR A 9 -22.74 -8.96 -0.89
N PRO A 10 -21.44 -9.15 -1.20
CA PRO A 10 -20.80 -10.47 -1.18
C PRO A 10 -20.63 -11.01 0.24
N LYS A 11 -19.91 -12.12 0.36
CA LYS A 11 -19.68 -12.73 1.66
C LYS A 11 -18.74 -11.88 2.52
N THR A 12 -18.96 -11.89 3.82
CA THR A 12 -18.14 -11.12 4.74
C THR A 12 -16.80 -11.79 4.99
N GLU A 13 -15.80 -11.45 4.18
CA GLU A 13 -14.47 -12.02 4.30
C GLU A 13 -13.67 -11.31 5.39
N LEU A 14 -12.71 -12.01 5.97
CA LEU A 14 -11.87 -11.44 7.02
C LEU A 14 -10.77 -10.56 6.43
N VAL A 15 -10.82 -9.28 6.77
CA VAL A 15 -9.83 -8.32 6.29
C VAL A 15 -8.88 -7.89 7.39
N GLN A 16 -7.68 -7.49 7.02
CA GLN A 16 -6.68 -7.05 7.99
C GLN A 16 -6.67 -5.53 8.10
N LYS A 17 -6.62 -5.04 9.33
CA LYS A 17 -6.60 -3.60 9.58
C LYS A 17 -5.27 -3.17 10.19
N PHE A 18 -4.76 -2.03 9.74
CA PHE A 18 -3.50 -1.51 10.23
C PHE A 18 -3.68 -0.12 10.84
N ARG A 19 -2.77 0.26 11.74
CA ARG A 19 -2.84 1.55 12.39
C ARG A 19 -1.92 2.56 11.70
N VAL A 20 -2.53 3.51 10.99
CA VAL A 20 -1.76 4.53 10.28
C VAL A 20 -2.48 5.87 10.31
N GLN A 21 -1.81 6.91 9.82
CA GLN A 21 -2.38 8.25 9.79
C GLN A 21 -2.75 8.66 8.36
N TYR A 22 -3.65 9.61 8.25
CA TYR A 22 -4.09 10.10 6.93
C TYR A 22 -3.58 11.51 6.67
N LEU A 23 -2.59 11.63 5.80
CA LEU A 23 -2.01 12.92 5.47
C LEU A 23 -2.96 13.72 4.60
N GLY A 24 -3.65 13.03 3.69
CA GLY A 24 -4.60 13.71 2.81
C GLY A 24 -4.58 13.12 1.41
N MET A 25 -5.32 13.74 0.50
CA MET A 25 -5.41 13.28 -0.88
C MET A 25 -4.66 14.23 -1.82
N LEU A 26 -3.95 13.65 -2.79
CA LEU A 26 -3.19 14.44 -3.74
C LEU A 26 -3.16 13.76 -5.11
N PRO A 27 -3.73 14.44 -6.12
CA PRO A 27 -3.79 13.92 -7.49
C PRO A 27 -2.42 13.90 -8.15
N VAL A 28 -2.20 12.90 -9.01
CA VAL A 28 -0.93 12.76 -9.72
C VAL A 28 -1.09 13.07 -11.20
N ASP A 29 0.01 13.45 -11.84
CA ASP A 29 0.00 13.77 -13.27
C ASP A 29 0.05 12.49 -14.11
N ARG A 30 0.77 11.49 -13.62
CA ARG A 30 0.90 10.23 -14.32
C ARG A 30 0.58 9.05 -13.41
N PRO A 31 0.07 7.95 -13.99
CA PRO A 31 -0.28 6.75 -13.24
C PRO A 31 0.94 6.02 -12.72
N VAL A 32 2.12 6.36 -13.25
CA VAL A 32 3.36 5.74 -12.82
C VAL A 32 4.50 6.75 -12.79
N GLY A 33 5.49 6.48 -11.95
CA GLY A 33 6.63 7.38 -11.85
C GLY A 33 6.94 7.75 -10.41
N MET A 34 7.88 7.04 -9.80
CA MET A 34 8.27 7.30 -8.42
C MET A 34 8.40 8.80 -8.17
N ASP A 35 8.99 9.50 -9.12
CA ASP A 35 9.18 10.94 -9.01
C ASP A 35 7.85 11.66 -8.77
N THR A 36 6.82 11.22 -9.49
CA THR A 36 5.49 11.82 -9.35
C THR A 36 4.84 11.40 -8.04
N LEU A 37 4.96 10.13 -7.70
CA LEU A 37 4.38 9.61 -6.46
C LEU A 37 4.88 10.39 -5.26
N ASN A 38 6.18 10.67 -5.23
CA ASN A 38 6.78 11.42 -4.13
C ASN A 38 6.34 12.87 -4.17
N SER A 39 6.31 13.46 -5.36
CA SER A 39 5.91 14.84 -5.53
C SER A 39 4.55 15.11 -4.90
N ALA A 40 3.80 14.03 -4.66
CA ALA A 40 2.49 14.14 -4.06
C ALA A 40 2.57 14.09 -2.54
N ILE A 41 3.45 13.24 -2.02
CA ILE A 41 3.62 13.10 -0.58
C ILE A 41 3.88 14.45 0.08
N GLU A 42 4.88 15.17 -0.42
CA GLU A 42 5.23 16.47 0.12
C GLU A 42 4.03 17.42 0.05
N ASN A 43 3.42 17.52 -1.12
CA ASN A 43 2.27 18.38 -1.31
C ASN A 43 1.33 18.34 -0.11
N LEU A 44 1.24 17.16 0.50
CA LEU A 44 0.39 16.97 1.67
C LEU A 44 1.15 17.25 2.96
N MET A 45 2.28 16.55 3.13
CA MET A 45 3.11 16.72 4.32
C MET A 45 3.26 18.20 4.67
N THR A 46 3.53 19.02 3.65
CA THR A 46 3.69 20.45 3.86
C THR A 46 2.37 21.12 4.22
N SER A 47 1.33 20.79 3.46
CA SER A 47 0.00 21.36 3.69
C SER A 47 -0.33 21.35 5.19
N SER A 48 -0.52 20.16 5.73
CA SER A 48 -0.86 20.00 7.15
C SER A 48 0.34 19.48 7.93
N SER A 49 0.17 19.38 9.24
CA SER A 49 1.24 18.90 10.12
C SER A 49 1.13 17.39 10.34
N LYS A 50 2.20 16.79 10.85
CA LYS A 50 2.21 15.36 11.11
C LYS A 50 1.23 15.00 12.22
N GLU A 51 0.82 16.00 12.99
CA GLU A 51 -0.12 15.77 14.08
C GLU A 51 -1.56 16.03 13.62
N ASP A 52 -1.70 16.79 12.54
CA ASP A 52 -3.02 17.10 11.99
C ASP A 52 -3.66 15.85 11.39
N TRP A 53 -2.84 14.97 10.85
CA TRP A 53 -3.33 13.74 10.23
C TRP A 53 -4.05 12.87 11.27
N PRO A 54 -5.37 12.71 11.08
CA PRO A 54 -6.19 11.90 11.99
C PRO A 54 -5.90 10.41 11.87
N SER A 55 -5.69 9.76 13.01
CA SER A 55 -5.39 8.33 13.03
C SER A 55 -6.57 7.52 12.51
N VAL A 56 -6.29 6.64 11.56
CA VAL A 56 -7.33 5.80 10.97
C VAL A 56 -6.83 4.38 10.75
N ASN A 57 -7.76 3.45 10.53
CA ASN A 57 -7.41 2.05 10.31
C ASN A 57 -7.41 1.71 8.82
N MET A 58 -6.28 1.21 8.34
CA MET A 58 -6.15 0.85 6.93
C MET A 58 -6.58 -0.60 6.70
N ASN A 59 -7.75 -0.78 6.10
CA ASN A 59 -8.27 -2.11 5.83
C ASN A 59 -7.74 -2.64 4.49
N VAL A 60 -7.01 -3.75 4.54
CA VAL A 60 -6.46 -4.35 3.34
C VAL A 60 -6.95 -5.79 3.17
N ALA A 61 -7.96 -5.96 2.32
CA ALA A 61 -8.52 -7.29 2.06
C ALA A 61 -7.67 -8.06 1.05
N ASP A 62 -8.14 -9.24 0.67
CA ASP A 62 -7.43 -10.08 -0.29
C ASP A 62 -7.05 -9.27 -1.53
N ALA A 63 -8.07 -8.74 -2.21
CA ALA A 63 -7.85 -7.95 -3.42
C ALA A 63 -8.54 -6.59 -3.31
N THR A 64 -8.49 -5.99 -2.12
CA THR A 64 -9.10 -4.70 -1.90
C THR A 64 -8.46 -3.97 -0.72
N VAL A 65 -8.48 -2.65 -0.77
CA VAL A 65 -7.89 -1.84 0.30
C VAL A 65 -8.83 -0.70 0.71
N THR A 66 -9.54 -0.89 1.81
CA THR A 66 -10.47 0.11 2.31
C THR A 66 -9.86 0.90 3.45
N VAL A 67 -10.26 2.18 3.57
CA VAL A 67 -9.75 3.03 4.63
C VAL A 67 -10.85 3.40 5.62
N ILE A 68 -10.77 2.83 6.82
CA ILE A 68 -11.76 3.09 7.85
C ILE A 68 -11.18 3.98 8.95
N SER A 69 -12.04 4.83 9.52
CA SER A 69 -11.62 5.75 10.57
C SER A 69 -11.52 5.02 11.92
N GLU A 70 -10.78 5.62 12.85
CA GLU A 70 -10.62 5.03 14.17
C GLU A 70 -11.88 5.22 15.01
N LYS A 71 -12.51 6.38 14.88
CA LYS A 71 -13.72 6.69 15.62
C LYS A 71 -14.78 5.61 15.39
N ASN A 72 -15.16 5.40 14.15
CA ASN A 72 -16.15 4.40 13.80
C ASN A 72 -15.57 3.33 12.88
N GLU A 73 -16.36 2.31 12.59
CA GLU A 73 -15.92 1.22 11.73
C GLU A 73 -16.54 1.34 10.34
N GLU A 74 -17.81 1.71 10.30
CA GLU A 74 -18.52 1.87 9.03
C GLU A 74 -17.91 2.98 8.20
N GLU A 75 -17.41 4.01 8.87
CA GLU A 75 -16.80 5.15 8.19
C GLU A 75 -15.77 4.67 7.17
N VAL A 76 -16.07 4.90 5.89
CA VAL A 76 -15.16 4.49 4.82
C VAL A 76 -14.61 5.71 4.09
N LEU A 77 -13.60 6.34 4.66
CA LEU A 77 -12.98 7.52 4.07
C LEU A 77 -12.65 7.28 2.60
N VAL A 78 -11.77 6.32 2.35
CA VAL A 78 -11.38 5.99 0.98
C VAL A 78 -11.55 4.49 0.71
N GLU A 79 -12.06 4.17 -0.47
CA GLU A 79 -12.27 2.77 -0.85
C GLU A 79 -11.52 2.44 -2.14
N CYS A 80 -10.31 1.90 -1.99
CA CYS A 80 -9.49 1.54 -3.15
C CYS A 80 -9.46 0.02 -3.34
N ARG A 81 -9.37 -0.41 -4.59
CA ARG A 81 -9.33 -1.82 -4.91
C ARG A 81 -8.07 -2.18 -5.70
N VAL A 82 -7.34 -3.16 -5.22
CA VAL A 82 -6.11 -3.60 -5.88
C VAL A 82 -6.22 -3.47 -7.39
N ARG A 83 -7.33 -3.95 -7.95
CA ARG A 83 -7.56 -3.88 -9.38
C ARG A 83 -7.43 -2.46 -9.88
N PHE A 84 -8.05 -1.52 -9.18
CA PHE A 84 -8.01 -0.11 -9.56
C PHE A 84 -6.63 0.48 -9.29
N LEU A 85 -5.86 -0.18 -8.41
CA LEU A 85 -4.52 0.28 -8.07
C LEU A 85 -3.64 0.38 -9.31
N SER A 86 -3.26 1.61 -9.66
CA SER A 86 -2.43 1.84 -10.82
C SER A 86 -0.96 1.60 -10.50
N PHE A 87 -0.43 2.36 -9.55
CA PHE A 87 0.96 2.23 -9.14
C PHE A 87 1.14 2.63 -7.68
N MET A 88 1.81 1.76 -6.92
CA MET A 88 2.05 2.02 -5.51
C MET A 88 3.55 2.09 -5.21
N GLY A 89 3.91 2.86 -4.19
CA GLY A 89 5.31 3.00 -3.82
C GLY A 89 5.49 3.69 -2.48
N VAL A 90 6.74 3.74 -2.02
CA VAL A 90 7.04 4.37 -0.73
C VAL A 90 7.86 5.64 -0.93
N GLY A 91 7.59 6.63 -0.10
CA GLY A 91 8.31 7.90 -0.19
C GLY A 91 9.73 7.80 0.34
N LYS A 92 10.35 8.95 0.57
CA LYS A 92 11.72 8.98 1.08
C LYS A 92 11.87 8.10 2.31
N ASP A 93 10.93 8.20 3.24
CA ASP A 93 10.94 7.41 4.45
C ASP A 93 10.13 6.13 4.28
N VAL A 94 10.69 5.01 4.73
CA VAL A 94 10.01 3.72 4.62
C VAL A 94 8.77 3.69 5.49
N HIS A 95 8.64 4.67 6.39
CA HIS A 95 7.50 4.75 7.28
C HIS A 95 6.25 5.23 6.54
N THR A 96 6.47 5.94 5.44
CA THR A 96 5.37 6.46 4.63
C THR A 96 4.89 5.41 3.63
N PHE A 97 3.63 5.55 3.19
CA PHE A 97 3.05 4.63 2.23
C PHE A 97 2.01 5.33 1.36
N ALA A 98 2.32 5.45 0.08
CA ALA A 98 1.41 6.10 -0.87
C ALA A 98 1.10 5.19 -2.05
N PHE A 99 -0.15 5.24 -2.52
CA PHE A 99 -0.57 4.41 -3.64
C PHE A 99 -1.47 5.20 -4.59
N ILE A 100 -1.29 4.98 -5.89
CA ILE A 100 -2.08 5.66 -6.90
C ILE A 100 -3.21 4.78 -7.42
N MET A 101 -4.44 5.18 -7.17
CA MET A 101 -5.60 4.43 -7.62
C MET A 101 -6.30 5.14 -8.77
N ASP A 102 -7.07 4.37 -9.56
CA ASP A 102 -7.79 4.93 -10.69
C ASP A 102 -9.21 5.32 -10.30
N THR A 103 -9.44 6.62 -10.14
CA THR A 103 -10.75 7.13 -9.76
C THR A 103 -11.63 7.35 -11.00
N GLY A 104 -11.01 7.82 -12.08
CA GLY A 104 -11.76 8.07 -13.30
C GLY A 104 -11.12 7.41 -14.50
N ASN A 105 -11.39 7.96 -15.69
CA ASN A 105 -10.84 7.41 -16.93
C ASN A 105 -9.33 7.62 -16.99
N GLN A 106 -8.90 8.88 -16.88
CA GLN A 106 -7.49 9.21 -16.92
C GLN A 106 -7.02 9.79 -15.58
N ARG A 107 -7.88 10.59 -14.95
CA ARG A 107 -7.56 11.19 -13.68
C ARG A 107 -7.38 10.14 -12.59
N PHE A 108 -6.29 10.24 -11.85
CA PHE A 108 -6.01 9.29 -10.78
C PHE A 108 -5.71 10.01 -9.47
N GLU A 109 -6.04 9.37 -8.35
CA GLU A 109 -5.82 9.96 -7.03
C GLU A 109 -4.80 9.13 -6.24
N CYS A 110 -3.92 9.83 -5.54
CA CYS A 110 -2.89 9.17 -4.74
C CYS A 110 -3.10 9.44 -3.26
N HIS A 111 -3.39 8.38 -2.50
CA HIS A 111 -3.60 8.50 -1.06
C HIS A 111 -2.36 8.10 -0.28
N VAL A 112 -1.92 8.99 0.61
CA VAL A 112 -0.74 8.72 1.42
C VAL A 112 -1.11 8.42 2.87
N PHE A 113 -0.36 7.52 3.50
CA PHE A 113 -0.62 7.14 4.88
C PHE A 113 0.68 6.83 5.61
N TRP A 114 0.79 7.33 6.85
CA TRP A 114 1.98 7.10 7.65
C TRP A 114 1.88 5.79 8.43
N CYS A 115 2.72 4.83 8.07
CA CYS A 115 2.72 3.54 8.74
C CYS A 115 3.59 3.57 9.99
N GLU A 116 3.46 2.55 10.83
CA GLU A 116 4.24 2.45 12.06
C GLU A 116 4.40 1.01 12.49
N PRO A 117 5.66 0.61 12.78
CA PRO A 117 6.80 1.52 12.67
C PRO A 117 7.14 1.88 11.24
N ASN A 118 7.23 0.86 10.38
CA ASN A 118 7.54 1.08 8.97
C ASN A 118 6.42 0.54 8.08
N ALA A 119 6.60 0.68 6.77
CA ALA A 119 5.60 0.20 5.81
C ALA A 119 6.01 -1.15 5.24
N ALA A 120 6.43 -2.06 6.12
CA ALA A 120 6.83 -3.39 5.70
C ALA A 120 5.64 -4.34 5.65
N ASN A 121 4.86 -4.36 6.74
CA ASN A 121 3.69 -5.23 6.82
C ASN A 121 2.57 -4.70 5.93
N VAL A 122 2.44 -3.38 5.86
CA VAL A 122 1.41 -2.75 5.04
C VAL A 122 1.68 -2.95 3.56
N SER A 123 2.85 -2.51 3.12
CA SER A 123 3.25 -2.63 1.72
C SER A 123 3.28 -4.10 1.28
N GLU A 124 3.65 -4.98 2.22
CA GLU A 124 3.72 -6.41 1.94
C GLU A 124 2.32 -6.98 1.69
N ALA A 125 1.39 -6.63 2.56
CA ALA A 125 0.02 -7.11 2.43
C ALA A 125 -0.60 -6.68 1.10
N VAL A 126 -0.53 -5.38 0.82
CA VAL A 126 -1.07 -4.84 -0.42
C VAL A 126 -0.35 -5.41 -1.64
N GLN A 127 0.98 -5.43 -1.58
CA GLN A 127 1.78 -5.95 -2.68
C GLN A 127 1.38 -7.38 -3.02
N ALA A 128 1.43 -8.26 -2.03
CA ALA A 128 1.07 -9.65 -2.22
C ALA A 128 -0.40 -9.79 -2.64
N ALA A 129 -1.27 -9.06 -1.96
CA ALA A 129 -2.70 -9.10 -2.26
C ALA A 129 -2.94 -9.27 -3.75
N CYS A 130 -2.17 -8.54 -4.56
CA CYS A 130 -2.31 -8.61 -6.00
C CYS A 130 -2.23 -10.05 -6.49
N SER A 131 -1.14 -10.73 -6.14
CA SER A 131 -0.94 -12.12 -6.54
C SER A 131 -1.84 -13.06 -5.73
N GLY A 132 -1.70 -13.00 -4.41
CA GLY A 132 -2.50 -13.85 -3.54
C GLY A 132 -1.66 -14.71 -2.63
N PRO A 133 -1.71 -16.03 -2.82
CA PRO A 133 -0.95 -16.99 -2.01
C PRO A 133 0.55 -16.91 -2.28
N SER A 134 1.32 -16.65 -1.23
CA SER A 134 2.77 -16.55 -1.36
C SER A 134 3.40 -17.93 -1.45
N SER A 135 3.02 -18.82 -0.54
CA SER A 135 3.55 -20.18 -0.51
C SER A 135 3.12 -20.95 -1.76
N GLY A 136 1.82 -20.96 -2.03
CA GLY A 136 1.31 -21.66 -3.19
C GLY A 136 1.30 -23.16 -2.99
N ILE A 137 2.06 -23.87 -3.81
CA ILE A 137 2.14 -25.32 -3.73
C ILE A 137 3.35 -25.76 -2.91
N GLU A 138 3.10 -26.57 -1.88
CA GLU A 138 4.17 -27.07 -1.03
C GLU A 138 5.43 -27.37 -1.84
N GLY A 139 6.39 -26.46 -1.79
CA GLY A 139 7.63 -26.65 -2.53
C GLY A 139 8.55 -27.64 -1.87
N ARG A 140 9.67 -27.15 -1.34
CA ARG A 140 10.64 -28.02 -0.67
C ARG A 140 10.20 -28.34 0.75
N GLY A 141 11.00 -29.13 1.45
CA GLY A 141 10.68 -29.50 2.81
C GLY A 141 11.91 -29.55 3.71
N SER A 142 12.60 -30.69 3.69
CA SER A 142 13.79 -30.86 4.52
C SER A 142 14.88 -29.89 4.09
N SER A 143 15.36 -30.04 2.86
CA SER A 143 16.42 -29.17 2.34
C SER A 143 17.59 -29.10 3.31
N GLY A 144 17.89 -30.22 3.95
CA GLY A 144 18.99 -30.27 4.89
C GLY A 144 19.06 -29.02 5.75
N SER A 145 20.27 -28.47 5.89
CA SER A 145 20.47 -27.28 6.71
C SER A 145 19.63 -27.34 7.99
N SER A 146 19.70 -28.48 8.67
CA SER A 146 18.95 -28.67 9.90
C SER A 146 18.94 -27.40 10.74
N GLY A 147 20.12 -26.82 10.93
CA GLY A 147 20.23 -25.60 11.71
C GLY A 147 19.27 -25.58 12.90
N SER A 148 19.45 -26.53 13.81
CA SER A 148 18.61 -26.62 15.00
C SER A 148 18.94 -25.52 15.99
N SER A 149 20.24 -25.31 16.21
CA SER A 149 20.69 -24.29 17.16
C SER A 149 22.07 -23.76 16.76
N GLY A 150 22.31 -22.48 17.03
CA GLY A 150 23.58 -21.87 16.69
C GLY A 150 23.43 -20.67 15.77
N SER A 151 22.77 -19.64 16.27
CA SER A 151 22.54 -18.42 15.48
C SER A 151 23.77 -17.52 15.55
N SER A 152 24.19 -17.02 14.38
CA SER A 152 25.35 -16.14 14.31
C SER A 152 24.94 -14.68 14.49
N GLY A 153 23.95 -14.26 13.71
CA GLY A 153 23.48 -12.88 13.80
C GLY A 153 22.93 -12.37 12.48
N ASP A 154 23.52 -11.30 11.97
CA ASP A 154 23.08 -10.72 10.70
C ASP A 154 23.82 -11.35 9.53
N ALA A 155 23.83 -12.68 9.50
CA ALA A 155 24.50 -13.41 8.43
C ALA A 155 23.72 -13.30 7.12
N ALA A 156 22.56 -12.65 7.18
CA ALA A 156 21.72 -12.48 6.00
C ALA A 156 20.60 -11.47 6.27
N VAL A 157 20.75 -10.27 5.71
CA VAL A 157 19.76 -9.22 5.88
C VAL A 157 18.35 -9.76 5.72
N THR A 158 17.46 -9.37 6.62
CA THR A 158 16.07 -9.81 6.58
C THR A 158 15.35 -9.26 5.34
N PRO A 159 14.49 -10.10 4.74
CA PRO A 159 13.73 -9.71 3.55
C PRO A 159 12.67 -8.67 3.85
N GLU A 160 12.57 -8.27 5.12
CA GLU A 160 11.59 -7.29 5.54
C GLU A 160 12.10 -5.87 5.27
N GLU A 161 13.41 -5.70 5.32
CA GLU A 161 14.03 -4.40 5.09
C GLU A 161 14.31 -4.19 3.60
N ARG A 162 15.01 -5.13 3.00
CA ARG A 162 15.34 -5.05 1.59
C ARG A 162 14.11 -4.68 0.76
N HIS A 163 13.00 -5.33 1.05
CA HIS A 163 11.74 -5.07 0.33
C HIS A 163 11.42 -3.58 0.35
N LEU A 164 11.42 -2.99 1.53
CA LEU A 164 11.13 -1.57 1.68
C LEU A 164 11.91 -0.74 0.68
N SER A 165 13.23 -0.92 0.67
CA SER A 165 14.10 -0.19 -0.25
C SER A 165 13.61 -0.30 -1.67
N LYS A 166 13.31 -1.53 -2.10
CA LYS A 166 12.83 -1.78 -3.45
C LYS A 166 11.60 -0.93 -3.75
N MET A 167 10.68 -0.87 -2.80
CA MET A 167 9.45 -0.09 -2.97
C MET A 167 9.78 1.36 -3.27
N GLN A 168 10.85 1.87 -2.68
CA GLN A 168 11.28 3.24 -2.90
C GLN A 168 12.10 3.38 -4.18
N GLN A 169 12.76 2.29 -4.57
CA GLN A 169 13.57 2.28 -5.77
C GLN A 169 12.70 2.39 -7.02
N ASN A 170 12.00 1.31 -7.34
CA ASN A 170 11.13 1.29 -8.51
C ASN A 170 9.66 1.28 -8.10
N GLY A 171 9.34 0.44 -7.11
CA GLY A 171 7.97 0.35 -6.65
C GLY A 171 7.23 -0.83 -7.25
N TYR A 172 5.92 -0.68 -7.42
CA TYR A 172 5.10 -1.74 -7.98
C TYR A 172 4.08 -1.18 -8.97
N GLU A 173 4.10 -1.70 -10.19
CA GLU A 173 3.18 -1.25 -11.23
C GLU A 173 2.11 -2.31 -11.51
N ASN A 174 0.85 -1.96 -11.29
CA ASN A 174 -0.25 -2.89 -11.52
C ASN A 174 -0.37 -3.23 -13.00
N PRO A 175 -0.35 -4.53 -13.31
CA PRO A 175 -0.45 -5.02 -14.69
C PRO A 175 -1.85 -4.81 -15.27
N THR A 176 -2.87 -5.19 -14.53
CA THR A 176 -4.25 -5.03 -14.98
C THR A 176 -4.44 -3.72 -15.73
N TYR A 177 -3.73 -2.69 -15.29
CA TYR A 177 -3.82 -1.38 -15.92
C TYR A 177 -2.60 -1.10 -16.78
N LYS A 178 -2.84 -0.73 -18.04
CA LYS A 178 -1.75 -0.43 -18.97
C LYS A 178 -2.02 0.86 -19.72
N PHE A 179 -2.27 1.94 -18.98
CA PHE A 179 -2.56 3.23 -19.57
C PHE A 179 -1.49 4.26 -19.16
N PHE A 180 -0.50 4.45 -20.02
CA PHE A 180 0.57 5.40 -19.74
C PHE A 180 0.49 6.60 -20.68
N GLU A 181 1.42 7.54 -20.52
CA GLU A 181 1.45 8.74 -21.35
C GLU A 181 2.69 8.74 -22.23
N GLN A 182 2.84 7.69 -23.05
CA GLN A 182 3.98 7.58 -23.94
C GLN A 182 4.11 8.81 -24.83
N MET A 183 3.04 9.60 -24.89
CA MET A 183 3.03 10.81 -25.70
C MET A 183 3.82 11.93 -25.02
N GLN A 184 5.08 12.07 -25.42
CA GLN A 184 5.95 13.10 -24.84
C GLN A 184 6.13 14.25 -25.81
N ASN A 185 6.33 15.45 -25.27
CA ASN A 185 6.51 16.65 -26.08
C ASN A 185 7.99 16.94 -26.30
N GLY A 1 -32.74 7.39 5.65
CA GLY A 1 -32.25 7.01 4.33
C GLY A 1 -33.37 6.55 3.41
N SER A 2 -33.28 6.91 2.14
CA SER A 2 -34.29 6.54 1.16
C SER A 2 -33.76 5.48 0.20
N SER A 3 -32.55 5.70 -0.30
CA SER A 3 -31.93 4.76 -1.24
C SER A 3 -31.77 3.39 -0.60
N GLY A 4 -32.23 2.36 -1.31
CA GLY A 4 -32.13 1.00 -0.80
C GLY A 4 -33.25 0.67 0.16
N SER A 5 -33.98 -0.40 -0.13
CA SER A 5 -35.10 -0.83 0.70
C SER A 5 -34.89 -2.26 1.20
N SER A 6 -34.66 -3.17 0.26
CA SER A 6 -34.44 -4.58 0.60
C SER A 6 -33.34 -4.72 1.65
N GLY A 7 -32.20 -4.11 1.37
CA GLY A 7 -31.08 -4.18 2.29
C GLY A 7 -29.86 -4.87 1.69
N PRO A 8 -29.15 -4.15 0.80
CA PRO A 8 -27.96 -4.68 0.13
C PRO A 8 -26.79 -4.84 1.08
N THR A 9 -26.55 -6.09 1.51
CA THR A 9 -25.45 -6.38 2.42
C THR A 9 -24.28 -7.03 1.69
N PRO A 10 -23.32 -6.20 1.26
CA PRO A 10 -22.14 -6.68 0.54
C PRO A 10 -21.19 -7.47 1.45
N LYS A 11 -21.45 -8.76 1.57
CA LYS A 11 -20.63 -9.64 2.41
C LYS A 11 -19.15 -9.26 2.28
N THR A 12 -18.38 -9.58 3.31
CA THR A 12 -16.95 -9.27 3.32
C THR A 12 -16.14 -10.45 3.85
N GLU A 13 -14.97 -10.67 3.27
CA GLU A 13 -14.10 -11.76 3.70
C GLU A 13 -13.14 -11.30 4.78
N LEU A 14 -12.41 -12.25 5.36
CA LEU A 14 -11.45 -11.95 6.42
C LEU A 14 -10.45 -10.90 5.95
N VAL A 15 -10.61 -9.67 6.42
CA VAL A 15 -9.72 -8.57 6.06
C VAL A 15 -8.89 -8.12 7.25
N GLN A 16 -7.65 -7.70 6.98
CA GLN A 16 -6.77 -7.24 8.05
C GLN A 16 -6.69 -5.71 8.06
N LYS A 17 -6.70 -5.14 9.25
CA LYS A 17 -6.63 -3.69 9.42
C LYS A 17 -5.40 -3.28 10.21
N PHE A 18 -4.66 -2.31 9.70
CA PHE A 18 -3.45 -1.84 10.36
C PHE A 18 -3.66 -0.45 10.96
N ARG A 19 -2.80 -0.07 11.90
CA ARG A 19 -2.91 1.24 12.55
C ARG A 19 -1.98 2.24 11.88
N VAL A 20 -2.56 3.21 11.17
CA VAL A 20 -1.79 4.24 10.49
C VAL A 20 -2.52 5.58 10.50
N GLN A 21 -1.84 6.61 10.03
CA GLN A 21 -2.43 7.94 9.98
C GLN A 21 -2.78 8.34 8.55
N TYR A 22 -3.56 9.41 8.40
CA TYR A 22 -3.97 9.87 7.08
C TYR A 22 -3.44 11.28 6.83
N LEU A 23 -2.57 11.41 5.83
CA LEU A 23 -2.00 12.70 5.48
C LEU A 23 -2.95 13.52 4.60
N GLY A 24 -3.56 12.84 3.63
CA GLY A 24 -4.49 13.50 2.74
C GLY A 24 -4.50 12.90 1.35
N MET A 25 -5.12 13.59 0.40
CA MET A 25 -5.19 13.12 -0.98
C MET A 25 -4.47 14.06 -1.92
N LEU A 26 -3.77 13.50 -2.91
CA LEU A 26 -3.04 14.30 -3.88
C LEU A 26 -3.06 13.64 -5.26
N PRO A 27 -3.67 14.34 -6.23
CA PRO A 27 -3.77 13.84 -7.60
C PRO A 27 -2.43 13.83 -8.32
N VAL A 28 -2.17 12.76 -9.06
CA VAL A 28 -0.92 12.62 -9.81
C VAL A 28 -1.15 12.77 -11.31
N ASP A 29 -0.15 13.32 -11.99
CA ASP A 29 -0.24 13.52 -13.44
C ASP A 29 0.02 12.21 -14.18
N ARG A 30 0.96 11.41 -13.67
CA ARG A 30 1.30 10.15 -14.29
C ARG A 30 0.92 8.98 -13.38
N PRO A 31 0.48 7.87 -14.00
CA PRO A 31 0.07 6.67 -13.27
C PRO A 31 1.26 5.95 -12.62
N VAL A 32 2.44 6.17 -13.18
CA VAL A 32 3.65 5.55 -12.65
C VAL A 32 4.79 6.56 -12.54
N GLY A 33 5.90 6.13 -11.94
CA GLY A 33 7.04 7.02 -11.79
C GLY A 33 7.20 7.52 -10.37
N MET A 34 8.11 6.90 -9.63
CA MET A 34 8.37 7.29 -8.24
C MET A 34 8.48 8.80 -8.11
N ASP A 35 9.12 9.43 -9.07
CA ASP A 35 9.29 10.87 -9.07
C ASP A 35 7.94 11.58 -8.95
N THR A 36 6.92 11.00 -9.56
CA THR A 36 5.58 11.57 -9.53
C THR A 36 4.89 11.26 -8.21
N LEU A 37 4.99 10.01 -7.77
CA LEU A 37 4.37 9.59 -6.52
C LEU A 37 4.86 10.45 -5.35
N ASN A 38 6.18 10.59 -5.24
CA ASN A 38 6.78 11.38 -4.18
C ASN A 38 6.28 12.82 -4.22
N SER A 39 6.21 13.38 -5.43
CA SER A 39 5.75 14.75 -5.61
C SER A 39 4.37 14.95 -5.00
N ALA A 40 3.69 13.84 -4.72
CA ALA A 40 2.36 13.89 -4.12
C ALA A 40 2.43 13.82 -2.60
N ILE A 41 3.35 13.01 -2.09
CA ILE A 41 3.52 12.86 -0.65
C ILE A 41 3.86 14.19 0.00
N GLU A 42 4.99 14.77 -0.39
CA GLU A 42 5.43 16.05 0.16
C GLU A 42 4.31 17.09 0.08
N ASN A 43 3.67 17.16 -1.08
CA ASN A 43 2.58 18.11 -1.29
C ASN A 43 1.64 18.14 -0.09
N LEU A 44 1.33 16.97 0.43
CA LEU A 44 0.44 16.85 1.58
C LEU A 44 1.20 17.10 2.88
N MET A 45 2.33 16.41 3.04
CA MET A 45 3.15 16.56 4.23
C MET A 45 3.35 18.03 4.58
N THR A 46 3.39 18.87 3.56
CA THR A 46 3.57 20.31 3.76
C THR A 46 2.27 20.98 4.19
N SER A 47 1.19 20.66 3.49
CA SER A 47 -0.12 21.23 3.81
C SER A 47 -0.46 21.03 5.28
N SER A 48 -0.44 19.78 5.72
CA SER A 48 -0.75 19.44 7.10
C SER A 48 0.49 18.95 7.84
N SER A 49 0.41 18.92 9.17
CA SER A 49 1.53 18.48 9.99
C SER A 49 1.37 17.00 10.38
N LYS A 50 2.46 16.41 10.88
CA LYS A 50 2.44 15.02 11.29
C LYS A 50 1.34 14.77 12.32
N GLU A 51 1.24 15.67 13.29
CA GLU A 51 0.24 15.55 14.35
C GLU A 51 -1.16 15.86 13.81
N ASP A 52 -1.20 16.63 12.74
CA ASP A 52 -2.48 17.00 12.12
C ASP A 52 -3.16 15.79 11.49
N TRP A 53 -2.35 14.81 11.10
CA TRP A 53 -2.87 13.59 10.48
C TRP A 53 -3.61 12.74 11.51
N PRO A 54 -4.93 12.59 11.33
CA PRO A 54 -5.78 11.81 12.23
C PRO A 54 -5.50 10.31 12.11
N SER A 55 -5.42 9.65 13.26
CA SER A 55 -5.16 8.21 13.29
C SER A 55 -6.37 7.43 12.80
N VAL A 56 -6.16 6.56 11.81
CA VAL A 56 -7.23 5.76 11.26
C VAL A 56 -6.78 4.31 11.06
N ASN A 57 -7.73 3.45 10.70
CA ASN A 57 -7.44 2.04 10.49
C ASN A 57 -7.40 1.72 8.99
N MET A 58 -6.28 1.17 8.54
CA MET A 58 -6.11 0.82 7.13
C MET A 58 -6.48 -0.64 6.89
N ASN A 59 -7.62 -0.86 6.24
CA ASN A 59 -8.09 -2.21 5.96
C ASN A 59 -7.66 -2.65 4.56
N VAL A 60 -7.02 -3.82 4.48
CA VAL A 60 -6.54 -4.35 3.21
C VAL A 60 -7.03 -5.77 3.00
N ALA A 61 -8.11 -5.93 2.24
CA ALA A 61 -8.67 -7.24 1.96
C ALA A 61 -7.83 -7.99 0.93
N ASP A 62 -8.27 -9.20 0.58
CA ASP A 62 -7.56 -10.01 -0.40
C ASP A 62 -7.12 -9.17 -1.60
N ALA A 63 -8.08 -8.57 -2.28
CA ALA A 63 -7.79 -7.73 -3.44
C ALA A 63 -8.47 -6.37 -3.32
N THR A 64 -8.59 -5.88 -2.09
CA THR A 64 -9.23 -4.59 -1.85
C THR A 64 -8.57 -3.87 -0.68
N VAL A 65 -8.59 -2.53 -0.72
CA VAL A 65 -7.99 -1.73 0.34
C VAL A 65 -8.92 -0.59 0.75
N THR A 66 -9.64 -0.79 1.85
CA THR A 66 -10.56 0.22 2.36
C THR A 66 -9.96 0.98 3.53
N VAL A 67 -10.23 2.29 3.57
CA VAL A 67 -9.72 3.14 4.64
C VAL A 67 -10.82 3.57 5.59
N ILE A 68 -10.88 2.94 6.76
CA ILE A 68 -11.90 3.26 7.75
C ILE A 68 -11.33 4.13 8.86
N SER A 69 -12.17 4.96 9.46
CA SER A 69 -11.75 5.85 10.53
C SER A 69 -11.58 5.07 11.84
N GLU A 70 -11.00 5.73 12.83
CA GLU A 70 -10.79 5.11 14.13
C GLU A 70 -12.02 5.26 15.03
N LYS A 71 -12.59 6.47 15.03
CA LYS A 71 -13.78 6.75 15.83
C LYS A 71 -14.95 5.85 15.42
N ASN A 72 -15.25 5.85 14.13
CA ASN A 72 -16.35 5.05 13.60
C ASN A 72 -15.81 3.83 12.85
N GLU A 73 -16.70 2.89 12.53
CA GLU A 73 -16.31 1.69 11.81
C GLU A 73 -16.97 1.65 10.43
N GLU A 74 -18.20 2.16 10.35
CA GLU A 74 -18.93 2.18 9.09
C GLU A 74 -18.44 3.30 8.19
N GLU A 75 -17.63 4.20 8.76
CA GLU A 75 -17.09 5.33 8.01
C GLU A 75 -16.05 4.84 6.98
N VAL A 76 -16.34 5.08 5.71
CA VAL A 76 -15.44 4.67 4.64
C VAL A 76 -14.69 5.87 4.07
N LEU A 77 -13.64 6.30 4.78
CA LEU A 77 -12.84 7.43 4.35
C LEU A 77 -12.51 7.33 2.86
N VAL A 78 -11.74 6.30 2.50
CA VAL A 78 -11.35 6.09 1.11
C VAL A 78 -11.49 4.62 0.71
N GLU A 79 -12.21 4.36 -0.37
CA GLU A 79 -12.41 3.00 -0.84
C GLU A 79 -11.56 2.73 -2.07
N CYS A 80 -10.45 2.03 -1.87
CA CYS A 80 -9.54 1.69 -2.96
C CYS A 80 -9.53 0.19 -3.21
N ARG A 81 -9.38 -0.19 -4.48
CA ARG A 81 -9.37 -1.59 -4.87
C ARG A 81 -8.05 -1.95 -5.55
N VAL A 82 -7.48 -3.10 -5.17
CA VAL A 82 -6.22 -3.55 -5.74
C VAL A 82 -6.34 -3.79 -7.23
N ARG A 83 -7.58 -3.96 -7.70
CA ARG A 83 -7.83 -4.18 -9.12
C ARG A 83 -7.69 -2.89 -9.91
N PHE A 84 -7.81 -1.76 -9.22
CA PHE A 84 -7.70 -0.46 -9.87
C PHE A 84 -6.29 0.11 -9.69
N LEU A 85 -5.72 -0.08 -8.50
CA LEU A 85 -4.37 0.41 -8.21
C LEU A 85 -3.47 0.27 -9.43
N SER A 86 -3.04 1.41 -9.97
CA SER A 86 -2.17 1.41 -11.14
C SER A 86 -0.71 1.22 -10.73
N PHE A 87 -0.29 1.94 -9.70
CA PHE A 87 1.08 1.85 -9.20
C PHE A 87 1.16 2.28 -7.74
N MET A 88 2.10 1.68 -7.00
CA MET A 88 2.28 2.01 -5.60
C MET A 88 3.76 2.20 -5.27
N GLY A 89 4.04 2.90 -4.18
CA GLY A 89 5.41 3.14 -3.78
C GLY A 89 5.52 3.76 -2.40
N VAL A 90 6.74 4.09 -1.98
CA VAL A 90 6.97 4.69 -0.68
C VAL A 90 7.80 5.96 -0.81
N GLY A 91 7.45 6.96 -0.01
CA GLY A 91 8.19 8.22 -0.04
C GLY A 91 9.60 8.09 0.49
N LYS A 92 10.34 9.19 0.50
CA LYS A 92 11.71 9.19 0.98
C LYS A 92 11.82 8.45 2.31
N ASP A 93 10.76 8.50 3.10
CA ASP A 93 10.73 7.82 4.40
C ASP A 93 9.90 6.55 4.33
N VAL A 94 10.53 5.42 4.58
CA VAL A 94 9.84 4.13 4.54
C VAL A 94 8.59 4.16 5.42
N HIS A 95 8.62 4.97 6.46
CA HIS A 95 7.49 5.10 7.37
C HIS A 95 6.22 5.47 6.61
N THR A 96 6.38 6.25 5.55
CA THR A 96 5.24 6.68 4.74
C THR A 96 4.84 5.60 3.75
N PHE A 97 3.63 5.71 3.21
CA PHE A 97 3.12 4.75 2.24
C PHE A 97 2.00 5.35 1.41
N ALA A 98 2.25 5.53 0.12
CA ALA A 98 1.26 6.09 -0.78
C ALA A 98 1.05 5.20 -1.99
N PHE A 99 -0.18 5.20 -2.51
CA PHE A 99 -0.52 4.37 -3.67
C PHE A 99 -1.39 5.15 -4.65
N ILE A 100 -1.24 4.84 -5.94
CA ILE A 100 -2.01 5.51 -6.98
C ILE A 100 -3.14 4.62 -7.49
N MET A 101 -4.36 5.12 -7.43
CA MET A 101 -5.53 4.38 -7.88
C MET A 101 -6.25 5.13 -9.00
N ASP A 102 -7.12 4.42 -9.71
CA ASP A 102 -7.88 5.02 -10.81
C ASP A 102 -9.35 5.16 -10.44
N THR A 103 -9.80 6.40 -10.27
CA THR A 103 -11.19 6.66 -9.90
C THR A 103 -12.01 7.04 -11.13
N GLY A 104 -11.39 7.76 -12.05
CA GLY A 104 -12.08 8.17 -13.26
C GLY A 104 -11.57 7.46 -14.50
N ASN A 105 -11.15 8.22 -15.50
CA ASN A 105 -10.64 7.66 -16.74
C ASN A 105 -9.13 7.84 -16.85
N GLN A 106 -8.71 9.11 -16.94
CA GLN A 106 -7.29 9.43 -17.06
C GLN A 106 -6.75 9.94 -15.73
N ARG A 107 -7.54 10.76 -15.04
CA ARG A 107 -7.14 11.33 -13.76
C ARG A 107 -7.05 10.23 -12.70
N PHE A 108 -5.95 10.24 -11.94
CA PHE A 108 -5.75 9.26 -10.89
C PHE A 108 -5.46 9.93 -9.55
N GLU A 109 -5.95 9.34 -8.48
CA GLU A 109 -5.74 9.89 -7.14
C GLU A 109 -4.76 9.04 -6.34
N CYS A 110 -3.87 9.69 -5.61
CA CYS A 110 -2.88 8.99 -4.80
C CYS A 110 -3.01 9.38 -3.32
N HIS A 111 -3.34 8.39 -2.50
CA HIS A 111 -3.49 8.63 -1.05
C HIS A 111 -2.20 8.31 -0.31
N VAL A 112 -1.95 9.04 0.77
CA VAL A 112 -0.76 8.83 1.58
C VAL A 112 -1.11 8.56 3.03
N PHE A 113 -0.44 7.57 3.62
CA PHE A 113 -0.69 7.20 5.01
C PHE A 113 0.62 6.88 5.73
N TRP A 114 0.76 7.40 6.95
CA TRP A 114 1.96 7.17 7.73
C TRP A 114 1.87 5.86 8.50
N CYS A 115 2.71 4.91 8.14
CA CYS A 115 2.73 3.61 8.80
C CYS A 115 3.58 3.64 10.06
N GLU A 116 3.34 2.68 10.95
CA GLU A 116 4.09 2.61 12.21
C GLU A 116 4.31 1.15 12.62
N PRO A 117 5.57 0.81 12.92
CA PRO A 117 6.68 1.75 12.84
C PRO A 117 7.03 2.14 11.41
N ASN A 118 7.09 1.15 10.53
CA ASN A 118 7.40 1.38 9.13
C ASN A 118 6.35 0.74 8.22
N ALA A 119 6.55 0.88 6.91
CA ALA A 119 5.63 0.32 5.94
C ALA A 119 6.12 -1.04 5.44
N ALA A 120 6.44 -1.92 6.38
CA ALA A 120 6.92 -3.26 6.05
C ALA A 120 5.75 -4.20 5.74
N ASN A 121 4.90 -4.41 6.74
CA ASN A 121 3.76 -5.29 6.60
C ASN A 121 2.71 -4.68 5.67
N VAL A 122 2.24 -3.48 6.02
CA VAL A 122 1.25 -2.78 5.22
C VAL A 122 1.57 -2.90 3.73
N SER A 123 2.76 -2.45 3.34
CA SER A 123 3.18 -2.49 1.95
C SER A 123 3.32 -3.94 1.47
N GLU A 124 3.56 -4.85 2.42
CA GLU A 124 3.72 -6.26 2.10
C GLU A 124 2.37 -6.90 1.82
N ALA A 125 1.33 -6.41 2.48
CA ALA A 125 -0.02 -6.93 2.29
C ALA A 125 -0.64 -6.42 1.00
N VAL A 126 -0.48 -5.14 0.74
CA VAL A 126 -1.02 -4.52 -0.47
C VAL A 126 -0.36 -5.09 -1.72
N GLN A 127 0.97 -5.11 -1.72
CA GLN A 127 1.72 -5.62 -2.86
C GLN A 127 1.42 -7.10 -3.10
N ALA A 128 1.28 -7.85 -2.00
CA ALA A 128 0.99 -9.27 -2.08
C ALA A 128 -0.44 -9.51 -2.58
N ALA A 129 -1.37 -8.68 -2.12
CA ALA A 129 -2.76 -8.79 -2.51
C ALA A 129 -2.90 -8.88 -4.03
N CYS A 130 -2.08 -8.10 -4.74
CA CYS A 130 -2.11 -8.10 -6.19
C CYS A 130 -1.84 -9.48 -6.76
N SER A 131 -0.74 -10.09 -6.32
CA SER A 131 -0.36 -11.42 -6.78
C SER A 131 -0.74 -12.48 -5.75
N GLY A 132 -1.88 -12.28 -5.11
CA GLY A 132 -2.33 -13.23 -4.10
C GLY A 132 -1.19 -13.84 -3.32
N PRO A 133 -0.76 -15.06 -3.74
CA PRO A 133 0.33 -15.77 -3.09
C PRO A 133 1.69 -15.10 -3.32
N SER A 134 2.57 -15.21 -2.34
CA SER A 134 3.90 -14.61 -2.42
C SER A 134 4.97 -15.68 -2.54
N SER A 135 6.20 -15.26 -2.80
CA SER A 135 7.32 -16.19 -2.94
C SER A 135 7.44 -17.08 -1.70
N GLY A 136 7.76 -18.36 -1.93
CA GLY A 136 7.89 -19.29 -0.82
C GLY A 136 6.77 -20.30 -0.77
N ILE A 137 6.99 -21.45 -1.40
CA ILE A 137 5.98 -22.51 -1.42
C ILE A 137 6.37 -23.67 -0.52
N GLU A 138 5.42 -24.14 0.27
CA GLU A 138 5.67 -25.25 1.20
C GLU A 138 5.61 -26.59 0.45
N GLY A 139 6.73 -26.95 -0.16
CA GLY A 139 6.78 -28.21 -0.90
C GLY A 139 7.74 -29.21 -0.27
N ARG A 140 8.08 -30.25 -1.01
CA ARG A 140 8.99 -31.28 -0.53
C ARG A 140 10.25 -30.65 0.07
N GLY A 141 11.00 -31.44 0.83
CA GLY A 141 12.21 -30.94 1.45
C GLY A 141 12.71 -31.84 2.56
N SER A 142 13.46 -32.88 2.19
CA SER A 142 14.00 -33.82 3.16
C SER A 142 15.45 -33.51 3.47
N SER A 143 15.98 -34.16 4.51
CA SER A 143 17.37 -33.94 4.92
C SER A 143 17.92 -35.17 5.64
N GLY A 144 19.21 -35.13 5.94
CA GLY A 144 19.84 -36.25 6.62
C GLY A 144 21.23 -35.92 7.12
N SER A 145 21.36 -34.77 7.78
CA SER A 145 22.65 -34.34 8.31
C SER A 145 22.61 -34.27 9.83
N SER A 146 23.79 -34.16 10.45
CA SER A 146 23.89 -34.09 11.89
C SER A 146 23.14 -32.88 12.44
N GLY A 147 23.38 -31.72 11.84
CA GLY A 147 22.73 -30.51 12.27
C GLY A 147 23.45 -29.26 11.81
N SER A 148 23.69 -28.33 12.74
CA SER A 148 24.38 -27.09 12.42
C SER A 148 25.01 -26.49 13.67
N SER A 149 25.79 -25.43 13.47
CA SER A 149 26.46 -24.76 14.58
C SER A 149 26.51 -23.25 14.36
N GLY A 150 27.01 -22.53 15.36
CA GLY A 150 27.10 -21.08 15.25
C GLY A 150 28.53 -20.58 15.25
N SER A 151 28.82 -19.63 14.36
CA SER A 151 30.16 -19.08 14.25
C SER A 151 30.18 -17.88 13.29
N SER A 152 31.28 -17.15 13.30
CA SER A 152 31.43 -15.99 12.42
C SER A 152 30.97 -16.30 11.01
N GLY A 153 30.32 -15.32 10.37
CA GLY A 153 29.85 -15.51 9.02
C GLY A 153 29.51 -14.20 8.33
N ASP A 154 29.11 -14.28 7.07
CA ASP A 154 28.77 -13.09 6.30
C ASP A 154 27.52 -12.41 6.86
N ALA A 155 27.41 -11.11 6.65
CA ALA A 155 26.27 -10.35 7.14
C ALA A 155 24.97 -10.85 6.52
N ALA A 156 23.89 -10.80 7.29
CA ALA A 156 22.59 -11.24 6.80
C ALA A 156 21.54 -10.16 7.00
N VAL A 157 21.34 -9.34 5.97
CA VAL A 157 20.37 -8.26 6.02
C VAL A 157 18.94 -8.80 6.06
N THR A 158 18.14 -8.30 7.01
CA THR A 158 16.76 -8.74 7.14
C THR A 158 15.98 -8.52 5.86
N PRO A 159 15.10 -9.48 5.53
CA PRO A 159 14.27 -9.41 4.33
C PRO A 159 13.21 -8.34 4.41
N GLU A 160 13.23 -7.58 5.50
CA GLU A 160 12.25 -6.50 5.71
C GLU A 160 12.69 -5.23 4.98
N GLU A 161 13.81 -4.67 5.40
CA GLU A 161 14.33 -3.44 4.79
C GLU A 161 14.50 -3.62 3.28
N ARG A 162 15.07 -4.76 2.89
CA ARG A 162 15.28 -5.05 1.47
C ARG A 162 14.02 -4.77 0.66
N HIS A 163 12.86 -4.94 1.30
CA HIS A 163 11.59 -4.71 0.64
C HIS A 163 11.27 -3.22 0.58
N LEU A 164 11.22 -2.59 1.74
CA LEU A 164 10.92 -1.16 1.83
C LEU A 164 11.65 -0.38 0.74
N SER A 165 12.92 -0.71 0.54
CA SER A 165 13.74 -0.06 -0.46
C SER A 165 13.18 -0.28 -1.85
N LYS A 166 13.17 -1.53 -2.29
CA LYS A 166 12.65 -1.88 -3.61
C LYS A 166 11.41 -1.05 -3.95
N MET A 167 10.57 -0.82 -2.95
CA MET A 167 9.36 -0.03 -3.14
C MET A 167 9.70 1.42 -3.48
N GLN A 168 10.69 1.96 -2.79
CA GLN A 168 11.11 3.33 -3.00
C GLN A 168 11.98 3.45 -4.25
N GLN A 169 12.58 2.33 -4.65
CA GLN A 169 13.44 2.30 -5.82
C GLN A 169 12.62 2.31 -7.11
N ASN A 170 12.02 1.17 -7.43
CA ASN A 170 11.20 1.05 -8.63
C ASN A 170 9.72 1.03 -8.27
N GLY A 171 9.39 0.48 -7.11
CA GLY A 171 8.01 0.42 -6.68
C GLY A 171 7.33 -0.86 -7.11
N TYR A 172 6.02 -0.79 -7.33
CA TYR A 172 5.25 -1.95 -7.75
C TYR A 172 4.14 -1.55 -8.72
N GLU A 173 4.20 -2.12 -9.92
CA GLU A 173 3.20 -1.82 -10.94
C GLU A 173 2.15 -2.92 -11.02
N ASN A 174 0.91 -2.58 -10.69
CA ASN A 174 -0.19 -3.54 -10.72
C ASN A 174 -0.44 -4.03 -12.14
N PRO A 175 -0.32 -5.36 -12.34
CA PRO A 175 -0.52 -5.98 -13.65
C PRO A 175 -1.99 -5.96 -14.08
N THR A 176 -2.87 -6.31 -13.15
CA THR A 176 -4.31 -6.32 -13.43
C THR A 176 -4.75 -5.04 -14.12
N TYR A 177 -4.20 -3.91 -13.67
CA TYR A 177 -4.54 -2.62 -14.26
C TYR A 177 -3.28 -1.89 -14.73
N LYS A 178 -3.05 -1.91 -16.04
CA LYS A 178 -1.89 -1.25 -16.63
C LYS A 178 -2.32 -0.25 -17.69
N PHE A 179 -3.23 0.64 -17.32
CA PHE A 179 -3.72 1.66 -18.24
C PHE A 179 -2.60 2.20 -19.11
N PHE A 180 -1.60 2.82 -18.48
CA PHE A 180 -0.47 3.37 -19.20
C PHE A 180 0.10 2.36 -20.18
N GLU A 181 1.14 2.76 -20.92
CA GLU A 181 1.77 1.90 -21.90
C GLU A 181 3.29 1.97 -21.79
N GLN A 182 3.83 1.39 -20.72
CA GLN A 182 5.27 1.39 -20.49
C GLN A 182 5.81 -0.03 -20.40
N MET A 183 5.05 -0.90 -19.75
CA MET A 183 5.45 -2.29 -19.58
C MET A 183 4.35 -3.24 -20.06
N GLN A 184 4.76 -4.34 -20.70
CA GLN A 184 3.80 -5.31 -21.21
C GLN A 184 3.91 -6.63 -20.45
N ASN A 185 2.80 -7.33 -20.33
CA ASN A 185 2.76 -8.61 -19.63
C ASN A 185 3.18 -9.76 -20.55
N GLY A 1 -27.95 5.92 -19.52
CA GLY A 1 -29.05 5.09 -19.97
C GLY A 1 -29.08 3.75 -19.26
N SER A 2 -29.55 3.75 -18.02
CA SER A 2 -29.62 2.52 -17.23
C SER A 2 -31.05 2.24 -16.80
N SER A 3 -31.28 1.05 -16.27
CA SER A 3 -32.61 0.64 -15.83
C SER A 3 -32.59 0.23 -14.36
N GLY A 4 -31.66 -0.65 -14.01
CA GLY A 4 -31.55 -1.11 -12.64
C GLY A 4 -31.29 -2.60 -12.55
N SER A 5 -30.28 -2.99 -11.78
CA SER A 5 -29.92 -4.38 -11.61
C SER A 5 -28.85 -4.54 -10.54
N SER A 6 -29.18 -5.29 -9.48
CA SER A 6 -28.24 -5.52 -8.39
C SER A 6 -28.47 -6.90 -7.77
N GLY A 7 -27.41 -7.47 -7.21
CA GLY A 7 -27.51 -8.78 -6.59
C GLY A 7 -26.71 -8.87 -5.31
N PRO A 8 -27.43 -8.90 -4.17
CA PRO A 8 -26.79 -8.99 -2.85
C PRO A 8 -26.16 -10.36 -2.60
N THR A 9 -24.83 -10.38 -2.54
CA THR A 9 -24.10 -11.61 -2.31
C THR A 9 -23.07 -11.45 -1.19
N PRO A 10 -23.52 -11.63 0.06
CA PRO A 10 -22.65 -11.49 1.23
C PRO A 10 -21.64 -12.63 1.34
N LYS A 11 -20.38 -12.32 1.06
CA LYS A 11 -19.31 -13.32 1.11
C LYS A 11 -18.32 -12.98 2.23
N THR A 12 -18.25 -13.84 3.23
CA THR A 12 -17.35 -13.65 4.36
C THR A 12 -15.89 -13.66 3.90
N GLU A 13 -15.35 -12.47 3.66
CA GLU A 13 -13.96 -12.35 3.22
C GLU A 13 -13.04 -11.99 4.39
N LEU A 14 -11.78 -12.38 4.28
CA LEU A 14 -10.81 -12.11 5.32
C LEU A 14 -10.04 -10.83 5.03
N VAL A 15 -10.10 -9.87 5.96
CA VAL A 15 -9.41 -8.59 5.80
C VAL A 15 -8.57 -8.27 7.02
N GLN A 16 -7.46 -7.57 6.81
CA GLN A 16 -6.56 -7.19 7.90
C GLN A 16 -6.44 -5.68 8.01
N LYS A 17 -6.74 -5.14 9.18
CA LYS A 17 -6.67 -3.71 9.42
C LYS A 17 -5.33 -3.34 10.08
N PHE A 18 -4.86 -2.12 9.79
CA PHE A 18 -3.60 -1.65 10.35
C PHE A 18 -3.76 -0.23 10.91
N ARG A 19 -3.15 0.02 12.06
CA ARG A 19 -3.21 1.33 12.69
C ARG A 19 -2.23 2.30 12.04
N VAL A 20 -2.76 3.28 11.32
CA VAL A 20 -1.93 4.28 10.65
C VAL A 20 -2.58 5.65 10.70
N GLN A 21 -1.94 6.63 10.06
CA GLN A 21 -2.46 7.99 10.02
C GLN A 21 -2.78 8.41 8.60
N TYR A 22 -3.53 9.50 8.46
CA TYR A 22 -3.91 10.01 7.14
C TYR A 22 -3.27 11.37 6.88
N LEU A 23 -2.42 11.42 5.86
CA LEU A 23 -1.74 12.66 5.50
C LEU A 23 -2.63 13.54 4.62
N GLY A 24 -3.29 12.91 3.65
CA GLY A 24 -4.16 13.64 2.76
C GLY A 24 -4.24 13.03 1.37
N MET A 25 -4.99 13.66 0.48
CA MET A 25 -5.14 13.17 -0.88
C MET A 25 -4.58 14.17 -1.89
N LEU A 26 -3.66 13.70 -2.72
CA LEU A 26 -3.04 14.56 -3.74
C LEU A 26 -3.12 13.92 -5.12
N PRO A 27 -3.83 14.57 -6.04
CA PRO A 27 -3.99 14.09 -7.41
C PRO A 27 -2.70 14.16 -8.21
N VAL A 28 -2.45 13.13 -9.02
CA VAL A 28 -1.25 13.08 -9.84
C VAL A 28 -1.58 13.24 -11.32
N ASP A 29 -0.57 13.15 -12.17
CA ASP A 29 -0.75 13.28 -13.61
C ASP A 29 -0.41 11.98 -14.33
N ARG A 30 0.66 11.34 -13.90
CA ARG A 30 1.10 10.08 -14.50
C ARG A 30 0.75 8.90 -13.60
N PRO A 31 0.37 7.78 -14.22
CA PRO A 31 0.01 6.56 -13.49
C PRO A 31 1.21 5.90 -12.83
N VAL A 32 2.39 6.17 -13.37
CA VAL A 32 3.63 5.60 -12.83
C VAL A 32 4.73 6.65 -12.75
N GLY A 33 5.82 6.31 -12.08
CA GLY A 33 6.93 7.24 -11.93
C GLY A 33 7.06 7.78 -10.53
N MET A 34 8.04 7.28 -9.79
CA MET A 34 8.26 7.73 -8.42
C MET A 34 8.34 9.24 -8.34
N ASP A 35 9.03 9.84 -9.31
CA ASP A 35 9.18 11.30 -9.35
C ASP A 35 7.83 11.99 -9.22
N THR A 36 6.77 11.32 -9.67
CA THR A 36 5.42 11.86 -9.60
C THR A 36 4.75 11.50 -8.29
N LEU A 37 4.87 10.24 -7.90
CA LEU A 37 4.27 9.77 -6.65
C LEU A 37 4.79 10.57 -5.45
N ASN A 38 6.10 10.67 -5.35
CA ASN A 38 6.72 11.42 -4.25
C ASN A 38 6.28 12.87 -4.25
N SER A 39 6.27 13.48 -5.44
CA SER A 39 5.86 14.87 -5.59
C SER A 39 4.50 15.11 -4.95
N ALA A 40 3.74 14.03 -4.76
CA ALA A 40 2.42 14.11 -4.16
C ALA A 40 2.50 14.02 -2.64
N ILE A 41 3.45 13.25 -2.14
CA ILE A 41 3.63 13.08 -0.70
C ILE A 41 3.98 14.41 -0.04
N GLU A 42 5.06 15.04 -0.52
CA GLU A 42 5.50 16.31 0.03
C GLU A 42 4.36 17.31 0.06
N ASN A 43 3.62 17.40 -1.05
CA ASN A 43 2.51 18.32 -1.16
C ASN A 43 1.65 18.29 0.11
N LEU A 44 1.29 17.09 0.54
CA LEU A 44 0.48 16.92 1.73
C LEU A 44 1.30 17.13 3.00
N MET A 45 2.40 16.40 3.11
CA MET A 45 3.29 16.51 4.26
C MET A 45 3.48 17.98 4.67
N THR A 46 3.68 18.83 3.67
CA THR A 46 3.87 20.25 3.92
C THR A 46 2.57 20.93 4.32
N SER A 47 1.46 20.41 3.80
CA SER A 47 0.14 20.96 4.10
C SER A 47 -0.23 20.71 5.56
N SER A 48 -0.38 19.43 5.91
CA SER A 48 -0.74 19.06 7.28
C SER A 48 0.48 18.58 8.05
N SER A 49 0.40 18.65 9.37
CA SER A 49 1.50 18.23 10.23
C SER A 49 1.33 16.78 10.67
N LYS A 50 2.41 16.16 11.12
CA LYS A 50 2.38 14.78 11.58
C LYS A 50 1.23 14.55 12.55
N GLU A 51 1.06 15.48 13.50
CA GLU A 51 0.00 15.37 14.49
C GLU A 51 -1.36 15.64 13.85
N ASP A 52 -1.40 16.59 12.92
CA ASP A 52 -2.64 16.94 12.23
C ASP A 52 -3.27 15.70 11.60
N TRP A 53 -2.44 14.80 11.12
CA TRP A 53 -2.92 13.57 10.49
C TRP A 53 -3.70 12.72 11.48
N PRO A 54 -5.02 12.59 11.24
CA PRO A 54 -5.90 11.80 12.10
C PRO A 54 -5.63 10.30 12.01
N SER A 55 -5.67 9.62 13.15
CA SER A 55 -5.42 8.19 13.19
C SER A 55 -6.60 7.41 12.61
N VAL A 56 -6.31 6.58 11.61
CA VAL A 56 -7.35 5.78 10.97
C VAL A 56 -6.90 4.33 10.82
N ASN A 57 -7.84 3.46 10.47
CA ASN A 57 -7.56 2.05 10.30
C ASN A 57 -7.51 1.68 8.81
N MET A 58 -6.36 1.17 8.37
CA MET A 58 -6.19 0.79 6.98
C MET A 58 -6.58 -0.67 6.77
N ASN A 59 -7.80 -0.89 6.28
CA ASN A 59 -8.29 -2.25 6.05
C ASN A 59 -7.85 -2.74 4.67
N VAL A 60 -6.93 -3.72 4.67
CA VAL A 60 -6.43 -4.29 3.43
C VAL A 60 -6.93 -5.71 3.24
N ALA A 61 -7.98 -5.86 2.44
CA ALA A 61 -8.55 -7.18 2.16
C ALA A 61 -7.69 -7.96 1.17
N ASP A 62 -8.16 -9.15 0.80
CA ASP A 62 -7.43 -9.99 -0.13
C ASP A 62 -7.04 -9.20 -1.38
N ALA A 63 -8.04 -8.70 -2.09
CA ALA A 63 -7.81 -7.92 -3.31
C ALA A 63 -8.50 -6.58 -3.24
N THR A 64 -8.53 -5.98 -2.06
CA THR A 64 -9.17 -4.68 -1.85
C THR A 64 -8.57 -3.95 -0.66
N VAL A 65 -8.58 -2.62 -0.71
CA VAL A 65 -8.05 -1.80 0.36
C VAL A 65 -9.00 -0.67 0.72
N THR A 66 -9.72 -0.84 1.83
CA THR A 66 -10.67 0.17 2.29
C THR A 66 -10.12 0.94 3.48
N VAL A 67 -10.41 2.23 3.54
CA VAL A 67 -9.96 3.08 4.63
C VAL A 67 -11.11 3.46 5.56
N ILE A 68 -11.02 3.04 6.82
CA ILE A 68 -12.04 3.34 7.81
C ILE A 68 -11.53 4.31 8.87
N SER A 69 -12.43 5.14 9.39
CA SER A 69 -12.05 6.11 10.40
C SER A 69 -12.04 5.46 11.79
N GLU A 70 -10.87 5.48 12.43
CA GLU A 70 -10.71 4.88 13.74
C GLU A 70 -11.94 5.16 14.61
N LYS A 71 -12.53 6.34 14.44
CA LYS A 71 -13.71 6.73 15.20
C LYS A 71 -14.93 5.93 14.76
N ASN A 72 -15.35 6.13 13.51
CA ASN A 72 -16.50 5.43 12.98
C ASN A 72 -16.06 4.25 12.12
N GLU A 73 -16.69 3.10 12.35
CA GLU A 73 -16.37 1.89 11.60
C GLU A 73 -17.02 1.92 10.22
N GLU A 74 -18.26 2.41 10.17
CA GLU A 74 -18.99 2.48 8.91
C GLU A 74 -18.53 3.67 8.08
N GLU A 75 -17.57 4.42 8.61
CA GLU A 75 -17.04 5.59 7.92
C GLU A 75 -15.92 5.19 6.96
N VAL A 76 -16.23 5.23 5.66
CA VAL A 76 -15.25 4.87 4.64
C VAL A 76 -14.61 6.12 4.04
N LEU A 77 -13.44 6.48 4.55
CA LEU A 77 -12.73 7.66 4.06
C LEU A 77 -12.32 7.48 2.60
N VAL A 78 -11.84 6.30 2.26
CA VAL A 78 -11.42 6.00 0.89
C VAL A 78 -11.56 4.51 0.59
N GLU A 79 -12.21 4.19 -0.53
CA GLU A 79 -12.40 2.80 -0.92
C GLU A 79 -11.53 2.46 -2.14
N CYS A 80 -10.37 1.89 -1.88
CA CYS A 80 -9.45 1.51 -2.95
C CYS A 80 -9.52 0.01 -3.22
N ARG A 81 -9.29 -0.37 -4.48
CA ARG A 81 -9.34 -1.77 -4.88
C ARG A 81 -8.10 -2.14 -5.69
N VAL A 82 -7.33 -3.09 -5.19
CA VAL A 82 -6.13 -3.54 -5.88
C VAL A 82 -6.30 -3.49 -7.39
N ARG A 83 -7.29 -4.22 -7.89
CA ARG A 83 -7.56 -4.25 -9.33
C ARG A 83 -7.39 -2.86 -9.95
N PHE A 84 -8.01 -1.87 -9.33
CA PHE A 84 -7.94 -0.50 -9.82
C PHE A 84 -6.54 0.08 -9.60
N LEU A 85 -5.94 -0.23 -8.46
CA LEU A 85 -4.61 0.25 -8.13
C LEU A 85 -3.72 0.26 -9.37
N SER A 86 -3.29 1.45 -9.77
CA SER A 86 -2.43 1.60 -10.95
C SER A 86 -0.97 1.32 -10.59
N PHE A 87 -0.44 2.09 -9.64
CA PHE A 87 0.94 1.92 -9.21
C PHE A 87 1.11 2.35 -7.75
N MET A 88 1.75 1.49 -6.96
CA MET A 88 1.97 1.78 -5.55
C MET A 88 3.46 1.78 -5.23
N GLY A 89 3.85 2.60 -4.25
CA GLY A 89 5.24 2.68 -3.87
C GLY A 89 5.44 3.37 -2.53
N VAL A 90 6.69 3.67 -2.20
CA VAL A 90 7.01 4.33 -0.94
C VAL A 90 7.88 5.55 -1.17
N GLY A 91 7.65 6.59 -0.37
CA GLY A 91 8.43 7.81 -0.50
C GLY A 91 9.85 7.65 0.01
N LYS A 92 10.58 8.75 0.09
CA LYS A 92 11.96 8.73 0.56
C LYS A 92 12.08 7.97 1.88
N ASP A 93 11.14 8.23 2.78
CA ASP A 93 11.14 7.57 4.09
C ASP A 93 10.21 6.35 4.07
N VAL A 94 10.78 5.19 4.39
CA VAL A 94 10.01 3.95 4.41
C VAL A 94 8.80 4.07 5.32
N HIS A 95 8.90 4.94 6.32
CA HIS A 95 7.80 5.16 7.26
C HIS A 95 6.53 5.59 6.53
N THR A 96 6.70 6.16 5.34
CA THR A 96 5.57 6.61 4.54
C THR A 96 5.15 5.55 3.54
N PHE A 97 3.90 5.64 3.07
CA PHE A 97 3.37 4.69 2.11
C PHE A 97 2.24 5.31 1.30
N ALA A 98 2.46 5.49 0.00
CA ALA A 98 1.45 6.06 -0.87
C ALA A 98 1.18 5.16 -2.07
N PHE A 99 -0.05 5.18 -2.56
CA PHE A 99 -0.44 4.36 -3.70
C PHE A 99 -1.35 5.14 -4.65
N ILE A 100 -1.17 4.91 -5.95
CA ILE A 100 -1.98 5.60 -6.96
C ILE A 100 -3.09 4.70 -7.48
N MET A 101 -4.33 5.18 -7.40
CA MET A 101 -5.47 4.42 -7.87
C MET A 101 -6.24 5.20 -8.94
N ASP A 102 -7.18 4.52 -9.60
CA ASP A 102 -7.99 5.15 -10.64
C ASP A 102 -9.41 5.40 -10.14
N THR A 103 -9.76 6.68 -10.01
CA THR A 103 -11.09 7.05 -9.55
C THR A 103 -11.92 7.63 -10.68
N GLY A 104 -11.86 6.98 -11.85
CA GLY A 104 -12.62 7.44 -12.99
C GLY A 104 -11.74 7.65 -14.22
N ASN A 105 -11.88 8.82 -14.85
CA ASN A 105 -11.11 9.14 -16.03
C ASN A 105 -9.61 9.00 -15.76
N GLN A 106 -8.80 9.38 -16.74
CA GLN A 106 -7.35 9.30 -16.60
C GLN A 106 -6.89 9.87 -15.27
N ARG A 107 -7.75 10.68 -14.66
CA ARG A 107 -7.44 11.30 -13.37
C ARG A 107 -7.22 10.23 -12.30
N PHE A 108 -6.04 10.24 -11.70
CA PHE A 108 -5.71 9.26 -10.66
C PHE A 108 -5.39 9.97 -9.33
N GLU A 109 -5.87 9.40 -8.24
CA GLU A 109 -5.63 9.97 -6.92
C GLU A 109 -4.60 9.15 -6.14
N CYS A 110 -3.69 9.85 -5.47
CA CYS A 110 -2.66 9.18 -4.69
C CYS A 110 -2.86 9.43 -3.19
N HIS A 111 -3.22 8.38 -2.47
CA HIS A 111 -3.45 8.48 -1.04
C HIS A 111 -2.19 8.11 -0.26
N VAL A 112 -1.85 8.92 0.73
CA VAL A 112 -0.67 8.67 1.55
C VAL A 112 -1.05 8.34 2.99
N PHE A 113 -0.32 7.41 3.58
CA PHE A 113 -0.58 6.99 4.96
C PHE A 113 0.72 6.68 5.70
N TRP A 114 0.87 7.25 6.89
CA TRP A 114 2.06 7.04 7.69
C TRP A 114 2.00 5.70 8.42
N CYS A 115 3.00 4.87 8.22
CA CYS A 115 3.05 3.56 8.86
C CYS A 115 3.98 3.59 10.08
N GLU A 116 3.78 2.63 10.97
CA GLU A 116 4.59 2.55 12.19
C GLU A 116 4.82 1.09 12.60
N PRO A 117 6.09 0.72 12.78
CA PRO A 117 7.22 1.63 12.60
C PRO A 117 7.43 2.00 11.13
N ASN A 118 7.44 0.99 10.26
CA ASN A 118 7.63 1.21 8.84
C ASN A 118 6.45 0.67 8.04
N ALA A 119 6.52 0.84 6.72
CA ALA A 119 5.45 0.36 5.84
C ALA A 119 5.82 -0.98 5.21
N ALA A 120 6.31 -1.90 6.03
CA ALA A 120 6.69 -3.22 5.56
C ALA A 120 5.48 -4.13 5.40
N ASN A 121 4.74 -4.31 6.49
CA ASN A 121 3.54 -5.16 6.48
C ASN A 121 2.46 -4.55 5.59
N VAL A 122 2.37 -3.22 5.60
CA VAL A 122 1.38 -2.51 4.80
C VAL A 122 1.66 -2.68 3.31
N SER A 123 2.92 -2.53 2.93
CA SER A 123 3.32 -2.65 1.54
C SER A 123 3.40 -4.12 1.13
N GLU A 124 3.57 -4.99 2.11
CA GLU A 124 3.65 -6.43 1.85
C GLU A 124 2.28 -7.03 1.61
N ALA A 125 1.31 -6.62 2.43
CA ALA A 125 -0.06 -7.12 2.31
C ALA A 125 -0.69 -6.66 1.01
N VAL A 126 -0.57 -5.37 0.70
CA VAL A 126 -1.13 -4.82 -0.52
C VAL A 126 -0.44 -5.39 -1.75
N GLN A 127 0.89 -5.41 -1.71
CA GLN A 127 1.68 -5.94 -2.83
C GLN A 127 1.31 -7.39 -3.12
N ALA A 128 1.31 -8.21 -2.07
CA ALA A 128 0.99 -9.63 -2.21
C ALA A 128 -0.46 -9.82 -2.61
N ALA A 129 -1.35 -9.04 -1.98
CA ALA A 129 -2.77 -9.12 -2.27
C ALA A 129 -3.03 -9.22 -3.76
N CYS A 130 -2.31 -8.41 -4.54
CA CYS A 130 -2.46 -8.41 -5.99
C CYS A 130 -2.51 -9.83 -6.54
N SER A 131 -1.53 -10.63 -6.16
CA SER A 131 -1.46 -12.02 -6.62
C SER A 131 -1.96 -12.97 -5.54
N GLY A 132 -3.04 -12.58 -4.87
CA GLY A 132 -3.61 -13.41 -3.82
C GLY A 132 -2.55 -14.20 -3.07
N PRO A 133 -2.34 -15.46 -3.48
CA PRO A 133 -1.34 -16.34 -2.85
C PRO A 133 0.08 -15.90 -3.14
N SER A 134 1.01 -16.34 -2.29
CA SER A 134 2.42 -15.98 -2.44
C SER A 134 3.31 -17.16 -2.08
N SER A 135 4.52 -17.18 -2.64
CA SER A 135 5.48 -18.25 -2.39
C SER A 135 6.91 -17.75 -2.55
N GLY A 136 7.66 -17.75 -1.46
CA GLY A 136 9.04 -17.31 -1.51
C GLY A 136 9.88 -17.89 -0.39
N ILE A 137 11.15 -18.17 -0.68
CA ILE A 137 12.05 -18.72 0.32
C ILE A 137 13.21 -17.78 0.59
N GLU A 138 13.64 -17.72 1.84
CA GLU A 138 14.74 -16.85 2.24
C GLU A 138 16.08 -17.59 2.11
N GLY A 139 16.06 -18.89 2.39
CA GLY A 139 17.27 -19.68 2.29
C GLY A 139 17.88 -19.97 3.65
N ARG A 140 18.40 -21.19 3.83
CA ARG A 140 19.00 -21.59 5.09
C ARG A 140 20.24 -20.76 5.39
N GLY A 141 21.23 -20.85 4.51
CA GLY A 141 22.46 -20.09 4.71
C GLY A 141 23.47 -20.35 3.61
N SER A 142 24.55 -19.56 3.60
CA SER A 142 25.60 -19.70 2.60
C SER A 142 26.94 -19.93 3.25
N SER A 143 27.35 -19.00 4.11
CA SER A 143 28.63 -19.09 4.81
C SER A 143 29.74 -19.50 3.84
N GLY A 144 29.73 -18.89 2.65
CA GLY A 144 30.75 -19.20 1.66
C GLY A 144 32.15 -19.11 2.21
N SER A 145 32.96 -20.13 1.94
CA SER A 145 34.35 -20.16 2.42
C SER A 145 35.11 -18.94 1.93
N SER A 146 35.08 -18.70 0.62
CA SER A 146 35.78 -17.57 0.02
C SER A 146 35.08 -16.26 0.37
N GLY A 147 35.73 -15.45 1.19
CA GLY A 147 35.16 -14.18 1.59
C GLY A 147 35.47 -13.81 3.02
N SER A 148 35.78 -12.54 3.26
CA SER A 148 36.12 -12.07 4.60
C SER A 148 34.96 -11.25 5.18
N SER A 149 34.19 -11.89 6.06
CA SER A 149 33.05 -11.22 6.69
C SER A 149 32.45 -12.10 7.79
N GLY A 150 31.98 -11.46 8.86
CA GLY A 150 31.38 -12.20 9.95
C GLY A 150 32.34 -12.39 11.11
N SER A 151 33.29 -13.29 10.95
CA SER A 151 34.27 -13.58 11.99
C SER A 151 34.93 -12.29 12.48
N SER A 152 35.42 -11.49 11.55
CA SER A 152 36.07 -10.22 11.88
C SER A 152 35.04 -9.10 12.01
N GLY A 153 34.26 -8.89 10.95
CA GLY A 153 33.25 -7.85 10.96
C GLY A 153 31.85 -8.41 11.04
N ASP A 154 31.08 -7.92 12.01
CA ASP A 154 29.70 -8.38 12.19
C ASP A 154 28.72 -7.37 11.60
N ALA A 155 27.85 -7.84 10.72
CA ALA A 155 26.86 -6.98 10.08
C ALA A 155 25.73 -7.80 9.47
N ALA A 156 24.51 -7.28 9.53
CA ALA A 156 23.35 -7.96 8.98
C ALA A 156 22.12 -7.07 9.02
N VAL A 157 21.63 -6.69 7.84
CA VAL A 157 20.45 -5.83 7.74
C VAL A 157 19.17 -6.67 7.70
N THR A 158 18.15 -6.19 8.41
CA THR A 158 16.88 -6.89 8.46
C THR A 158 16.20 -6.91 7.09
N PRO A 159 15.54 -8.03 6.77
CA PRO A 159 14.84 -8.20 5.50
C PRO A 159 13.59 -7.32 5.40
N GLU A 160 13.35 -6.55 6.45
CA GLU A 160 12.18 -5.66 6.47
C GLU A 160 12.46 -4.39 5.68
N GLU A 161 13.57 -3.72 5.99
CA GLU A 161 13.94 -2.50 5.30
C GLU A 161 14.37 -2.78 3.87
N ARG A 162 15.17 -3.83 3.69
CA ARG A 162 15.66 -4.21 2.37
C ARG A 162 14.52 -4.21 1.35
N HIS A 163 13.45 -4.92 1.67
CA HIS A 163 12.29 -5.01 0.79
C HIS A 163 11.70 -3.62 0.53
N LEU A 164 11.50 -2.86 1.60
CA LEU A 164 10.94 -1.52 1.49
C LEU A 164 11.71 -0.69 0.47
N SER A 165 13.04 -0.79 0.51
CA SER A 165 13.89 -0.05 -0.42
C SER A 165 13.46 -0.30 -1.86
N LYS A 166 13.24 -1.56 -2.20
CA LYS A 166 12.83 -1.93 -3.55
C LYS A 166 11.55 -1.21 -3.95
N MET A 167 10.59 -1.15 -3.03
CA MET A 167 9.32 -0.48 -3.28
C MET A 167 9.54 0.98 -3.65
N GLN A 168 10.32 1.68 -2.83
CA GLN A 168 10.61 3.10 -3.07
C GLN A 168 11.55 3.26 -4.27
N GLN A 169 12.15 2.15 -4.71
CA GLN A 169 13.06 2.18 -5.83
C GLN A 169 12.31 2.15 -7.15
N ASN A 170 11.74 0.99 -7.48
CA ASN A 170 10.98 0.82 -8.72
C ASN A 170 9.48 0.73 -8.44
N GLY A 171 9.15 0.33 -7.21
CA GLY A 171 7.74 0.21 -6.84
C GLY A 171 7.07 -0.98 -7.47
N TYR A 172 5.75 -1.04 -7.37
CA TYR A 172 4.99 -2.14 -7.94
C TYR A 172 3.89 -1.62 -8.86
N GLU A 173 3.90 -2.09 -10.11
CA GLU A 173 2.90 -1.67 -11.10
C GLU A 173 1.87 -2.77 -11.33
N ASN A 174 0.63 -2.49 -11.00
CA ASN A 174 -0.46 -3.46 -11.17
C ASN A 174 -0.57 -3.87 -12.63
N PRO A 175 -0.38 -5.18 -12.89
CA PRO A 175 -0.47 -5.73 -14.25
C PRO A 175 -1.90 -5.72 -14.78
N THR A 176 -2.85 -6.00 -13.90
CA THR A 176 -4.26 -6.03 -14.29
C THR A 176 -4.68 -4.71 -14.93
N TYR A 177 -4.00 -3.64 -14.57
CA TYR A 177 -4.31 -2.31 -15.10
C TYR A 177 -3.19 -1.82 -16.01
N LYS A 178 -3.07 -2.43 -17.18
CA LYS A 178 -2.04 -2.05 -18.14
C LYS A 178 -2.62 -1.18 -19.24
N PHE A 179 -3.46 -0.22 -18.85
CA PHE A 179 -4.09 0.69 -19.81
C PHE A 179 -3.04 1.32 -20.71
N PHE A 180 -1.93 1.75 -20.12
CA PHE A 180 -0.85 2.37 -20.89
C PHE A 180 -0.13 1.34 -21.75
N GLU A 181 0.65 1.82 -22.71
CA GLU A 181 1.40 0.95 -23.60
C GLU A 181 2.88 0.95 -23.25
N GLN A 182 3.19 0.63 -22.00
CA GLN A 182 4.57 0.60 -21.54
C GLN A 182 5.42 -0.31 -22.43
N MET A 183 4.86 -1.45 -22.81
CA MET A 183 5.57 -2.40 -23.66
C MET A 183 5.41 -2.03 -25.14
N GLN A 184 6.48 -2.24 -25.91
CA GLN A 184 6.45 -1.93 -27.33
C GLN A 184 6.23 -3.18 -28.16
N ASN A 185 5.35 -3.08 -29.15
CA ASN A 185 5.05 -4.21 -30.03
C ASN A 185 6.28 -4.66 -30.80
N GLY A 1 -26.55 -9.38 15.62
CA GLY A 1 -27.18 -8.57 16.64
C GLY A 1 -28.11 -7.52 16.05
N SER A 2 -27.56 -6.36 15.72
CA SER A 2 -28.35 -5.27 15.15
C SER A 2 -28.02 -5.08 13.67
N SER A 3 -29.00 -4.60 12.91
CA SER A 3 -28.82 -4.37 11.48
C SER A 3 -28.24 -2.99 11.23
N GLY A 4 -27.15 -2.93 10.45
CA GLY A 4 -26.52 -1.67 10.14
C GLY A 4 -26.73 -1.25 8.71
N SER A 5 -25.65 -1.18 7.93
CA SER A 5 -25.74 -0.79 6.54
C SER A 5 -25.01 -1.78 5.64
N SER A 6 -25.78 -2.51 4.84
CA SER A 6 -25.20 -3.51 3.94
C SER A 6 -26.20 -3.89 2.85
N GLY A 7 -25.70 -4.56 1.82
CA GLY A 7 -26.57 -4.98 0.73
C GLY A 7 -27.39 -6.20 1.06
N PRO A 8 -27.96 -6.85 0.04
CA PRO A 8 -28.78 -8.04 0.22
C PRO A 8 -27.96 -9.26 0.66
N THR A 9 -26.67 -9.04 0.90
CA THR A 9 -25.78 -10.11 1.32
C THR A 9 -24.81 -9.62 2.39
N PRO A 10 -24.54 -10.49 3.38
CA PRO A 10 -23.63 -10.17 4.49
C PRO A 10 -22.18 -10.09 4.03
N LYS A 11 -21.29 -9.73 4.95
CA LYS A 11 -19.87 -9.62 4.65
C LYS A 11 -19.07 -10.71 5.37
N THR A 12 -19.04 -11.90 4.79
CA THR A 12 -18.31 -13.02 5.37
C THR A 12 -16.86 -13.02 4.93
N GLU A 13 -16.31 -11.82 4.71
CA GLU A 13 -14.93 -11.69 4.29
C GLU A 13 -14.03 -11.30 5.45
N LEU A 14 -12.79 -11.81 5.45
CA LEU A 14 -11.85 -11.51 6.52
C LEU A 14 -10.79 -10.52 6.05
N VAL A 15 -10.95 -9.26 6.47
CA VAL A 15 -10.01 -8.21 6.10
C VAL A 15 -9.15 -7.79 7.28
N GLN A 16 -7.87 -7.53 7.02
CA GLN A 16 -6.94 -7.12 8.06
C GLN A 16 -6.81 -5.61 8.12
N LYS A 17 -6.75 -5.06 9.33
CA LYS A 17 -6.63 -3.62 9.52
C LYS A 17 -5.26 -3.27 10.11
N PHE A 18 -4.77 -2.08 9.77
CA PHE A 18 -3.47 -1.62 10.26
C PHE A 18 -3.57 -0.19 10.78
N ARG A 19 -2.94 0.06 11.92
CA ARG A 19 -2.95 1.38 12.53
C ARG A 19 -2.02 2.33 11.78
N VAL A 20 -2.61 3.35 11.14
CA VAL A 20 -1.83 4.32 10.39
C VAL A 20 -2.47 5.71 10.46
N GLN A 21 -1.76 6.71 9.95
CA GLN A 21 -2.26 8.08 9.96
C GLN A 21 -2.61 8.54 8.54
N TYR A 22 -3.44 9.56 8.45
CA TYR A 22 -3.85 10.10 7.15
C TYR A 22 -3.25 11.49 6.93
N LEU A 23 -2.31 11.57 5.99
CA LEU A 23 -1.66 12.84 5.67
C LEU A 23 -2.56 13.71 4.80
N GLY A 24 -3.22 13.09 3.83
CA GLY A 24 -4.11 13.82 2.95
C GLY A 24 -4.20 13.20 1.57
N MET A 25 -4.98 13.84 0.69
CA MET A 25 -5.15 13.33 -0.67
C MET A 25 -4.44 14.23 -1.67
N LEU A 26 -3.80 13.60 -2.66
CA LEU A 26 -3.08 14.34 -3.70
C LEU A 26 -3.26 13.69 -5.05
N PRO A 27 -3.88 14.42 -6.00
CA PRO A 27 -4.12 13.92 -7.36
C PRO A 27 -2.83 13.80 -8.16
N VAL A 28 -2.85 12.92 -9.17
CA VAL A 28 -1.68 12.72 -10.01
C VAL A 28 -2.07 12.64 -11.48
N ASP A 29 -1.14 13.01 -12.36
CA ASP A 29 -1.39 12.98 -13.80
C ASP A 29 -0.69 11.80 -14.45
N ARG A 30 0.16 11.12 -13.68
CA ARG A 30 0.88 9.95 -14.18
C ARG A 30 0.47 8.69 -13.44
N PRO A 31 0.25 7.61 -14.20
CA PRO A 31 -0.15 6.31 -13.64
C PRO A 31 0.98 5.66 -12.84
N VAL A 32 2.22 5.93 -13.24
CA VAL A 32 3.38 5.36 -12.56
C VAL A 32 4.49 6.39 -12.42
N GLY A 33 5.63 5.96 -11.90
CA GLY A 33 6.76 6.86 -11.73
C GLY A 33 6.92 7.31 -10.28
N MET A 34 7.92 6.77 -9.60
CA MET A 34 8.18 7.12 -8.22
C MET A 34 8.27 8.63 -8.04
N ASP A 35 8.71 9.31 -9.09
CA ASP A 35 8.85 10.76 -9.05
C ASP A 35 7.50 11.44 -8.88
N THR A 36 6.46 10.83 -9.44
CA THR A 36 5.12 11.37 -9.36
C THR A 36 4.44 10.97 -8.05
N LEU A 37 4.64 9.71 -7.65
CA LEU A 37 4.06 9.19 -6.42
C LEU A 37 4.60 9.95 -5.21
N ASN A 38 5.91 10.18 -5.20
CA ASN A 38 6.54 10.89 -4.10
C ASN A 38 6.21 12.38 -4.14
N SER A 39 6.20 12.95 -5.35
CA SER A 39 5.90 14.36 -5.53
C SER A 39 4.57 14.71 -4.87
N ALA A 40 3.74 13.70 -4.65
CA ALA A 40 2.44 13.91 -4.02
C ALA A 40 2.55 13.86 -2.50
N ILE A 41 3.44 13.02 -2.01
CA ILE A 41 3.64 12.88 -0.57
C ILE A 41 3.95 14.22 0.08
N GLU A 42 5.08 14.81 -0.29
CA GLU A 42 5.49 16.10 0.26
C GLU A 42 4.34 17.09 0.20
N ASN A 43 3.84 17.34 -1.00
CA ASN A 43 2.74 18.28 -1.21
C ASN A 43 1.76 18.22 -0.03
N LEU A 44 1.58 17.04 0.53
CA LEU A 44 0.68 16.85 1.66
C LEU A 44 1.39 17.15 2.98
N MET A 45 2.51 16.48 3.20
CA MET A 45 3.29 16.67 4.42
C MET A 45 3.46 18.15 4.73
N THR A 46 3.82 18.93 3.70
CA THR A 46 4.02 20.37 3.86
C THR A 46 2.72 21.06 4.25
N SER A 47 1.60 20.44 3.90
CA SER A 47 0.29 21.01 4.20
C SER A 47 -0.07 20.79 5.67
N SER A 48 0.03 19.53 6.11
CA SER A 48 -0.28 19.18 7.49
C SER A 48 0.92 18.55 8.18
N SER A 49 1.08 18.85 9.47
CA SER A 49 2.20 18.32 10.25
C SER A 49 1.97 16.85 10.59
N LYS A 50 2.99 16.20 11.13
CA LYS A 50 2.90 14.80 11.51
C LYS A 50 1.80 14.58 12.53
N GLU A 51 1.75 15.44 13.54
CA GLU A 51 0.73 15.34 14.58
C GLU A 51 -0.63 15.80 14.07
N ASP A 52 -0.62 16.60 13.00
CA ASP A 52 -1.85 17.11 12.42
C ASP A 52 -2.61 15.98 11.71
N TRP A 53 -1.89 14.92 11.36
CA TRP A 53 -2.49 13.79 10.67
C TRP A 53 -3.25 12.90 11.65
N PRO A 54 -4.56 12.74 11.40
CA PRO A 54 -5.43 11.90 12.24
C PRO A 54 -5.11 10.41 12.12
N SER A 55 -5.55 9.64 13.10
CA SER A 55 -5.31 8.20 13.11
C SER A 55 -6.49 7.46 12.49
N VAL A 56 -6.19 6.60 11.51
CA VAL A 56 -7.22 5.82 10.83
C VAL A 56 -6.79 4.37 10.66
N ASN A 57 -7.77 3.49 10.42
CA ASN A 57 -7.50 2.08 10.24
C ASN A 57 -7.49 1.71 8.76
N MET A 58 -6.34 1.27 8.26
CA MET A 58 -6.21 0.88 6.86
C MET A 58 -6.57 -0.59 6.66
N ASN A 59 -7.80 -0.83 6.23
CA ASN A 59 -8.28 -2.20 6.01
C ASN A 59 -7.90 -2.67 4.60
N VAL A 60 -7.12 -3.75 4.54
CA VAL A 60 -6.70 -4.30 3.26
C VAL A 60 -7.22 -5.72 3.08
N ALA A 61 -8.30 -5.85 2.32
CA ALA A 61 -8.90 -7.15 2.06
C ALA A 61 -8.09 -7.95 1.04
N ASP A 62 -8.59 -9.13 0.69
CA ASP A 62 -7.90 -9.98 -0.28
C ASP A 62 -7.32 -9.15 -1.43
N ALA A 63 -8.21 -8.56 -2.22
CA ALA A 63 -7.79 -7.74 -3.35
C ALA A 63 -8.42 -6.35 -3.29
N THR A 64 -8.70 -5.89 -2.08
CA THR A 64 -9.32 -4.57 -1.89
C THR A 64 -8.69 -3.84 -0.70
N VAL A 65 -8.65 -2.52 -0.78
CA VAL A 65 -8.08 -1.71 0.28
C VAL A 65 -9.03 -0.59 0.69
N THR A 66 -9.71 -0.78 1.81
CA THR A 66 -10.65 0.22 2.30
C THR A 66 -10.12 0.92 3.55
N VAL A 67 -10.26 2.23 3.59
CA VAL A 67 -9.79 3.01 4.73
C VAL A 67 -10.95 3.44 5.63
N ILE A 68 -10.98 2.90 6.84
CA ILE A 68 -12.03 3.22 7.79
C ILE A 68 -11.50 4.07 8.93
N SER A 69 -12.26 5.09 9.32
CA SER A 69 -11.87 5.98 10.40
C SER A 69 -11.65 5.20 11.69
N GLU A 70 -10.66 5.64 12.48
CA GLU A 70 -10.34 4.98 13.73
C GLU A 70 -11.50 5.09 14.72
N LYS A 71 -12.23 6.20 14.62
CA LYS A 71 -13.38 6.43 15.51
C LYS A 71 -14.53 5.49 15.17
N ASN A 72 -15.18 5.75 14.04
CA ASN A 72 -16.30 4.92 13.60
C ASN A 72 -15.81 3.74 12.78
N GLU A 73 -16.68 2.74 12.60
CA GLU A 73 -16.33 1.55 11.85
C GLU A 73 -17.17 1.46 10.58
N GLU A 74 -17.84 2.55 10.23
CA GLU A 74 -18.68 2.60 9.04
C GLU A 74 -18.31 3.77 8.14
N GLU A 75 -17.33 4.56 8.59
CA GLU A 75 -16.88 5.72 7.83
C GLU A 75 -15.75 5.34 6.88
N VAL A 76 -16.11 5.06 5.62
CA VAL A 76 -15.13 4.68 4.61
C VAL A 76 -14.37 5.90 4.10
N LEU A 77 -13.26 6.21 4.77
CA LEU A 77 -12.44 7.36 4.38
C LEU A 77 -12.07 7.30 2.90
N VAL A 78 -11.56 6.15 2.48
CA VAL A 78 -11.17 5.96 1.08
C VAL A 78 -11.42 4.53 0.64
N GLU A 79 -12.10 4.38 -0.50
CA GLU A 79 -12.41 3.06 -1.04
C GLU A 79 -11.53 2.75 -2.25
N CYS A 80 -10.43 2.03 -2.00
CA CYS A 80 -9.50 1.67 -3.07
C CYS A 80 -9.54 0.16 -3.32
N ARG A 81 -9.36 -0.22 -4.59
CA ARG A 81 -9.38 -1.63 -4.96
C ARG A 81 -8.02 -2.06 -5.52
N VAL A 82 -7.41 -3.05 -4.88
CA VAL A 82 -6.11 -3.55 -5.31
C VAL A 82 -6.04 -3.66 -6.83
N ARG A 83 -7.14 -4.11 -7.44
CA ARG A 83 -7.20 -4.26 -8.88
C ARG A 83 -7.17 -2.90 -9.57
N PHE A 84 -7.85 -1.93 -8.98
CA PHE A 84 -7.89 -0.58 -9.54
C PHE A 84 -6.57 0.15 -9.34
N LEU A 85 -5.76 -0.35 -8.41
CA LEU A 85 -4.47 0.24 -8.11
C LEU A 85 -3.58 0.26 -9.36
N SER A 86 -3.27 1.45 -9.84
CA SER A 86 -2.43 1.60 -11.02
C SER A 86 -0.96 1.40 -10.67
N PHE A 87 -0.51 2.02 -9.59
CA PHE A 87 0.87 1.90 -9.16
C PHE A 87 1.03 2.39 -7.72
N MET A 88 1.87 1.70 -6.96
CA MET A 88 2.12 2.05 -5.57
C MET A 88 3.61 2.14 -5.27
N GLY A 89 3.96 2.83 -4.19
CA GLY A 89 5.36 2.96 -3.83
C GLY A 89 5.54 3.58 -2.45
N VAL A 90 6.79 3.82 -2.08
CA VAL A 90 7.10 4.41 -0.77
C VAL A 90 8.01 5.62 -0.92
N GLY A 91 7.74 6.66 -0.13
CA GLY A 91 8.55 7.86 -0.20
C GLY A 91 9.98 7.62 0.25
N LYS A 92 10.79 8.67 0.23
CA LYS A 92 12.19 8.58 0.64
C LYS A 92 12.32 7.79 1.94
N ASP A 93 11.37 7.99 2.86
CA ASP A 93 11.40 7.30 4.13
C ASP A 93 10.56 6.03 4.07
N VAL A 94 10.86 5.08 4.95
CA VAL A 94 10.15 3.82 5.00
C VAL A 94 8.96 3.89 5.94
N HIS A 95 8.67 5.09 6.43
CA HIS A 95 7.55 5.30 7.35
C HIS A 95 6.31 5.77 6.59
N THR A 96 6.51 6.20 5.36
CA THR A 96 5.41 6.68 4.53
C THR A 96 5.01 5.64 3.48
N PHE A 97 3.74 5.62 3.13
CA PHE A 97 3.23 4.68 2.14
C PHE A 97 2.10 5.30 1.32
N ALA A 98 2.35 5.46 0.03
CA ALA A 98 1.36 6.05 -0.87
C ALA A 98 1.05 5.10 -2.03
N PHE A 99 -0.18 5.17 -2.52
CA PHE A 99 -0.61 4.31 -3.63
C PHE A 99 -1.48 5.09 -4.61
N ILE A 100 -1.43 4.70 -5.87
CA ILE A 100 -2.22 5.35 -6.91
C ILE A 100 -3.34 4.46 -7.41
N MET A 101 -4.57 4.95 -7.34
CA MET A 101 -5.74 4.19 -7.79
C MET A 101 -6.37 4.84 -9.00
N ASP A 102 -7.17 4.07 -9.73
CA ASP A 102 -7.84 4.57 -10.93
C ASP A 102 -9.30 4.89 -10.64
N THR A 103 -9.62 6.18 -10.52
CA THR A 103 -10.98 6.61 -10.25
C THR A 103 -11.72 6.98 -11.53
N GLY A 104 -10.96 7.44 -12.53
CA GLY A 104 -11.54 7.83 -13.79
C GLY A 104 -10.83 7.20 -14.97
N ASN A 105 -10.99 7.82 -16.14
CA ASN A 105 -10.35 7.33 -17.36
C ASN A 105 -8.85 7.59 -17.34
N GLN A 106 -8.48 8.85 -17.14
CA GLN A 106 -7.07 9.24 -17.09
C GLN A 106 -6.71 9.81 -15.72
N ARG A 107 -7.64 10.57 -15.14
CA ARG A 107 -7.40 11.18 -13.84
C ARG A 107 -7.32 10.11 -12.75
N PHE A 108 -6.24 10.16 -11.96
CA PHE A 108 -6.04 9.20 -10.89
C PHE A 108 -5.84 9.91 -9.56
N GLU A 109 -6.06 9.19 -8.46
CA GLU A 109 -5.90 9.75 -7.12
C GLU A 109 -4.74 9.09 -6.38
N CYS A 110 -4.03 9.88 -5.59
CA CYS A 110 -2.90 9.36 -4.83
C CYS A 110 -3.09 9.61 -3.33
N HIS A 111 -3.20 8.54 -2.57
CA HIS A 111 -3.38 8.64 -1.12
C HIS A 111 -2.12 8.20 -0.38
N VAL A 112 -1.82 8.89 0.71
CA VAL A 112 -0.64 8.58 1.51
C VAL A 112 -1.03 8.21 2.93
N PHE A 113 -0.27 7.29 3.53
CA PHE A 113 -0.54 6.85 4.90
C PHE A 113 0.76 6.54 5.63
N TRP A 114 0.90 7.11 6.82
CA TRP A 114 2.11 6.90 7.64
C TRP A 114 2.03 5.57 8.39
N CYS A 115 2.94 4.66 8.07
CA CYS A 115 2.96 3.35 8.71
C CYS A 115 3.97 3.34 9.87
N GLU A 116 3.65 2.57 10.90
CA GLU A 116 4.52 2.48 12.07
C GLU A 116 4.80 1.01 12.42
N PRO A 117 6.09 0.67 12.57
CA PRO A 117 7.18 1.63 12.39
C PRO A 117 7.36 2.06 10.94
N ASN A 118 7.37 1.08 10.04
CA ASN A 118 7.53 1.37 8.61
C ASN A 118 6.38 0.76 7.81
N ALA A 119 6.38 1.01 6.51
CA ALA A 119 5.33 0.49 5.63
C ALA A 119 5.77 -0.83 4.99
N ALA A 120 6.42 -1.68 5.79
CA ALA A 120 6.88 -2.97 5.30
C ALA A 120 5.74 -3.98 5.27
N ASN A 121 5.08 -4.16 6.41
CA ASN A 121 3.98 -5.10 6.53
C ASN A 121 2.74 -4.57 5.81
N VAL A 122 2.72 -3.26 5.58
CA VAL A 122 1.59 -2.63 4.91
C VAL A 122 1.69 -2.78 3.39
N SER A 123 2.89 -2.55 2.86
CA SER A 123 3.12 -2.66 1.42
C SER A 123 3.13 -4.12 0.98
N GLU A 124 3.60 -4.99 1.88
CA GLU A 124 3.67 -6.42 1.58
C GLU A 124 2.27 -7.00 1.41
N ALA A 125 1.36 -6.61 2.28
CA ALA A 125 -0.01 -7.10 2.22
C ALA A 125 -0.70 -6.66 0.92
N VAL A 126 -0.56 -5.37 0.59
CA VAL A 126 -1.16 -4.83 -0.62
C VAL A 126 -0.43 -5.34 -1.86
N GLN A 127 0.89 -5.46 -1.76
CA GLN A 127 1.69 -5.92 -2.88
C GLN A 127 1.25 -7.32 -3.33
N ALA A 128 1.12 -8.23 -2.36
CA ALA A 128 0.71 -9.59 -2.66
C ALA A 128 -0.76 -9.65 -3.09
N ALA A 129 -1.58 -8.81 -2.46
CA ALA A 129 -3.00 -8.76 -2.77
C ALA A 129 -3.23 -8.74 -4.28
N CYS A 130 -2.34 -8.06 -5.00
CA CYS A 130 -2.45 -7.96 -6.45
C CYS A 130 -2.59 -9.35 -7.08
N SER A 131 -1.80 -10.29 -6.60
CA SER A 131 -1.84 -11.66 -7.13
C SER A 131 -2.18 -12.65 -6.01
N GLY A 132 -3.22 -12.34 -5.25
CA GLY A 132 -3.64 -13.21 -4.16
C GLY A 132 -2.57 -13.36 -3.10
N PRO A 133 -2.68 -14.43 -2.30
CA PRO A 133 -1.72 -14.71 -1.23
C PRO A 133 -0.36 -15.13 -1.76
N SER A 134 0.66 -15.08 -0.90
CA SER A 134 2.01 -15.46 -1.29
C SER A 134 2.60 -16.46 -0.31
N SER A 135 3.71 -17.09 -0.71
CA SER A 135 4.37 -18.08 0.13
C SER A 135 5.84 -17.72 0.35
N GLY A 136 6.38 -18.15 1.48
CA GLY A 136 7.77 -17.86 1.79
C GLY A 136 8.12 -18.17 3.23
N ILE A 137 9.29 -17.72 3.67
CA ILE A 137 9.74 -17.96 5.03
C ILE A 137 9.50 -16.74 5.92
N GLU A 138 8.75 -16.93 7.00
CA GLU A 138 8.44 -15.84 7.92
C GLU A 138 9.10 -16.08 9.27
N GLY A 139 8.92 -15.13 10.19
CA GLY A 139 9.50 -15.25 11.51
C GLY A 139 8.52 -14.92 12.61
N ARG A 140 7.77 -15.92 13.07
CA ARG A 140 6.79 -15.72 14.12
C ARG A 140 7.33 -16.23 15.46
N GLY A 141 8.41 -15.63 15.93
CA GLY A 141 9.00 -16.02 17.19
C GLY A 141 8.92 -14.93 18.24
N SER A 142 8.35 -15.26 19.39
CA SER A 142 8.21 -14.29 20.48
C SER A 142 9.33 -14.48 21.51
N SER A 143 9.86 -13.36 21.99
CA SER A 143 10.93 -13.38 22.98
C SER A 143 10.54 -12.60 24.22
N GLY A 144 11.01 -13.06 25.38
CA GLY A 144 10.71 -12.39 26.63
C GLY A 144 11.93 -12.20 27.50
N SER A 145 12.11 -10.99 28.02
CA SER A 145 13.25 -10.68 28.87
C SER A 145 13.13 -9.27 29.45
N SER A 146 13.54 -9.12 30.70
CA SER A 146 13.47 -7.82 31.37
C SER A 146 14.73 -7.59 32.20
N GLY A 147 15.53 -6.61 31.79
CA GLY A 147 16.75 -6.29 32.51
C GLY A 147 17.91 -6.01 31.57
N SER A 148 18.17 -4.73 31.32
CA SER A 148 19.26 -4.34 30.44
C SER A 148 19.72 -2.91 30.75
N SER A 149 21.00 -2.76 31.10
CA SER A 149 21.57 -1.46 31.42
C SER A 149 21.66 -0.59 30.18
N GLY A 150 22.31 -1.11 29.15
CA GLY A 150 22.46 -0.36 27.91
C GLY A 150 23.42 -1.03 26.95
N SER A 151 22.88 -1.80 26.00
CA SER A 151 23.69 -2.50 25.02
C SER A 151 23.35 -2.03 23.61
N SER A 152 24.23 -1.22 23.03
CA SER A 152 24.02 -0.71 21.67
C SER A 152 25.35 -0.55 20.94
N GLY A 153 25.38 -1.01 19.70
CA GLY A 153 26.60 -0.92 18.91
C GLY A 153 26.56 -1.80 17.68
N ASP A 154 26.62 -3.11 17.90
CA ASP A 154 26.60 -4.07 16.80
C ASP A 154 25.69 -3.60 15.68
N ALA A 155 26.18 -3.68 14.45
CA ALA A 155 25.41 -3.25 13.29
C ALA A 155 24.84 -4.45 12.54
N ALA A 156 23.57 -4.34 12.14
CA ALA A 156 22.91 -5.42 11.41
C ALA A 156 21.70 -4.90 10.65
N VAL A 157 21.81 -4.85 9.33
CA VAL A 157 20.72 -4.37 8.49
C VAL A 157 19.51 -5.30 8.58
N THR A 158 18.41 -4.78 9.10
CA THR A 158 17.19 -5.55 9.24
C THR A 158 16.64 -5.98 7.88
N PRO A 159 16.12 -7.21 7.82
CA PRO A 159 15.56 -7.76 6.58
C PRO A 159 14.24 -7.08 6.18
N GLU A 160 13.85 -6.07 6.96
CA GLU A 160 12.62 -5.35 6.70
C GLU A 160 12.88 -4.17 5.75
N GLU A 161 13.97 -3.45 6.00
CA GLU A 161 14.33 -2.30 5.18
C GLU A 161 14.65 -2.73 3.75
N ARG A 162 15.46 -3.77 3.62
CA ARG A 162 15.85 -4.28 2.31
C ARG A 162 14.65 -4.29 1.36
N HIS A 163 13.47 -4.56 1.90
CA HIS A 163 12.25 -4.59 1.10
C HIS A 163 11.78 -3.19 0.75
N LEU A 164 11.58 -2.38 1.78
CA LEU A 164 11.13 -1.00 1.60
C LEU A 164 11.86 -0.34 0.43
N SER A 165 13.19 -0.35 0.48
CA SER A 165 14.00 0.24 -0.57
C SER A 165 13.40 -0.04 -1.94
N LYS A 166 13.24 -1.32 -2.27
CA LYS A 166 12.68 -1.72 -3.55
C LYS A 166 11.42 -0.92 -3.86
N MET A 167 10.57 -0.74 -2.86
CA MET A 167 9.33 0.00 -3.02
C MET A 167 9.62 1.47 -3.34
N GLN A 168 10.53 2.08 -2.58
CA GLN A 168 10.88 3.47 -2.79
C GLN A 168 11.92 3.61 -3.90
N GLN A 169 12.38 2.48 -4.42
CA GLN A 169 13.36 2.47 -5.49
C GLN A 169 12.69 2.37 -6.86
N ASN A 170 12.10 1.22 -7.13
CA ASN A 170 11.41 0.99 -8.40
C ASN A 170 9.90 0.96 -8.21
N GLY A 171 9.47 0.53 -7.03
CA GLY A 171 8.05 0.46 -6.75
C GLY A 171 7.42 -0.82 -7.24
N TYR A 172 6.10 -0.79 -7.43
CA TYR A 172 5.37 -1.97 -7.91
C TYR A 172 4.31 -1.57 -8.93
N GLU A 173 4.34 -2.21 -10.09
CA GLU A 173 3.38 -1.93 -11.15
C GLU A 173 2.35 -3.05 -11.26
N ASN A 174 1.08 -2.70 -11.07
CA ASN A 174 0.00 -3.68 -11.15
C ASN A 174 -0.17 -4.19 -12.58
N PRO A 175 0.03 -5.50 -12.76
CA PRO A 175 -0.10 -6.15 -14.08
C PRO A 175 -1.54 -6.19 -14.56
N THR A 176 -2.47 -6.41 -13.63
CA THR A 176 -3.89 -6.48 -13.96
C THR A 176 -4.30 -5.30 -14.83
N TYR A 177 -3.78 -4.12 -14.52
CA TYR A 177 -4.09 -2.91 -15.28
C TYR A 177 -2.96 -2.53 -16.21
N LYS A 178 -2.63 -3.44 -17.14
CA LYS A 178 -1.55 -3.21 -18.09
C LYS A 178 -2.12 -2.97 -19.49
N PHE A 179 -2.11 -1.72 -19.92
CA PHE A 179 -2.62 -1.36 -21.25
C PHE A 179 -1.60 -0.53 -22.02
N PHE A 180 -0.89 -1.18 -22.94
CA PHE A 180 0.12 -0.50 -23.74
C PHE A 180 -0.22 -0.60 -25.23
N GLU A 181 0.65 -0.02 -26.06
CA GLU A 181 0.44 -0.04 -27.50
C GLU A 181 1.71 -0.45 -28.23
N GLN A 182 2.15 -1.69 -27.99
CA GLN A 182 3.35 -2.20 -28.63
C GLN A 182 3.04 -3.38 -29.54
N MET A 183 2.47 -3.08 -30.70
CA MET A 183 2.11 -4.11 -31.67
C MET A 183 2.87 -3.91 -32.98
N GLN A 184 3.87 -4.76 -33.22
CA GLN A 184 4.66 -4.68 -34.45
C GLN A 184 4.24 -5.75 -35.44
N ASN A 185 4.63 -5.57 -36.69
CA ASN A 185 4.30 -6.53 -37.75
C ASN A 185 5.07 -7.82 -37.56
N GLY A 1 -31.64 12.21 -15.07
CA GLY A 1 -31.01 10.95 -14.69
C GLY A 1 -30.19 11.08 -13.43
N SER A 2 -30.23 10.06 -12.60
CA SER A 2 -29.48 10.06 -11.35
C SER A 2 -28.19 9.23 -11.48
N SER A 3 -27.26 9.44 -10.56
CA SER A 3 -26.00 8.73 -10.58
C SER A 3 -25.43 8.58 -9.17
N GLY A 4 -25.27 7.34 -8.72
CA GLY A 4 -24.75 7.09 -7.39
C GLY A 4 -25.20 5.76 -6.82
N SER A 5 -26.47 5.43 -7.05
CA SER A 5 -27.03 4.18 -6.55
C SER A 5 -26.10 3.01 -6.85
N SER A 6 -25.30 2.62 -5.86
CA SER A 6 -24.36 1.52 -6.01
C SER A 6 -24.34 0.65 -4.76
N GLY A 7 -24.32 -0.67 -4.96
CA GLY A 7 -24.29 -1.59 -3.84
C GLY A 7 -23.81 -2.98 -4.24
N PRO A 8 -22.50 -3.22 -4.08
CA PRO A 8 -21.89 -4.51 -4.42
C PRO A 8 -22.32 -5.62 -3.47
N THR A 9 -22.67 -6.77 -4.03
CA THR A 9 -23.10 -7.92 -3.23
C THR A 9 -22.32 -7.99 -1.92
N PRO A 10 -23.05 -8.11 -0.80
CA PRO A 10 -22.45 -8.20 0.53
C PRO A 10 -21.71 -9.51 0.75
N LYS A 11 -20.39 -9.42 0.93
CA LYS A 11 -19.57 -10.59 1.15
C LYS A 11 -18.62 -10.39 2.33
N THR A 12 -18.29 -11.48 3.01
CA THR A 12 -17.39 -11.41 4.16
C THR A 12 -16.07 -12.12 3.87
N GLU A 13 -15.08 -11.35 3.42
CA GLU A 13 -13.77 -11.91 3.11
C GLU A 13 -12.75 -11.55 4.19
N LEU A 14 -11.76 -12.42 4.37
CA LEU A 14 -10.72 -12.21 5.38
C LEU A 14 -9.93 -10.94 5.06
N VAL A 15 -10.09 -9.92 5.90
CA VAL A 15 -9.38 -8.65 5.72
C VAL A 15 -8.54 -8.32 6.95
N GLN A 16 -7.36 -7.75 6.71
CA GLN A 16 -6.45 -7.38 7.79
C GLN A 16 -6.32 -5.87 7.90
N LYS A 17 -6.54 -5.34 9.10
CA LYS A 17 -6.44 -3.91 9.33
C LYS A 17 -5.09 -3.55 9.95
N PHE A 18 -4.60 -2.35 9.64
CA PHE A 18 -3.32 -1.88 10.17
C PHE A 18 -3.45 -0.47 10.72
N ARG A 19 -2.76 -0.21 11.84
CA ARG A 19 -2.79 1.10 12.47
C ARG A 19 -1.87 2.08 11.75
N VAL A 20 -2.47 3.10 11.15
CA VAL A 20 -1.71 4.11 10.42
C VAL A 20 -2.40 5.46 10.45
N GLN A 21 -1.77 6.47 9.85
CA GLN A 21 -2.33 7.81 9.81
C GLN A 21 -2.63 8.23 8.37
N TYR A 22 -3.42 9.29 8.22
CA TYR A 22 -3.77 9.80 6.90
C TYR A 22 -3.25 11.21 6.69
N LEU A 23 -2.35 11.36 5.73
CA LEU A 23 -1.75 12.66 5.42
C LEU A 23 -2.69 13.49 4.55
N GLY A 24 -3.40 12.83 3.64
CA GLY A 24 -4.32 13.52 2.77
C GLY A 24 -4.34 12.93 1.37
N MET A 25 -5.03 13.60 0.46
CA MET A 25 -5.13 13.13 -0.92
C MET A 25 -4.47 14.13 -1.87
N LEU A 26 -3.74 13.61 -2.86
CA LEU A 26 -3.07 14.45 -3.83
C LEU A 26 -3.14 13.83 -5.23
N PRO A 27 -3.72 14.58 -6.18
CA PRO A 27 -3.86 14.13 -7.57
C PRO A 27 -2.52 14.06 -8.29
N VAL A 28 -2.36 13.04 -9.13
CA VAL A 28 -1.14 12.85 -9.89
C VAL A 28 -1.39 12.97 -11.39
N ASP A 29 -0.34 13.26 -12.15
CA ASP A 29 -0.44 13.40 -13.59
C ASP A 29 -0.25 12.05 -14.28
N ARG A 30 0.71 11.27 -13.80
CA ARG A 30 1.00 9.96 -14.37
C ARG A 30 0.72 8.86 -13.36
N PRO A 31 0.24 7.70 -13.86
CA PRO A 31 -0.09 6.55 -13.02
C PRO A 31 1.16 5.89 -12.44
N VAL A 32 2.23 5.86 -13.23
CA VAL A 32 3.48 5.27 -12.79
C VAL A 32 4.61 6.30 -12.76
N GLY A 33 5.60 6.05 -11.91
CA GLY A 33 6.72 6.97 -11.80
C GLY A 33 6.88 7.53 -10.40
N MET A 34 7.83 6.98 -9.64
CA MET A 34 8.07 7.43 -8.28
C MET A 34 8.06 8.96 -8.20
N ASP A 35 8.64 9.60 -9.21
CA ASP A 35 8.69 11.06 -9.24
C ASP A 35 7.30 11.66 -9.10
N THR A 36 6.32 11.00 -9.71
CA THR A 36 4.94 11.47 -9.65
C THR A 36 4.29 11.11 -8.32
N LEU A 37 4.51 9.87 -7.88
CA LEU A 37 3.93 9.40 -6.62
C LEU A 37 4.43 10.25 -5.45
N ASN A 38 5.73 10.31 -5.28
CA ASN A 38 6.32 11.10 -4.20
C ASN A 38 5.89 12.55 -4.27
N SER A 39 5.98 13.13 -5.48
CA SER A 39 5.60 14.51 -5.69
C SER A 39 4.34 14.86 -4.89
N ALA A 40 3.51 13.86 -4.65
CA ALA A 40 2.27 14.06 -3.90
C ALA A 40 2.53 14.03 -2.40
N ILE A 41 3.38 13.11 -1.96
CA ILE A 41 3.72 12.98 -0.54
C ILE A 41 4.02 14.35 0.07
N GLU A 42 5.04 15.02 -0.47
CA GLU A 42 5.44 16.33 0.03
C GLU A 42 4.26 17.30 -0.01
N ASN A 43 3.62 17.40 -1.17
CA ASN A 43 2.47 18.29 -1.34
C ASN A 43 1.56 18.24 -0.12
N LEU A 44 1.39 17.05 0.44
CA LEU A 44 0.54 16.87 1.61
C LEU A 44 1.30 17.20 2.89
N MET A 45 2.45 16.56 3.07
CA MET A 45 3.27 16.80 4.26
C MET A 45 3.42 18.28 4.52
N THR A 46 3.50 19.07 3.46
CA THR A 46 3.66 20.51 3.58
C THR A 46 2.42 21.14 4.20
N SER A 47 1.26 20.86 3.62
CA SER A 47 0.00 21.40 4.11
C SER A 47 -0.29 20.90 5.53
N SER A 48 -0.46 19.59 5.65
CA SER A 48 -0.75 18.98 6.95
C SER A 48 0.53 18.46 7.60
N SER A 49 0.61 18.60 8.92
CA SER A 49 1.78 18.15 9.67
C SER A 49 1.55 16.76 10.25
N LYS A 50 2.64 16.12 10.68
CA LYS A 50 2.55 14.79 11.27
C LYS A 50 1.36 14.68 12.21
N GLU A 51 1.21 15.67 13.08
CA GLU A 51 0.10 15.69 14.04
C GLU A 51 -1.22 15.94 13.33
N ASP A 52 -1.18 16.74 12.27
CA ASP A 52 -2.37 17.06 11.50
C ASP A 52 -3.02 15.79 10.95
N TRP A 53 -2.21 14.78 10.69
CA TRP A 53 -2.71 13.51 10.16
C TRP A 53 -3.37 12.68 11.25
N PRO A 54 -4.69 12.47 11.13
CA PRO A 54 -5.46 11.70 12.09
C PRO A 54 -5.12 10.21 12.05
N SER A 55 -5.46 9.51 13.12
CA SER A 55 -5.20 8.07 13.21
C SER A 55 -6.38 7.26 12.69
N VAL A 56 -6.13 6.42 11.69
CA VAL A 56 -7.17 5.60 11.11
C VAL A 56 -6.67 4.17 10.87
N ASN A 57 -7.61 3.26 10.63
CA ASN A 57 -7.27 1.86 10.39
C ASN A 57 -7.30 1.54 8.90
N MET A 58 -6.19 1.01 8.38
CA MET A 58 -6.10 0.66 6.96
C MET A 58 -6.54 -0.79 6.74
N ASN A 59 -7.77 -0.96 6.25
CA ASN A 59 -8.30 -2.30 6.00
C ASN A 59 -7.89 -2.78 4.60
N VAL A 60 -6.95 -3.72 4.57
CA VAL A 60 -6.48 -4.27 3.30
C VAL A 60 -7.00 -5.69 3.09
N ALA A 61 -8.05 -5.82 2.28
CA ALA A 61 -8.63 -7.12 1.99
C ALA A 61 -7.82 -7.87 0.95
N ASP A 62 -8.24 -9.08 0.64
CA ASP A 62 -7.55 -9.91 -0.35
C ASP A 62 -7.27 -9.12 -1.62
N ALA A 63 -8.33 -8.60 -2.23
CA ALA A 63 -8.19 -7.81 -3.45
C ALA A 63 -8.87 -6.46 -3.32
N THR A 64 -8.74 -5.84 -2.15
CA THR A 64 -9.35 -4.54 -1.89
C THR A 64 -8.63 -3.81 -0.76
N VAL A 65 -8.62 -2.48 -0.84
CA VAL A 65 -7.98 -1.67 0.18
C VAL A 65 -8.87 -0.51 0.60
N THR A 66 -9.56 -0.67 1.73
CA THR A 66 -10.45 0.37 2.24
C THR A 66 -9.84 1.07 3.45
N VAL A 67 -10.19 2.33 3.63
CA VAL A 67 -9.69 3.11 4.76
C VAL A 67 -10.80 3.47 5.74
N ILE A 68 -10.70 2.96 6.95
CA ILE A 68 -11.70 3.23 7.98
C ILE A 68 -11.11 4.04 9.14
N SER A 69 -11.93 4.87 9.75
CA SER A 69 -11.49 5.70 10.87
C SER A 69 -11.26 4.85 12.12
N GLU A 70 -10.63 5.45 13.12
CA GLU A 70 -10.34 4.74 14.37
C GLU A 70 -11.54 4.79 15.31
N LYS A 71 -12.20 5.95 15.36
CA LYS A 71 -13.36 6.12 16.22
C LYS A 71 -14.56 5.34 15.69
N ASN A 72 -14.78 5.42 14.39
CA ASN A 72 -15.90 4.73 13.75
C ASN A 72 -15.40 3.53 12.94
N GLU A 73 -16.31 2.65 12.57
CA GLU A 73 -15.96 1.46 11.80
C GLU A 73 -16.55 1.54 10.39
N GLU A 74 -17.78 2.04 10.29
CA GLU A 74 -18.45 2.16 9.00
C GLU A 74 -17.83 3.28 8.18
N GLU A 75 -17.41 4.35 8.86
CA GLU A 75 -16.79 5.49 8.18
C GLU A 75 -15.72 5.04 7.20
N VAL A 76 -16.05 5.08 5.92
CA VAL A 76 -15.12 4.68 4.87
C VAL A 76 -14.42 5.90 4.26
N LEU A 77 -13.36 6.34 4.89
CA LEU A 77 -12.60 7.50 4.40
C LEU A 77 -12.31 7.37 2.92
N VAL A 78 -11.68 6.27 2.53
CA VAL A 78 -11.35 6.03 1.12
C VAL A 78 -11.52 4.56 0.77
N GLU A 79 -12.19 4.30 -0.35
CA GLU A 79 -12.43 2.94 -0.80
C GLU A 79 -11.68 2.66 -2.10
N CYS A 80 -10.50 2.07 -1.99
CA CYS A 80 -9.69 1.75 -3.16
C CYS A 80 -9.67 0.24 -3.41
N ARG A 81 -9.65 -0.13 -4.70
CA ARG A 81 -9.64 -1.54 -5.08
C ARG A 81 -8.36 -1.88 -5.84
N VAL A 82 -7.67 -2.92 -5.39
CA VAL A 82 -6.43 -3.35 -6.03
C VAL A 82 -6.51 -3.19 -7.55
N ARG A 83 -7.61 -3.67 -8.13
CA ARG A 83 -7.80 -3.57 -9.58
C ARG A 83 -7.55 -2.15 -10.07
N PHE A 84 -8.11 -1.18 -9.36
CA PHE A 84 -7.94 0.22 -9.72
C PHE A 84 -6.50 0.68 -9.53
N LEU A 85 -5.85 0.12 -8.51
CA LEU A 85 -4.47 0.46 -8.20
C LEU A 85 -3.61 0.41 -9.47
N SER A 86 -3.13 1.57 -9.89
CA SER A 86 -2.30 1.67 -11.08
C SER A 86 -0.83 1.43 -10.74
N PHE A 87 -0.40 1.96 -9.60
CA PHE A 87 0.98 1.80 -9.15
C PHE A 87 1.13 2.20 -7.69
N MET A 88 1.87 1.41 -6.94
CA MET A 88 2.09 1.68 -5.52
C MET A 88 3.59 1.71 -5.20
N GLY A 89 3.95 2.51 -4.20
CA GLY A 89 5.35 2.62 -3.81
C GLY A 89 5.53 3.24 -2.45
N VAL A 90 6.77 3.53 -2.08
CA VAL A 90 7.07 4.13 -0.79
C VAL A 90 7.90 5.39 -0.94
N GLY A 91 7.64 6.38 -0.09
CA GLY A 91 8.37 7.63 -0.16
C GLY A 91 9.75 7.53 0.45
N LYS A 92 10.51 8.62 0.39
CA LYS A 92 11.86 8.65 0.93
C LYS A 92 11.94 7.84 2.22
N ASP A 93 10.99 8.06 3.13
CA ASP A 93 10.95 7.35 4.40
C ASP A 93 10.10 6.10 4.29
N VAL A 94 10.70 4.95 4.59
CA VAL A 94 9.99 3.68 4.52
C VAL A 94 8.73 3.71 5.38
N HIS A 95 8.70 4.63 6.35
CA HIS A 95 7.54 4.76 7.23
C HIS A 95 6.32 5.26 6.47
N THR A 96 6.57 5.94 5.35
CA THR A 96 5.49 6.47 4.53
C THR A 96 5.02 5.44 3.51
N PHE A 97 3.76 5.53 3.11
CA PHE A 97 3.19 4.62 2.14
C PHE A 97 2.18 5.32 1.24
N ALA A 98 2.49 5.40 -0.05
CA ALA A 98 1.62 6.06 -1.01
C ALA A 98 1.30 5.12 -2.18
N PHE A 99 0.12 5.30 -2.76
CA PHE A 99 -0.30 4.48 -3.89
C PHE A 99 -1.27 5.25 -4.80
N ILE A 100 -1.11 5.06 -6.11
CA ILE A 100 -1.96 5.74 -7.08
C ILE A 100 -3.11 4.84 -7.52
N MET A 101 -4.33 5.38 -7.48
CA MET A 101 -5.51 4.64 -7.88
C MET A 101 -6.20 5.30 -9.06
N ASP A 102 -6.83 4.49 -9.91
CA ASP A 102 -7.52 4.99 -11.09
C ASP A 102 -9.03 5.03 -10.85
N THR A 103 -9.58 6.24 -10.73
CA THR A 103 -11.00 6.42 -10.50
C THR A 103 -11.78 6.42 -11.82
N GLY A 104 -11.05 6.58 -12.92
CA GLY A 104 -11.69 6.60 -14.22
C GLY A 104 -10.84 7.28 -15.27
N ASN A 105 -11.15 8.54 -15.56
CA ASN A 105 -10.41 9.31 -16.56
C ASN A 105 -8.92 9.27 -16.27
N GLN A 106 -8.15 10.06 -17.02
CA GLN A 106 -6.70 10.12 -16.84
C GLN A 106 -6.35 10.80 -15.53
N ARG A 107 -7.36 11.14 -14.74
CA ARG A 107 -7.16 11.81 -13.46
C ARG A 107 -7.09 10.78 -12.32
N PHE A 108 -5.88 10.45 -11.91
CA PHE A 108 -5.69 9.49 -10.83
C PHE A 108 -5.26 10.19 -9.54
N GLU A 109 -5.73 9.65 -8.41
CA GLU A 109 -5.40 10.23 -7.11
C GLU A 109 -4.41 9.36 -6.36
N CYS A 110 -3.57 9.99 -5.54
CA CYS A 110 -2.57 9.26 -4.77
C CYS A 110 -2.75 9.52 -3.27
N HIS A 111 -3.18 8.49 -2.55
CA HIS A 111 -3.39 8.60 -1.11
C HIS A 111 -2.13 8.20 -0.34
N VAL A 112 -1.77 9.02 0.65
CA VAL A 112 -0.58 8.77 1.46
C VAL A 112 -0.97 8.44 2.90
N PHE A 113 -0.34 7.41 3.45
CA PHE A 113 -0.62 6.99 4.82
C PHE A 113 0.69 6.69 5.57
N TRP A 114 0.79 7.20 6.79
CA TRP A 114 1.98 6.98 7.60
C TRP A 114 1.86 5.69 8.41
N CYS A 115 2.81 4.79 8.22
CA CYS A 115 2.81 3.51 8.93
C CYS A 115 3.74 3.56 10.14
N GLU A 116 3.55 2.62 11.07
CA GLU A 116 4.37 2.56 12.27
C GLU A 116 4.59 1.11 12.71
N PRO A 117 5.85 0.76 12.94
CA PRO A 117 6.98 1.67 12.79
C PRO A 117 7.25 2.03 11.33
N ASN A 118 7.33 1.01 10.48
CA ASN A 118 7.57 1.22 9.06
C ASN A 118 6.39 0.74 8.23
N ALA A 119 6.53 0.85 6.91
CA ALA A 119 5.46 0.43 5.99
C ALA A 119 5.80 -0.93 5.37
N ALA A 120 6.37 -1.82 6.17
CA ALA A 120 6.74 -3.15 5.69
C ALA A 120 5.51 -4.07 5.63
N ASN A 121 4.85 -4.22 6.77
CA ASN A 121 3.66 -5.07 6.84
C ASN A 121 2.58 -4.58 5.88
N VAL A 122 2.30 -3.29 5.92
CA VAL A 122 1.30 -2.70 5.06
C VAL A 122 1.65 -2.89 3.59
N SER A 123 2.75 -2.29 3.16
CA SER A 123 3.20 -2.39 1.77
C SER A 123 3.24 -3.85 1.33
N GLU A 124 3.66 -4.73 2.24
CA GLU A 124 3.75 -6.15 1.94
C GLU A 124 2.36 -6.76 1.75
N ALA A 125 1.44 -6.38 2.64
CA ALA A 125 0.07 -6.88 2.58
C ALA A 125 -0.61 -6.46 1.27
N VAL A 126 -0.49 -5.18 0.94
CA VAL A 126 -1.10 -4.65 -0.28
C VAL A 126 -0.42 -5.22 -1.52
N GLN A 127 0.91 -5.17 -1.54
CA GLN A 127 1.67 -5.68 -2.67
C GLN A 127 1.25 -7.11 -3.02
N ALA A 128 1.17 -7.96 -2.00
CA ALA A 128 0.78 -9.35 -2.20
C ALA A 128 -0.68 -9.44 -2.61
N ALA A 129 -1.54 -8.66 -1.95
CA ALA A 129 -2.96 -8.66 -2.24
C ALA A 129 -3.21 -8.81 -3.74
N CYS A 130 -2.47 -8.06 -4.54
CA CYS A 130 -2.61 -8.12 -6.00
C CYS A 130 -2.57 -9.55 -6.49
N SER A 131 -1.56 -10.29 -6.07
CA SER A 131 -1.40 -11.68 -6.48
C SER A 131 -1.58 -12.62 -5.29
N GLY A 132 -2.49 -12.26 -4.38
CA GLY A 132 -2.74 -13.08 -3.22
C GLY A 132 -1.63 -12.96 -2.18
N PRO A 133 -1.99 -13.14 -0.90
CA PRO A 133 -1.05 -13.04 0.21
C PRO A 133 -0.06 -14.21 0.23
N SER A 134 -0.18 -15.08 -0.77
CA SER A 134 0.71 -16.24 -0.86
C SER A 134 2.12 -15.90 -0.38
N SER A 135 2.65 -14.78 -0.89
CA SER A 135 3.98 -14.34 -0.51
C SER A 135 3.97 -13.68 0.86
N GLY A 136 4.18 -14.47 1.89
CA GLY A 136 4.20 -13.96 3.25
C GLY A 136 5.60 -13.83 3.81
N ILE A 137 5.98 -14.74 4.69
CA ILE A 137 7.30 -14.72 5.29
C ILE A 137 8.10 -15.98 4.93
N GLU A 138 9.41 -15.81 4.76
CA GLU A 138 10.27 -16.93 4.41
C GLU A 138 10.80 -17.62 5.67
N GLY A 139 11.56 -18.70 5.47
CA GLY A 139 12.12 -19.43 6.59
C GLY A 139 13.57 -19.81 6.37
N ARG A 140 14.48 -18.99 6.89
CA ARG A 140 15.90 -19.24 6.75
C ARG A 140 16.29 -20.56 7.41
N GLY A 141 16.12 -20.62 8.73
CA GLY A 141 16.46 -21.84 9.46
C GLY A 141 17.86 -21.78 10.06
N SER A 142 17.94 -21.34 11.31
CA SER A 142 19.22 -21.25 11.99
C SER A 142 20.11 -22.44 11.66
N SER A 143 21.42 -22.20 11.60
CA SER A 143 22.38 -23.25 11.28
C SER A 143 23.09 -23.73 12.54
N GLY A 144 23.65 -22.79 13.30
CA GLY A 144 24.35 -23.14 14.52
C GLY A 144 25.78 -22.64 14.53
N SER A 145 26.51 -22.93 15.60
CA SER A 145 27.89 -22.50 15.73
C SER A 145 28.82 -23.39 14.92
N SER A 146 29.93 -22.83 14.46
CA SER A 146 30.90 -23.58 13.67
C SER A 146 32.09 -23.98 14.52
N GLY A 147 32.70 -23.01 15.18
CA GLY A 147 33.86 -23.29 16.02
C GLY A 147 34.06 -22.24 17.09
N SER A 148 35.24 -22.25 17.71
CA SER A 148 35.55 -21.29 18.77
C SER A 148 36.03 -19.97 18.18
N SER A 149 36.06 -18.94 19.02
CA SER A 149 36.48 -17.61 18.59
C SER A 149 36.04 -17.34 17.15
N GLY A 150 34.81 -17.73 16.83
CA GLY A 150 34.28 -17.52 15.50
C GLY A 150 33.72 -16.13 15.30
N SER A 151 32.96 -15.95 14.24
CA SER A 151 32.37 -14.64 13.94
C SER A 151 32.00 -13.90 15.21
N SER A 152 32.57 -12.71 15.39
CA SER A 152 32.31 -11.90 16.58
C SER A 152 31.36 -10.74 16.25
N GLY A 153 31.66 -10.04 15.16
CA GLY A 153 30.83 -8.92 14.75
C GLY A 153 29.78 -9.31 13.73
N ASP A 154 29.06 -10.39 14.02
CA ASP A 154 28.01 -10.88 13.12
C ASP A 154 27.24 -9.70 12.50
N ALA A 155 26.66 -9.94 11.33
CA ALA A 155 25.90 -8.91 10.64
C ALA A 155 24.70 -9.52 9.92
N ALA A 156 23.55 -8.86 10.05
CA ALA A 156 22.33 -9.33 9.40
C ALA A 156 21.22 -8.28 9.48
N VAL A 157 20.84 -7.73 8.34
CA VAL A 157 19.79 -6.71 8.28
C VAL A 157 18.41 -7.35 8.23
N THR A 158 17.40 -6.60 8.67
CA THR A 158 16.03 -7.10 8.69
C THR A 158 15.43 -7.09 7.28
N PRO A 159 14.56 -8.06 7.00
CA PRO A 159 13.91 -8.18 5.69
C PRO A 159 12.88 -7.07 5.47
N GLU A 160 12.38 -6.51 6.55
CA GLU A 160 11.39 -5.44 6.47
C GLU A 160 11.94 -4.24 5.71
N GLU A 161 13.21 -3.92 5.96
CA GLU A 161 13.85 -2.79 5.30
C GLU A 161 14.13 -3.10 3.84
N ARG A 162 14.91 -4.15 3.59
CA ARG A 162 15.24 -4.56 2.23
C ARG A 162 14.07 -4.33 1.28
N HIS A 163 12.91 -4.89 1.64
CA HIS A 163 11.70 -4.74 0.82
C HIS A 163 11.29 -3.28 0.73
N LEU A 164 11.04 -2.67 1.87
CA LEU A 164 10.62 -1.26 1.92
C LEU A 164 11.41 -0.44 0.91
N SER A 165 12.74 -0.49 1.00
CA SER A 165 13.59 0.26 0.09
C SER A 165 13.25 -0.05 -1.36
N LYS A 166 13.20 -1.33 -1.69
CA LYS A 166 12.87 -1.77 -3.05
C LYS A 166 11.63 -1.05 -3.56
N MET A 167 10.61 -0.96 -2.71
CA MET A 167 9.37 -0.30 -3.08
C MET A 167 9.63 1.12 -3.59
N GLN A 168 10.33 1.90 -2.78
CA GLN A 168 10.65 3.28 -3.15
C GLN A 168 11.63 3.32 -4.32
N GLN A 169 12.38 2.24 -4.50
CA GLN A 169 13.35 2.15 -5.58
C GLN A 169 12.64 2.02 -6.94
N ASN A 170 11.99 0.89 -7.15
CA ASN A 170 11.28 0.64 -8.40
C ASN A 170 9.78 0.55 -8.16
N GLY A 171 9.40 0.12 -6.95
CA GLY A 171 8.00 -0.01 -6.62
C GLY A 171 7.33 -1.17 -7.33
N TYR A 172 6.02 -1.27 -7.20
CA TYR A 172 5.27 -2.35 -7.85
C TYR A 172 4.16 -1.78 -8.73
N GLU A 173 4.06 -2.30 -9.95
CA GLU A 173 3.04 -1.85 -10.89
C GLU A 173 1.98 -2.92 -11.11
N ASN A 174 0.74 -2.61 -10.76
CA ASN A 174 -0.37 -3.55 -10.92
C ASN A 174 -0.23 -4.32 -12.22
N PRO A 175 -0.11 -5.66 -12.11
CA PRO A 175 0.02 -6.55 -13.27
C PRO A 175 -1.26 -6.63 -14.08
N THR A 176 -2.34 -6.07 -13.54
CA THR A 176 -3.63 -6.09 -14.22
C THR A 176 -3.89 -4.76 -14.94
N TYR A 177 -3.29 -3.69 -14.43
CA TYR A 177 -3.47 -2.37 -15.03
C TYR A 177 -2.16 -1.88 -15.66
N LYS A 178 -1.89 -2.33 -16.87
CA LYS A 178 -0.68 -1.95 -17.58
C LYS A 178 -0.98 -1.58 -19.03
N PHE A 179 -0.53 -0.41 -19.46
CA PHE A 179 -0.74 0.05 -20.82
C PHE A 179 0.55 0.56 -21.45
N PHE A 180 1.59 -0.28 -21.40
CA PHE A 180 2.88 0.07 -21.97
C PHE A 180 2.88 -0.11 -23.48
N GLU A 181 4.05 0.08 -24.09
CA GLU A 181 4.19 -0.07 -25.53
C GLU A 181 5.16 -1.19 -25.88
N GLN A 182 5.41 -2.06 -24.92
CA GLN A 182 6.32 -3.19 -25.12
C GLN A 182 5.82 -4.08 -26.25
N MET A 183 4.55 -4.47 -26.17
CA MET A 183 3.96 -5.34 -27.19
C MET A 183 4.55 -5.04 -28.56
N GLN A 184 4.92 -6.10 -29.28
CA GLN A 184 5.50 -5.95 -30.61
C GLN A 184 4.40 -5.82 -31.67
N ASN A 185 4.70 -5.08 -32.74
CA ASN A 185 3.73 -4.88 -33.81
C ASN A 185 3.65 -6.11 -34.71
N GLY A 1 -39.08 12.02 9.81
CA GLY A 1 -39.31 10.72 10.42
C GLY A 1 -38.70 9.59 9.62
N SER A 2 -37.69 8.94 10.19
CA SER A 2 -37.01 7.84 9.52
C SER A 2 -37.84 6.56 9.63
N SER A 3 -37.71 5.70 8.62
CA SER A 3 -38.44 4.44 8.59
C SER A 3 -37.52 3.26 8.88
N GLY A 4 -36.43 3.17 8.12
CA GLY A 4 -35.48 2.10 8.30
C GLY A 4 -34.46 2.02 7.19
N SER A 5 -33.26 1.54 7.51
CA SER A 5 -32.19 1.43 6.52
C SER A 5 -31.78 -0.03 6.32
N SER A 6 -31.95 -0.53 5.10
CA SER A 6 -31.61 -1.91 4.78
C SER A 6 -30.41 -1.96 3.84
N GLY A 7 -29.44 -2.80 4.19
CA GLY A 7 -28.25 -2.94 3.36
C GLY A 7 -27.96 -4.38 3.00
N PRO A 8 -26.96 -4.58 2.12
CA PRO A 8 -26.57 -5.92 1.66
C PRO A 8 -25.88 -6.72 2.77
N THR A 9 -26.31 -7.96 2.95
CA THR A 9 -25.74 -8.83 3.97
C THR A 9 -24.22 -8.80 3.91
N PRO A 10 -23.60 -8.18 4.92
CA PRO A 10 -22.14 -8.07 5.01
C PRO A 10 -21.47 -9.41 5.31
N LYS A 11 -20.75 -9.94 4.33
CA LYS A 11 -20.06 -11.22 4.49
C LYS A 11 -18.81 -11.05 5.34
N THR A 12 -18.30 -12.17 5.85
CA THR A 12 -17.10 -12.15 6.68
C THR A 12 -15.85 -12.36 5.83
N GLU A 13 -15.24 -11.25 5.41
CA GLU A 13 -14.03 -11.31 4.59
C GLU A 13 -12.78 -11.11 5.44
N LEU A 14 -11.71 -11.80 5.09
CA LEU A 14 -10.45 -11.69 5.82
C LEU A 14 -9.75 -10.38 5.51
N VAL A 15 -9.89 -9.41 6.40
CA VAL A 15 -9.27 -8.11 6.23
C VAL A 15 -8.28 -7.82 7.35
N GLN A 16 -7.15 -7.20 6.99
CA GLN A 16 -6.13 -6.86 7.98
C GLN A 16 -6.12 -5.37 8.27
N LYS A 17 -6.48 -5.01 9.50
CA LYS A 17 -6.52 -3.61 9.90
C LYS A 17 -5.14 -3.13 10.34
N PHE A 18 -4.67 -2.06 9.71
CA PHE A 18 -3.36 -1.50 10.04
C PHE A 18 -3.49 -0.10 10.61
N ARG A 19 -2.78 0.16 11.70
CA ARG A 19 -2.82 1.47 12.35
C ARG A 19 -1.96 2.47 11.59
N VAL A 20 -2.62 3.39 10.90
CA VAL A 20 -1.92 4.42 10.13
C VAL A 20 -2.62 5.76 10.24
N GLN A 21 -1.99 6.81 9.70
CA GLN A 21 -2.56 8.15 9.73
C GLN A 21 -2.91 8.63 8.34
N TYR A 22 -3.90 9.52 8.25
CA TYR A 22 -4.35 10.06 6.97
C TYR A 22 -3.75 11.45 6.73
N LEU A 23 -2.79 11.54 5.82
CA LEU A 23 -2.15 12.81 5.51
C LEU A 23 -3.06 13.67 4.64
N GLY A 24 -3.50 13.11 3.51
CA GLY A 24 -4.38 13.85 2.63
C GLY A 24 -4.39 13.27 1.22
N MET A 25 -5.13 13.93 0.32
CA MET A 25 -5.21 13.47 -1.06
C MET A 25 -4.43 14.40 -1.99
N LEU A 26 -3.91 13.84 -3.08
CA LEU A 26 -3.13 14.61 -4.04
C LEU A 26 -3.12 13.92 -5.40
N PRO A 27 -3.69 14.59 -6.42
CA PRO A 27 -3.74 14.05 -7.78
C PRO A 27 -2.37 14.02 -8.45
N VAL A 28 -2.13 12.97 -9.22
CA VAL A 28 -0.86 12.82 -9.92
C VAL A 28 -1.06 12.85 -11.43
N ASP A 29 -0.08 13.42 -12.13
CA ASP A 29 -0.14 13.52 -13.59
C ASP A 29 -0.13 12.13 -14.22
N ARG A 30 0.76 11.27 -13.74
CA ARG A 30 0.88 9.92 -14.26
C ARG A 30 0.67 8.89 -13.16
N PRO A 31 0.16 7.70 -13.54
CA PRO A 31 -0.09 6.61 -12.60
C PRO A 31 1.18 6.01 -12.04
N VAL A 32 2.20 5.87 -12.89
CA VAL A 32 3.48 5.31 -12.49
C VAL A 32 4.52 6.40 -12.30
N GLY A 33 5.76 5.99 -12.03
CA GLY A 33 6.83 6.94 -11.84
C GLY A 33 6.93 7.43 -10.39
N MET A 34 7.91 6.92 -9.66
CA MET A 34 8.10 7.31 -8.27
C MET A 34 8.19 8.83 -8.14
N ASP A 35 9.08 9.43 -8.92
CA ASP A 35 9.25 10.88 -8.88
C ASP A 35 7.91 11.59 -8.85
N THR A 36 6.93 11.03 -9.55
CA THR A 36 5.59 11.62 -9.60
C THR A 36 4.81 11.32 -8.33
N LEU A 37 4.95 10.09 -7.82
CA LEU A 37 4.26 9.68 -6.60
C LEU A 37 4.73 10.51 -5.41
N ASN A 38 6.04 10.50 -5.17
CA ASN A 38 6.62 11.24 -4.05
C ASN A 38 6.19 12.71 -4.10
N SER A 39 6.04 13.24 -5.31
CA SER A 39 5.64 14.63 -5.49
C SER A 39 4.29 14.89 -4.83
N ALA A 40 3.54 13.83 -4.58
CA ALA A 40 2.23 13.93 -3.95
C ALA A 40 2.35 13.89 -2.42
N ILE A 41 3.29 13.10 -1.93
CA ILE A 41 3.51 12.97 -0.50
C ILE A 41 3.92 14.30 0.12
N GLU A 42 5.06 14.82 -0.31
CA GLU A 42 5.56 16.10 0.21
C GLU A 42 4.46 17.15 0.19
N ASN A 43 3.81 17.31 -0.96
CA ASN A 43 2.74 18.29 -1.11
C ASN A 43 1.86 18.33 0.15
N LEU A 44 1.35 17.18 0.53
CA LEU A 44 0.49 17.08 1.71
C LEU A 44 1.29 17.32 2.98
N MET A 45 2.29 16.48 3.22
CA MET A 45 3.14 16.61 4.40
C MET A 45 3.41 18.07 4.72
N THR A 46 3.63 18.87 3.68
CA THR A 46 3.91 20.30 3.85
C THR A 46 2.64 21.05 4.23
N SER A 47 1.52 20.65 3.64
CA SER A 47 0.24 21.30 3.91
C SER A 47 -0.20 21.06 5.35
N SER A 48 -0.33 19.79 5.72
CA SER A 48 -0.75 19.42 7.07
C SER A 48 0.44 18.94 7.89
N SER A 49 0.23 18.78 9.19
CA SER A 49 1.28 18.34 10.09
C SER A 49 1.17 16.84 10.37
N LYS A 50 2.27 16.23 10.80
CA LYS A 50 2.30 14.81 11.10
C LYS A 50 1.33 14.48 12.25
N GLU A 51 0.96 15.50 13.00
CA GLU A 51 0.05 15.32 14.13
C GLU A 51 -1.40 15.53 13.70
N ASP A 52 -1.60 16.42 12.73
CA ASP A 52 -2.93 16.72 12.22
C ASP A 52 -3.58 15.48 11.62
N TRP A 53 -2.75 14.63 11.00
CA TRP A 53 -3.24 13.41 10.37
C TRP A 53 -3.87 12.49 11.40
N PRO A 54 -5.20 12.31 11.31
CA PRO A 54 -5.95 11.45 12.22
C PRO A 54 -5.63 9.97 12.03
N SER A 55 -5.46 9.25 13.12
CA SER A 55 -5.16 7.82 13.07
C SER A 55 -6.38 7.02 12.65
N VAL A 56 -6.33 6.46 11.44
CA VAL A 56 -7.43 5.66 10.92
C VAL A 56 -7.01 4.21 10.72
N ASN A 57 -8.00 3.35 10.46
CA ASN A 57 -7.73 1.93 10.26
C ASN A 57 -7.70 1.60 8.76
N MET A 58 -6.59 1.01 8.32
CA MET A 58 -6.44 0.64 6.91
C MET A 58 -6.90 -0.79 6.68
N ASN A 59 -8.10 -0.95 6.14
CA ASN A 59 -8.66 -2.27 5.86
C ASN A 59 -8.02 -2.88 4.62
N VAL A 60 -7.06 -3.78 4.82
CA VAL A 60 -6.37 -4.43 3.72
C VAL A 60 -6.89 -5.85 3.52
N ALA A 61 -7.80 -6.00 2.55
CA ALA A 61 -8.38 -7.31 2.25
C ALA A 61 -7.60 -8.00 1.13
N ASP A 62 -7.96 -9.26 0.87
CA ASP A 62 -7.30 -10.03 -0.19
C ASP A 62 -7.02 -9.16 -1.41
N ALA A 63 -8.09 -8.79 -2.12
CA ALA A 63 -7.97 -7.97 -3.31
C ALA A 63 -8.76 -6.67 -3.16
N THR A 64 -8.65 -6.06 -1.98
CA THR A 64 -9.37 -4.81 -1.71
C THR A 64 -8.71 -4.05 -0.56
N VAL A 65 -8.80 -2.73 -0.60
CA VAL A 65 -8.22 -1.88 0.43
C VAL A 65 -9.15 -0.71 0.78
N THR A 66 -9.79 -0.80 1.94
CA THR A 66 -10.71 0.24 2.38
C THR A 66 -10.14 1.00 3.58
N VAL A 67 -10.42 2.30 3.64
CA VAL A 67 -9.94 3.13 4.73
C VAL A 67 -11.09 3.57 5.64
N ILE A 68 -11.16 2.95 6.81
CA ILE A 68 -12.21 3.28 7.78
C ILE A 68 -11.67 4.13 8.92
N SER A 69 -12.55 4.93 9.53
CA SER A 69 -12.15 5.79 10.63
C SER A 69 -11.98 4.99 11.92
N GLU A 70 -11.26 5.58 12.87
CA GLU A 70 -11.02 4.91 14.15
C GLU A 70 -12.29 4.90 15.01
N LYS A 71 -13.05 5.99 14.94
CA LYS A 71 -14.28 6.10 15.70
C LYS A 71 -15.46 5.48 14.94
N ASN A 72 -15.70 5.96 13.73
CA ASN A 72 -16.79 5.44 12.91
C ASN A 72 -16.38 4.16 12.20
N GLU A 73 -17.31 3.21 12.10
CA GLU A 73 -17.03 1.94 11.45
C GLU A 73 -17.59 1.92 10.03
N GLU A 74 -18.75 2.54 9.85
CA GLU A 74 -19.40 2.59 8.54
C GLU A 74 -18.80 3.71 7.70
N GLU A 75 -18.03 4.60 8.34
CA GLU A 75 -17.41 5.71 7.63
C GLU A 75 -16.34 5.21 6.66
N VAL A 76 -16.71 5.09 5.39
CA VAL A 76 -15.78 4.63 4.37
C VAL A 76 -14.98 5.79 3.80
N LEU A 77 -13.99 6.25 4.54
CA LEU A 77 -13.15 7.36 4.11
C LEU A 77 -12.77 7.21 2.64
N VAL A 78 -11.88 6.25 2.37
CA VAL A 78 -11.44 6.00 1.00
C VAL A 78 -11.59 4.53 0.63
N GLU A 79 -12.22 4.27 -0.51
CA GLU A 79 -12.43 2.90 -0.97
C GLU A 79 -11.47 2.56 -2.10
N CYS A 80 -10.37 1.89 -1.76
CA CYS A 80 -9.38 1.50 -2.76
C CYS A 80 -9.46 0.00 -3.06
N ARG A 81 -9.14 -0.36 -4.29
CA ARG A 81 -9.19 -1.76 -4.70
C ARG A 81 -8.01 -2.09 -5.62
N VAL A 82 -7.23 -3.10 -5.25
CA VAL A 82 -6.09 -3.51 -6.04
C VAL A 82 -6.35 -3.34 -7.53
N ARG A 83 -7.53 -3.76 -7.97
CA ARG A 83 -7.91 -3.65 -9.37
C ARG A 83 -7.58 -2.26 -9.92
N PHE A 84 -7.99 -1.23 -9.18
CA PHE A 84 -7.74 0.14 -9.59
C PHE A 84 -6.28 0.53 -9.35
N LEU A 85 -5.69 -0.06 -8.32
CA LEU A 85 -4.30 0.23 -7.98
C LEU A 85 -3.41 0.15 -9.22
N SER A 86 -3.08 1.31 -9.78
CA SER A 86 -2.24 1.38 -10.97
C SER A 86 -0.78 1.17 -10.61
N PHE A 87 -0.33 1.88 -9.57
CA PHE A 87 1.06 1.79 -9.12
C PHE A 87 1.19 2.24 -7.67
N MET A 88 2.04 1.54 -6.92
CA MET A 88 2.25 1.87 -5.51
C MET A 88 3.74 1.99 -5.21
N GLY A 89 4.08 2.77 -4.20
CA GLY A 89 5.46 2.96 -3.82
C GLY A 89 5.62 3.51 -2.42
N VAL A 90 6.84 3.90 -2.06
CA VAL A 90 7.13 4.43 -0.74
C VAL A 90 7.99 5.69 -0.83
N GLY A 91 7.76 6.63 0.08
CA GLY A 91 8.53 7.85 0.09
C GLY A 91 9.83 7.72 0.85
N LYS A 92 10.75 8.67 0.64
CA LYS A 92 12.04 8.65 1.32
C LYS A 92 11.90 8.10 2.73
N ASP A 93 10.86 8.54 3.43
CA ASP A 93 10.62 8.08 4.80
C ASP A 93 9.92 6.72 4.81
N VAL A 94 10.65 5.69 5.20
CA VAL A 94 10.10 4.34 5.24
C VAL A 94 8.85 4.30 6.12
N HIS A 95 8.67 5.33 6.94
CA HIS A 95 7.51 5.41 7.82
C HIS A 95 6.31 5.99 7.09
N THR A 96 6.27 5.81 5.79
CA THR A 96 5.17 6.31 4.97
C THR A 96 4.71 5.28 3.95
N PHE A 97 3.54 5.50 3.38
CA PHE A 97 2.98 4.59 2.39
C PHE A 97 1.97 5.30 1.50
N ALA A 98 2.28 5.39 0.21
CA ALA A 98 1.41 6.04 -0.75
C ALA A 98 1.17 5.16 -1.97
N PHE A 99 -0.09 5.08 -2.40
CA PHE A 99 -0.45 4.27 -3.56
C PHE A 99 -1.34 5.06 -4.52
N ILE A 100 -1.17 4.80 -5.81
CA ILE A 100 -1.94 5.48 -6.84
C ILE A 100 -3.08 4.60 -7.34
N MET A 101 -4.31 5.08 -7.16
CA MET A 101 -5.49 4.33 -7.61
C MET A 101 -6.26 5.11 -8.66
N ASP A 102 -7.02 4.40 -9.48
CA ASP A 102 -7.81 5.03 -10.54
C ASP A 102 -9.24 5.30 -10.05
N THR A 103 -9.53 6.56 -9.74
CA THR A 103 -10.85 6.94 -9.27
C THR A 103 -11.62 7.70 -10.34
N GLY A 104 -11.54 7.22 -11.57
CA GLY A 104 -12.24 7.87 -12.67
C GLY A 104 -11.42 7.91 -13.94
N ASN A 105 -11.47 9.02 -14.65
CA ASN A 105 -10.72 9.17 -15.89
C ASN A 105 -9.22 9.08 -15.65
N GLN A 106 -8.44 9.31 -16.69
CA GLN A 106 -6.98 9.25 -16.58
C GLN A 106 -6.50 9.91 -15.29
N ARG A 107 -7.32 10.82 -14.76
CA ARG A 107 -6.98 11.53 -13.53
C ARG A 107 -6.90 10.55 -12.36
N PHE A 108 -5.68 10.19 -11.98
CA PHE A 108 -5.46 9.27 -10.87
C PHE A 108 -5.05 10.02 -9.61
N GLU A 109 -5.53 9.55 -8.47
CA GLU A 109 -5.22 10.18 -7.19
C GLU A 109 -4.21 9.35 -6.41
N CYS A 110 -3.49 10.00 -5.49
CA CYS A 110 -2.48 9.33 -4.68
C CYS A 110 -2.76 9.52 -3.19
N HIS A 111 -3.15 8.45 -2.52
CA HIS A 111 -3.45 8.51 -1.09
C HIS A 111 -2.21 8.17 -0.26
N VAL A 112 -1.92 9.02 0.72
CA VAL A 112 -0.76 8.81 1.59
C VAL A 112 -1.20 8.40 2.99
N PHE A 113 -0.46 7.45 3.58
CA PHE A 113 -0.77 6.97 4.92
C PHE A 113 0.51 6.66 5.69
N TRP A 114 0.69 7.34 6.81
CA TRP A 114 1.88 7.13 7.64
C TRP A 114 1.78 5.82 8.41
N CYS A 115 2.80 4.97 8.25
CA CYS A 115 2.83 3.68 8.93
C CYS A 115 3.73 3.73 10.16
N GLU A 116 3.56 2.77 11.06
CA GLU A 116 4.36 2.71 12.27
C GLU A 116 4.61 1.26 12.68
N PRO A 117 5.89 0.92 12.89
CA PRO A 117 7.00 1.87 12.74
C PRO A 117 7.24 2.25 11.29
N ASN A 118 7.36 1.24 10.43
CA ASN A 118 7.59 1.46 9.01
C ASN A 118 6.47 0.86 8.17
N ALA A 119 6.61 0.95 6.85
CA ALA A 119 5.61 0.41 5.94
C ALA A 119 6.07 -0.91 5.33
N ALA A 120 6.66 -1.77 6.18
CA ALA A 120 7.15 -3.07 5.73
C ALA A 120 5.99 -4.05 5.53
N ASN A 121 5.12 -4.13 6.53
CA ASN A 121 3.97 -5.03 6.46
C ASN A 121 2.89 -4.47 5.55
N VAL A 122 2.36 -3.30 5.92
CA VAL A 122 1.33 -2.65 5.13
C VAL A 122 1.54 -2.85 3.64
N SER A 123 2.75 -2.55 3.18
CA SER A 123 3.09 -2.69 1.76
C SER A 123 3.08 -4.16 1.36
N GLU A 124 3.57 -5.02 2.24
CA GLU A 124 3.62 -6.45 1.97
C GLU A 124 2.22 -7.01 1.74
N ALA A 125 1.27 -6.56 2.56
CA ALA A 125 -0.11 -7.02 2.43
C ALA A 125 -0.70 -6.62 1.09
N VAL A 126 -0.64 -5.34 0.76
CA VAL A 126 -1.16 -4.83 -0.50
C VAL A 126 -0.43 -5.45 -1.69
N GLN A 127 0.89 -5.55 -1.58
CA GLN A 127 1.71 -6.12 -2.64
C GLN A 127 1.12 -7.45 -3.12
N ALA A 128 0.93 -8.37 -2.18
CA ALA A 128 0.37 -9.68 -2.50
C ALA A 128 -1.10 -9.57 -2.89
N ALA A 129 -1.82 -8.70 -2.21
CA ALA A 129 -3.24 -8.50 -2.50
C ALA A 129 -3.49 -8.39 -4.00
N CYS A 130 -2.59 -7.69 -4.68
CA CYS A 130 -2.72 -7.49 -6.12
C CYS A 130 -2.86 -8.84 -6.85
N SER A 131 -2.08 -9.81 -6.41
CA SER A 131 -2.12 -11.14 -7.02
C SER A 131 -2.50 -12.20 -5.99
N GLY A 132 -3.49 -11.88 -5.16
CA GLY A 132 -3.93 -12.81 -4.14
C GLY A 132 -5.36 -13.29 -4.37
N PRO A 133 -5.50 -14.31 -5.22
CA PRO A 133 -6.82 -14.88 -5.55
C PRO A 133 -7.43 -15.63 -4.37
N SER A 134 -6.64 -16.51 -3.76
CA SER A 134 -7.09 -17.30 -2.62
C SER A 134 -5.97 -17.54 -1.64
N SER A 135 -6.34 -17.86 -0.39
CA SER A 135 -5.35 -18.10 0.66
C SER A 135 -5.24 -19.59 0.96
N GLY A 136 -4.29 -19.95 1.81
CA GLY A 136 -4.10 -21.34 2.18
C GLY A 136 -2.91 -21.96 1.48
N ILE A 137 -2.88 -21.83 0.15
CA ILE A 137 -1.78 -22.40 -0.64
C ILE A 137 -0.65 -21.39 -0.80
N GLU A 138 0.47 -21.68 -0.15
CA GLU A 138 1.63 -20.80 -0.22
C GLU A 138 2.93 -21.60 -0.10
N GLY A 139 3.91 -21.25 -0.92
CA GLY A 139 5.19 -21.94 -0.88
C GLY A 139 5.85 -21.87 0.48
N ARG A 140 5.76 -22.95 1.24
CA ARG A 140 6.35 -23.00 2.57
C ARG A 140 7.71 -23.68 2.53
N GLY A 141 8.57 -23.34 3.49
CA GLY A 141 9.89 -23.94 3.54
C GLY A 141 10.14 -24.69 4.84
N SER A 142 10.71 -25.88 4.73
CA SER A 142 10.99 -26.71 5.89
C SER A 142 12.48 -27.01 6.00
N SER A 143 13.12 -26.45 7.03
CA SER A 143 14.54 -26.66 7.26
C SER A 143 14.97 -26.08 8.59
N GLY A 144 15.77 -26.84 9.33
CA GLY A 144 16.24 -26.39 10.63
C GLY A 144 17.38 -25.40 10.52
N SER A 145 18.02 -25.10 11.65
CA SER A 145 19.12 -24.15 11.68
C SER A 145 20.20 -24.60 12.67
N SER A 146 21.45 -24.45 12.28
CA SER A 146 22.57 -24.84 13.13
C SER A 146 23.50 -23.66 13.39
N GLY A 147 24.09 -23.63 14.58
CA GLY A 147 25.00 -22.55 14.92
C GLY A 147 24.51 -21.20 14.43
N SER A 148 23.48 -20.67 15.08
CA SER A 148 22.91 -19.38 14.71
C SER A 148 23.99 -18.31 14.64
N SER A 149 24.72 -18.13 15.73
CA SER A 149 25.78 -17.14 15.80
C SER A 149 26.81 -17.50 16.87
N GLY A 150 28.07 -17.23 16.59
CA GLY A 150 29.13 -17.54 17.53
C GLY A 150 30.51 -17.23 16.99
N SER A 151 30.63 -16.08 16.32
CA SER A 151 31.91 -15.67 15.75
C SER A 151 32.07 -14.15 15.83
N SER A 152 33.24 -13.66 15.42
CA SER A 152 33.53 -12.23 15.45
C SER A 152 33.25 -11.60 14.08
N GLY A 153 32.51 -10.50 14.09
CA GLY A 153 32.19 -9.82 12.85
C GLY A 153 30.98 -10.40 12.15
N ASP A 154 29.83 -10.33 12.81
CA ASP A 154 28.59 -10.87 12.26
C ASP A 154 27.61 -9.74 11.96
N ALA A 155 26.98 -9.80 10.79
CA ALA A 155 26.01 -8.80 10.38
C ALA A 155 25.21 -9.26 9.17
N ALA A 156 24.03 -8.67 8.98
CA ALA A 156 23.18 -9.02 7.85
C ALA A 156 21.98 -8.08 7.77
N VAL A 157 21.94 -7.26 6.71
CA VAL A 157 20.85 -6.32 6.51
C VAL A 157 19.50 -7.01 6.67
N THR A 158 18.66 -6.46 7.55
CA THR A 158 17.34 -7.01 7.80
C THR A 158 16.50 -7.03 6.52
N PRO A 159 15.75 -8.12 6.32
CA PRO A 159 14.88 -8.28 5.15
C PRO A 159 13.69 -7.34 5.17
N GLU A 160 13.67 -6.43 6.14
CA GLU A 160 12.57 -5.47 6.28
C GLU A 160 12.84 -4.23 5.43
N GLU A 161 14.08 -3.75 5.45
CA GLU A 161 14.46 -2.58 4.68
C GLU A 161 14.68 -2.92 3.21
N ARG A 162 15.32 -4.05 2.97
CA ARG A 162 15.60 -4.51 1.61
C ARG A 162 14.35 -4.41 0.75
N HIS A 163 13.25 -4.95 1.26
CA HIS A 163 11.98 -4.94 0.52
C HIS A 163 11.47 -3.50 0.35
N LEU A 164 11.48 -2.75 1.45
CA LEU A 164 11.02 -1.36 1.41
C LEU A 164 11.75 -0.57 0.33
N SER A 165 13.07 -0.71 0.30
CA SER A 165 13.88 0.00 -0.69
C SER A 165 13.39 -0.30 -2.10
N LYS A 166 13.35 -1.58 -2.46
CA LYS A 166 12.90 -1.98 -3.79
C LYS A 166 11.67 -1.18 -4.22
N MET A 167 10.84 -0.82 -3.25
CA MET A 167 9.63 -0.05 -3.54
C MET A 167 9.98 1.40 -3.86
N GLN A 168 10.74 2.04 -2.97
CA GLN A 168 11.14 3.43 -3.17
C GLN A 168 12.15 3.54 -4.31
N GLN A 169 12.69 2.40 -4.74
CA GLN A 169 13.68 2.37 -5.81
C GLN A 169 12.99 2.35 -7.18
N ASN A 170 12.40 1.21 -7.51
CA ASN A 170 11.71 1.04 -8.78
C ASN A 170 10.19 1.08 -8.60
N GLY A 171 9.72 0.41 -7.54
CA GLY A 171 8.30 0.39 -7.27
C GLY A 171 7.65 -0.91 -7.72
N TYR A 172 6.32 -0.93 -7.72
CA TYR A 172 5.58 -2.11 -8.13
C TYR A 172 4.37 -1.73 -8.98
N GLU A 173 4.33 -2.23 -10.21
CA GLU A 173 3.23 -1.95 -11.12
C GLU A 173 2.22 -3.09 -11.14
N ASN A 174 0.99 -2.80 -10.73
CA ASN A 174 -0.07 -3.80 -10.69
C ASN A 174 -0.13 -4.57 -12.01
N PRO A 175 -0.03 -5.90 -11.91
CA PRO A 175 -0.07 -6.79 -13.08
C PRO A 175 -1.46 -6.83 -13.72
N THR A 176 -2.43 -6.18 -13.09
CA THR A 176 -3.79 -6.14 -13.60
C THR A 176 -4.05 -4.85 -14.37
N TYR A 177 -3.29 -3.81 -14.05
CA TYR A 177 -3.45 -2.52 -14.71
C TYR A 177 -2.48 -2.39 -15.89
N LYS A 178 -2.92 -2.82 -17.06
CA LYS A 178 -2.09 -2.75 -18.26
C LYS A 178 -2.73 -1.84 -19.30
N PHE A 179 -3.87 -2.26 -19.85
CA PHE A 179 -4.57 -1.48 -20.86
C PHE A 179 -3.59 -0.86 -21.84
N PHE A 180 -2.74 -1.71 -22.43
CA PHE A 180 -1.76 -1.25 -23.40
C PHE A 180 -2.17 -1.63 -24.82
N GLU A 181 -1.29 -1.36 -25.78
CA GLU A 181 -1.56 -1.67 -27.18
C GLU A 181 -0.48 -2.59 -27.76
N GLN A 182 -0.36 -3.79 -27.20
CA GLN A 182 0.64 -4.74 -27.66
C GLN A 182 -0.02 -5.89 -28.44
N MET A 183 -1.00 -6.52 -27.82
CA MET A 183 -1.72 -7.63 -28.45
C MET A 183 -2.37 -7.19 -29.75
N GLN A 184 -2.93 -8.13 -30.48
CA GLN A 184 -3.59 -7.83 -31.75
C GLN A 184 -4.89 -7.07 -31.52
N ASN A 185 -5.52 -6.65 -32.61
CA ASN A 185 -6.77 -5.91 -32.53
C ASN A 185 -7.97 -6.83 -32.75
N GLY A 1 -36.94 9.91 8.69
CA GLY A 1 -36.98 10.02 7.24
C GLY A 1 -36.28 8.85 6.56
N SER A 2 -34.96 8.76 6.73
CA SER A 2 -34.19 7.69 6.13
C SER A 2 -34.10 6.48 7.06
N SER A 3 -35.22 6.15 7.69
CA SER A 3 -35.26 5.02 8.62
C SER A 3 -34.78 3.74 7.94
N GLY A 4 -35.39 3.43 6.80
CA GLY A 4 -35.01 2.23 6.07
C GLY A 4 -36.19 1.61 5.33
N SER A 5 -36.04 1.45 4.02
CA SER A 5 -37.09 0.87 3.20
C SER A 5 -36.61 -0.39 2.51
N SER A 6 -35.46 -0.31 1.85
CA SER A 6 -34.88 -1.44 1.14
C SER A 6 -33.39 -1.24 0.91
N GLY A 7 -32.62 -2.33 1.07
CA GLY A 7 -31.19 -2.25 0.87
C GLY A 7 -30.54 -3.62 0.80
N PRO A 8 -29.50 -3.74 -0.03
CA PRO A 8 -28.76 -5.00 -0.22
C PRO A 8 -27.96 -5.38 1.00
N THR A 9 -27.45 -6.61 1.01
CA THR A 9 -26.65 -7.10 2.13
C THR A 9 -25.15 -6.93 1.85
N PRO A 10 -24.43 -6.38 2.85
CA PRO A 10 -22.99 -6.16 2.73
C PRO A 10 -22.20 -7.47 2.74
N LYS A 11 -20.94 -7.39 2.33
CA LYS A 11 -20.07 -8.56 2.29
C LYS A 11 -18.62 -8.18 2.59
N THR A 12 -17.96 -9.01 3.38
CA THR A 12 -16.57 -8.76 3.75
C THR A 12 -15.85 -10.06 4.08
N GLU A 13 -14.63 -10.21 3.56
CA GLU A 13 -13.83 -11.41 3.78
C GLU A 13 -12.59 -11.08 4.61
N LEU A 14 -11.83 -12.12 4.95
CA LEU A 14 -10.61 -11.94 5.74
C LEU A 14 -9.90 -10.65 5.37
N VAL A 15 -10.02 -9.64 6.22
CA VAL A 15 -9.39 -8.35 5.99
C VAL A 15 -8.52 -7.94 7.17
N GLN A 16 -7.31 -7.49 6.88
CA GLN A 16 -6.39 -7.05 7.93
C GLN A 16 -6.44 -5.54 8.11
N LYS A 17 -6.19 -5.09 9.34
CA LYS A 17 -6.20 -3.66 9.65
C LYS A 17 -4.87 -3.21 10.21
N PHE A 18 -4.48 -1.97 9.91
CA PHE A 18 -3.23 -1.43 10.39
C PHE A 18 -3.42 -0.01 10.92
N ARG A 19 -2.63 0.35 11.93
CA ARG A 19 -2.70 1.67 12.54
C ARG A 19 -1.83 2.67 11.79
N VAL A 20 -2.46 3.62 11.10
CA VAL A 20 -1.74 4.63 10.34
C VAL A 20 -2.43 5.98 10.42
N GLN A 21 -1.86 6.98 9.76
CA GLN A 21 -2.44 8.32 9.75
C GLN A 21 -2.79 8.75 8.33
N TYR A 22 -3.69 9.72 8.23
CA TYR A 22 -4.12 10.23 6.92
C TYR A 22 -3.51 11.60 6.65
N LEU A 23 -2.55 11.63 5.73
CA LEU A 23 -1.88 12.88 5.37
C LEU A 23 -2.76 13.73 4.46
N GLY A 24 -3.52 13.06 3.60
CA GLY A 24 -4.40 13.77 2.69
C GLY A 24 -4.45 13.13 1.31
N MET A 25 -5.09 13.82 0.37
CA MET A 25 -5.21 13.32 -1.00
C MET A 25 -4.57 14.28 -1.99
N LEU A 26 -3.87 13.73 -2.98
CA LEU A 26 -3.22 14.55 -3.99
C LEU A 26 -3.24 13.86 -5.35
N PRO A 27 -3.90 14.49 -6.33
CA PRO A 27 -4.01 13.96 -7.69
C PRO A 27 -2.68 13.98 -8.43
N VAL A 28 -2.47 12.99 -9.28
CA VAL A 28 -1.23 12.89 -10.06
C VAL A 28 -1.52 13.02 -11.55
N ASP A 29 -0.48 13.36 -12.31
CA ASP A 29 -0.61 13.51 -13.76
C ASP A 29 -0.32 12.20 -14.47
N ARG A 30 0.61 11.42 -13.92
CA ARG A 30 0.98 10.14 -14.50
C ARG A 30 0.66 8.99 -13.55
N PRO A 31 0.26 7.84 -14.12
CA PRO A 31 -0.09 6.65 -13.34
C PRO A 31 1.14 6.01 -12.67
N VAL A 32 2.29 6.14 -13.33
CA VAL A 32 3.53 5.58 -12.79
C VAL A 32 4.65 6.60 -12.82
N GLY A 33 5.59 6.47 -11.90
CA GLY A 33 6.71 7.39 -11.83
C GLY A 33 7.04 7.78 -10.41
N MET A 34 7.99 7.08 -9.80
CA MET A 34 8.41 7.36 -8.44
C MET A 34 8.56 8.86 -8.21
N ASP A 35 9.08 9.56 -9.23
CA ASP A 35 9.28 11.00 -9.14
C ASP A 35 7.97 11.70 -8.83
N THR A 36 6.89 11.24 -9.46
CA THR A 36 5.58 11.84 -9.27
C THR A 36 5.01 11.47 -7.90
N LEU A 37 5.08 10.18 -7.56
CA LEU A 37 4.58 9.69 -6.29
C LEU A 37 4.96 10.63 -5.15
N ASN A 38 6.27 10.74 -4.91
CA ASN A 38 6.78 11.61 -3.85
C ASN A 38 6.31 13.04 -4.06
N SER A 39 5.96 13.38 -5.29
CA SER A 39 5.50 14.72 -5.62
C SER A 39 4.19 15.04 -4.92
N ALA A 40 3.40 14.00 -4.68
CA ALA A 40 2.10 14.17 -4.01
C ALA A 40 2.25 14.10 -2.50
N ILE A 41 3.22 13.31 -2.05
CA ILE A 41 3.46 13.15 -0.62
C ILE A 41 3.80 14.50 0.03
N GLU A 42 4.89 15.11 -0.42
CA GLU A 42 5.32 16.39 0.11
C GLU A 42 4.16 17.38 0.15
N ASN A 43 3.54 17.59 -1.01
CA ASN A 43 2.41 18.52 -1.12
C ASN A 43 1.56 18.49 0.14
N LEU A 44 1.16 17.28 0.56
CA LEU A 44 0.34 17.11 1.75
C LEU A 44 1.16 17.37 3.01
N MET A 45 2.21 16.58 3.19
CA MET A 45 3.08 16.72 4.36
C MET A 45 3.27 18.19 4.72
N THR A 46 3.39 19.03 3.70
CA THR A 46 3.57 20.46 3.91
C THR A 46 2.28 21.13 4.36
N SER A 47 1.17 20.81 3.68
CA SER A 47 -0.12 21.37 4.02
C SER A 47 -0.52 21.02 5.45
N SER A 48 -0.51 19.72 5.76
CA SER A 48 -0.88 19.24 7.08
C SER A 48 0.35 18.75 7.84
N SER A 49 0.35 18.92 9.15
CA SER A 49 1.47 18.50 9.99
C SER A 49 1.28 17.05 10.44
N LYS A 50 2.35 16.47 10.98
CA LYS A 50 2.32 15.09 11.45
C LYS A 50 1.16 14.88 12.42
N GLU A 51 0.99 15.81 13.35
CA GLU A 51 -0.08 15.73 14.34
C GLU A 51 -1.44 15.97 13.69
N ASP A 52 -1.46 16.83 12.67
CA ASP A 52 -2.70 17.15 11.96
C ASP A 52 -3.32 15.88 11.36
N TRP A 53 -2.47 14.96 10.92
CA TRP A 53 -2.93 13.71 10.33
C TRP A 53 -3.70 12.88 11.34
N PRO A 54 -5.01 12.72 11.12
CA PRO A 54 -5.88 11.94 12.01
C PRO A 54 -5.59 10.45 11.93
N SER A 55 -5.45 9.81 13.09
CA SER A 55 -5.17 8.39 13.17
C SER A 55 -6.36 7.57 12.68
N VAL A 56 -6.12 6.71 11.70
CA VAL A 56 -7.17 5.87 11.13
C VAL A 56 -6.68 4.44 10.93
N ASN A 57 -7.61 3.54 10.66
CA ASN A 57 -7.29 2.13 10.44
C ASN A 57 -7.34 1.78 8.96
N MET A 58 -6.26 1.20 8.44
CA MET A 58 -6.19 0.82 7.05
C MET A 58 -6.60 -0.64 6.87
N ASN A 59 -7.76 -0.87 6.28
CA ASN A 59 -8.27 -2.22 6.05
C ASN A 59 -7.87 -2.72 4.67
N VAL A 60 -7.03 -3.74 4.63
CA VAL A 60 -6.57 -4.32 3.37
C VAL A 60 -7.07 -5.74 3.20
N ALA A 61 -8.15 -5.91 2.44
CA ALA A 61 -8.73 -7.22 2.20
C ALA A 61 -7.89 -8.02 1.20
N ASP A 62 -8.32 -9.24 0.92
CA ASP A 62 -7.61 -10.10 -0.02
C ASP A 62 -7.18 -9.32 -1.26
N ALA A 63 -8.15 -8.77 -1.98
CA ALA A 63 -7.87 -7.99 -3.18
C ALA A 63 -8.55 -6.62 -3.13
N THR A 64 -8.58 -6.04 -1.93
CA THR A 64 -9.21 -4.73 -1.74
C THR A 64 -8.54 -3.96 -0.62
N VAL A 65 -8.56 -2.63 -0.71
CA VAL A 65 -7.97 -1.79 0.30
C VAL A 65 -8.90 -0.66 0.72
N THR A 66 -9.63 -0.88 1.81
CA THR A 66 -10.58 0.12 2.30
C THR A 66 -9.98 0.91 3.47
N VAL A 67 -10.33 2.19 3.54
CA VAL A 67 -9.83 3.05 4.61
C VAL A 67 -10.94 3.39 5.60
N ILE A 68 -10.75 3.02 6.85
CA ILE A 68 -11.74 3.29 7.89
C ILE A 68 -11.14 4.14 9.00
N SER A 69 -11.98 4.99 9.60
CA SER A 69 -11.53 5.87 10.67
C SER A 69 -11.31 5.07 11.96
N GLU A 70 -10.77 5.75 12.97
CA GLU A 70 -10.51 5.11 14.25
C GLU A 70 -11.76 5.10 15.13
N LYS A 71 -12.52 6.18 15.08
CA LYS A 71 -13.75 6.29 15.85
C LYS A 71 -14.82 5.33 15.33
N ASN A 72 -15.41 5.67 14.19
CA ASN A 72 -16.44 4.83 13.59
C ASN A 72 -15.83 3.79 12.66
N GLU A 73 -16.33 2.57 12.74
CA GLU A 73 -15.82 1.48 11.90
C GLU A 73 -16.58 1.42 10.57
N GLU A 74 -17.73 2.08 10.53
CA GLU A 74 -18.56 2.09 9.32
C GLU A 74 -18.13 3.22 8.40
N GLU A 75 -17.31 4.13 8.91
CA GLU A 75 -16.83 5.27 8.12
C GLU A 75 -15.81 4.81 7.08
N VAL A 76 -16.16 4.97 5.81
CA VAL A 76 -15.27 4.58 4.73
C VAL A 76 -14.64 5.80 4.06
N LEU A 77 -13.55 6.29 4.65
CA LEU A 77 -12.85 7.45 4.13
C LEU A 77 -12.54 7.27 2.63
N VAL A 78 -11.90 6.17 2.30
CA VAL A 78 -11.55 5.88 0.92
C VAL A 78 -11.69 4.39 0.61
N GLU A 79 -12.29 4.08 -0.53
CA GLU A 79 -12.49 2.68 -0.94
C GLU A 79 -11.71 2.38 -2.21
N CYS A 80 -10.52 1.81 -2.07
CA CYS A 80 -9.69 1.46 -3.21
C CYS A 80 -9.63 -0.04 -3.40
N ARG A 81 -9.52 -0.47 -4.66
CA ARG A 81 -9.46 -1.89 -4.98
C ARG A 81 -8.14 -2.23 -5.66
N VAL A 82 -7.42 -3.18 -5.10
CA VAL A 82 -6.13 -3.61 -5.65
C VAL A 82 -6.15 -3.56 -7.17
N ARG A 83 -7.18 -4.13 -7.76
CA ARG A 83 -7.32 -4.15 -9.22
C ARG A 83 -7.19 -2.75 -9.80
N PHE A 84 -7.88 -1.79 -9.19
CA PHE A 84 -7.84 -0.41 -9.63
C PHE A 84 -6.45 0.19 -9.43
N LEU A 85 -5.75 -0.29 -8.41
CA LEU A 85 -4.40 0.19 -8.10
C LEU A 85 -3.53 0.17 -9.35
N SER A 86 -3.11 1.36 -9.79
CA SER A 86 -2.26 1.46 -10.97
C SER A 86 -0.79 1.31 -10.60
N PHE A 87 -0.35 2.06 -9.58
CA PHE A 87 1.03 2.00 -9.13
C PHE A 87 1.12 2.27 -7.63
N MET A 88 2.02 1.55 -6.96
CA MET A 88 2.21 1.73 -5.53
C MET A 88 3.70 1.71 -5.16
N GLY A 89 4.06 2.49 -4.16
CA GLY A 89 5.45 2.56 -3.74
C GLY A 89 5.61 3.23 -2.38
N VAL A 90 6.83 3.64 -2.08
CA VAL A 90 7.13 4.30 -0.80
C VAL A 90 7.94 5.57 -1.02
N GLY A 91 7.67 6.58 -0.19
CA GLY A 91 8.39 7.83 -0.31
C GLY A 91 9.81 7.74 0.23
N LYS A 92 10.47 8.89 0.37
CA LYS A 92 11.83 8.94 0.86
C LYS A 92 11.99 8.04 2.09
N ASP A 93 11.07 8.18 3.04
CA ASP A 93 11.12 7.38 4.26
C ASP A 93 10.25 6.13 4.13
N VAL A 94 10.75 5.01 4.65
CA VAL A 94 10.02 3.75 4.58
C VAL A 94 8.81 3.77 5.50
N HIS A 95 8.74 4.77 6.36
CA HIS A 95 7.63 4.91 7.29
C HIS A 95 6.38 5.45 6.59
N THR A 96 6.56 5.93 5.36
CA THR A 96 5.46 6.47 4.58
C THR A 96 4.96 5.46 3.56
N PHE A 97 3.67 5.54 3.22
CA PHE A 97 3.07 4.64 2.26
C PHE A 97 2.03 5.36 1.41
N ALA A 98 2.27 5.40 0.10
CA ALA A 98 1.35 6.05 -0.82
C ALA A 98 1.09 5.18 -2.04
N PHE A 99 -0.16 5.20 -2.51
CA PHE A 99 -0.55 4.40 -3.67
C PHE A 99 -1.43 5.21 -4.62
N ILE A 100 -1.26 4.99 -5.91
CA ILE A 100 -2.04 5.69 -6.92
C ILE A 100 -3.11 4.80 -7.52
N MET A 101 -4.37 5.17 -7.33
CA MET A 101 -5.50 4.40 -7.85
C MET A 101 -6.17 5.14 -9.00
N ASP A 102 -6.99 4.41 -9.76
CA ASP A 102 -7.69 5.00 -10.90
C ASP A 102 -9.18 5.17 -10.58
N THR A 103 -9.61 6.41 -10.41
CA THR A 103 -11.00 6.70 -10.11
C THR A 103 -11.78 7.04 -11.36
N GLY A 104 -11.17 6.79 -12.52
CA GLY A 104 -11.82 7.06 -13.79
C GLY A 104 -11.05 6.52 -14.97
N ASN A 105 -10.87 7.36 -15.99
CA ASN A 105 -10.13 6.95 -17.19
C ASN A 105 -8.65 7.29 -17.07
N GLN A 106 -8.36 8.57 -16.94
CA GLN A 106 -6.97 9.04 -16.82
C GLN A 106 -6.72 9.63 -15.44
N ARG A 107 -7.72 10.34 -14.91
CA ARG A 107 -7.61 10.97 -13.60
C ARG A 107 -7.35 9.92 -12.52
N PHE A 108 -6.20 10.00 -11.88
CA PHE A 108 -5.84 9.07 -10.82
C PHE A 108 -5.59 9.79 -9.50
N GLU A 109 -5.94 9.14 -8.40
CA GLU A 109 -5.75 9.73 -7.07
C GLU A 109 -4.67 8.97 -6.29
N CYS A 110 -3.80 9.72 -5.63
CA CYS A 110 -2.73 9.13 -4.85
C CYS A 110 -2.93 9.39 -3.36
N HIS A 111 -3.27 8.34 -2.62
CA HIS A 111 -3.49 8.45 -1.18
C HIS A 111 -2.24 8.09 -0.40
N VAL A 112 -1.97 8.83 0.67
CA VAL A 112 -0.80 8.58 1.50
C VAL A 112 -1.20 8.23 2.93
N PHE A 113 -0.41 7.39 3.58
CA PHE A 113 -0.68 6.99 4.95
C PHE A 113 0.62 6.66 5.69
N TRP A 114 0.80 7.25 6.86
CA TRP A 114 1.98 7.02 7.67
C TRP A 114 1.88 5.70 8.43
N CYS A 115 2.81 4.79 8.16
CA CYS A 115 2.82 3.49 8.82
C CYS A 115 3.70 3.52 10.06
N GLU A 116 3.56 2.50 10.91
CA GLU A 116 4.34 2.41 12.13
C GLU A 116 4.55 0.96 12.55
N PRO A 117 5.81 0.59 12.80
CA PRO A 117 6.95 1.52 12.70
C PRO A 117 7.25 1.91 11.25
N ASN A 118 7.32 0.91 10.38
CA ASN A 118 7.60 1.15 8.97
C ASN A 118 6.45 0.65 8.09
N ALA A 119 6.59 0.82 6.78
CA ALA A 119 5.57 0.39 5.83
C ALA A 119 5.94 -0.94 5.19
N ALA A 120 6.38 -1.89 6.01
CA ALA A 120 6.77 -3.20 5.51
C ALA A 120 5.56 -4.11 5.36
N ASN A 121 4.90 -4.40 6.48
CA ASN A 121 3.73 -5.26 6.47
C ASN A 121 2.64 -4.69 5.56
N VAL A 122 2.30 -3.43 5.76
CA VAL A 122 1.28 -2.77 4.96
C VAL A 122 1.55 -2.95 3.47
N SER A 123 2.77 -2.62 3.06
CA SER A 123 3.16 -2.74 1.65
C SER A 123 3.16 -4.20 1.22
N GLU A 124 3.51 -5.09 2.14
CA GLU A 124 3.56 -6.52 1.85
C GLU A 124 2.16 -7.07 1.62
N ALA A 125 1.20 -6.59 2.40
CA ALA A 125 -0.19 -7.04 2.27
C ALA A 125 -0.79 -6.60 0.95
N VAL A 126 -0.58 -5.32 0.61
CA VAL A 126 -1.10 -4.77 -0.63
C VAL A 126 -0.36 -5.33 -1.84
N GLN A 127 0.95 -5.44 -1.72
CA GLN A 127 1.77 -5.96 -2.81
C GLN A 127 1.28 -7.33 -3.26
N ALA A 128 1.09 -8.23 -2.30
CA ALA A 128 0.61 -9.58 -2.60
C ALA A 128 -0.82 -9.55 -3.11
N ALA A 129 -1.65 -8.71 -2.49
CA ALA A 129 -3.04 -8.59 -2.90
C ALA A 129 -3.19 -8.63 -4.42
N CYS A 130 -2.23 -8.02 -5.11
CA CYS A 130 -2.25 -7.99 -6.57
C CYS A 130 -2.47 -9.38 -7.14
N SER A 131 -1.68 -10.34 -6.68
CA SER A 131 -1.79 -11.72 -7.16
C SER A 131 -2.73 -12.52 -6.27
N GLY A 132 -2.48 -12.47 -4.96
CA GLY A 132 -3.31 -13.20 -4.02
C GLY A 132 -2.73 -14.56 -3.67
N PRO A 133 -3.43 -15.63 -4.10
CA PRO A 133 -2.99 -17.00 -3.85
C PRO A 133 -1.74 -17.37 -4.64
N SER A 134 -0.94 -18.27 -4.08
CA SER A 134 0.29 -18.71 -4.72
C SER A 134 0.00 -19.71 -5.83
N SER A 135 0.76 -19.64 -6.92
CA SER A 135 0.58 -20.54 -8.04
C SER A 135 1.90 -21.19 -8.45
N GLY A 136 1.83 -22.44 -8.90
CA GLY A 136 3.02 -23.14 -9.31
C GLY A 136 3.82 -23.68 -8.13
N ILE A 137 4.81 -24.50 -8.41
CA ILE A 137 5.64 -25.08 -7.36
C ILE A 137 7.08 -24.61 -7.47
N GLU A 138 7.63 -24.10 -6.37
CA GLU A 138 9.00 -23.60 -6.35
C GLU A 138 9.87 -24.47 -5.45
N GLY A 139 11.09 -24.73 -5.89
CA GLY A 139 12.00 -25.55 -5.11
C GLY A 139 13.40 -24.97 -5.06
N ARG A 140 13.90 -24.74 -3.84
CA ARG A 140 15.23 -24.17 -3.66
C ARG A 140 16.30 -25.12 -4.20
N GLY A 141 17.47 -24.56 -4.52
CA GLY A 141 18.55 -25.37 -5.04
C GLY A 141 19.45 -25.91 -3.95
N SER A 142 19.22 -27.15 -3.53
CA SER A 142 20.01 -27.78 -2.49
C SER A 142 20.76 -29.00 -3.02
N SER A 143 21.91 -29.29 -2.44
CA SER A 143 22.72 -30.42 -2.86
C SER A 143 23.62 -30.90 -1.73
N GLY A 144 23.44 -32.13 -1.30
CA GLY A 144 24.24 -32.68 -0.23
C GLY A 144 23.41 -33.44 0.79
N SER A 145 24.01 -34.46 1.40
CA SER A 145 23.31 -35.27 2.40
C SER A 145 23.75 -34.87 3.81
N SER A 146 23.87 -33.57 4.04
CA SER A 146 24.28 -33.06 5.34
C SER A 146 23.57 -31.75 5.67
N GLY A 147 23.77 -31.25 6.89
CA GLY A 147 23.14 -30.01 7.29
C GLY A 147 23.80 -29.41 8.52
N SER A 148 23.63 -28.10 8.69
CA SER A 148 24.22 -27.40 9.83
C SER A 148 23.13 -26.73 10.67
N SER A 149 23.43 -26.51 11.95
CA SER A 149 22.49 -25.88 12.86
C SER A 149 22.78 -24.39 13.00
N GLY A 150 21.73 -23.61 13.26
CA GLY A 150 21.88 -22.17 13.41
C GLY A 150 22.75 -21.81 14.61
N SER A 151 23.69 -20.90 14.40
CA SER A 151 24.58 -20.47 15.47
C SER A 151 25.10 -19.07 15.20
N SER A 152 25.38 -18.32 16.27
CA SER A 152 25.89 -16.97 16.16
C SER A 152 27.23 -16.94 15.41
N GLY A 153 27.25 -16.24 14.29
CA GLY A 153 28.48 -16.15 13.51
C GLY A 153 28.23 -15.61 12.12
N ASP A 154 27.31 -16.24 11.39
CA ASP A 154 26.98 -15.81 10.03
C ASP A 154 26.29 -14.46 10.04
N ALA A 155 26.01 -13.93 8.85
CA ALA A 155 25.35 -12.65 8.72
C ALA A 155 24.09 -12.76 7.86
N ALA A 156 23.08 -11.96 8.20
CA ALA A 156 21.82 -11.97 7.47
C ALA A 156 20.99 -10.72 7.77
N VAL A 157 20.88 -9.83 6.79
CA VAL A 157 20.12 -8.60 6.96
C VAL A 157 18.63 -8.87 6.92
N THR A 158 17.89 -8.23 7.83
CA THR A 158 16.44 -8.40 7.90
C THR A 158 15.80 -8.29 6.53
N PRO A 159 14.96 -9.27 6.18
CA PRO A 159 14.26 -9.31 4.90
C PRO A 159 13.20 -8.23 4.78
N GLU A 160 13.15 -7.33 5.77
CA GLU A 160 12.18 -6.25 5.77
C GLU A 160 12.70 -5.06 4.97
N GLU A 161 13.87 -4.57 5.34
CA GLU A 161 14.47 -3.43 4.65
C GLU A 161 14.68 -3.73 3.18
N ARG A 162 15.13 -4.96 2.88
CA ARG A 162 15.37 -5.38 1.51
C ARG A 162 14.17 -5.05 0.62
N HIS A 163 12.98 -5.37 1.11
CA HIS A 163 11.75 -5.10 0.35
C HIS A 163 11.42 -3.62 0.36
N LEU A 164 11.30 -3.05 1.56
CA LEU A 164 10.97 -1.63 1.71
C LEU A 164 11.76 -0.79 0.72
N SER A 165 13.08 -0.95 0.71
CA SER A 165 13.95 -0.21 -0.19
C SER A 165 13.50 -0.38 -1.64
N LYS A 166 13.22 -1.62 -2.02
CA LYS A 166 12.79 -1.92 -3.38
C LYS A 166 11.54 -1.13 -3.74
N MET A 167 10.70 -0.88 -2.74
CA MET A 167 9.46 -0.12 -2.95
C MET A 167 9.77 1.35 -3.21
N GLN A 168 10.50 1.97 -2.30
CA GLN A 168 10.87 3.38 -2.44
C GLN A 168 11.84 3.58 -3.60
N GLN A 169 12.48 2.50 -4.02
CA GLN A 169 13.44 2.56 -5.12
C GLN A 169 12.72 2.60 -6.46
N ASN A 170 12.12 1.47 -6.83
CA ASN A 170 11.40 1.36 -8.09
C ASN A 170 9.90 1.26 -7.85
N GLY A 171 9.52 0.65 -6.74
CA GLY A 171 8.12 0.49 -6.41
C GLY A 171 7.50 -0.73 -7.06
N TYR A 172 6.17 -0.80 -7.04
CA TYR A 172 5.46 -1.93 -7.62
C TYR A 172 4.40 -1.46 -8.61
N GLU A 173 4.42 -2.02 -9.81
CA GLU A 173 3.46 -1.65 -10.84
C GLU A 173 2.41 -2.75 -11.02
N ASN A 174 1.20 -2.48 -10.54
CA ASN A 174 0.10 -3.43 -10.64
C ASN A 174 0.14 -4.17 -11.98
N PRO A 175 0.23 -5.51 -11.92
CA PRO A 175 0.28 -6.35 -13.12
C PRO A 175 -1.06 -6.37 -13.87
N THR A 176 -2.15 -6.33 -13.11
CA THR A 176 -3.48 -6.35 -13.71
C THR A 176 -3.72 -5.10 -14.55
N TYR A 177 -2.91 -4.07 -14.32
CA TYR A 177 -3.04 -2.82 -15.07
C TYR A 177 -1.88 -2.64 -16.03
N LYS A 178 -1.81 -3.51 -17.03
CA LYS A 178 -0.76 -3.46 -18.04
C LYS A 178 -1.11 -2.45 -19.14
N PHE A 179 -2.01 -2.85 -20.03
CA PHE A 179 -2.43 -2.00 -21.13
C PHE A 179 -1.28 -1.13 -21.61
N PHE A 180 -0.15 -1.76 -21.89
CA PHE A 180 1.03 -1.04 -22.36
C PHE A 180 0.74 -0.30 -23.67
N GLU A 181 1.77 0.30 -24.24
CA GLU A 181 1.62 1.04 -25.49
C GLU A 181 2.67 0.60 -26.51
N GLN A 182 2.54 -0.63 -26.99
CA GLN A 182 3.48 -1.17 -27.97
C GLN A 182 2.80 -1.41 -29.30
N MET A 183 2.00 -0.44 -29.74
CA MET A 183 1.29 -0.53 -31.01
C MET A 183 2.21 -1.03 -32.11
N GLN A 184 1.77 -2.05 -32.83
CA GLN A 184 2.57 -2.61 -33.93
C GLN A 184 1.76 -2.66 -35.22
N ASN A 185 2.41 -2.33 -36.32
CA ASN A 185 1.74 -2.34 -37.63
C ASN A 185 1.04 -3.67 -37.86
N GLY A 1 -36.27 15.96 16.34
CA GLY A 1 -36.06 14.96 15.30
C GLY A 1 -35.45 13.68 15.84
N SER A 2 -35.75 12.56 15.20
CA SER A 2 -35.23 11.27 15.63
C SER A 2 -35.28 10.26 14.48
N SER A 3 -34.10 9.89 13.98
CA SER A 3 -34.01 8.93 12.88
C SER A 3 -34.14 7.50 13.39
N GLY A 4 -34.17 6.54 12.47
CA GLY A 4 -34.28 5.15 12.84
C GLY A 4 -34.32 4.22 11.64
N SER A 5 -33.86 2.99 11.83
CA SER A 5 -33.84 2.02 10.75
C SER A 5 -33.72 0.60 11.31
N SER A 6 -33.87 -0.39 10.44
CA SER A 6 -33.79 -1.79 10.84
C SER A 6 -33.53 -2.69 9.63
N GLY A 7 -32.79 -3.78 9.85
CA GLY A 7 -32.48 -4.70 8.79
C GLY A 7 -31.06 -4.53 8.27
N PRO A 8 -30.07 -4.76 9.15
CA PRO A 8 -28.66 -4.63 8.80
C PRO A 8 -28.20 -5.72 7.84
N THR A 9 -27.01 -5.54 7.27
CA THR A 9 -26.45 -6.50 6.34
C THR A 9 -25.23 -7.19 6.92
N PRO A 10 -25.44 -8.38 7.51
CA PRO A 10 -24.36 -9.17 8.13
C PRO A 10 -23.40 -9.75 7.09
N LYS A 11 -22.12 -9.45 7.25
CA LYS A 11 -21.10 -9.95 6.32
C LYS A 11 -19.84 -10.36 7.07
N THR A 12 -19.44 -11.61 6.90
CA THR A 12 -18.25 -12.14 7.56
C THR A 12 -17.16 -12.47 6.55
N GLU A 13 -16.21 -11.56 6.39
CA GLU A 13 -15.11 -11.74 5.46
C GLU A 13 -13.76 -11.61 6.16
N LEU A 14 -12.72 -12.12 5.52
CA LEU A 14 -11.37 -12.05 6.08
C LEU A 14 -10.66 -10.77 5.67
N VAL A 15 -10.62 -9.80 6.57
CA VAL A 15 -9.96 -8.53 6.29
C VAL A 15 -9.01 -8.14 7.42
N GLN A 16 -7.82 -7.68 7.03
CA GLN A 16 -6.81 -7.27 8.02
C GLN A 16 -6.82 -5.77 8.21
N LYS A 17 -6.65 -5.34 9.46
CA LYS A 17 -6.64 -3.92 9.79
C LYS A 17 -5.29 -3.51 10.38
N PHE A 18 -4.86 -2.29 10.07
CA PHE A 18 -3.58 -1.79 10.57
C PHE A 18 -3.74 -0.36 11.09
N ARG A 19 -2.95 -0.03 12.11
CA ARG A 19 -3.01 1.30 12.71
C ARG A 19 -2.05 2.26 11.99
N VAL A 20 -2.61 3.21 11.26
CA VAL A 20 -1.83 4.19 10.53
C VAL A 20 -2.47 5.57 10.58
N GLN A 21 -1.87 6.52 9.87
CA GLN A 21 -2.38 7.88 9.82
C GLN A 21 -2.71 8.31 8.40
N TYR A 22 -3.54 9.34 8.27
CA TYR A 22 -3.94 9.84 6.96
C TYR A 22 -3.36 11.23 6.71
N LEU A 23 -2.51 11.35 5.70
CA LEU A 23 -1.90 12.62 5.36
C LEU A 23 -2.84 13.46 4.49
N GLY A 24 -3.46 12.82 3.50
CA GLY A 24 -4.37 13.53 2.62
C GLY A 24 -4.35 12.97 1.21
N MET A 25 -5.19 13.53 0.35
CA MET A 25 -5.28 13.08 -1.04
C MET A 25 -4.56 14.06 -1.97
N LEU A 26 -3.85 13.52 -2.96
CA LEU A 26 -3.12 14.33 -3.91
C LEU A 26 -3.07 13.66 -5.28
N PRO A 27 -3.64 14.34 -6.28
CA PRO A 27 -3.69 13.83 -7.66
C PRO A 27 -2.32 13.83 -8.32
N VAL A 28 -2.03 12.80 -9.10
CA VAL A 28 -0.76 12.69 -9.79
C VAL A 28 -0.92 12.88 -11.29
N ASP A 29 0.16 13.31 -11.96
CA ASP A 29 0.13 13.53 -13.39
C ASP A 29 0.22 12.21 -14.15
N ARG A 30 1.12 11.34 -13.70
CA ARG A 30 1.32 10.04 -14.34
C ARG A 30 0.97 8.91 -13.38
N PRO A 31 0.45 7.81 -13.94
CA PRO A 31 0.06 6.64 -13.15
C PRO A 31 1.27 5.90 -12.57
N VAL A 32 2.46 6.25 -13.06
CA VAL A 32 3.69 5.62 -12.61
C VAL A 32 4.82 6.64 -12.51
N GLY A 33 5.91 6.24 -11.85
CA GLY A 33 7.04 7.13 -11.69
C GLY A 33 7.18 7.67 -10.28
N MET A 34 8.12 7.10 -9.53
CA MET A 34 8.35 7.54 -8.15
C MET A 34 8.47 9.05 -8.06
N ASP A 35 9.17 9.64 -9.03
CA ASP A 35 9.36 11.09 -9.06
C ASP A 35 8.01 11.81 -9.01
N THR A 36 6.97 11.14 -9.49
CA THR A 36 5.64 11.73 -9.50
C THR A 36 4.87 11.38 -8.23
N LEU A 37 4.94 10.12 -7.83
CA LEU A 37 4.25 9.66 -6.62
C LEU A 37 4.71 10.45 -5.41
N ASN A 38 6.02 10.64 -5.28
CA ASN A 38 6.59 11.39 -4.17
C ASN A 38 6.17 12.85 -4.21
N SER A 39 6.31 13.46 -5.39
CA SER A 39 5.95 14.86 -5.58
C SER A 39 4.61 15.17 -4.92
N ALA A 40 3.76 14.15 -4.83
CA ALA A 40 2.45 14.32 -4.23
C ALA A 40 2.52 14.18 -2.71
N ILE A 41 3.36 13.26 -2.25
CA ILE A 41 3.52 13.04 -0.82
C ILE A 41 3.82 14.34 -0.08
N GLU A 42 4.88 15.01 -0.50
CA GLU A 42 5.28 16.27 0.12
C GLU A 42 4.11 17.26 0.14
N ASN A 43 3.52 17.47 -1.03
CA ASN A 43 2.39 18.39 -1.15
C ASN A 43 1.49 18.31 0.09
N LEU A 44 1.26 17.09 0.56
CA LEU A 44 0.41 16.88 1.73
C LEU A 44 1.18 17.18 3.02
N MET A 45 2.33 16.52 3.18
CA MET A 45 3.14 16.72 4.36
C MET A 45 3.29 18.20 4.70
N THR A 46 3.47 19.01 3.66
CA THR A 46 3.62 20.46 3.84
C THR A 46 2.37 21.06 4.48
N SER A 47 1.21 20.60 4.04
CA SER A 47 -0.06 21.10 4.57
C SER A 47 -0.18 20.78 6.05
N SER A 48 -0.28 19.49 6.37
CA SER A 48 -0.41 19.06 7.76
C SER A 48 0.86 18.38 8.24
N SER A 49 1.13 18.48 9.53
CA SER A 49 2.33 17.87 10.12
C SER A 49 2.10 16.39 10.40
N LYS A 50 3.20 15.67 10.62
CA LYS A 50 3.12 14.24 10.91
C LYS A 50 2.07 13.95 11.98
N GLU A 51 2.26 14.54 13.15
CA GLU A 51 1.33 14.35 14.27
C GLU A 51 -0.01 15.01 13.97
N ASP A 52 0.01 15.99 13.08
CA ASP A 52 -1.21 16.71 12.71
C ASP A 52 -2.18 15.79 11.98
N TRP A 53 -1.65 14.74 11.36
CA TRP A 53 -2.47 13.78 10.64
C TRP A 53 -3.30 12.93 11.59
N PRO A 54 -4.60 12.79 11.30
CA PRO A 54 -5.52 12.01 12.12
C PRO A 54 -5.24 10.50 12.02
N SER A 55 -5.23 9.84 13.17
CA SER A 55 -4.98 8.40 13.22
C SER A 55 -6.17 7.62 12.68
N VAL A 56 -5.92 6.79 11.68
CA VAL A 56 -6.97 5.98 11.07
C VAL A 56 -6.57 4.51 11.02
N ASN A 57 -7.45 3.69 10.45
CA ASN A 57 -7.18 2.25 10.33
C ASN A 57 -7.28 1.80 8.88
N MET A 58 -6.23 1.13 8.41
CA MET A 58 -6.19 0.64 7.03
C MET A 58 -6.68 -0.81 6.96
N ASN A 59 -7.79 -1.02 6.27
CA ASN A 59 -8.36 -2.35 6.12
C ASN A 59 -8.08 -2.91 4.73
N VAL A 60 -7.45 -4.08 4.68
CA VAL A 60 -7.13 -4.72 3.41
C VAL A 60 -7.89 -6.04 3.26
N ALA A 61 -8.99 -5.98 2.51
CA ALA A 61 -9.81 -7.18 2.29
C ALA A 61 -9.36 -7.91 1.02
N ASP A 62 -10.07 -8.98 0.69
CA ASP A 62 -9.75 -9.77 -0.49
C ASP A 62 -9.55 -8.87 -1.71
N ALA A 63 -8.29 -8.65 -2.07
CA ALA A 63 -7.97 -7.81 -3.22
C ALA A 63 -8.63 -6.45 -3.11
N THR A 64 -8.69 -5.92 -1.88
CA THR A 64 -9.32 -4.62 -1.65
C THR A 64 -8.69 -3.93 -0.43
N VAL A 65 -8.65 -2.60 -0.47
CA VAL A 65 -8.09 -1.83 0.62
C VAL A 65 -9.00 -0.66 1.00
N THR A 66 -9.76 -0.84 2.09
CA THR A 66 -10.66 0.19 2.56
C THR A 66 -10.07 0.96 3.73
N VAL A 67 -10.18 2.29 3.68
CA VAL A 67 -9.65 3.14 4.74
C VAL A 67 -10.76 3.60 5.67
N ILE A 68 -10.74 3.12 6.90
CA ILE A 68 -11.74 3.48 7.89
C ILE A 68 -11.16 4.42 8.94
N SER A 69 -12.01 5.24 9.55
CA SER A 69 -11.59 6.18 10.56
C SER A 69 -11.51 5.51 11.93
N GLU A 70 -10.67 6.06 12.82
CA GLU A 70 -10.51 5.51 14.15
C GLU A 70 -11.77 5.70 14.97
N LYS A 71 -12.37 6.89 14.89
CA LYS A 71 -13.58 7.19 15.64
C LYS A 71 -14.68 6.19 15.32
N ASN A 72 -15.19 6.23 14.10
CA ASN A 72 -16.24 5.33 13.66
C ASN A 72 -15.68 4.23 12.77
N GLU A 73 -16.43 3.14 12.64
CA GLU A 73 -16.01 2.01 11.81
C GLU A 73 -16.71 2.04 10.46
N GLU A 74 -17.95 2.52 10.45
CA GLU A 74 -18.73 2.60 9.21
C GLU A 74 -18.15 3.64 8.28
N GLU A 75 -17.57 4.70 8.85
CA GLU A 75 -16.98 5.77 8.06
C GLU A 75 -15.95 5.22 7.07
N VAL A 76 -16.26 5.34 5.79
CA VAL A 76 -15.36 4.86 4.74
C VAL A 76 -14.55 6.00 4.15
N LEU A 77 -13.48 6.38 4.85
CA LEU A 77 -12.61 7.45 4.39
C LEU A 77 -12.34 7.35 2.89
N VAL A 78 -11.77 6.21 2.48
CA VAL A 78 -11.47 5.99 1.07
C VAL A 78 -11.56 4.50 0.72
N GLU A 79 -12.22 4.20 -0.39
CA GLU A 79 -12.39 2.82 -0.83
C GLU A 79 -11.51 2.54 -2.05
N CYS A 80 -10.34 1.95 -1.80
CA CYS A 80 -9.42 1.62 -2.88
C CYS A 80 -9.43 0.13 -3.18
N ARG A 81 -9.25 -0.22 -4.45
CA ARG A 81 -9.24 -1.61 -4.87
C ARG A 81 -8.03 -1.92 -5.74
N VAL A 82 -7.22 -2.89 -5.30
CA VAL A 82 -6.02 -3.27 -6.05
C VAL A 82 -6.26 -3.20 -7.54
N ARG A 83 -7.35 -3.82 -8.00
CA ARG A 83 -7.70 -3.83 -9.41
C ARG A 83 -7.35 -2.50 -10.07
N PHE A 84 -7.91 -1.42 -9.54
CA PHE A 84 -7.67 -0.09 -10.08
C PHE A 84 -6.21 0.33 -9.86
N LEU A 85 -5.69 0.01 -8.69
CA LEU A 85 -4.30 0.35 -8.35
C LEU A 85 -3.41 0.26 -9.57
N SER A 86 -2.96 1.41 -10.06
CA SER A 86 -2.09 1.45 -11.23
C SER A 86 -0.62 1.28 -10.84
N PHE A 87 -0.25 1.85 -9.70
CA PHE A 87 1.12 1.75 -9.20
C PHE A 87 1.20 2.13 -7.72
N MET A 88 2.11 1.49 -7.00
CA MET A 88 2.29 1.76 -5.58
C MET A 88 3.77 1.80 -5.22
N GLY A 89 4.11 2.61 -4.22
CA GLY A 89 5.49 2.71 -3.79
C GLY A 89 5.63 3.42 -2.46
N VAL A 90 6.86 3.74 -2.09
CA VAL A 90 7.13 4.44 -0.84
C VAL A 90 7.90 5.73 -1.07
N GLY A 91 7.57 6.76 -0.28
CA GLY A 91 8.24 8.04 -0.42
C GLY A 91 9.68 8.00 0.04
N LYS A 92 10.18 9.14 0.50
CA LYS A 92 11.55 9.23 0.98
C LYS A 92 11.77 8.33 2.20
N ASP A 93 10.81 8.36 3.12
CA ASP A 93 10.90 7.54 4.33
C ASP A 93 10.07 6.27 4.17
N VAL A 94 10.68 5.12 4.46
CA VAL A 94 10.01 3.84 4.36
C VAL A 94 8.72 3.83 5.17
N HIS A 95 8.68 4.65 6.21
CA HIS A 95 7.50 4.75 7.07
C HIS A 95 6.28 5.20 6.26
N THR A 96 6.51 6.02 5.24
CA THR A 96 5.44 6.51 4.40
C THR A 96 4.99 5.46 3.40
N PHE A 97 3.74 5.57 2.96
CA PHE A 97 3.19 4.63 1.99
C PHE A 97 2.10 5.29 1.15
N ALA A 98 2.37 5.39 -0.15
CA ALA A 98 1.41 6.00 -1.07
C ALA A 98 1.13 5.09 -2.25
N PHE A 99 -0.11 5.13 -2.75
CA PHE A 99 -0.51 4.30 -3.88
C PHE A 99 -1.41 5.08 -4.82
N ILE A 100 -1.22 4.88 -6.13
CA ILE A 100 -2.02 5.55 -7.13
C ILE A 100 -3.15 4.66 -7.64
N MET A 101 -4.38 5.15 -7.48
CA MET A 101 -5.55 4.39 -7.92
C MET A 101 -6.37 5.19 -8.92
N ASP A 102 -7.18 4.50 -9.71
CA ASP A 102 -8.01 5.14 -10.71
C ASP A 102 -9.37 5.54 -10.12
N THR A 103 -9.66 6.83 -10.12
CA THR A 103 -10.92 7.34 -9.59
C THR A 103 -11.61 8.24 -10.60
N GLY A 104 -11.54 7.86 -11.87
CA GLY A 104 -12.17 8.65 -12.92
C GLY A 104 -11.36 8.69 -14.19
N ASN A 105 -11.31 9.85 -14.83
CA ASN A 105 -10.57 10.02 -16.08
C ASN A 105 -9.07 9.80 -15.84
N GLN A 106 -8.28 10.02 -16.89
CA GLN A 106 -6.83 9.85 -16.79
C GLN A 106 -6.31 10.39 -15.47
N ARG A 107 -7.05 11.33 -14.88
CA ARG A 107 -6.65 11.94 -13.62
C ARG A 107 -6.70 10.90 -12.49
N PHE A 108 -5.55 10.36 -12.14
CA PHE A 108 -5.47 9.36 -11.07
C PHE A 108 -5.12 10.02 -9.74
N GLU A 109 -5.64 9.45 -8.65
CA GLU A 109 -5.38 9.98 -7.31
C GLU A 109 -4.39 9.10 -6.56
N CYS A 110 -3.67 9.70 -5.62
CA CYS A 110 -2.69 8.98 -4.83
C CYS A 110 -2.91 9.21 -3.33
N HIS A 111 -3.29 8.16 -2.62
CA HIS A 111 -3.54 8.25 -1.19
C HIS A 111 -2.28 7.88 -0.39
N VAL A 112 -1.88 8.76 0.51
CA VAL A 112 -0.70 8.53 1.33
C VAL A 112 -1.08 8.25 2.78
N PHE A 113 -0.39 7.29 3.39
CA PHE A 113 -0.66 6.92 4.78
C PHE A 113 0.63 6.60 5.51
N TRP A 114 0.80 7.20 6.69
CA TRP A 114 2.00 6.97 7.50
C TRP A 114 1.89 5.68 8.29
N CYS A 115 2.86 4.78 8.08
CA CYS A 115 2.87 3.50 8.77
C CYS A 115 3.69 3.58 10.06
N GLU A 116 3.58 2.55 10.88
CA GLU A 116 4.32 2.51 12.14
C GLU A 116 4.57 1.06 12.57
N PRO A 117 5.84 0.72 12.81
CA PRO A 117 6.96 1.66 12.65
C PRO A 117 7.21 2.03 11.19
N ASN A 118 7.33 1.01 10.35
CA ASN A 118 7.58 1.21 8.93
C ASN A 118 6.41 0.69 8.09
N ALA A 119 6.52 0.85 6.78
CA ALA A 119 5.48 0.38 5.86
C ALA A 119 5.81 -0.99 5.31
N ALA A 120 6.29 -1.88 6.18
CA ALA A 120 6.64 -3.23 5.77
C ALA A 120 5.40 -4.13 5.73
N ASN A 121 4.70 -4.21 6.86
CA ASN A 121 3.50 -5.03 6.95
C ASN A 121 2.45 -4.59 5.95
N VAL A 122 2.06 -3.31 6.04
CA VAL A 122 1.06 -2.76 5.13
C VAL A 122 1.42 -3.04 3.67
N SER A 123 2.61 -2.63 3.27
CA SER A 123 3.07 -2.84 1.90
C SER A 123 3.11 -4.32 1.56
N GLU A 124 3.61 -5.13 2.50
CA GLU A 124 3.71 -6.57 2.30
C GLU A 124 2.32 -7.17 2.00
N ALA A 125 1.30 -6.59 2.60
CA ALA A 125 -0.07 -7.06 2.40
C ALA A 125 -0.59 -6.67 1.02
N VAL A 126 -0.61 -5.37 0.76
CA VAL A 126 -1.09 -4.86 -0.52
C VAL A 126 -0.34 -5.50 -1.68
N GLN A 127 0.96 -5.74 -1.49
CA GLN A 127 1.79 -6.35 -2.52
C GLN A 127 1.24 -7.71 -2.93
N ALA A 128 0.91 -8.53 -1.93
CA ALA A 128 0.37 -9.86 -2.18
C ALA A 128 -0.97 -9.78 -2.90
N ALA A 129 -1.86 -8.92 -2.41
CA ALA A 129 -3.17 -8.75 -3.02
C ALA A 129 -3.08 -8.68 -4.53
N CYS A 130 -1.98 -8.12 -5.03
CA CYS A 130 -1.77 -7.99 -6.47
C CYS A 130 -1.46 -9.35 -7.09
N SER A 131 -0.62 -10.12 -6.42
CA SER A 131 -0.23 -11.44 -6.91
C SER A 131 0.69 -11.32 -8.12
N GLY A 132 1.53 -10.30 -8.12
CA GLY A 132 2.44 -10.09 -9.23
C GLY A 132 3.58 -11.09 -9.24
N PRO A 133 4.54 -10.88 -10.14
CA PRO A 133 5.71 -11.76 -10.27
C PRO A 133 6.67 -11.64 -9.09
N SER A 134 6.56 -12.59 -8.16
CA SER A 134 7.41 -12.58 -6.97
C SER A 134 8.62 -13.50 -7.17
N SER A 135 9.76 -13.08 -6.64
CA SER A 135 10.98 -13.87 -6.75
C SER A 135 11.73 -13.91 -5.42
N GLY A 136 12.45 -15.00 -5.19
CA GLY A 136 13.20 -15.15 -3.96
C GLY A 136 12.30 -15.21 -2.74
N ILE A 137 11.66 -16.36 -2.53
CA ILE A 137 10.77 -16.54 -1.39
C ILE A 137 11.55 -16.95 -0.15
N GLU A 138 12.58 -16.17 0.19
CA GLU A 138 13.40 -16.46 1.36
C GLU A 138 14.42 -15.35 1.59
N GLY A 139 15.07 -15.37 2.75
CA GLY A 139 16.06 -14.37 3.07
C GLY A 139 17.32 -14.97 3.67
N ARG A 140 17.18 -15.64 4.80
CA ARG A 140 18.31 -16.26 5.48
C ARG A 140 19.15 -17.08 4.50
N GLY A 141 20.44 -17.16 4.77
CA GLY A 141 21.34 -17.90 3.90
C GLY A 141 21.14 -19.40 4.02
N SER A 142 22.25 -20.14 3.99
CA SER A 142 22.19 -21.60 4.09
C SER A 142 21.34 -22.03 5.28
N SER A 143 20.88 -23.28 5.24
CA SER A 143 20.04 -23.82 6.31
C SER A 143 20.85 -23.99 7.60
N GLY A 144 20.36 -23.40 8.68
CA GLY A 144 21.04 -23.50 9.96
C GLY A 144 21.58 -22.17 10.43
N SER A 145 20.83 -21.51 11.32
CA SER A 145 21.24 -20.21 11.84
C SER A 145 21.61 -20.32 13.32
N SER A 146 22.71 -19.67 13.69
CA SER A 146 23.19 -19.70 15.07
C SER A 146 24.27 -18.63 15.29
N GLY A 147 24.45 -18.23 16.54
CA GLY A 147 25.45 -17.24 16.87
C GLY A 147 25.14 -16.51 18.16
N SER A 148 26.00 -16.71 19.16
CA SER A 148 25.82 -16.07 20.46
C SER A 148 26.83 -14.95 20.66
N SER A 149 26.35 -13.71 20.65
CA SER A 149 27.22 -12.55 20.82
C SER A 149 26.48 -11.44 21.58
N GLY A 150 27.25 -10.57 22.21
CA GLY A 150 26.66 -9.47 22.95
C GLY A 150 26.69 -8.16 22.18
N SER A 151 27.71 -7.35 22.45
CA SER A 151 27.85 -6.06 21.77
C SER A 151 28.25 -6.25 20.31
N SER A 152 27.27 -6.21 19.41
CA SER A 152 27.52 -6.39 17.99
C SER A 152 26.49 -5.60 17.16
N GLY A 153 26.76 -5.49 15.87
CA GLY A 153 25.86 -4.78 14.99
C GLY A 153 25.15 -5.70 14.01
N ASP A 154 24.60 -5.11 12.95
CA ASP A 154 23.88 -5.89 11.94
C ASP A 154 24.84 -6.81 11.20
N ALA A 155 24.72 -8.11 11.45
CA ALA A 155 25.58 -9.10 10.81
C ALA A 155 25.00 -9.53 9.46
N ALA A 156 23.82 -9.01 9.14
CA ALA A 156 23.16 -9.34 7.88
C ALA A 156 21.90 -8.52 7.70
N VAL A 157 21.93 -7.59 6.75
CA VAL A 157 20.78 -6.73 6.47
C VAL A 157 19.48 -7.51 6.56
N THR A 158 18.49 -6.93 7.23
CA THR A 158 17.19 -7.57 7.39
C THR A 158 16.38 -7.49 6.11
N PRO A 159 15.64 -8.57 5.80
CA PRO A 159 14.81 -8.65 4.61
C PRO A 159 13.59 -7.72 4.68
N GLU A 160 13.51 -6.96 5.76
CA GLU A 160 12.40 -6.03 5.95
C GLU A 160 12.70 -4.69 5.30
N GLU A 161 13.96 -4.28 5.33
CA GLU A 161 14.37 -3.01 4.75
C GLU A 161 14.63 -3.16 3.25
N ARG A 162 15.32 -4.23 2.89
CA ARG A 162 15.64 -4.50 1.48
C ARG A 162 14.39 -4.35 0.61
N HIS A 163 13.25 -4.82 1.12
CA HIS A 163 12.00 -4.74 0.39
C HIS A 163 11.44 -3.32 0.42
N LEU A 164 11.43 -2.72 1.59
CA LEU A 164 10.92 -1.36 1.75
C LEU A 164 11.64 -0.39 0.82
N SER A 165 12.97 -0.44 0.83
CA SER A 165 13.77 0.43 -0.02
C SER A 165 13.42 0.22 -1.50
N LYS A 166 13.37 -1.03 -1.92
CA LYS A 166 13.05 -1.37 -3.30
C LYS A 166 11.80 -0.62 -3.76
N MET A 167 10.78 -0.59 -2.91
CA MET A 167 9.54 0.10 -3.23
C MET A 167 9.80 1.54 -3.63
N GLN A 168 10.48 2.28 -2.75
CA GLN A 168 10.80 3.68 -3.01
C GLN A 168 11.76 3.81 -4.19
N GLN A 169 12.58 2.78 -4.39
CA GLN A 169 13.55 2.78 -5.49
C GLN A 169 12.84 2.70 -6.83
N ASN A 170 12.15 1.60 -7.07
CA ASN A 170 11.43 1.41 -8.33
C ASN A 170 9.93 1.32 -8.09
N GLY A 171 9.54 0.70 -6.97
CA GLY A 171 8.15 0.56 -6.65
C GLY A 171 7.52 -0.67 -7.28
N TYR A 172 6.19 -0.75 -7.25
CA TYR A 172 5.47 -1.88 -7.82
C TYR A 172 4.34 -1.41 -8.73
N GLU A 173 4.25 -2.03 -9.91
CA GLU A 173 3.20 -1.67 -10.87
C GLU A 173 2.21 -2.82 -11.03
N ASN A 174 0.95 -2.55 -10.70
CA ASN A 174 -0.10 -3.55 -10.81
C ASN A 174 -0.16 -4.12 -12.23
N PRO A 175 0.07 -5.43 -12.35
CA PRO A 175 0.04 -6.13 -13.65
C PRO A 175 -1.37 -6.21 -14.22
N THR A 176 -2.37 -6.00 -13.38
CA THR A 176 -3.76 -6.06 -13.79
C THR A 176 -4.11 -4.87 -14.68
N TYR A 177 -3.53 -3.72 -14.38
CA TYR A 177 -3.78 -2.51 -15.15
C TYR A 177 -2.81 -2.40 -16.32
N LYS A 178 -3.02 -3.24 -17.33
CA LYS A 178 -2.16 -3.23 -18.52
C LYS A 178 -2.45 -2.01 -19.38
N PHE A 179 -1.39 -1.31 -19.78
CA PHE A 179 -1.52 -0.12 -20.61
C PHE A 179 -0.50 -0.14 -21.75
N PHE A 180 -0.77 -0.94 -22.77
CA PHE A 180 0.12 -1.05 -23.92
C PHE A 180 -0.53 -0.47 -25.17
N GLU A 181 0.25 -0.34 -26.24
CA GLU A 181 -0.26 0.19 -27.49
C GLU A 181 -0.34 -0.90 -28.56
N GLN A 182 -0.75 -2.09 -28.14
CA GLN A 182 -0.88 -3.22 -29.05
C GLN A 182 -1.35 -2.76 -30.43
N MET A 183 -2.38 -1.92 -30.45
CA MET A 183 -2.93 -1.41 -31.69
C MET A 183 -1.82 -0.97 -32.63
N GLN A 184 -1.43 -1.86 -33.54
CA GLN A 184 -0.38 -1.57 -34.50
C GLN A 184 -0.72 -2.12 -35.88
N ASN A 185 -0.02 -1.64 -36.90
CA ASN A 185 -0.25 -2.09 -38.27
C ASN A 185 1.06 -2.27 -39.02
N GLY A 1 -42.69 11.88 -4.62
CA GLY A 1 -42.26 10.74 -5.42
C GLY A 1 -40.75 10.65 -5.52
N SER A 2 -40.21 9.49 -5.17
CA SER A 2 -38.77 9.27 -5.23
C SER A 2 -38.44 7.86 -5.72
N SER A 3 -37.33 7.73 -6.43
CA SER A 3 -36.90 6.44 -6.96
C SER A 3 -35.43 6.46 -7.33
N GLY A 4 -34.80 5.29 -7.28
CA GLY A 4 -33.39 5.19 -7.60
C GLY A 4 -32.67 4.15 -6.77
N SER A 5 -32.04 3.18 -7.45
CA SER A 5 -31.32 2.13 -6.75
C SER A 5 -30.24 1.52 -7.66
N SER A 6 -29.04 1.38 -7.12
CA SER A 6 -27.92 0.82 -7.87
C SER A 6 -26.70 0.64 -6.98
N GLY A 7 -26.27 -0.61 -6.85
CA GLY A 7 -25.11 -0.91 -6.02
C GLY A 7 -25.11 -2.33 -5.50
N PRO A 8 -24.12 -3.13 -5.94
CA PRO A 8 -23.99 -4.53 -5.54
C PRO A 8 -23.59 -4.67 -4.08
N THR A 9 -23.42 -5.91 -3.62
CA THR A 9 -23.03 -6.19 -2.25
C THR A 9 -21.68 -6.89 -2.18
N PRO A 10 -20.73 -6.27 -1.47
CA PRO A 10 -19.38 -6.82 -1.31
C PRO A 10 -19.36 -8.06 -0.44
N LYS A 11 -18.50 -9.02 -0.80
CA LYS A 11 -18.38 -10.26 -0.05
C LYS A 11 -17.45 -10.09 1.14
N THR A 12 -18.03 -10.06 2.34
CA THR A 12 -17.25 -9.90 3.56
C THR A 12 -16.15 -10.94 3.66
N GLU A 13 -14.93 -10.54 3.34
CA GLU A 13 -13.78 -11.44 3.38
C GLU A 13 -12.81 -11.03 4.49
N LEU A 14 -12.08 -12.01 5.02
CA LEU A 14 -11.12 -11.77 6.08
C LEU A 14 -10.19 -10.61 5.72
N VAL A 15 -10.44 -9.44 6.31
CA VAL A 15 -9.63 -8.26 6.05
C VAL A 15 -8.78 -7.90 7.27
N GLN A 16 -7.56 -7.44 7.01
CA GLN A 16 -6.65 -7.06 8.09
C GLN A 16 -6.60 -5.55 8.25
N LYS A 17 -6.45 -5.10 9.50
CA LYS A 17 -6.39 -3.67 9.78
C LYS A 17 -4.99 -3.27 10.25
N PHE A 18 -4.58 -2.06 9.91
CA PHE A 18 -3.27 -1.56 10.30
C PHE A 18 -3.36 -0.12 10.82
N ARG A 19 -2.76 0.11 11.99
CA ARG A 19 -2.77 1.43 12.60
C ARG A 19 -1.92 2.42 11.80
N VAL A 20 -2.58 3.37 11.15
CA VAL A 20 -1.88 4.37 10.36
C VAL A 20 -2.55 5.74 10.49
N GLN A 21 -2.02 6.72 9.76
CA GLN A 21 -2.56 8.08 9.81
C GLN A 21 -2.79 8.61 8.39
N TYR A 22 -3.83 9.42 8.23
CA TYR A 22 -4.16 10.00 6.93
C TYR A 22 -3.57 11.40 6.79
N LEU A 23 -2.78 11.60 5.74
CA LEU A 23 -2.17 12.90 5.49
C LEU A 23 -3.06 13.78 4.62
N GLY A 24 -3.67 13.16 3.60
CA GLY A 24 -4.54 13.90 2.72
C GLY A 24 -4.59 13.31 1.32
N MET A 25 -5.35 13.94 0.43
CA MET A 25 -5.47 13.46 -0.94
C MET A 25 -4.71 14.37 -1.90
N LEU A 26 -4.04 13.77 -2.87
CA LEU A 26 -3.27 14.53 -3.85
C LEU A 26 -3.34 13.87 -5.23
N PRO A 27 -3.95 14.58 -6.19
CA PRO A 27 -4.09 14.08 -7.57
C PRO A 27 -2.77 14.03 -8.30
N VAL A 28 -2.60 13.02 -9.15
CA VAL A 28 -1.37 12.86 -9.92
C VAL A 28 -1.65 12.93 -11.42
N ASP A 29 -0.62 13.21 -12.20
CA ASP A 29 -0.74 13.32 -13.64
C ASP A 29 -0.50 11.96 -14.31
N ARG A 30 0.48 11.22 -13.78
CA ARG A 30 0.83 9.92 -14.33
C ARG A 30 0.63 8.83 -13.28
N PRO A 31 0.19 7.65 -13.73
CA PRO A 31 -0.04 6.49 -12.85
C PRO A 31 1.26 5.92 -12.29
N VAL A 32 2.30 5.93 -13.11
CA VAL A 32 3.60 5.41 -12.70
C VAL A 32 4.66 6.50 -12.70
N GLY A 33 5.64 6.37 -11.81
CA GLY A 33 6.70 7.36 -11.73
C GLY A 33 6.92 7.85 -10.32
N MET A 34 8.00 7.37 -9.69
CA MET A 34 8.32 7.77 -8.32
C MET A 34 8.35 9.29 -8.20
N ASP A 35 8.71 9.96 -9.27
CA ASP A 35 8.78 11.42 -9.28
C ASP A 35 7.42 12.03 -9.02
N THR A 36 6.37 11.29 -9.36
CA THR A 36 5.00 11.76 -9.17
C THR A 36 4.44 11.28 -7.83
N LEU A 37 4.64 10.00 -7.54
CA LEU A 37 4.16 9.41 -6.30
C LEU A 37 4.69 10.18 -5.09
N ASN A 38 5.99 10.47 -5.11
CA ASN A 38 6.62 11.20 -4.02
C ASN A 38 6.19 12.66 -4.02
N SER A 39 6.16 13.26 -5.21
CA SER A 39 5.76 14.66 -5.35
C SER A 39 4.41 14.91 -4.72
N ALA A 40 3.65 13.84 -4.49
CA ALA A 40 2.34 13.94 -3.88
C ALA A 40 2.42 13.87 -2.36
N ILE A 41 3.30 13.01 -1.86
CA ILE A 41 3.48 12.85 -0.42
C ILE A 41 3.76 14.20 0.25
N GLU A 42 4.84 14.84 -0.16
CA GLU A 42 5.21 16.14 0.40
C GLU A 42 4.08 17.15 0.26
N ASN A 43 3.60 17.32 -0.97
CA ASN A 43 2.51 18.25 -1.23
C ASN A 43 1.52 18.29 -0.07
N LEU A 44 1.33 17.14 0.56
CA LEU A 44 0.41 17.04 1.69
C LEU A 44 1.13 17.31 3.01
N MET A 45 2.32 16.72 3.16
CA MET A 45 3.11 16.91 4.38
C MET A 45 3.34 18.40 4.65
N THR A 46 3.74 19.12 3.62
CA THR A 46 4.00 20.56 3.75
C THR A 46 2.79 21.28 4.33
N SER A 47 1.60 20.84 3.94
CA SER A 47 0.37 21.45 4.42
C SER A 47 0.00 20.92 5.81
N SER A 48 -0.27 19.62 5.88
CA SER A 48 -0.64 19.00 7.15
C SER A 48 0.59 18.37 7.82
N SER A 49 0.68 18.53 9.15
CA SER A 49 1.79 17.98 9.90
C SER A 49 1.46 16.60 10.45
N LYS A 50 2.43 15.98 11.10
CA LYS A 50 2.25 14.65 11.68
C LYS A 50 1.01 14.62 12.57
N GLU A 51 0.88 15.62 13.43
CA GLU A 51 -0.27 15.70 14.34
C GLU A 51 -1.56 15.99 13.57
N ASP A 52 -1.45 16.82 12.54
CA ASP A 52 -2.61 17.16 11.71
C ASP A 52 -3.26 15.92 11.13
N TRP A 53 -2.44 14.88 10.92
CA TRP A 53 -2.94 13.62 10.36
C TRP A 53 -3.67 12.81 11.41
N PRO A 54 -4.99 12.65 11.23
CA PRO A 54 -5.83 11.90 12.17
C PRO A 54 -5.56 10.40 12.11
N SER A 55 -5.58 9.75 13.27
CA SER A 55 -5.33 8.32 13.35
C SER A 55 -6.47 7.52 12.73
N VAL A 56 -6.13 6.65 11.78
CA VAL A 56 -7.13 5.83 11.11
C VAL A 56 -6.65 4.38 10.99
N ASN A 57 -7.56 3.50 10.59
CA ASN A 57 -7.25 2.09 10.43
C ASN A 57 -7.33 1.67 8.97
N MET A 58 -6.21 1.24 8.40
CA MET A 58 -6.16 0.81 7.01
C MET A 58 -6.55 -0.66 6.89
N ASN A 59 -7.74 -0.91 6.35
CA ASN A 59 -8.23 -2.28 6.17
C ASN A 59 -7.88 -2.80 4.78
N VAL A 60 -6.86 -3.65 4.72
CA VAL A 60 -6.43 -4.23 3.45
C VAL A 60 -6.94 -5.66 3.29
N ALA A 61 -8.03 -5.81 2.55
CA ALA A 61 -8.62 -7.13 2.32
C ALA A 61 -7.74 -7.97 1.39
N ASP A 62 -8.21 -9.17 1.07
CA ASP A 62 -7.47 -10.07 0.20
C ASP A 62 -7.10 -9.37 -1.11
N ALA A 63 -8.09 -8.79 -1.77
CA ALA A 63 -7.88 -8.09 -3.03
C ALA A 63 -8.54 -6.72 -3.01
N THR A 64 -8.44 -6.04 -1.88
CA THR A 64 -9.03 -4.72 -1.74
C THR A 64 -8.40 -3.96 -0.57
N VAL A 65 -8.32 -2.63 -0.70
CA VAL A 65 -7.74 -1.80 0.34
C VAL A 65 -8.69 -0.66 0.72
N THR A 66 -9.39 -0.85 1.83
CA THR A 66 -10.34 0.16 2.31
C THR A 66 -9.80 0.88 3.54
N VAL A 67 -10.12 2.16 3.66
CA VAL A 67 -9.68 2.96 4.79
C VAL A 67 -10.84 3.33 5.70
N ILE A 68 -10.82 2.80 6.93
CA ILE A 68 -11.87 3.07 7.89
C ILE A 68 -11.38 4.00 9.00
N SER A 69 -12.26 4.89 9.45
CA SER A 69 -11.91 5.84 10.50
C SER A 69 -12.11 5.22 11.88
N GLU A 70 -11.13 5.40 12.76
CA GLU A 70 -11.19 4.86 14.11
C GLU A 70 -12.48 5.29 14.81
N LYS A 71 -12.94 6.50 14.48
CA LYS A 71 -14.16 7.04 15.07
C LYS A 71 -15.33 6.08 14.88
N ASN A 72 -15.44 5.52 13.68
CA ASN A 72 -16.51 4.58 13.35
C ASN A 72 -16.09 3.63 12.24
N GLU A 73 -16.60 2.41 12.30
CA GLU A 73 -16.28 1.41 11.29
C GLU A 73 -17.00 1.70 9.98
N GLU A 74 -18.16 2.34 10.07
CA GLU A 74 -18.95 2.69 8.90
C GLU A 74 -18.45 3.99 8.27
N GLU A 75 -17.38 4.54 8.82
CA GLU A 75 -16.80 5.77 8.31
C GLU A 75 -15.62 5.48 7.39
N VAL A 76 -15.92 5.20 6.13
CA VAL A 76 -14.89 4.90 5.14
C VAL A 76 -14.35 6.18 4.51
N LEU A 77 -13.11 6.52 4.83
CA LEU A 77 -12.47 7.72 4.28
C LEU A 77 -12.11 7.53 2.82
N VAL A 78 -11.49 6.39 2.51
CA VAL A 78 -11.09 6.08 1.13
C VAL A 78 -11.28 4.60 0.83
N GLU A 79 -11.76 4.31 -0.38
CA GLU A 79 -11.97 2.92 -0.79
C GLU A 79 -11.18 2.61 -2.05
N CYS A 80 -10.04 1.96 -1.88
CA CYS A 80 -9.19 1.59 -3.00
C CYS A 80 -9.21 0.09 -3.23
N ARG A 81 -9.07 -0.32 -4.50
CA ARG A 81 -9.08 -1.74 -4.85
C ARG A 81 -7.85 -2.09 -5.68
N VAL A 82 -7.23 -3.22 -5.36
CA VAL A 82 -6.05 -3.67 -6.08
C VAL A 82 -6.16 -3.37 -7.57
N ARG A 83 -7.27 -3.80 -8.17
CA ARG A 83 -7.51 -3.57 -9.59
C ARG A 83 -7.39 -2.10 -9.93
N PHE A 84 -7.91 -1.25 -9.06
CA PHE A 84 -7.86 0.19 -9.28
C PHE A 84 -6.45 0.73 -9.07
N LEU A 85 -5.66 0.01 -8.29
CA LEU A 85 -4.29 0.41 -8.00
C LEU A 85 -3.41 0.27 -9.25
N SER A 86 -3.05 1.40 -9.83
CA SER A 86 -2.22 1.42 -11.03
C SER A 86 -0.76 1.16 -10.68
N PHE A 87 -0.25 1.88 -9.68
CA PHE A 87 1.13 1.72 -9.25
C PHE A 87 1.31 2.24 -7.82
N MET A 88 2.00 1.45 -6.99
CA MET A 88 2.25 1.82 -5.61
C MET A 88 3.72 2.11 -5.37
N GLY A 89 4.04 2.65 -4.20
CA GLY A 89 5.42 2.96 -3.87
C GLY A 89 5.56 3.62 -2.52
N VAL A 90 6.80 3.87 -2.10
CA VAL A 90 7.05 4.50 -0.82
C VAL A 90 7.95 5.72 -0.98
N GLY A 91 7.82 6.67 -0.07
CA GLY A 91 8.62 7.88 -0.12
C GLY A 91 10.01 7.68 0.45
N LYS A 92 10.76 8.77 0.58
CA LYS A 92 12.11 8.71 1.12
C LYS A 92 12.14 7.94 2.43
N ASP A 93 11.18 8.22 3.30
CA ASP A 93 11.09 7.55 4.59
C ASP A 93 10.24 6.29 4.50
N VAL A 94 10.79 5.17 4.94
CA VAL A 94 10.09 3.90 4.90
C VAL A 94 8.80 3.96 5.72
N HIS A 95 8.69 4.99 6.55
CA HIS A 95 7.52 5.17 7.40
C HIS A 95 6.30 5.55 6.56
N THR A 96 6.54 6.32 5.50
CA THR A 96 5.46 6.77 4.63
C THR A 96 5.07 5.67 3.65
N PHE A 97 3.84 5.73 3.15
CA PHE A 97 3.33 4.75 2.21
C PHE A 97 2.21 5.34 1.35
N ALA A 98 2.45 5.43 0.05
CA ALA A 98 1.45 5.97 -0.88
C ALA A 98 1.24 5.03 -2.06
N PHE A 99 0.09 5.16 -2.71
CA PHE A 99 -0.24 4.32 -3.85
C PHE A 99 -1.18 5.06 -4.81
N ILE A 100 -0.98 4.84 -6.11
CA ILE A 100 -1.80 5.47 -7.13
C ILE A 100 -2.93 4.55 -7.59
N MET A 101 -4.17 5.00 -7.42
CA MET A 101 -5.32 4.21 -7.83
C MET A 101 -6.09 4.91 -8.94
N ASP A 102 -7.05 4.20 -9.53
CA ASP A 102 -7.86 4.76 -10.61
C ASP A 102 -9.30 4.94 -10.17
N THR A 103 -9.71 6.19 -9.98
CA THR A 103 -11.06 6.50 -9.56
C THR A 103 -11.94 6.90 -10.75
N GLY A 104 -11.80 6.15 -11.84
CA GLY A 104 -12.59 6.43 -13.03
C GLY A 104 -12.03 5.77 -14.27
N ASN A 105 -11.39 6.57 -15.12
CA ASN A 105 -10.81 6.05 -16.36
C ASN A 105 -9.37 6.54 -16.52
N GLN A 106 -9.22 7.83 -16.77
CA GLN A 106 -7.90 8.42 -16.95
C GLN A 106 -7.42 9.09 -15.67
N ARG A 107 -8.30 9.87 -15.04
CA ARG A 107 -7.97 10.56 -13.80
C ARG A 107 -7.54 9.58 -12.73
N PHE A 108 -6.35 9.81 -12.17
CA PHE A 108 -5.82 8.94 -11.13
C PHE A 108 -5.57 9.72 -9.85
N GLU A 109 -5.97 9.14 -8.72
CA GLU A 109 -5.79 9.79 -7.42
C GLU A 109 -4.73 9.06 -6.59
N CYS A 110 -3.88 9.83 -5.92
CA CYS A 110 -2.82 9.26 -5.10
C CYS A 110 -3.12 9.47 -3.61
N HIS A 111 -3.05 8.38 -2.85
CA HIS A 111 -3.32 8.44 -1.41
C HIS A 111 -2.03 8.25 -0.61
N VAL A 112 -1.92 8.98 0.50
CA VAL A 112 -0.74 8.90 1.35
C VAL A 112 -1.12 8.53 2.78
N PHE A 113 -0.47 7.50 3.32
CA PHE A 113 -0.74 7.05 4.68
C PHE A 113 0.56 6.79 5.44
N TRP A 114 0.65 7.32 6.65
CA TRP A 114 1.83 7.13 7.48
C TRP A 114 1.77 5.82 8.26
N CYS A 115 2.89 5.11 8.31
CA CYS A 115 2.95 3.84 9.02
C CYS A 115 4.04 3.86 10.08
N GLU A 116 3.81 3.14 11.18
CA GLU A 116 4.77 3.09 12.28
C GLU A 116 4.90 1.67 12.82
N PRO A 117 6.14 1.21 12.98
CA PRO A 117 7.33 2.01 12.67
C PRO A 117 7.51 2.23 11.17
N ASN A 118 7.39 1.15 10.40
CA ASN A 118 7.54 1.23 8.95
C ASN A 118 6.31 0.66 8.25
N ALA A 119 6.35 0.65 6.92
CA ALA A 119 5.23 0.12 6.14
C ALA A 119 5.58 -1.24 5.54
N ALA A 120 6.06 -2.15 6.39
CA ALA A 120 6.43 -3.49 5.95
C ALA A 120 5.18 -4.33 5.67
N ASN A 121 4.34 -4.49 6.69
CA ASN A 121 3.12 -5.27 6.57
C ASN A 121 2.17 -4.63 5.56
N VAL A 122 2.11 -3.30 5.56
CA VAL A 122 1.24 -2.58 4.64
C VAL A 122 1.63 -2.84 3.20
N SER A 123 2.83 -2.43 2.82
CA SER A 123 3.32 -2.62 1.45
C SER A 123 3.26 -4.09 1.06
N GLU A 124 3.68 -4.96 1.98
CA GLU A 124 3.68 -6.40 1.73
C GLU A 124 2.26 -6.90 1.44
N ALA A 125 1.29 -6.36 2.17
CA ALA A 125 -0.10 -6.75 1.99
C ALA A 125 -0.63 -6.28 0.63
N VAL A 126 -0.52 -4.99 0.38
CA VAL A 126 -0.98 -4.42 -0.89
C VAL A 126 -0.26 -5.05 -2.07
N GLN A 127 1.03 -5.29 -1.92
CA GLN A 127 1.83 -5.89 -2.98
C GLN A 127 1.35 -7.30 -3.29
N ALA A 128 1.30 -8.14 -2.26
CA ALA A 128 0.86 -9.52 -2.42
C ALA A 128 -0.59 -9.58 -2.90
N ALA A 129 -1.43 -8.73 -2.32
CA ALA A 129 -2.85 -8.68 -2.68
C ALA A 129 -3.02 -8.77 -4.20
N CYS A 130 -2.04 -8.27 -4.94
CA CYS A 130 -2.09 -8.29 -6.39
C CYS A 130 -1.95 -9.71 -6.92
N SER A 131 -0.89 -10.40 -6.51
CA SER A 131 -0.64 -11.76 -6.95
C SER A 131 -1.39 -12.76 -6.06
N GLY A 132 -2.55 -12.36 -5.58
CA GLY A 132 -3.34 -13.23 -4.72
C GLY A 132 -3.47 -14.62 -5.28
N PRO A 133 -4.17 -14.75 -6.42
CA PRO A 133 -4.39 -16.04 -7.08
C PRO A 133 -3.10 -16.60 -7.69
N SER A 134 -2.25 -15.70 -8.18
CA SER A 134 -0.99 -16.12 -8.79
C SER A 134 -0.03 -16.66 -7.73
N SER A 135 0.45 -17.89 -7.96
CA SER A 135 1.36 -18.54 -7.02
C SER A 135 2.74 -18.72 -7.67
N GLY A 136 3.69 -19.22 -6.88
CA GLY A 136 5.03 -19.45 -7.38
C GLY A 136 6.09 -18.92 -6.44
N ILE A 137 6.85 -19.84 -5.85
CA ILE A 137 7.92 -19.46 -4.92
C ILE A 137 9.28 -19.93 -5.42
N GLU A 138 10.30 -19.12 -5.19
CA GLU A 138 11.65 -19.46 -5.61
C GLU A 138 12.56 -19.68 -4.41
N GLY A 139 13.26 -20.81 -4.42
CA GLY A 139 14.16 -21.14 -3.33
C GLY A 139 15.43 -21.82 -3.79
N ARG A 140 16.06 -21.26 -4.82
CA ARG A 140 17.29 -21.83 -5.36
C ARG A 140 18.41 -20.79 -5.36
N GLY A 141 19.64 -21.26 -5.57
CA GLY A 141 20.78 -20.37 -5.59
C GLY A 141 21.77 -20.68 -4.48
N SER A 142 22.57 -21.72 -4.69
CA SER A 142 23.57 -22.13 -3.69
C SER A 142 24.95 -21.61 -4.07
N SER A 143 25.00 -20.36 -4.53
CA SER A 143 26.27 -19.76 -4.93
C SER A 143 26.76 -18.77 -3.87
N GLY A 144 28.06 -18.77 -3.63
CA GLY A 144 28.63 -17.88 -2.64
C GLY A 144 28.44 -18.38 -1.22
N SER A 145 29.42 -19.14 -0.73
CA SER A 145 29.34 -19.68 0.62
C SER A 145 30.72 -19.72 1.26
N SER A 146 30.76 -19.57 2.59
CA SER A 146 32.02 -19.60 3.32
C SER A 146 31.80 -20.04 4.77
N GLY A 147 32.76 -20.78 5.30
CA GLY A 147 32.65 -21.25 6.67
C GLY A 147 33.55 -20.49 7.62
N SER A 148 33.57 -19.16 7.46
CA SER A 148 34.41 -18.31 8.31
C SER A 148 33.54 -17.38 9.15
N SER A 149 34.18 -16.63 10.04
CA SER A 149 33.47 -15.70 10.91
C SER A 149 34.37 -14.54 11.32
N GLY A 150 33.92 -13.31 11.06
CA GLY A 150 34.70 -12.15 11.41
C GLY A 150 34.54 -11.76 12.87
N SER A 151 35.13 -10.63 13.24
CA SER A 151 35.06 -10.15 14.62
C SER A 151 34.38 -8.79 14.69
N SER A 152 34.77 -7.90 13.79
CA SER A 152 34.22 -6.55 13.76
C SER A 152 32.91 -6.53 12.96
N GLY A 153 31.79 -6.41 13.67
CA GLY A 153 30.50 -6.38 13.02
C GLY A 153 29.35 -6.48 14.00
N ASP A 154 28.95 -7.70 14.32
CA ASP A 154 27.85 -7.92 15.25
C ASP A 154 26.56 -7.27 14.75
N ALA A 155 26.30 -7.42 13.46
CA ALA A 155 25.11 -6.85 12.85
C ALA A 155 24.48 -7.82 11.86
N ALA A 156 23.29 -7.47 11.37
CA ALA A 156 22.58 -8.31 10.41
C ALA A 156 21.36 -7.59 9.85
N VAL A 157 21.45 -7.17 8.58
CA VAL A 157 20.35 -6.47 7.93
C VAL A 157 19.04 -7.21 8.12
N THR A 158 17.97 -6.45 8.37
CA THR A 158 16.65 -7.05 8.58
C THR A 158 15.95 -7.30 7.25
N PRO A 159 15.22 -8.43 7.18
CA PRO A 159 14.49 -8.82 5.97
C PRO A 159 13.29 -7.92 5.69
N GLU A 160 13.13 -6.89 6.52
CA GLU A 160 12.03 -5.96 6.37
C GLU A 160 12.39 -4.84 5.39
N GLU A 161 13.56 -4.24 5.59
CA GLU A 161 14.03 -3.17 4.73
C GLU A 161 14.30 -3.68 3.32
N ARG A 162 15.04 -4.77 3.23
CA ARG A 162 15.38 -5.37 1.95
C ARG A 162 14.23 -5.21 0.96
N HIS A 163 13.00 -5.30 1.46
CA HIS A 163 11.81 -5.17 0.63
C HIS A 163 11.34 -3.73 0.57
N LEU A 164 11.07 -3.16 1.75
CA LEU A 164 10.60 -1.77 1.83
C LEU A 164 11.35 -0.89 0.84
N SER A 165 12.67 -1.02 0.83
CA SER A 165 13.51 -0.23 -0.07
C SER A 165 13.09 -0.43 -1.53
N LYS A 166 12.73 -1.66 -1.87
CA LYS A 166 12.31 -1.99 -3.22
C LYS A 166 11.18 -1.07 -3.68
N MET A 167 10.14 -0.97 -2.86
CA MET A 167 9.00 -0.11 -3.18
C MET A 167 9.46 1.28 -3.59
N GLN A 168 10.18 1.95 -2.69
CA GLN A 168 10.67 3.29 -2.98
C GLN A 168 11.69 3.27 -4.11
N GLN A 169 12.38 2.15 -4.26
CA GLN A 169 13.38 2.01 -5.32
C GLN A 169 12.74 2.12 -6.69
N ASN A 170 11.94 1.13 -7.05
CA ASN A 170 11.27 1.12 -8.34
C ASN A 170 9.76 1.02 -8.17
N GLY A 171 9.33 0.32 -7.12
CA GLY A 171 7.91 0.17 -6.87
C GLY A 171 7.32 -1.04 -7.54
N TYR A 172 6.06 -1.34 -7.25
CA TYR A 172 5.38 -2.49 -7.84
C TYR A 172 4.32 -2.04 -8.85
N GLU A 173 4.45 -2.53 -10.08
CA GLU A 173 3.51 -2.18 -11.13
C GLU A 173 2.38 -3.19 -11.20
N ASN A 174 1.17 -2.75 -10.85
CA ASN A 174 0.00 -3.61 -10.86
C ASN A 174 -0.08 -4.39 -12.18
N PRO A 175 -0.06 -5.73 -12.07
CA PRO A 175 -0.13 -6.61 -13.24
C PRO A 175 -1.50 -6.59 -13.91
N THR A 176 -2.55 -6.69 -13.09
CA THR A 176 -3.91 -6.68 -13.60
C THR A 176 -4.16 -5.48 -14.50
N TYR A 177 -3.47 -4.37 -14.20
CA TYR A 177 -3.62 -3.15 -14.98
C TYR A 177 -2.45 -2.98 -15.94
N LYS A 178 -2.20 -4.00 -16.76
CA LYS A 178 -1.11 -3.96 -17.72
C LYS A 178 -1.58 -3.36 -19.05
N PHE A 179 -1.01 -2.22 -19.41
CA PHE A 179 -1.38 -1.55 -20.66
C PHE A 179 -0.20 -0.76 -21.21
N PHE A 180 0.26 -1.15 -22.40
CA PHE A 180 1.39 -0.47 -23.04
C PHE A 180 1.00 0.02 -24.42
N GLU A 181 1.96 0.63 -25.12
CA GLU A 181 1.73 1.15 -26.46
C GLU A 181 2.48 0.33 -27.51
N GLN A 182 2.83 -0.89 -27.15
CA GLN A 182 3.55 -1.78 -28.05
C GLN A 182 2.72 -2.07 -29.30
N MET A 183 1.50 -2.53 -29.09
CA MET A 183 0.60 -2.85 -30.20
C MET A 183 0.29 -1.60 -31.02
N GLN A 184 0.38 -1.73 -32.34
CA GLN A 184 0.11 -0.61 -33.24
C GLN A 184 -1.32 -0.66 -33.75
N ASN A 185 -2.24 -0.10 -32.97
CA ASN A 185 -3.66 -0.09 -33.35
C ASN A 185 -3.91 0.94 -34.44
N GLY A 1 -39.58 -9.81 22.17
CA GLY A 1 -38.76 -8.71 22.67
C GLY A 1 -38.27 -7.80 21.57
N SER A 2 -37.37 -6.89 21.91
CA SER A 2 -36.82 -5.95 20.94
C SER A 2 -35.63 -6.56 20.21
N SER A 3 -35.59 -6.37 18.89
CA SER A 3 -34.51 -6.90 18.07
C SER A 3 -33.90 -5.81 17.20
N GLY A 4 -32.64 -5.48 17.47
CA GLY A 4 -31.96 -4.46 16.69
C GLY A 4 -30.91 -5.03 15.78
N SER A 5 -30.86 -4.54 14.54
CA SER A 5 -29.90 -5.01 13.55
C SER A 5 -29.84 -4.08 12.35
N SER A 6 -28.69 -4.02 11.70
CA SER A 6 -28.50 -3.17 10.54
C SER A 6 -28.98 -3.86 9.27
N GLY A 7 -30.30 -3.85 9.06
CA GLY A 7 -30.86 -4.47 7.88
C GLY A 7 -30.10 -5.72 7.47
N PRO A 8 -29.21 -5.56 6.47
CA PRO A 8 -28.40 -6.66 5.95
C PRO A 8 -27.35 -7.12 6.96
N THR A 9 -26.98 -8.41 6.88
CA THR A 9 -25.98 -8.97 7.78
C THR A 9 -24.59 -8.89 7.18
N PRO A 10 -23.62 -8.43 7.99
CA PRO A 10 -22.22 -8.30 7.56
C PRO A 10 -21.54 -9.65 7.35
N LYS A 11 -20.48 -9.65 6.57
CA LYS A 11 -19.73 -10.88 6.29
C LYS A 11 -18.29 -10.78 6.78
N THR A 12 -17.71 -11.90 7.16
CA THR A 12 -16.33 -11.94 7.64
C THR A 12 -15.36 -12.22 6.51
N GLU A 13 -14.75 -11.17 5.99
CA GLU A 13 -13.79 -11.31 4.89
C GLU A 13 -12.35 -11.23 5.42
N LEU A 14 -11.45 -11.95 4.75
CA LEU A 14 -10.05 -11.97 5.15
C LEU A 14 -9.38 -10.62 4.85
N VAL A 15 -9.29 -9.79 5.88
CA VAL A 15 -8.68 -8.47 5.74
C VAL A 15 -7.79 -8.14 6.93
N GLN A 16 -6.71 -7.41 6.67
CA GLN A 16 -5.78 -7.04 7.73
C GLN A 16 -5.75 -5.52 7.92
N LYS A 17 -5.98 -5.08 9.16
CA LYS A 17 -5.99 -3.66 9.47
C LYS A 17 -4.69 -3.24 10.15
N PHE A 18 -4.17 -2.08 9.76
CA PHE A 18 -2.93 -1.57 10.33
C PHE A 18 -3.10 -0.12 10.81
N ARG A 19 -2.45 0.20 11.92
CA ARG A 19 -2.54 1.54 12.48
C ARG A 19 -1.75 2.54 11.64
N VAL A 20 -2.44 3.50 11.05
CA VAL A 20 -1.80 4.51 10.21
C VAL A 20 -2.44 5.88 10.43
N GLN A 21 -1.99 6.86 9.65
CA GLN A 21 -2.51 8.21 9.76
C GLN A 21 -2.92 8.75 8.38
N TYR A 22 -3.77 9.77 8.38
CA TYR A 22 -4.23 10.37 7.14
C TYR A 22 -3.55 11.70 6.88
N LEU A 23 -2.75 11.76 5.83
CA LEU A 23 -2.04 12.98 5.47
C LEU A 23 -2.85 13.83 4.49
N GLY A 24 -3.58 13.16 3.60
CA GLY A 24 -4.39 13.85 2.63
C GLY A 24 -4.36 13.19 1.27
N MET A 25 -5.03 13.81 0.30
CA MET A 25 -5.07 13.26 -1.06
C MET A 25 -4.53 14.27 -2.07
N LEU A 26 -3.72 13.79 -3.00
CA LEU A 26 -3.15 14.66 -4.03
C LEU A 26 -3.36 14.07 -5.42
N PRO A 27 -4.10 14.79 -6.26
CA PRO A 27 -4.39 14.37 -7.63
C PRO A 27 -3.16 14.41 -8.53
N VAL A 28 -2.99 13.39 -9.36
CA VAL A 28 -1.86 13.32 -10.27
C VAL A 28 -2.28 12.85 -11.65
N ASP A 29 -1.36 12.92 -12.61
CA ASP A 29 -1.65 12.49 -13.98
C ASP A 29 -0.82 11.27 -14.34
N ARG A 30 0.41 11.22 -13.86
CA ARG A 30 1.30 10.11 -14.14
C ARG A 30 0.88 8.86 -13.36
N PRO A 31 0.49 7.81 -14.10
CA PRO A 31 0.06 6.54 -13.51
C PRO A 31 1.21 5.79 -12.84
N VAL A 32 2.44 6.16 -13.20
CA VAL A 32 3.63 5.52 -12.64
C VAL A 32 4.77 6.51 -12.51
N GLY A 33 5.84 6.08 -11.85
CA GLY A 33 7.00 6.94 -11.67
C GLY A 33 7.11 7.45 -10.24
N MET A 34 8.12 6.97 -9.53
CA MET A 34 8.35 7.38 -8.14
C MET A 34 8.50 8.89 -8.05
N ASP A 35 9.01 9.50 -9.11
CA ASP A 35 9.21 10.94 -9.14
C ASP A 35 7.88 11.69 -9.01
N THR A 36 6.82 11.06 -9.50
CA THR A 36 5.49 11.66 -9.43
C THR A 36 4.80 11.32 -8.12
N LEU A 37 4.77 10.03 -7.79
CA LEU A 37 4.13 9.56 -6.56
C LEU A 37 4.59 10.40 -5.37
N ASN A 38 5.90 10.56 -5.22
CA ASN A 38 6.46 11.33 -4.13
C ASN A 38 6.04 12.79 -4.22
N SER A 39 6.08 13.34 -5.43
CA SER A 39 5.70 14.74 -5.66
C SER A 39 4.35 15.03 -5.01
N ALA A 40 3.55 14.00 -4.80
CA ALA A 40 2.24 14.15 -4.19
C ALA A 40 2.32 14.04 -2.67
N ILE A 41 3.28 13.26 -2.19
CA ILE A 41 3.47 13.06 -0.77
C ILE A 41 3.87 14.36 -0.08
N GLU A 42 5.02 14.90 -0.45
CA GLU A 42 5.51 16.14 0.12
C GLU A 42 4.44 17.23 0.07
N ASN A 43 3.73 17.31 -1.05
CA ASN A 43 2.67 18.30 -1.22
C ASN A 43 1.78 18.35 0.00
N LEU A 44 1.41 17.18 0.52
CA LEU A 44 0.55 17.09 1.69
C LEU A 44 1.36 17.26 2.97
N MET A 45 2.38 16.41 3.15
CA MET A 45 3.22 16.48 4.33
C MET A 45 3.49 17.92 4.74
N THR A 46 3.57 18.80 3.75
CA THR A 46 3.82 20.21 4.00
C THR A 46 2.54 20.94 4.39
N SER A 47 1.44 20.61 3.70
CA SER A 47 0.15 21.23 3.97
C SER A 47 -0.09 21.35 5.47
N SER A 48 -0.12 20.20 6.14
CA SER A 48 -0.35 20.18 7.59
C SER A 48 0.83 19.53 8.31
N SER A 49 0.70 19.38 9.63
CA SER A 49 1.75 18.79 10.44
C SER A 49 1.49 17.30 10.66
N LYS A 50 2.47 16.61 11.25
CA LYS A 50 2.35 15.19 11.52
C LYS A 50 1.26 14.92 12.56
N GLU A 51 1.19 15.78 13.56
CA GLU A 51 0.20 15.64 14.62
C GLU A 51 -1.20 15.96 14.11
N ASP A 52 -1.27 16.86 13.13
CA ASP A 52 -2.55 17.25 12.54
C ASP A 52 -3.22 16.07 11.86
N TRP A 53 -2.42 15.08 11.47
CA TRP A 53 -2.93 13.90 10.80
C TRP A 53 -3.57 12.93 11.80
N PRO A 54 -4.84 12.57 11.55
CA PRO A 54 -5.59 11.66 12.42
C PRO A 54 -5.06 10.23 12.34
N SER A 55 -5.54 9.38 13.25
CA SER A 55 -5.11 7.99 13.28
C SER A 55 -6.25 7.06 12.83
N VAL A 56 -6.07 6.44 11.67
CA VAL A 56 -7.07 5.54 11.13
C VAL A 56 -6.48 4.15 10.88
N ASN A 57 -7.35 3.18 10.63
CA ASN A 57 -6.92 1.81 10.38
C ASN A 57 -7.03 1.47 8.90
N MET A 58 -5.90 1.10 8.29
CA MET A 58 -5.87 0.75 6.88
C MET A 58 -6.24 -0.72 6.67
N ASN A 59 -7.40 -0.95 6.08
CA ASN A 59 -7.87 -2.31 5.83
C ASN A 59 -7.45 -2.79 4.43
N VAL A 60 -6.51 -3.72 4.40
CA VAL A 60 -6.01 -4.25 3.13
C VAL A 60 -6.52 -5.67 2.91
N ALA A 61 -7.57 -5.80 2.10
CA ALA A 61 -8.16 -7.10 1.80
C ALA A 61 -7.47 -7.74 0.60
N ASP A 62 -7.86 -8.97 0.29
CA ASP A 62 -7.28 -9.70 -0.84
C ASP A 62 -7.13 -8.78 -2.05
N ALA A 63 -8.25 -8.49 -2.71
CA ALA A 63 -8.24 -7.62 -3.88
C ALA A 63 -9.04 -6.35 -3.63
N THR A 64 -8.88 -5.78 -2.45
CA THR A 64 -9.59 -4.56 -2.07
C THR A 64 -8.93 -3.88 -0.88
N VAL A 65 -8.78 -2.56 -0.96
CA VAL A 65 -8.18 -1.79 0.11
C VAL A 65 -9.10 -0.68 0.59
N THR A 66 -9.75 -0.90 1.73
CA THR A 66 -10.67 0.08 2.29
C THR A 66 -10.02 0.83 3.44
N VAL A 67 -10.44 2.08 3.65
CA VAL A 67 -9.91 2.91 4.72
C VAL A 67 -10.97 3.19 5.78
N ILE A 68 -10.82 2.56 6.94
CA ILE A 68 -11.76 2.74 8.04
C ILE A 68 -11.18 3.63 9.12
N SER A 69 -12.03 4.42 9.76
CA SER A 69 -11.60 5.33 10.81
C SER A 69 -11.48 4.59 12.14
N GLU A 70 -10.73 5.17 13.07
CA GLU A 70 -10.52 4.57 14.38
C GLU A 70 -11.68 4.91 15.32
N LYS A 71 -12.86 5.14 14.75
CA LYS A 71 -14.03 5.47 15.53
C LYS A 71 -15.14 4.44 15.32
N ASN A 72 -15.32 4.02 14.07
CA ASN A 72 -16.35 3.04 13.74
C ASN A 72 -15.92 2.19 12.53
N GLU A 73 -16.25 0.91 12.57
CA GLU A 73 -15.90 0.00 11.48
C GLU A 73 -16.66 0.36 10.20
N GLU A 74 -17.86 0.90 10.37
CA GLU A 74 -18.69 1.28 9.23
C GLU A 74 -18.31 2.67 8.73
N GLU A 75 -17.31 3.28 9.38
CA GLU A 75 -16.85 4.61 9.00
C GLU A 75 -15.80 4.53 7.90
N VAL A 76 -16.25 4.39 6.66
CA VAL A 76 -15.34 4.31 5.52
C VAL A 76 -15.03 5.69 4.96
N LEU A 77 -13.74 6.03 4.94
CA LEU A 77 -13.31 7.33 4.43
C LEU A 77 -12.85 7.22 2.98
N VAL A 78 -12.14 6.14 2.67
CA VAL A 78 -11.65 5.91 1.32
C VAL A 78 -11.72 4.44 0.95
N GLU A 79 -12.39 4.13 -0.16
CA GLU A 79 -12.54 2.77 -0.62
C GLU A 79 -11.79 2.55 -1.93
N CYS A 80 -10.58 1.99 -1.83
CA CYS A 80 -9.75 1.74 -3.00
C CYS A 80 -9.74 0.26 -3.34
N ARG A 81 -9.64 -0.06 -4.63
CA ARG A 81 -9.62 -1.44 -5.09
C ARG A 81 -8.42 -1.69 -6.01
N VAL A 82 -7.75 -2.82 -5.80
CA VAL A 82 -6.60 -3.18 -6.60
C VAL A 82 -6.90 -3.05 -8.09
N ARG A 83 -8.07 -3.52 -8.49
CA ARG A 83 -8.48 -3.46 -9.89
C ARG A 83 -8.24 -2.07 -10.47
N PHE A 84 -8.24 -1.07 -9.60
CA PHE A 84 -8.02 0.31 -10.02
C PHE A 84 -6.57 0.73 -9.79
N LEU A 85 -5.99 0.23 -8.71
CA LEU A 85 -4.60 0.54 -8.37
C LEU A 85 -3.71 0.44 -9.60
N SER A 86 -3.15 1.57 -10.03
CA SER A 86 -2.28 1.60 -11.20
C SER A 86 -0.82 1.38 -10.78
N PHE A 87 -0.41 2.03 -9.71
CA PHE A 87 0.96 1.90 -9.22
C PHE A 87 1.04 2.28 -7.74
N MET A 88 1.85 1.54 -6.99
CA MET A 88 2.02 1.79 -5.57
C MET A 88 3.50 1.86 -5.20
N GLY A 89 3.80 2.60 -4.13
CA GLY A 89 5.18 2.74 -3.70
C GLY A 89 5.30 3.57 -2.42
N VAL A 90 6.51 3.62 -1.87
CA VAL A 90 6.76 4.37 -0.66
C VAL A 90 7.55 5.64 -0.95
N GLY A 91 7.25 6.70 -0.20
CA GLY A 91 7.94 7.96 -0.39
C GLY A 91 9.38 7.91 0.08
N LYS A 92 9.97 9.08 0.30
CA LYS A 92 11.36 9.16 0.76
C LYS A 92 11.55 8.40 2.06
N ASP A 93 10.53 8.44 2.92
CA ASP A 93 10.58 7.74 4.20
C ASP A 93 9.81 6.43 4.14
N VAL A 94 10.45 5.34 4.58
CA VAL A 94 9.82 4.03 4.58
C VAL A 94 8.53 4.05 5.39
N HIS A 95 8.50 4.86 6.44
CA HIS A 95 7.33 4.96 7.30
C HIS A 95 6.10 5.39 6.50
N THR A 96 6.34 6.13 5.41
CA THR A 96 5.25 6.60 4.56
C THR A 96 4.90 5.56 3.50
N PHE A 97 3.67 5.64 3.00
CA PHE A 97 3.20 4.71 1.98
C PHE A 97 2.04 5.31 1.19
N ALA A 98 2.27 5.55 -0.09
CA ALA A 98 1.26 6.13 -0.97
C ALA A 98 0.97 5.21 -2.16
N PHE A 99 -0.27 5.23 -2.61
CA PHE A 99 -0.68 4.39 -3.74
C PHE A 99 -1.56 5.19 -4.72
N ILE A 100 -1.36 4.95 -6.01
CA ILE A 100 -2.13 5.65 -7.04
C ILE A 100 -3.27 4.77 -7.54
N MET A 101 -4.49 5.29 -7.43
CA MET A 101 -5.67 4.56 -7.88
C MET A 101 -6.36 5.28 -9.04
N ASP A 102 -7.10 4.54 -9.84
CA ASP A 102 -7.80 5.11 -10.98
C ASP A 102 -9.28 5.30 -10.66
N THR A 103 -9.72 6.55 -10.58
CA THR A 103 -11.11 6.87 -10.27
C THR A 103 -11.93 6.99 -11.55
N GLY A 104 -11.39 7.71 -12.52
CA GLY A 104 -12.09 7.89 -13.78
C GLY A 104 -11.43 7.15 -14.93
N ASN A 105 -10.92 7.90 -15.90
CA ASN A 105 -10.27 7.30 -17.06
C ASN A 105 -8.76 7.56 -17.03
N GLN A 106 -8.39 8.83 -16.99
CA GLN A 106 -6.98 9.22 -16.96
C GLN A 106 -6.62 9.81 -15.60
N ARG A 107 -7.51 10.63 -15.06
CA ARG A 107 -7.28 11.26 -13.76
C ARG A 107 -7.05 10.21 -12.68
N PHE A 108 -5.87 10.25 -12.07
CA PHE A 108 -5.52 9.31 -11.01
C PHE A 108 -5.31 10.02 -9.69
N GLU A 109 -5.78 9.41 -8.61
CA GLU A 109 -5.65 9.99 -7.28
C GLU A 109 -4.63 9.22 -6.45
N CYS A 110 -3.71 9.96 -5.83
CA CYS A 110 -2.67 9.35 -5.01
C CYS A 110 -2.90 9.65 -3.53
N HIS A 111 -3.19 8.60 -2.75
CA HIS A 111 -3.44 8.77 -1.32
C HIS A 111 -2.16 8.51 -0.53
N VAL A 112 -2.07 9.13 0.64
CA VAL A 112 -0.90 8.96 1.50
C VAL A 112 -1.31 8.56 2.91
N PHE A 113 -0.58 7.61 3.48
CA PHE A 113 -0.87 7.13 4.83
C PHE A 113 0.41 6.75 5.56
N TRP A 114 0.61 7.31 6.74
CA TRP A 114 1.81 7.03 7.54
C TRP A 114 1.65 5.71 8.29
N CYS A 115 2.54 4.77 8.02
CA CYS A 115 2.50 3.46 8.67
C CYS A 115 3.35 3.46 9.94
N GLU A 116 3.10 2.50 10.82
CA GLU A 116 3.85 2.40 12.06
C GLU A 116 4.06 0.93 12.44
N PRO A 117 5.32 0.58 12.74
CA PRO A 117 6.44 1.52 12.71
C PRO A 117 6.79 1.95 11.30
N ASN A 118 6.93 0.97 10.40
CA ASN A 118 7.27 1.25 9.01
C ASN A 118 6.25 0.63 8.07
N ALA A 119 6.48 0.78 6.77
CA ALA A 119 5.58 0.23 5.76
C ALA A 119 6.10 -1.12 5.24
N ALA A 120 6.57 -1.95 6.15
CA ALA A 120 7.09 -3.27 5.77
C ALA A 120 5.97 -4.28 5.60
N ASN A 121 5.07 -4.33 6.57
CA ASN A 121 3.94 -5.26 6.53
C ASN A 121 2.83 -4.72 5.63
N VAL A 122 2.60 -3.41 5.72
CA VAL A 122 1.57 -2.77 4.92
C VAL A 122 1.77 -3.03 3.44
N SER A 123 2.88 -2.52 2.90
CA SER A 123 3.20 -2.70 1.49
C SER A 123 3.30 -4.18 1.14
N GLU A 124 3.86 -4.97 2.06
CA GLU A 124 4.01 -6.40 1.85
C GLU A 124 2.66 -7.08 1.67
N ALA A 125 1.68 -6.64 2.45
CA ALA A 125 0.35 -7.21 2.39
C ALA A 125 -0.39 -6.73 1.13
N VAL A 126 -0.58 -5.42 1.02
CA VAL A 126 -1.26 -4.84 -0.13
C VAL A 126 -0.63 -5.30 -1.43
N GLN A 127 0.71 -5.41 -1.44
CA GLN A 127 1.43 -5.83 -2.63
C GLN A 127 0.96 -7.21 -3.09
N ALA A 128 1.03 -8.19 -2.18
CA ALA A 128 0.60 -9.54 -2.49
C ALA A 128 -0.90 -9.61 -2.78
N ALA A 129 -1.68 -8.93 -1.96
CA ALA A 129 -3.13 -8.90 -2.12
C ALA A 129 -3.51 -8.79 -3.59
N CYS A 130 -2.90 -7.83 -4.28
CA CYS A 130 -3.18 -7.61 -5.70
C CYS A 130 -3.46 -8.94 -6.40
N SER A 131 -2.70 -9.97 -6.05
CA SER A 131 -2.86 -11.28 -6.65
C SER A 131 -3.54 -12.25 -5.67
N GLY A 132 -3.02 -12.29 -4.45
CA GLY A 132 -3.57 -13.17 -3.44
C GLY A 132 -2.54 -13.61 -2.42
N PRO A 133 -2.90 -14.63 -1.61
CA PRO A 133 -2.00 -15.17 -0.59
C PRO A 133 -0.83 -15.93 -1.19
N SER A 134 0.36 -15.32 -1.12
CA SER A 134 1.56 -15.93 -1.66
C SER A 134 2.52 -16.33 -0.53
N SER A 135 3.02 -17.56 -0.59
CA SER A 135 3.94 -18.06 0.43
C SER A 135 5.26 -17.28 0.39
N GLY A 136 5.38 -16.29 1.26
CA GLY A 136 6.59 -15.49 1.32
C GLY A 136 7.03 -15.02 -0.06
N ILE A 137 8.30 -15.27 -0.38
CA ILE A 137 8.84 -14.86 -1.68
C ILE A 137 9.03 -16.06 -2.59
N GLU A 138 8.52 -15.95 -3.82
CA GLU A 138 8.63 -17.03 -4.79
C GLU A 138 10.09 -17.38 -5.06
N GLY A 139 10.87 -16.37 -5.46
CA GLY A 139 12.27 -16.60 -5.74
C GLY A 139 12.70 -16.02 -7.08
N ARG A 140 13.95 -15.59 -7.16
CA ARG A 140 14.47 -15.01 -8.38
C ARG A 140 15.69 -15.78 -8.88
N GLY A 141 15.85 -15.85 -10.20
CA GLY A 141 16.98 -16.57 -10.77
C GLY A 141 17.06 -17.99 -10.27
N SER A 142 17.94 -18.78 -10.90
CA SER A 142 18.11 -20.18 -10.52
C SER A 142 19.48 -20.69 -10.95
N SER A 143 20.26 -21.19 -9.99
CA SER A 143 21.59 -21.70 -10.27
C SER A 143 22.13 -22.49 -9.08
N GLY A 144 23.05 -23.40 -9.35
CA GLY A 144 23.63 -24.21 -8.29
C GLY A 144 23.27 -25.67 -8.40
N SER A 145 24.09 -26.53 -7.80
CA SER A 145 23.85 -27.97 -7.84
C SER A 145 23.74 -28.54 -6.44
N SER A 146 24.65 -28.12 -5.57
CA SER A 146 24.66 -28.60 -4.19
C SER A 146 25.02 -27.46 -3.23
N GLY A 147 24.43 -27.49 -2.04
CA GLY A 147 24.71 -26.46 -1.05
C GLY A 147 26.14 -26.50 -0.56
N SER A 148 26.81 -25.36 -0.60
CA SER A 148 28.19 -25.26 -0.16
C SER A 148 28.31 -24.43 1.11
N SER A 149 28.77 -25.07 2.19
CA SER A 149 28.91 -24.38 3.47
C SER A 149 29.70 -23.08 3.30
N GLY A 150 29.33 -22.08 4.09
CA GLY A 150 30.00 -20.79 4.02
C GLY A 150 30.50 -20.32 5.38
N SER A 151 31.68 -19.70 5.39
CA SER A 151 32.28 -19.22 6.63
C SER A 151 31.30 -18.31 7.37
N SER A 152 31.48 -18.20 8.69
CA SER A 152 30.61 -17.37 9.51
C SER A 152 31.22 -15.99 9.73
N GLY A 153 30.75 -15.01 8.96
CA GLY A 153 31.25 -13.66 9.08
C GLY A 153 30.88 -12.79 7.89
N ASP A 154 29.70 -12.17 7.97
CA ASP A 154 29.22 -11.31 6.89
C ASP A 154 28.18 -10.32 7.42
N ALA A 155 28.00 -9.22 6.69
CA ALA A 155 27.05 -8.19 7.07
C ALA A 155 25.78 -8.81 7.65
N ALA A 156 25.07 -8.06 8.48
CA ALA A 156 23.84 -8.54 9.10
C ALA A 156 22.74 -7.49 9.00
N VAL A 157 21.90 -7.61 7.98
CA VAL A 157 20.80 -6.68 7.77
C VAL A 157 19.44 -7.37 7.95
N THR A 158 18.45 -6.61 8.37
CA THR A 158 17.11 -7.15 8.58
C THR A 158 16.34 -7.22 7.26
N PRO A 159 15.55 -8.30 7.11
CA PRO A 159 14.75 -8.52 5.89
C PRO A 159 13.59 -7.53 5.78
N GLU A 160 13.41 -6.71 6.82
CA GLU A 160 12.34 -5.71 6.83
C GLU A 160 12.65 -4.58 5.87
N GLU A 161 13.88 -4.07 5.92
CA GLU A 161 14.30 -2.97 5.05
C GLU A 161 14.45 -3.45 3.61
N ARG A 162 15.12 -4.59 3.44
CA ARG A 162 15.34 -5.16 2.11
C ARG A 162 14.11 -4.97 1.23
N HIS A 163 12.93 -5.02 1.86
CA HIS A 163 11.68 -4.87 1.13
C HIS A 163 11.25 -3.40 1.10
N LEU A 164 11.22 -2.78 2.26
CA LEU A 164 10.83 -1.37 2.37
C LEU A 164 11.55 -0.53 1.32
N SER A 165 12.78 -0.91 1.01
CA SER A 165 13.58 -0.19 0.02
C SER A 165 13.05 -0.42 -1.39
N LYS A 166 12.88 -1.68 -1.75
CA LYS A 166 12.38 -2.04 -3.07
C LYS A 166 11.15 -1.19 -3.43
N MET A 167 10.31 -0.93 -2.44
CA MET A 167 9.11 -0.13 -2.66
C MET A 167 9.47 1.27 -3.14
N GLN A 168 10.46 1.89 -2.50
CA GLN A 168 10.89 3.23 -2.86
C GLN A 168 11.76 3.19 -4.12
N GLN A 169 12.42 2.06 -4.33
CA GLN A 169 13.29 1.90 -5.50
C GLN A 169 12.48 1.94 -6.79
N ASN A 170 11.76 0.87 -7.06
CA ASN A 170 10.94 0.78 -8.27
C ASN A 170 9.45 0.79 -7.93
N GLY A 171 9.10 0.10 -6.85
CA GLY A 171 7.71 0.04 -6.42
C GLY A 171 6.99 -1.18 -6.95
N TYR A 172 5.69 -1.05 -7.20
CA TYR A 172 4.89 -2.16 -7.71
C TYR A 172 3.85 -1.67 -8.71
N GLU A 173 3.95 -2.15 -9.94
CA GLU A 173 3.01 -1.76 -10.99
C GLU A 173 1.95 -2.84 -11.20
N ASN A 174 0.73 -2.52 -10.82
CA ASN A 174 -0.39 -3.45 -10.97
C ASN A 174 -0.44 -4.02 -12.39
N PRO A 175 -0.31 -5.34 -12.49
CA PRO A 175 -0.34 -6.04 -13.79
C PRO A 175 -1.72 -6.03 -14.42
N THR A 176 -2.73 -5.69 -13.62
CA THR A 176 -4.10 -5.63 -14.11
C THR A 176 -4.41 -4.29 -14.77
N TYR A 177 -3.71 -3.25 -14.32
CA TYR A 177 -3.91 -1.91 -14.86
C TYR A 177 -2.60 -1.35 -15.42
N LYS A 178 -2.30 -1.69 -16.66
CA LYS A 178 -1.09 -1.22 -17.32
C LYS A 178 -1.42 -0.31 -18.50
N PHE A 179 -0.77 0.85 -18.54
CA PHE A 179 -1.00 1.81 -19.63
C PHE A 179 0.32 2.25 -20.24
N PHE A 180 1.14 1.28 -20.63
CA PHE A 180 2.44 1.57 -21.23
C PHE A 180 2.30 1.85 -22.72
N GLU A 181 3.39 2.23 -23.36
CA GLU A 181 3.39 2.53 -24.79
C GLU A 181 4.47 1.73 -25.52
N GLN A 182 4.30 0.42 -25.56
CA GLN A 182 5.26 -0.45 -26.22
C GLN A 182 5.49 -0.02 -27.67
N MET A 183 4.41 0.38 -28.33
CA MET A 183 4.49 0.82 -29.73
C MET A 183 3.78 2.15 -29.91
N GLN A 184 4.38 3.04 -30.70
CA GLN A 184 3.81 4.35 -30.96
C GLN A 184 4.59 5.08 -32.05
N ASN A 185 3.93 5.28 -33.19
CA ASN A 185 4.57 5.97 -34.31
C ASN A 185 5.26 7.25 -33.85
N GLY A 1 -31.96 4.67 -9.29
CA GLY A 1 -31.39 6.01 -9.17
C GLY A 1 -31.10 6.39 -7.73
N SER A 2 -31.28 7.67 -7.41
CA SER A 2 -31.03 8.17 -6.07
C SER A 2 -32.11 7.68 -5.10
N SER A 3 -31.85 7.84 -3.81
CA SER A 3 -32.80 7.41 -2.78
C SER A 3 -33.13 5.93 -2.93
N GLY A 4 -32.12 5.12 -3.22
CA GLY A 4 -32.33 3.70 -3.38
C GLY A 4 -31.26 2.87 -2.67
N SER A 5 -31.70 1.80 -2.01
CA SER A 5 -30.79 0.94 -1.28
C SER A 5 -30.49 -0.33 -2.08
N SER A 6 -29.34 -0.94 -1.80
CA SER A 6 -28.94 -2.15 -2.49
C SER A 6 -28.46 -3.21 -1.50
N GLY A 7 -28.89 -4.46 -1.73
CA GLY A 7 -28.50 -5.54 -0.84
C GLY A 7 -27.92 -6.72 -1.59
N PRO A 8 -26.64 -6.60 -1.97
CA PRO A 8 -25.94 -7.66 -2.71
C PRO A 8 -25.67 -8.90 -1.85
N THR A 9 -25.36 -10.01 -2.51
CA THR A 9 -25.09 -11.26 -1.79
C THR A 9 -24.30 -11.01 -0.52
N PRO A 10 -24.54 -11.83 0.51
CA PRO A 10 -23.85 -11.72 1.80
C PRO A 10 -22.39 -12.12 1.70
N LYS A 11 -21.87 -12.17 0.48
CA LYS A 11 -20.48 -12.54 0.26
C LYS A 11 -19.55 -11.80 1.22
N THR A 12 -18.97 -12.54 2.16
CA THR A 12 -18.06 -11.95 3.14
C THR A 12 -16.66 -12.56 3.04
N GLU A 13 -15.64 -11.70 3.06
CA GLU A 13 -14.27 -12.15 2.97
C GLU A 13 -13.44 -11.62 4.13
N LEU A 14 -12.26 -12.19 4.31
CA LEU A 14 -11.36 -11.77 5.38
C LEU A 14 -10.66 -10.46 5.03
N VAL A 15 -10.57 -9.55 6.01
CA VAL A 15 -9.92 -8.26 5.80
C VAL A 15 -9.05 -7.89 6.99
N GLN A 16 -7.80 -7.52 6.72
CA GLN A 16 -6.87 -7.13 7.77
C GLN A 16 -6.83 -5.62 7.94
N LYS A 17 -6.66 -5.17 9.18
CA LYS A 17 -6.60 -3.74 9.48
C LYS A 17 -5.23 -3.35 10.00
N PHE A 18 -4.83 -2.12 9.73
CA PHE A 18 -3.53 -1.62 10.18
C PHE A 18 -3.66 -0.22 10.78
N ARG A 19 -2.94 0.02 11.87
CA ARG A 19 -2.97 1.32 12.54
C ARG A 19 -2.05 2.31 11.85
N VAL A 20 -2.62 3.24 11.09
CA VAL A 20 -1.84 4.23 10.38
C VAL A 20 -2.52 5.60 10.44
N GLN A 21 -1.92 6.58 9.77
CA GLN A 21 -2.47 7.94 9.75
C GLN A 21 -2.81 8.36 8.32
N TYR A 22 -3.59 9.43 8.19
CA TYR A 22 -4.00 9.93 6.89
C TYR A 22 -3.43 11.32 6.65
N LEU A 23 -2.45 11.40 5.75
CA LEU A 23 -1.82 12.67 5.42
C LEU A 23 -2.73 13.53 4.55
N GLY A 24 -3.36 12.90 3.55
CA GLY A 24 -4.24 13.62 2.66
C GLY A 24 -4.26 13.04 1.26
N MET A 25 -5.11 13.58 0.40
CA MET A 25 -5.21 13.12 -0.97
C MET A 25 -4.50 14.07 -1.93
N LEU A 26 -3.89 13.52 -2.97
CA LEU A 26 -3.17 14.33 -3.96
C LEU A 26 -3.33 13.74 -5.36
N PRO A 27 -3.95 14.52 -6.26
CA PRO A 27 -4.17 14.11 -7.65
C PRO A 27 -2.88 14.04 -8.45
N VAL A 28 -2.79 13.04 -9.33
CA VAL A 28 -1.60 12.86 -10.16
C VAL A 28 -1.97 12.78 -11.63
N ASP A 29 -1.05 13.21 -12.50
CA ASP A 29 -1.28 13.18 -13.93
C ASP A 29 -0.48 12.06 -14.58
N ARG A 30 0.00 11.12 -13.77
CA ARG A 30 0.77 9.99 -14.27
C ARG A 30 0.35 8.70 -13.59
N PRO A 31 0.15 7.64 -14.39
CA PRO A 31 -0.27 6.33 -13.89
C PRO A 31 0.84 5.64 -13.10
N VAL A 32 2.09 5.87 -13.50
CA VAL A 32 3.24 5.28 -12.83
C VAL A 32 4.38 6.28 -12.72
N GLY A 33 5.44 5.88 -12.02
CA GLY A 33 6.59 6.75 -11.85
C GLY A 33 6.75 7.23 -10.42
N MET A 34 7.75 6.70 -9.72
CA MET A 34 8.00 7.08 -8.34
C MET A 34 8.17 8.60 -8.21
N ASP A 35 8.83 9.20 -9.19
CA ASP A 35 9.05 10.64 -9.19
C ASP A 35 7.76 11.39 -8.93
N THR A 36 6.66 10.89 -9.50
CA THR A 36 5.36 11.52 -9.33
C THR A 36 4.74 11.15 -7.98
N LEU A 37 4.83 9.88 -7.62
CA LEU A 37 4.28 9.39 -6.36
C LEU A 37 4.82 10.21 -5.19
N ASN A 38 6.15 10.39 -5.17
CA ASN A 38 6.78 11.15 -4.09
C ASN A 38 6.35 12.62 -4.13
N SER A 39 6.23 13.17 -5.34
CA SER A 39 5.83 14.56 -5.50
C SER A 39 4.47 14.80 -4.88
N ALA A 40 3.68 13.73 -4.74
CA ALA A 40 2.36 13.83 -4.15
C ALA A 40 2.41 13.72 -2.63
N ILE A 41 3.42 13.00 -2.13
CA ILE A 41 3.59 12.82 -0.70
C ILE A 41 3.95 14.13 -0.01
N GLU A 42 5.06 14.71 -0.43
CA GLU A 42 5.53 15.98 0.15
C GLU A 42 4.43 17.03 0.08
N ASN A 43 3.80 17.16 -1.09
CA ASN A 43 2.73 18.13 -1.29
C ASN A 43 1.82 18.20 -0.06
N LEU A 44 1.47 17.03 0.48
CA LEU A 44 0.60 16.96 1.65
C LEU A 44 1.41 17.20 2.93
N MET A 45 2.45 16.41 3.14
CA MET A 45 3.30 16.54 4.32
C MET A 45 3.51 18.01 4.66
N THR A 46 3.63 18.85 3.63
CA THR A 46 3.84 20.28 3.83
C THR A 46 2.58 20.96 4.33
N SER A 47 1.46 20.72 3.64
CA SER A 47 0.19 21.32 4.01
C SER A 47 -0.17 20.98 5.46
N SER A 48 -0.26 19.68 5.75
CA SER A 48 -0.60 19.22 7.08
C SER A 48 0.63 18.64 7.79
N SER A 49 0.64 18.72 9.11
CA SER A 49 1.75 18.20 9.90
C SER A 49 1.49 16.76 10.34
N LYS A 50 2.47 16.16 11.01
CA LYS A 50 2.35 14.79 11.49
C LYS A 50 1.18 14.65 12.46
N GLU A 51 1.13 15.57 13.43
CA GLU A 51 0.05 15.55 14.42
C GLU A 51 -1.28 15.95 13.80
N ASP A 52 -1.21 16.65 12.67
CA ASP A 52 -2.41 17.10 11.96
C ASP A 52 -3.13 15.92 11.32
N TRP A 53 -2.37 14.87 11.02
CA TRP A 53 -2.95 13.68 10.39
C TRP A 53 -3.68 12.82 11.42
N PRO A 54 -5.01 12.69 11.23
CA PRO A 54 -5.85 11.89 12.13
C PRO A 54 -5.58 10.40 12.01
N SER A 55 -5.59 9.72 13.16
CA SER A 55 -5.34 8.29 13.19
C SER A 55 -6.53 7.50 12.64
N VAL A 56 -6.26 6.63 11.68
CA VAL A 56 -7.32 5.82 11.06
C VAL A 56 -6.89 4.37 10.93
N ASN A 57 -7.83 3.50 10.59
CA ASN A 57 -7.55 2.08 10.43
C ASN A 57 -7.55 1.69 8.96
N MET A 58 -6.41 1.21 8.47
CA MET A 58 -6.29 0.80 7.08
C MET A 58 -6.69 -0.65 6.90
N ASN A 59 -7.89 -0.87 6.36
CA ASN A 59 -8.40 -2.22 6.14
C ASN A 59 -8.04 -2.71 4.73
N VAL A 60 -7.05 -3.59 4.66
CA VAL A 60 -6.60 -4.14 3.39
C VAL A 60 -7.06 -5.58 3.23
N ALA A 61 -8.13 -5.77 2.46
CA ALA A 61 -8.67 -7.12 2.23
C ALA A 61 -7.85 -7.86 1.18
N ASP A 62 -8.14 -9.14 1.01
CA ASP A 62 -7.43 -9.97 0.03
C ASP A 62 -7.07 -9.15 -1.21
N ALA A 63 -8.09 -8.71 -1.94
CA ALA A 63 -7.88 -7.92 -3.15
C ALA A 63 -8.63 -6.60 -3.08
N THR A 64 -8.63 -5.98 -1.89
CA THR A 64 -9.30 -4.71 -1.69
C THR A 64 -8.62 -3.89 -0.61
N VAL A 65 -8.67 -2.58 -0.74
CA VAL A 65 -8.05 -1.67 0.23
C VAL A 65 -9.01 -0.55 0.62
N THR A 66 -9.65 -0.71 1.78
CA THR A 66 -10.59 0.30 2.27
C THR A 66 -10.05 1.01 3.50
N VAL A 67 -10.17 2.33 3.52
CA VAL A 67 -9.69 3.12 4.65
C VAL A 67 -10.84 3.48 5.59
N ILE A 68 -10.78 2.96 6.81
CA ILE A 68 -11.82 3.24 7.80
C ILE A 68 -11.33 4.23 8.85
N SER A 69 -12.25 5.01 9.40
CA SER A 69 -11.91 6.00 10.41
C SER A 69 -11.95 5.38 11.80
N GLU A 70 -11.24 6.01 12.74
CA GLU A 70 -11.20 5.54 14.11
C GLU A 70 -12.50 5.84 14.86
N LYS A 71 -13.05 7.03 14.59
CA LYS A 71 -14.29 7.45 15.23
C LYS A 71 -15.37 6.39 15.06
N ASN A 72 -15.69 6.07 13.81
CA ASN A 72 -16.72 5.07 13.51
C ASN A 72 -16.15 3.98 12.62
N GLU A 73 -16.66 2.76 12.79
CA GLU A 73 -16.21 1.62 12.01
C GLU A 73 -16.93 1.58 10.66
N GLU A 74 -18.13 2.13 10.62
CA GLU A 74 -18.92 2.15 9.39
C GLU A 74 -18.54 3.35 8.53
N GLU A 75 -17.46 4.02 8.89
CA GLU A 75 -16.99 5.19 8.15
C GLU A 75 -15.96 4.78 7.10
N VAL A 76 -16.34 4.90 5.84
CA VAL A 76 -15.45 4.55 4.73
C VAL A 76 -14.71 5.78 4.20
N LEU A 77 -13.54 6.04 4.77
CA LEU A 77 -12.74 7.19 4.35
C LEU A 77 -12.42 7.12 2.85
N VAL A 78 -11.93 5.97 2.42
CA VAL A 78 -11.60 5.78 1.01
C VAL A 78 -11.81 4.33 0.59
N GLU A 79 -12.40 4.13 -0.58
CA GLU A 79 -12.66 2.80 -1.10
C GLU A 79 -11.82 2.52 -2.34
N CYS A 80 -10.68 1.86 -2.14
CA CYS A 80 -9.79 1.53 -3.24
C CYS A 80 -9.73 0.02 -3.46
N ARG A 81 -9.65 -0.39 -4.73
CA ARG A 81 -9.60 -1.80 -5.07
C ARG A 81 -8.37 -2.11 -5.91
N VAL A 82 -7.62 -3.13 -5.50
CA VAL A 82 -6.41 -3.53 -6.20
C VAL A 82 -6.55 -3.31 -7.70
N ARG A 83 -7.56 -3.95 -8.30
CA ARG A 83 -7.81 -3.83 -9.74
C ARG A 83 -7.61 -2.39 -10.20
N PHE A 84 -8.12 -1.44 -9.41
CA PHE A 84 -8.00 -0.02 -9.75
C PHE A 84 -6.57 0.46 -9.56
N LEU A 85 -5.92 -0.02 -8.50
CA LEU A 85 -4.55 0.37 -8.21
C LEU A 85 -3.71 0.40 -9.48
N SER A 86 -3.13 1.56 -9.77
CA SER A 86 -2.30 1.73 -10.96
C SER A 86 -0.82 1.56 -10.63
N PHE A 87 -0.36 2.32 -9.64
CA PHE A 87 1.03 2.25 -9.21
C PHE A 87 1.19 2.66 -7.76
N MET A 88 1.96 1.88 -7.02
CA MET A 88 2.20 2.17 -5.60
C MET A 88 3.69 2.27 -5.29
N GLY A 89 4.01 2.86 -4.15
CA GLY A 89 5.41 3.01 -3.76
C GLY A 89 5.56 3.62 -2.39
N VAL A 90 6.78 4.06 -2.07
CA VAL A 90 7.05 4.66 -0.77
C VAL A 90 7.81 5.97 -0.92
N GLY A 91 7.45 6.95 -0.10
CA GLY A 91 8.09 8.25 -0.16
C GLY A 91 9.52 8.21 0.33
N LYS A 92 10.12 9.39 0.48
CA LYS A 92 11.50 9.48 0.94
C LYS A 92 11.72 8.64 2.19
N ASP A 93 10.72 8.62 3.07
CA ASP A 93 10.80 7.86 4.31
C ASP A 93 9.98 6.56 4.20
N VAL A 94 10.61 5.44 4.54
CA VAL A 94 9.94 4.15 4.48
C VAL A 94 8.67 4.15 5.34
N HIS A 95 8.73 4.85 6.46
CA HIS A 95 7.59 4.93 7.37
C HIS A 95 6.32 5.34 6.62
N THR A 96 6.51 6.06 5.52
CA THR A 96 5.38 6.52 4.72
C THR A 96 4.96 5.46 3.71
N PHE A 97 3.73 5.56 3.22
CA PHE A 97 3.21 4.61 2.25
C PHE A 97 2.04 5.22 1.46
N ALA A 98 2.24 5.36 0.15
CA ALA A 98 1.21 5.93 -0.72
C ALA A 98 0.97 5.04 -1.93
N PHE A 99 -0.26 5.08 -2.45
CA PHE A 99 -0.62 4.28 -3.60
C PHE A 99 -1.54 5.06 -4.55
N ILE A 100 -1.32 4.88 -5.85
CA ILE A 100 -2.12 5.56 -6.85
C ILE A 100 -3.25 4.68 -7.37
N MET A 101 -4.48 5.15 -7.23
CA MET A 101 -5.64 4.40 -7.69
C MET A 101 -6.42 5.18 -8.74
N ASP A 102 -7.22 4.46 -9.53
CA ASP A 102 -8.01 5.09 -10.58
C ASP A 102 -9.47 5.18 -10.18
N THR A 103 -9.93 6.40 -9.93
CA THR A 103 -11.31 6.64 -9.53
C THR A 103 -12.26 6.55 -10.73
N GLY A 104 -11.88 7.20 -11.83
CA GLY A 104 -12.70 7.18 -13.02
C GLY A 104 -12.02 6.47 -14.17
N ASN A 105 -11.44 7.24 -15.08
CA ASN A 105 -10.76 6.67 -16.25
C ASN A 105 -9.31 7.13 -16.31
N GLN A 106 -9.12 8.45 -16.27
CA GLN A 106 -7.78 9.03 -16.32
C GLN A 106 -7.41 9.66 -14.99
N ARG A 107 -8.37 10.36 -14.38
CA ARG A 107 -8.14 11.02 -13.10
C ARG A 107 -7.76 10.01 -12.02
N PHE A 108 -6.49 10.01 -11.62
CA PHE A 108 -6.01 9.10 -10.60
C PHE A 108 -5.73 9.83 -9.29
N GLU A 109 -6.09 9.20 -8.18
CA GLU A 109 -5.88 9.79 -6.86
C GLU A 109 -4.82 9.03 -6.08
N CYS A 110 -3.90 9.76 -5.47
CA CYS A 110 -2.83 9.15 -4.70
C CYS A 110 -3.03 9.39 -3.20
N HIS A 111 -3.30 8.32 -2.46
CA HIS A 111 -3.51 8.42 -1.02
C HIS A 111 -2.24 8.03 -0.26
N VAL A 112 -1.89 8.84 0.74
CA VAL A 112 -0.71 8.59 1.54
C VAL A 112 -1.08 8.34 3.00
N PHE A 113 -0.38 7.41 3.63
CA PHE A 113 -0.63 7.08 5.03
C PHE A 113 0.66 6.75 5.76
N TRP A 114 0.77 7.19 7.01
CA TRP A 114 1.96 6.94 7.81
C TRP A 114 1.86 5.59 8.52
N CYS A 115 2.79 4.70 8.20
CA CYS A 115 2.81 3.37 8.81
C CYS A 115 3.66 3.37 10.08
N GLU A 116 3.39 2.41 10.96
CA GLU A 116 4.13 2.30 12.21
C GLU A 116 4.37 0.84 12.58
N PRO A 117 5.64 0.49 12.84
CA PRO A 117 6.74 1.46 12.81
C PRO A 117 7.07 1.91 11.38
N ASN A 118 7.22 0.94 10.49
CA ASN A 118 7.53 1.24 9.10
C ASN A 118 6.45 0.71 8.16
N ALA A 119 6.67 0.85 6.86
CA ALA A 119 5.71 0.39 5.87
C ALA A 119 6.16 -0.94 5.26
N ALA A 120 6.57 -1.87 6.12
CA ALA A 120 7.02 -3.18 5.66
C ALA A 120 5.86 -4.15 5.53
N ASN A 121 4.97 -4.14 6.53
CA ASN A 121 3.81 -5.01 6.53
C ASN A 121 2.71 -4.46 5.62
N VAL A 122 2.33 -3.20 5.84
CA VAL A 122 1.30 -2.56 5.05
C VAL A 122 1.57 -2.71 3.56
N SER A 123 2.72 -2.20 3.12
CA SER A 123 3.10 -2.27 1.71
C SER A 123 3.14 -3.73 1.24
N GLU A 124 3.68 -4.60 2.07
CA GLU A 124 3.78 -6.02 1.74
C GLU A 124 2.40 -6.63 1.57
N ALA A 125 1.45 -6.17 2.38
CA ALA A 125 0.08 -6.68 2.31
C ALA A 125 -0.59 -6.29 1.00
N VAL A 126 -0.50 -5.02 0.65
CA VAL A 126 -1.10 -4.52 -0.59
C VAL A 126 -0.37 -5.07 -1.81
N GLN A 127 0.96 -5.15 -1.72
CA GLN A 127 1.76 -5.66 -2.81
C GLN A 127 1.34 -7.07 -3.20
N ALA A 128 1.31 -7.96 -2.21
CA ALA A 128 0.92 -9.35 -2.45
C ALA A 128 -0.52 -9.44 -2.93
N ALA A 129 -1.39 -8.62 -2.35
CA ALA A 129 -2.80 -8.61 -2.72
C ALA A 129 -2.96 -8.73 -4.22
N CYS A 130 -2.13 -8.00 -4.96
CA CYS A 130 -2.19 -8.03 -6.42
C CYS A 130 -2.26 -9.46 -6.94
N SER A 131 -1.24 -10.25 -6.63
CA SER A 131 -1.18 -11.64 -7.07
C SER A 131 -1.86 -12.56 -6.06
N GLY A 132 -1.39 -12.50 -4.81
CA GLY A 132 -1.97 -13.33 -3.77
C GLY A 132 -0.91 -13.99 -2.91
N PRO A 133 -1.35 -14.66 -1.83
CA PRO A 133 -0.45 -15.34 -0.90
C PRO A 133 0.19 -16.58 -1.52
N SER A 134 -0.41 -17.07 -2.61
CA SER A 134 0.11 -18.25 -3.30
C SER A 134 1.46 -17.97 -3.93
N SER A 135 1.55 -16.87 -4.68
CA SER A 135 2.78 -16.48 -5.35
C SER A 135 3.78 -15.89 -4.35
N GLY A 136 5.03 -16.32 -4.45
CA GLY A 136 6.05 -15.82 -3.55
C GLY A 136 7.41 -16.43 -3.84
N ILE A 137 8.47 -15.74 -3.43
CA ILE A 137 9.83 -16.21 -3.65
C ILE A 137 10.19 -17.30 -2.65
N GLU A 138 10.43 -18.50 -3.16
CA GLU A 138 10.79 -19.64 -2.32
C GLU A 138 11.74 -19.21 -1.20
N GLY A 139 12.90 -18.68 -1.59
CA GLY A 139 13.88 -18.25 -0.61
C GLY A 139 15.30 -18.39 -1.11
N ARG A 140 15.54 -17.96 -2.35
CA ARG A 140 16.87 -18.05 -2.94
C ARG A 140 17.94 -17.57 -1.96
N GLY A 141 18.87 -18.46 -1.62
CA GLY A 141 19.93 -18.11 -0.69
C GLY A 141 21.31 -18.26 -1.31
N SER A 142 21.48 -17.69 -2.49
CA SER A 142 22.76 -17.77 -3.20
C SER A 142 23.87 -17.10 -2.38
N SER A 143 25.08 -17.63 -2.49
CA SER A 143 26.22 -17.09 -1.76
C SER A 143 27.18 -16.39 -2.71
N GLY A 144 27.57 -17.08 -3.78
CA GLY A 144 28.48 -16.49 -4.74
C GLY A 144 29.60 -15.70 -4.08
N SER A 145 30.37 -16.36 -3.23
CA SER A 145 31.46 -15.71 -2.52
C SER A 145 32.81 -16.18 -3.07
N SER A 146 33.75 -15.25 -3.18
CA SER A 146 35.08 -15.56 -3.68
C SER A 146 36.16 -15.18 -2.66
N GLY A 147 36.90 -16.19 -2.21
CA GLY A 147 37.95 -15.94 -1.23
C GLY A 147 37.41 -15.74 0.17
N SER A 148 38.27 -15.91 1.16
CA SER A 148 37.87 -15.75 2.56
C SER A 148 38.44 -14.45 3.14
N SER A 149 37.62 -13.41 3.16
CA SER A 149 38.05 -12.12 3.68
C SER A 149 37.85 -12.05 5.18
N GLY A 150 38.21 -13.14 5.87
CA GLY A 150 38.06 -13.18 7.32
C GLY A 150 36.77 -13.85 7.75
N SER A 151 36.23 -13.41 8.88
CA SER A 151 34.99 -13.97 9.39
C SER A 151 33.78 -13.27 8.79
N SER A 152 33.85 -12.99 7.50
CA SER A 152 32.75 -12.33 6.80
C SER A 152 32.47 -13.02 5.46
N GLY A 153 31.39 -12.59 4.81
CA GLY A 153 31.00 -13.19 3.54
C GLY A 153 29.64 -12.72 3.07
N ASP A 154 28.60 -13.12 3.79
CA ASP A 154 27.24 -12.75 3.44
C ASP A 154 26.51 -12.17 4.65
N ALA A 155 26.03 -10.94 4.50
CA ALA A 155 25.31 -10.27 5.59
C ALA A 155 23.92 -10.86 5.77
N ALA A 156 23.38 -10.75 6.97
CA ALA A 156 22.05 -11.27 7.28
C ALA A 156 21.01 -10.15 7.31
N VAL A 157 21.28 -9.07 6.58
CA VAL A 157 20.38 -7.94 6.53
C VAL A 157 18.92 -8.39 6.50
N THR A 158 18.15 -7.95 7.50
CA THR A 158 16.74 -8.32 7.59
C THR A 158 16.00 -7.97 6.31
N PRO A 159 15.07 -8.86 5.91
CA PRO A 159 14.28 -8.67 4.68
C PRO A 159 13.27 -7.54 4.83
N GLU A 160 13.34 -6.83 5.95
CA GLU A 160 12.42 -5.72 6.21
C GLU A 160 12.92 -4.44 5.53
N GLU A 161 14.22 -4.17 5.66
CA GLU A 161 14.81 -2.98 5.06
C GLU A 161 15.15 -3.23 3.60
N ARG A 162 15.59 -4.45 3.29
CA ARG A 162 15.95 -4.81 1.92
C ARG A 162 14.76 -4.64 0.99
N HIS A 163 13.57 -4.93 1.49
CA HIS A 163 12.34 -4.81 0.70
C HIS A 163 11.86 -3.36 0.67
N LEU A 164 11.66 -2.79 1.85
CA LEU A 164 11.19 -1.40 1.96
C LEU A 164 11.85 -0.53 0.89
N SER A 165 13.13 -0.80 0.61
CA SER A 165 13.86 -0.03 -0.38
C SER A 165 13.34 -0.31 -1.79
N LYS A 166 13.17 -1.58 -2.12
CA LYS A 166 12.68 -1.99 -3.43
C LYS A 166 11.55 -1.06 -3.89
N MET A 167 10.66 -0.73 -2.96
CA MET A 167 9.53 0.16 -3.27
C MET A 167 10.02 1.56 -3.63
N GLN A 168 10.86 2.12 -2.76
CA GLN A 168 11.40 3.45 -2.99
C GLN A 168 12.31 3.48 -4.21
N GLN A 169 12.76 2.30 -4.64
CA GLN A 169 13.64 2.18 -5.79
C GLN A 169 12.83 2.18 -7.08
N ASN A 170 12.16 1.06 -7.36
CA ASN A 170 11.35 0.92 -8.57
C ASN A 170 9.86 1.04 -8.24
N GLY A 171 9.44 0.34 -7.19
CA GLY A 171 8.05 0.38 -6.80
C GLY A 171 7.28 -0.84 -7.26
N TYR A 172 6.00 -0.66 -7.54
CA TYR A 172 5.15 -1.76 -7.99
C TYR A 172 4.10 -1.27 -9.00
N GLU A 173 4.00 -1.97 -10.12
CA GLU A 173 3.05 -1.61 -11.16
C GLU A 173 1.99 -2.69 -11.34
N ASN A 174 0.75 -2.37 -10.97
CA ASN A 174 -0.34 -3.32 -11.08
C ASN A 174 -0.51 -3.80 -12.53
N PRO A 175 -0.35 -5.11 -12.73
CA PRO A 175 -0.47 -5.72 -14.06
C PRO A 175 -1.90 -5.72 -14.58
N THR A 176 -2.85 -5.73 -13.65
CA THR A 176 -4.27 -5.74 -14.00
C THR A 176 -4.63 -4.52 -14.84
N TYR A 177 -4.09 -3.36 -14.45
CA TYR A 177 -4.35 -2.12 -15.17
C TYR A 177 -3.15 -1.70 -16.01
N LYS A 178 -2.74 -2.58 -16.91
CA LYS A 178 -1.60 -2.31 -17.78
C LYS A 178 -2.06 -1.75 -19.13
N PHE A 179 -2.68 -0.58 -19.09
CA PHE A 179 -3.17 0.06 -20.30
C PHE A 179 -2.44 1.38 -20.55
N PHE A 180 -1.11 1.34 -20.48
CA PHE A 180 -0.30 2.53 -20.69
C PHE A 180 -0.27 2.91 -22.17
N GLU A 181 0.32 4.06 -22.47
CA GLU A 181 0.42 4.54 -23.84
C GLU A 181 1.86 4.91 -24.20
N GLN A 182 2.72 3.90 -24.28
CA GLN A 182 4.11 4.11 -24.61
C GLN A 182 4.50 3.35 -25.87
N MET A 183 4.13 2.08 -25.93
CA MET A 183 4.43 1.24 -27.08
C MET A 183 4.29 2.03 -28.38
N GLN A 184 5.13 1.72 -29.36
CA GLN A 184 5.10 2.41 -30.65
C GLN A 184 3.83 2.04 -31.42
N ASN A 185 2.97 3.02 -31.63
CA ASN A 185 1.72 2.80 -32.36
C ASN A 185 1.98 2.09 -33.68
N GLY A 1 -25.50 16.35 14.67
CA GLY A 1 -26.61 15.92 13.84
C GLY A 1 -26.40 14.56 13.23
N SER A 2 -27.48 13.94 12.76
CA SER A 2 -27.39 12.62 12.15
C SER A 2 -28.67 12.29 11.38
N SER A 3 -28.63 11.21 10.61
CA SER A 3 -29.78 10.78 9.82
C SER A 3 -30.18 9.35 10.17
N GLY A 4 -31.33 8.93 9.63
CA GLY A 4 -31.81 7.58 9.89
C GLY A 4 -31.62 6.65 8.70
N SER A 5 -31.69 5.36 8.95
CA SER A 5 -31.52 4.36 7.90
C SER A 5 -31.87 2.97 8.40
N SER A 6 -31.94 2.01 7.47
CA SER A 6 -32.28 0.63 7.83
C SER A 6 -31.49 -0.35 6.97
N GLY A 7 -30.57 -1.08 7.60
CA GLY A 7 -29.77 -2.04 6.87
C GLY A 7 -28.75 -2.73 7.77
N PRO A 8 -28.52 -4.03 7.52
CA PRO A 8 -27.57 -4.82 8.29
C PRO A 8 -26.13 -4.41 8.04
N THR A 9 -25.29 -4.52 9.08
CA THR A 9 -23.89 -4.16 8.96
C THR A 9 -23.29 -4.65 7.65
N PRO A 10 -22.23 -3.97 7.18
CA PRO A 10 -21.55 -4.32 5.94
C PRO A 10 -20.78 -5.62 6.05
N LYS A 11 -21.06 -6.55 5.14
CA LYS A 11 -20.39 -7.85 5.14
C LYS A 11 -19.17 -7.84 4.23
N THR A 12 -18.01 -8.16 4.79
CA THR A 12 -16.76 -8.18 4.02
C THR A 12 -15.87 -9.34 4.44
N GLU A 13 -15.19 -9.94 3.47
CA GLU A 13 -14.30 -11.06 3.75
C GLU A 13 -13.29 -10.69 4.83
N LEU A 14 -12.66 -11.71 5.40
CA LEU A 14 -11.67 -11.50 6.45
C LEU A 14 -10.61 -10.49 6.01
N VAL A 15 -10.76 -9.25 6.47
CA VAL A 15 -9.82 -8.19 6.13
C VAL A 15 -8.95 -7.82 7.33
N GLN A 16 -7.75 -7.33 7.04
CA GLN A 16 -6.81 -6.94 8.09
C GLN A 16 -6.69 -5.42 8.17
N LYS A 17 -6.93 -4.87 9.35
CA LYS A 17 -6.85 -3.43 9.56
C LYS A 17 -5.51 -3.05 10.19
N PHE A 18 -4.90 -1.99 9.68
CA PHE A 18 -3.61 -1.52 10.19
C PHE A 18 -3.73 -0.10 10.73
N ARG A 19 -3.13 0.13 11.90
CA ARG A 19 -3.17 1.44 12.52
C ARG A 19 -2.19 2.40 11.84
N VAL A 20 -2.73 3.36 11.09
CA VAL A 20 -1.90 4.33 10.39
C VAL A 20 -2.53 5.72 10.46
N GLN A 21 -1.84 6.70 9.88
CA GLN A 21 -2.32 8.07 9.88
C GLN A 21 -2.68 8.53 8.46
N TYR A 22 -3.55 9.52 8.37
CA TYR A 22 -3.97 10.05 7.07
C TYR A 22 -3.42 11.45 6.84
N LEU A 23 -2.47 11.56 5.93
CA LEU A 23 -1.85 12.85 5.62
C LEU A 23 -2.78 13.69 4.75
N GLY A 24 -3.29 13.09 3.68
CA GLY A 24 -4.19 13.81 2.78
C GLY A 24 -4.31 13.14 1.43
N MET A 25 -4.97 13.81 0.49
CA MET A 25 -5.14 13.27 -0.85
C MET A 25 -4.50 14.19 -1.89
N LEU A 26 -3.68 13.60 -2.76
CA LEU A 26 -3.00 14.37 -3.79
C LEU A 26 -2.99 13.59 -5.11
N PRO A 27 -3.63 14.16 -6.15
CA PRO A 27 -3.70 13.54 -7.47
C PRO A 27 -2.36 13.55 -8.19
N VAL A 28 -2.21 12.68 -9.18
CA VAL A 28 -0.98 12.59 -9.95
C VAL A 28 -1.23 12.83 -11.43
N ASP A 29 -0.18 12.71 -12.23
CA ASP A 29 -0.29 12.92 -13.67
C ASP A 29 0.06 11.65 -14.42
N ARG A 30 1.06 10.91 -13.92
CA ARG A 30 1.48 9.68 -14.55
C ARG A 30 1.09 8.47 -13.70
N PRO A 31 0.72 7.37 -14.36
CA PRO A 31 0.31 6.13 -13.69
C PRO A 31 1.49 5.43 -13.01
N VAL A 32 2.68 5.57 -13.59
CA VAL A 32 3.88 4.96 -13.03
C VAL A 32 5.01 5.97 -12.93
N GLY A 33 5.83 5.82 -11.89
CA GLY A 33 6.94 6.73 -11.69
C GLY A 33 6.97 7.30 -10.28
N MET A 34 8.06 7.02 -9.56
CA MET A 34 8.22 7.50 -8.19
C MET A 34 8.31 9.03 -8.17
N ASP A 35 9.02 9.59 -9.13
CA ASP A 35 9.19 11.04 -9.21
C ASP A 35 7.83 11.74 -9.17
N THR A 36 6.78 11.01 -9.52
CA THR A 36 5.43 11.56 -9.52
C THR A 36 4.69 11.20 -8.25
N LEU A 37 4.82 9.94 -7.82
CA LEU A 37 4.16 9.46 -6.62
C LEU A 37 4.58 10.27 -5.40
N ASN A 38 5.89 10.50 -5.28
CA ASN A 38 6.43 11.26 -4.17
C ASN A 38 5.98 12.72 -4.23
N SER A 39 5.91 13.26 -5.45
CA SER A 39 5.49 14.64 -5.64
C SER A 39 4.15 14.90 -4.97
N ALA A 40 3.38 13.84 -4.78
CA ALA A 40 2.06 13.96 -4.14
C ALA A 40 2.18 13.87 -2.61
N ILE A 41 3.11 13.05 -2.14
CA ILE A 41 3.33 12.88 -0.71
C ILE A 41 3.72 14.20 -0.06
N GLU A 42 4.86 14.75 -0.46
CA GLU A 42 5.34 16.01 0.08
C GLU A 42 4.23 17.07 0.06
N ASN A 43 3.62 17.25 -1.11
CA ASN A 43 2.55 18.22 -1.26
C ASN A 43 1.64 18.24 -0.04
N LEU A 44 1.39 17.06 0.51
CA LEU A 44 0.53 16.94 1.69
C LEU A 44 1.34 17.12 2.97
N MET A 45 2.47 16.43 3.05
CA MET A 45 3.33 16.53 4.23
C MET A 45 3.58 17.98 4.61
N THR A 46 3.92 18.81 3.62
CA THR A 46 4.18 20.22 3.86
C THR A 46 2.88 20.98 4.12
N SER A 47 1.79 20.50 3.53
CA SER A 47 0.49 21.14 3.69
C SER A 47 0.08 21.19 5.16
N SER A 48 0.08 20.02 5.80
CA SER A 48 -0.29 19.92 7.21
C SER A 48 0.86 19.36 8.04
N SER A 49 0.67 19.29 9.35
CA SER A 49 1.69 18.77 10.25
C SER A 49 1.52 17.27 10.47
N LYS A 50 2.57 16.63 10.98
CA LYS A 50 2.54 15.21 11.24
C LYS A 50 1.51 14.86 12.32
N GLU A 51 1.12 15.87 13.09
CA GLU A 51 0.14 15.68 14.15
C GLU A 51 -1.28 15.89 13.63
N ASP A 52 -1.43 16.79 12.66
CA ASP A 52 -2.72 17.09 12.07
C ASP A 52 -3.34 15.83 11.46
N TRP A 53 -2.49 14.95 10.97
CA TRP A 53 -2.94 13.71 10.35
C TRP A 53 -3.57 12.78 11.37
N PRO A 54 -4.89 12.58 11.27
CA PRO A 54 -5.64 11.72 12.20
C PRO A 54 -5.31 10.24 12.01
N SER A 55 -5.39 9.48 13.10
CA SER A 55 -5.09 8.06 13.06
C SER A 55 -6.33 7.26 12.65
N VAL A 56 -6.23 6.55 11.53
CA VAL A 56 -7.35 5.74 11.04
C VAL A 56 -6.91 4.30 10.81
N ASN A 57 -7.89 3.43 10.57
CA ASN A 57 -7.61 2.02 10.34
C ASN A 57 -7.59 1.71 8.85
N MET A 58 -6.50 1.10 8.39
CA MET A 58 -6.36 0.74 6.98
C MET A 58 -6.73 -0.72 6.75
N ASN A 59 -7.97 -0.94 6.30
CA ASN A 59 -8.45 -2.29 6.04
C ASN A 59 -7.99 -2.78 4.67
N VAL A 60 -7.04 -3.71 4.66
CA VAL A 60 -6.52 -4.26 3.41
C VAL A 60 -7.01 -5.68 3.19
N ALA A 61 -8.06 -5.82 2.38
CA ALA A 61 -8.62 -7.13 2.08
C ALA A 61 -7.74 -7.91 1.11
N ASP A 62 -8.18 -9.10 0.74
CA ASP A 62 -7.42 -9.95 -0.18
C ASP A 62 -7.01 -9.16 -1.42
N ALA A 63 -7.99 -8.61 -2.14
CA ALA A 63 -7.72 -7.84 -3.34
C ALA A 63 -8.42 -6.49 -3.28
N THR A 64 -8.41 -5.87 -2.10
CA THR A 64 -9.04 -4.56 -1.92
C THR A 64 -8.46 -3.85 -0.69
N VAL A 65 -8.44 -2.52 -0.76
CA VAL A 65 -7.92 -1.72 0.34
C VAL A 65 -8.89 -0.60 0.71
N THR A 66 -9.62 -0.80 1.81
CA THR A 66 -10.58 0.18 2.27
C THR A 66 -10.06 0.94 3.49
N VAL A 67 -10.47 2.20 3.62
CA VAL A 67 -10.04 3.02 4.75
C VAL A 67 -11.20 3.31 5.69
N ILE A 68 -11.12 2.78 6.90
CA ILE A 68 -12.16 2.98 7.90
C ILE A 68 -11.65 3.80 9.08
N SER A 69 -12.54 4.55 9.70
CA SER A 69 -12.17 5.38 10.85
C SER A 69 -11.53 4.54 11.95
N GLU A 70 -11.04 5.21 12.99
CA GLU A 70 -10.40 4.52 14.11
C GLU A 70 -11.44 3.86 15.01
N LYS A 71 -12.53 4.58 15.27
CA LYS A 71 -13.61 4.07 16.12
C LYS A 71 -14.76 3.54 15.27
N ASN A 72 -15.25 4.35 14.35
CA ASN A 72 -16.34 3.96 13.47
C ASN A 72 -15.93 2.79 12.58
N GLU A 73 -16.88 1.89 12.33
CA GLU A 73 -16.62 0.72 11.49
C GLU A 73 -17.23 0.90 10.11
N GLU A 74 -18.38 1.57 10.06
CA GLU A 74 -19.07 1.81 8.80
C GLU A 74 -18.59 3.10 8.14
N GLU A 75 -17.85 3.90 8.89
CA GLU A 75 -17.33 5.16 8.39
C GLU A 75 -16.18 4.93 7.42
N VAL A 76 -16.51 4.83 6.13
CA VAL A 76 -15.50 4.61 5.10
C VAL A 76 -14.99 5.93 4.54
N LEU A 77 -13.69 6.17 4.71
CA LEU A 77 -13.07 7.40 4.21
C LEU A 77 -12.69 7.26 2.74
N VAL A 78 -12.04 6.15 2.40
CA VAL A 78 -11.63 5.89 1.03
C VAL A 78 -11.76 4.42 0.68
N GLU A 79 -12.23 4.14 -0.53
CA GLU A 79 -12.41 2.76 -0.99
C GLU A 79 -11.57 2.50 -2.24
N CYS A 80 -10.37 1.97 -2.04
CA CYS A 80 -9.47 1.67 -3.15
C CYS A 80 -9.42 0.17 -3.42
N ARG A 81 -9.31 -0.19 -4.70
CA ARG A 81 -9.26 -1.60 -5.09
C ARG A 81 -7.98 -1.90 -5.86
N VAL A 82 -7.29 -2.97 -5.45
CA VAL A 82 -6.05 -3.37 -6.09
C VAL A 82 -6.16 -3.26 -7.61
N ARG A 83 -7.15 -3.95 -8.18
CA ARG A 83 -7.36 -3.93 -9.62
C ARG A 83 -7.11 -2.54 -10.19
N PHE A 84 -7.76 -1.54 -9.62
CA PHE A 84 -7.61 -0.16 -10.07
C PHE A 84 -6.20 0.34 -9.81
N LEU A 85 -5.60 -0.12 -8.72
CA LEU A 85 -4.24 0.27 -8.36
C LEU A 85 -3.34 0.33 -9.59
N SER A 86 -2.78 1.50 -9.86
CA SER A 86 -1.91 1.69 -11.01
C SER A 86 -0.44 1.51 -10.61
N PHE A 87 -0.04 2.21 -9.55
CA PHE A 87 1.33 2.14 -9.07
C PHE A 87 1.39 2.38 -7.56
N MET A 88 2.05 1.48 -6.85
CA MET A 88 2.18 1.60 -5.40
C MET A 88 3.65 1.61 -4.98
N GLY A 89 3.97 2.46 -4.02
CA GLY A 89 5.35 2.55 -3.55
C GLY A 89 5.45 3.32 -2.25
N VAL A 90 6.68 3.71 -1.90
CA VAL A 90 6.91 4.45 -0.66
C VAL A 90 7.73 5.71 -0.93
N GLY A 91 7.45 6.76 -0.17
CA GLY A 91 8.16 8.02 -0.34
C GLY A 91 9.59 7.93 0.14
N LYS A 92 10.24 9.09 0.30
CA LYS A 92 11.62 9.14 0.76
C LYS A 92 11.80 8.31 2.02
N ASP A 93 10.89 8.46 2.97
CA ASP A 93 10.96 7.73 4.22
C ASP A 93 10.11 6.45 4.15
N VAL A 94 10.75 5.31 4.40
CA VAL A 94 10.05 4.03 4.37
C VAL A 94 8.80 4.06 5.23
N HIS A 95 8.77 4.97 6.20
CA HIS A 95 7.63 5.10 7.10
C HIS A 95 6.39 5.53 6.33
N THR A 96 6.58 6.34 5.29
CA THR A 96 5.48 6.83 4.48
C THR A 96 5.02 5.77 3.48
N PHE A 97 3.75 5.80 3.13
CA PHE A 97 3.18 4.84 2.19
C PHE A 97 2.10 5.50 1.32
N ALA A 98 2.36 5.58 0.03
CA ALA A 98 1.40 6.18 -0.90
C ALA A 98 1.17 5.28 -2.11
N PHE A 99 -0.08 5.23 -2.58
CA PHE A 99 -0.43 4.41 -3.73
C PHE A 99 -1.32 5.19 -4.70
N ILE A 100 -1.16 4.90 -5.98
CA ILE A 100 -1.95 5.58 -7.01
C ILE A 100 -3.16 4.73 -7.40
N MET A 101 -4.35 5.28 -7.18
CA MET A 101 -5.59 4.58 -7.52
C MET A 101 -6.39 5.36 -8.56
N ASP A 102 -7.06 4.63 -9.44
CA ASP A 102 -7.86 5.25 -10.49
C ASP A 102 -9.33 5.27 -10.10
N THR A 103 -9.88 6.47 -9.89
CA THR A 103 -11.28 6.62 -9.52
C THR A 103 -12.11 7.10 -10.70
N GLY A 104 -11.65 8.15 -11.35
CA GLY A 104 -12.38 8.69 -12.49
C GLY A 104 -11.54 8.69 -13.76
N ASN A 105 -11.53 9.83 -14.45
CA ASN A 105 -10.76 9.96 -15.68
C ASN A 105 -9.28 9.70 -15.44
N GLN A 106 -8.47 9.89 -16.47
CA GLN A 106 -7.03 9.68 -16.37
C GLN A 106 -6.49 10.23 -15.05
N ARG A 107 -7.21 11.18 -14.47
CA ARG A 107 -6.81 11.80 -13.22
C ARG A 107 -6.90 10.79 -12.07
N PHE A 108 -5.76 10.19 -11.73
CA PHE A 108 -5.71 9.21 -10.66
C PHE A 108 -5.48 9.89 -9.30
N GLU A 109 -5.97 9.27 -8.24
CA GLU A 109 -5.81 9.82 -6.90
C GLU A 109 -4.77 9.02 -6.11
N CYS A 110 -3.86 9.74 -5.45
CA CYS A 110 -2.81 9.10 -4.66
C CYS A 110 -2.99 9.39 -3.18
N HIS A 111 -3.35 8.36 -2.42
CA HIS A 111 -3.57 8.51 -0.98
C HIS A 111 -2.29 8.19 -0.21
N VAL A 112 -1.97 9.03 0.77
CA VAL A 112 -0.77 8.83 1.58
C VAL A 112 -1.14 8.49 3.02
N PHE A 113 -0.42 7.54 3.60
CA PHE A 113 -0.67 7.13 4.98
C PHE A 113 0.63 6.78 5.69
N TRP A 114 0.85 7.38 6.85
CA TRP A 114 2.06 7.12 7.63
C TRP A 114 1.98 5.79 8.36
N CYS A 115 3.00 4.97 8.24
CA CYS A 115 3.04 3.66 8.88
C CYS A 115 3.98 3.68 10.08
N GLU A 116 3.62 2.95 11.12
CA GLU A 116 4.44 2.87 12.33
C GLU A 116 4.69 1.42 12.74
N PRO A 117 5.96 1.07 12.95
CA PRO A 117 7.08 2.01 12.79
C PRO A 117 7.31 2.40 11.33
N ASN A 118 7.41 1.39 10.47
CA ASN A 118 7.64 1.62 9.05
C ASN A 118 6.46 1.13 8.22
N ALA A 119 6.59 1.22 6.90
CA ALA A 119 5.54 0.77 6.00
C ALA A 119 5.91 -0.55 5.33
N ALA A 120 6.57 -1.42 6.09
CA ALA A 120 6.98 -2.73 5.58
C ALA A 120 5.79 -3.68 5.51
N ASN A 121 5.05 -3.77 6.60
CA ASN A 121 3.88 -4.65 6.67
C ASN A 121 2.82 -4.22 5.66
N VAL A 122 2.43 -2.95 5.73
CA VAL A 122 1.43 -2.40 4.83
C VAL A 122 1.79 -2.68 3.37
N SER A 123 2.99 -2.31 2.99
CA SER A 123 3.46 -2.51 1.62
C SER A 123 3.46 -3.99 1.25
N GLU A 124 3.89 -4.83 2.19
CA GLU A 124 3.94 -6.27 1.97
C GLU A 124 2.54 -6.82 1.75
N ALA A 125 1.59 -6.35 2.55
CA ALA A 125 0.20 -6.79 2.45
C ALA A 125 -0.38 -6.46 1.08
N VAL A 126 -0.26 -5.20 0.68
CA VAL A 126 -0.76 -4.75 -0.61
C VAL A 126 -0.10 -5.49 -1.76
N GLN A 127 1.21 -5.67 -1.65
CA GLN A 127 1.97 -6.37 -2.68
C GLN A 127 1.39 -7.76 -2.95
N ALA A 128 1.03 -8.45 -1.88
CA ALA A 128 0.46 -9.78 -1.98
C ALA A 128 -0.93 -9.74 -2.62
N ALA A 129 -1.76 -8.81 -2.17
CA ALA A 129 -3.10 -8.66 -2.70
C ALA A 129 -3.12 -8.79 -4.21
N CYS A 130 -2.18 -8.12 -4.87
CA CYS A 130 -2.08 -8.17 -6.32
C CYS A 130 -1.30 -9.40 -6.78
N SER A 131 -0.15 -9.63 -6.17
CA SER A 131 0.69 -10.76 -6.52
C SER A 131 -0.16 -11.98 -6.89
N GLY A 132 -1.18 -12.24 -6.07
CA GLY A 132 -2.05 -13.37 -6.33
C GLY A 132 -1.37 -14.70 -6.08
N PRO A 133 -1.85 -15.76 -6.75
CA PRO A 133 -1.29 -17.10 -6.63
C PRO A 133 0.10 -17.22 -7.23
N SER A 134 1.12 -17.11 -6.39
CA SER A 134 2.50 -17.20 -6.85
C SER A 134 3.01 -18.63 -6.76
N SER A 135 4.22 -18.86 -7.26
CA SER A 135 4.82 -20.18 -7.24
C SER A 135 6.32 -20.10 -6.99
N GLY A 136 6.74 -20.48 -5.79
CA GLY A 136 8.15 -20.43 -5.44
C GLY A 136 8.84 -21.77 -5.63
N ILE A 137 10.14 -21.73 -5.90
CA ILE A 137 10.91 -22.96 -6.11
C ILE A 137 11.65 -23.36 -4.83
N GLU A 138 11.44 -24.60 -4.41
CA GLU A 138 12.09 -25.12 -3.20
C GLU A 138 13.22 -26.07 -3.56
N GLY A 139 14.41 -25.80 -3.03
CA GLY A 139 15.55 -26.65 -3.31
C GLY A 139 16.25 -27.10 -2.04
N ARG A 140 17.15 -28.07 -2.18
CA ARG A 140 17.89 -28.60 -1.04
C ARG A 140 18.91 -27.58 -0.53
N GLY A 141 19.68 -27.02 -1.46
CA GLY A 141 20.69 -26.04 -1.10
C GLY A 141 22.07 -26.64 -1.01
N SER A 142 22.50 -26.98 0.21
CA SER A 142 23.82 -27.56 0.42
C SER A 142 23.94 -28.15 1.82
N SER A 143 24.90 -29.05 2.01
CA SER A 143 25.11 -29.69 3.30
C SER A 143 26.56 -29.54 3.75
N GLY A 144 26.76 -29.40 5.06
CA GLY A 144 28.10 -29.25 5.60
C GLY A 144 28.12 -29.31 7.11
N SER A 145 29.03 -28.54 7.71
CA SER A 145 29.16 -28.51 9.16
C SER A 145 28.84 -27.12 9.70
N SER A 146 28.81 -27.00 11.03
CA SER A 146 28.52 -25.72 11.68
C SER A 146 29.80 -24.97 12.01
N GLY A 147 29.74 -23.64 11.91
CA GLY A 147 30.89 -22.82 12.21
C GLY A 147 31.01 -22.50 13.69
N SER A 148 31.94 -21.60 14.03
CA SER A 148 32.15 -21.21 15.42
C SER A 148 32.34 -19.70 15.53
N SER A 149 32.37 -19.20 16.76
CA SER A 149 32.55 -17.77 17.00
C SER A 149 33.99 -17.35 16.72
N GLY A 150 34.22 -16.85 15.51
CA GLY A 150 35.55 -16.42 15.13
C GLY A 150 35.60 -15.86 13.72
N SER A 151 34.98 -14.70 13.53
CA SER A 151 34.96 -14.06 12.21
C SER A 151 34.51 -12.60 12.33
N SER A 152 34.93 -11.79 11.36
CA SER A 152 34.58 -10.37 11.36
C SER A 152 33.28 -10.14 10.61
N GLY A 153 32.17 -10.27 11.33
CA GLY A 153 30.86 -10.07 10.72
C GLY A 153 29.81 -9.64 11.72
N ASP A 154 29.23 -10.61 12.42
CA ASP A 154 28.20 -10.34 13.42
C ASP A 154 27.20 -9.30 12.89
N ALA A 155 26.81 -9.45 11.64
CA ALA A 155 25.86 -8.55 11.02
C ALA A 155 24.81 -9.31 10.21
N ALA A 156 23.58 -8.81 10.23
CA ALA A 156 22.49 -9.44 9.51
C ALA A 156 21.30 -8.49 9.34
N VAL A 157 21.12 -7.99 8.13
CA VAL A 157 20.03 -7.06 7.85
C VAL A 157 18.71 -7.81 7.69
N THR A 158 17.64 -7.21 8.22
CA THR A 158 16.32 -7.82 8.14
C THR A 158 15.74 -7.70 6.73
N PRO A 159 15.05 -8.77 6.30
CA PRO A 159 14.44 -8.81 4.97
C PRO A 159 13.25 -7.86 4.84
N GLU A 160 12.99 -7.10 5.90
CA GLU A 160 11.88 -6.16 5.91
C GLU A 160 12.30 -4.83 5.29
N GLU A 161 13.54 -4.42 5.56
CA GLU A 161 14.07 -3.17 5.03
C GLU A 161 14.44 -3.32 3.55
N ARG A 162 15.26 -4.32 3.25
CA ARG A 162 15.69 -4.56 1.88
C ARG A 162 14.53 -4.39 0.91
N HIS A 163 13.42 -5.05 1.19
CA HIS A 163 12.23 -4.98 0.34
C HIS A 163 11.71 -3.54 0.26
N LEU A 164 11.37 -2.98 1.42
CA LEU A 164 10.87 -1.61 1.48
C LEU A 164 11.57 -0.72 0.47
N SER A 165 12.90 -0.71 0.51
CA SER A 165 13.69 0.10 -0.40
C SER A 165 13.33 -0.22 -1.85
N LYS A 166 13.08 -1.49 -2.14
CA LYS A 166 12.72 -1.92 -3.48
C LYS A 166 11.49 -1.18 -3.99
N MET A 167 10.59 -0.86 -3.06
CA MET A 167 9.36 -0.14 -3.41
C MET A 167 9.66 1.31 -3.76
N GLN A 168 10.27 2.03 -2.83
CA GLN A 168 10.61 3.44 -3.05
C GLN A 168 11.61 3.59 -4.18
N GLN A 169 12.43 2.55 -4.38
CA GLN A 169 13.44 2.57 -5.42
C GLN A 169 12.79 2.50 -6.80
N ASN A 170 12.32 1.31 -7.17
CA ASN A 170 11.67 1.11 -8.46
C ASN A 170 10.16 1.05 -8.30
N GLY A 171 9.69 0.54 -7.17
CA GLY A 171 8.27 0.43 -6.93
C GLY A 171 7.62 -0.68 -7.72
N TYR A 172 6.30 -0.75 -7.66
CA TYR A 172 5.55 -1.78 -8.37
C TYR A 172 4.34 -1.19 -9.09
N GLU A 173 4.24 -1.43 -10.39
CA GLU A 173 3.13 -0.92 -11.18
C GLU A 173 2.23 -2.06 -11.64
N ASN A 174 1.03 -2.12 -11.06
CA ASN A 174 0.07 -3.16 -11.40
C ASN A 174 0.17 -3.53 -12.88
N PRO A 175 0.51 -4.79 -13.16
CA PRO A 175 0.64 -5.30 -14.53
C PRO A 175 -0.70 -5.40 -15.24
N THR A 176 -1.76 -5.60 -14.48
CA THR A 176 -3.11 -5.71 -15.03
C THR A 176 -3.53 -4.42 -15.72
N TYR A 177 -3.04 -3.29 -15.20
CA TYR A 177 -3.37 -2.00 -15.76
C TYR A 177 -2.40 -1.63 -16.89
N LYS A 178 -2.53 -2.31 -18.02
CA LYS A 178 -1.67 -2.06 -19.17
C LYS A 178 -2.46 -1.45 -20.32
N PHE A 179 -1.81 -0.63 -21.12
CA PHE A 179 -2.45 0.02 -22.26
C PHE A 179 -1.62 -0.17 -23.52
N PHE A 180 -0.34 0.16 -23.44
CA PHE A 180 0.55 0.04 -24.59
C PHE A 180 0.68 -1.41 -25.03
N GLU A 181 1.58 -1.67 -25.96
CA GLU A 181 1.80 -3.02 -26.47
C GLU A 181 3.27 -3.41 -26.38
N GLN A 182 3.88 -3.13 -25.24
CA GLN A 182 5.28 -3.44 -25.02
C GLN A 182 5.47 -4.94 -24.78
N MET A 183 4.89 -5.75 -25.66
CA MET A 183 5.00 -7.20 -25.53
C MET A 183 6.44 -7.62 -25.25
N GLN A 184 6.62 -8.48 -24.25
CA GLN A 184 7.95 -8.96 -23.88
C GLN A 184 8.02 -10.48 -23.98
N ASN A 185 9.22 -10.99 -24.29
CA ASN A 185 9.43 -12.42 -24.41
C ASN A 185 9.97 -13.01 -23.12
#